data_3RIM
#
_entry.id   3RIM
#
_cell.length_a   74.530
_cell.length_b   80.120
_cell.length_c   130.100
_cell.angle_alpha   82.20
_cell.angle_beta   81.16
_cell.angle_gamma   66.37
#
_symmetry.space_group_name_H-M   'P 1'
#
loop_
_entity.id
_entity.type
_entity.pdbx_description
1 polymer Transketolase
2 non-polymer 'MAGNESIUM ION'
3 non-polymer 'THIAMINE DIPHOSPHATE'
4 non-polymer GLYCEROL
5 water water
#
_entity_poly.entity_id   1
_entity_poly.type   'polypeptide(L)'
_entity_poly.pdbx_seq_one_letter_code
;MTTLEEISALTRPRHPDYWTEIDSAAVDTIRVLAADAVQKVGNGHPGTAMSLAPLAYTLFQRTMRHDPSDTHWLGRDRFV
LSAGHSSLTLYIQLYLGGFGLELSDIESLRTWGSKTPGHPEFRHTPGVEITTGPLGQGLASAVGMAMASRYERGLFDPDA
EPGASPFDHYIYVIASDGDIEEGVTSEASSLAAVQQLGNLIVFYDRNQISIEDDTNIALCEDTAARYRAYGWHVQEVEGG
ENVVGIEEAIANAQAVTDRPSFIALRTVIGYPAPNLMDTGKAHGAALGDDEVAAVKKIVGFDPDKTFQVREDVLTHTRGL
VARGKQAHERWQLEFDAWARREPERKALLDRLLAQKLPDGWDADLPHWEPGSKALATRAASGAVLSALGPKLPELWGGSA
DLAGSNNTTIKGADSFGPPSISTKEYTAHWYGRTLHFGVREHAMGAILSGIVLHGPTRAYGGTFLQFSDYMRPAVRLAAL
MDIDTIYVWTHDSIGLGEDGPTHQPIEHLSALRAIPRLSVVRPADANETAYAWRTILARRNGSGPVGLILTRQGVPVLDG
TDAEGVARGGYVLSDAGGLQPGEEPDVILIATGSEVQLAVAAQTLLADNDILARVVSMPCLEWFEAQPYEYRDAVLPPTV
SARVAVEAGVAQCWHQLVGDTGEIVSIEHYGESADHKTLFREYGFTAEAVAAAAERALDN
;
_entity_poly.pdbx_strand_id   A,B,C,D
#
# COMPACT_ATOMS: atom_id res chain seq x y z
N GLU A 6 -5.48 13.54 -63.88
CA GLU A 6 -5.28 12.93 -62.52
C GLU A 6 -4.48 13.91 -61.64
N ILE A 7 -3.15 13.77 -61.69
CA ILE A 7 -2.21 14.70 -61.07
C ILE A 7 -1.98 15.86 -62.04
N SER A 8 -2.21 15.58 -63.33
CA SER A 8 -2.00 16.56 -64.38
C SER A 8 -3.12 17.54 -64.50
N ALA A 9 -4.33 17.10 -64.20
CA ALA A 9 -5.50 17.97 -64.32
C ALA A 9 -5.41 19.11 -63.31
N LEU A 10 -5.02 18.77 -62.08
CA LEU A 10 -4.96 19.74 -60.99
C LEU A 10 -3.82 20.74 -61.07
N THR A 11 -2.70 20.33 -61.64
CA THR A 11 -1.53 21.18 -61.72
C THR A 11 -1.42 21.97 -63.02
N ARG A 12 -2.55 22.25 -63.68
CA ARG A 12 -2.55 23.01 -64.93
C ARG A 12 -2.73 24.49 -64.68
N PRO A 13 -1.91 25.31 -65.37
CA PRO A 13 -1.96 26.75 -65.13
C PRO A 13 -3.18 27.41 -65.75
N ARG A 14 -3.67 28.47 -65.11
CA ARG A 14 -4.63 29.39 -65.69
C ARG A 14 -4.21 30.79 -65.28
N HIS A 15 -3.44 31.46 -66.14
CA HIS A 15 -2.88 32.77 -65.85
C HIS A 15 -3.79 33.88 -66.35
N PRO A 16 -4.01 34.92 -65.53
CA PRO A 16 -4.79 36.06 -65.98
C PRO A 16 -4.12 36.86 -67.10
N ASP A 17 -4.83 37.87 -67.62
CA ASP A 17 -4.38 38.66 -68.76
C ASP A 17 -3.08 39.46 -68.57
N TYR A 18 -2.85 40.00 -67.37
CA TYR A 18 -1.65 40.81 -67.11
C TYR A 18 -0.39 39.98 -66.93
N TRP A 19 -0.57 38.69 -66.66
CA TRP A 19 0.50 37.78 -66.25
C TRP A 19 1.54 37.53 -67.34
N THR A 20 2.78 37.98 -67.13
CA THR A 20 3.88 37.83 -68.10
C THR A 20 4.81 36.68 -67.75
N GLU A 21 5.81 36.46 -68.58
CA GLU A 21 6.86 35.47 -68.33
C GLU A 21 7.55 35.70 -66.97
N ILE A 22 7.77 36.98 -66.67
CA ILE A 22 8.37 37.40 -65.43
C ILE A 22 7.60 36.82 -64.22
N ASP A 23 6.28 36.90 -64.25
CA ASP A 23 5.45 36.39 -63.16
C ASP A 23 5.66 34.92 -63.01
N SER A 24 5.71 34.19 -64.13
CA SER A 24 6.01 32.75 -64.09
C SER A 24 7.38 32.43 -63.49
N ALA A 25 8.35 33.31 -63.73
CA ALA A 25 9.70 33.19 -63.19
C ALA A 25 9.76 33.49 -61.70
N ALA A 26 9.02 34.53 -61.29
CA ALA A 26 8.84 34.88 -59.90
C ALA A 26 8.30 33.67 -59.15
N VAL A 27 7.20 33.10 -59.62
CA VAL A 27 6.63 31.92 -58.98
C VAL A 27 7.68 30.82 -58.89
N ASP A 28 8.27 30.46 -60.01
CA ASP A 28 9.32 29.41 -60.00
C ASP A 28 10.47 29.67 -59.04
N THR A 29 10.83 30.94 -58.90
CA THR A 29 11.83 31.38 -57.93
C THR A 29 11.41 31.04 -56.48
N ILE A 30 10.14 31.28 -56.16
CA ILE A 30 9.57 30.92 -54.86
C ILE A 30 9.81 29.47 -54.58
N ARG A 31 9.39 28.62 -55.48
CA ARG A 31 9.49 27.18 -55.35
C ARG A 31 10.88 26.64 -55.16
N VAL A 32 11.88 27.12 -55.88
CA VAL A 32 13.29 26.72 -55.75
C VAL A 32 13.92 27.31 -54.49
N LEU A 33 13.58 28.56 -54.17
CA LEU A 33 14.13 29.19 -52.98
C LEU A 33 13.76 28.37 -51.75
N ALA A 34 12.52 27.87 -51.72
CA ALA A 34 12.01 27.06 -50.63
C ALA A 34 12.75 25.72 -50.55
N ALA A 35 12.89 25.03 -51.69
CA ALA A 35 13.60 23.80 -51.75
C ALA A 35 15.08 24.00 -51.36
N ASP A 36 15.70 25.09 -51.80
CA ASP A 36 17.10 25.31 -51.48
C ASP A 36 17.29 25.70 -50.03
N ALA A 37 16.36 26.51 -49.53
CA ALA A 37 16.44 26.99 -48.16
C ALA A 37 16.40 25.82 -47.17
N VAL A 38 15.57 24.82 -47.47
CA VAL A 38 15.40 23.64 -46.62
C VAL A 38 16.61 22.73 -46.81
N GLN A 39 17.04 22.57 -48.06
CA GLN A 39 18.23 21.77 -48.36
C GLN A 39 19.47 22.26 -47.62
N LYS A 40 19.65 23.59 -47.53
CA LYS A 40 20.80 24.09 -46.85
C LYS A 40 20.88 23.62 -45.41
N VAL A 41 19.80 23.82 -44.65
CA VAL A 41 19.84 23.49 -43.21
C VAL A 41 19.60 22.00 -42.97
N GLY A 42 18.94 21.34 -43.93
CA GLY A 42 18.78 19.90 -43.88
C GLY A 42 17.48 19.40 -43.28
N ASN A 43 16.62 20.32 -42.86
CA ASN A 43 15.32 20.00 -42.23
C ASN A 43 14.44 21.22 -42.41
N GLY A 44 13.14 21.01 -42.40
CA GLY A 44 12.21 22.08 -42.68
C GLY A 44 11.04 21.58 -43.44
N HIS A 45 10.28 22.52 -44.00
CA HIS A 45 9.03 22.24 -44.70
C HIS A 45 8.97 22.94 -46.07
N PRO A 46 9.37 22.23 -47.13
CA PRO A 46 9.46 22.82 -48.46
C PRO A 46 8.19 22.65 -49.29
N GLY A 47 7.45 21.57 -49.08
CA GLY A 47 6.43 21.15 -50.01
C GLY A 47 5.30 22.12 -50.20
N THR A 48 4.75 22.60 -49.10
CA THR A 48 3.57 23.43 -49.15
C THR A 48 3.92 24.79 -49.75
N ALA A 49 5.09 25.28 -49.36
CA ALA A 49 5.61 26.55 -49.87
C ALA A 49 5.67 26.56 -51.39
N MET A 50 6.03 25.41 -51.96
CA MET A 50 6.08 25.21 -53.42
C MET A 50 4.72 25.29 -54.13
N SER A 51 3.73 24.59 -53.62
CA SER A 51 2.40 24.55 -54.23
C SER A 51 1.61 25.82 -53.97
N LEU A 52 1.85 26.44 -52.82
CA LEU A 52 1.21 27.71 -52.46
C LEU A 52 1.87 28.97 -53.05
N ALA A 53 2.99 28.81 -53.76
CA ALA A 53 3.70 29.94 -54.34
C ALA A 53 2.75 30.84 -55.14
N PRO A 54 2.02 30.26 -56.09
CA PRO A 54 1.13 31.13 -56.86
C PRO A 54 0.11 31.95 -56.02
N LEU A 55 -0.52 31.30 -55.03
CA LEU A 55 -1.40 32.01 -54.11
C LEU A 55 -0.71 33.10 -53.27
N ALA A 56 0.35 32.71 -52.58
CA ALA A 56 1.13 33.68 -51.78
C ALA A 56 1.63 34.83 -52.65
N TYR A 57 2.14 34.50 -53.83
CA TYR A 57 2.50 35.53 -54.78
C TYR A 57 1.40 36.55 -55.08
N THR A 58 0.21 36.01 -55.34
CA THR A 58 -0.96 36.82 -55.67
C THR A 58 -1.40 37.71 -54.52
N LEU A 59 -1.33 37.16 -53.29
CA LEU A 59 -1.71 37.87 -52.07
C LEU A 59 -0.83 39.05 -51.75
N PHE A 60 0.47 38.83 -51.78
CA PHE A 60 1.42 39.88 -51.46
C PHE A 60 1.59 40.90 -52.57
N GLN A 61 1.81 40.41 -53.78
CA GLN A 61 2.06 41.27 -54.93
C GLN A 61 0.83 42.08 -55.38
N ARG A 62 -0.36 41.48 -55.30
CA ARG A 62 -1.50 42.10 -55.93
C ARG A 62 -2.71 42.37 -55.07
N THR A 63 -3.07 41.39 -54.22
CA THR A 63 -4.33 41.42 -53.51
C THR A 63 -4.30 42.42 -52.35
N MET A 64 -3.29 42.31 -51.51
CA MET A 64 -3.26 43.01 -50.25
C MET A 64 -2.81 44.43 -50.36
N ARG A 65 -3.42 45.28 -49.55
CA ARG A 65 -2.93 46.62 -49.30
C ARG A 65 -1.94 46.64 -48.15
N HIS A 66 -0.68 46.88 -48.43
CA HIS A 66 0.33 47.02 -47.38
C HIS A 66 1.55 47.77 -47.91
N ASP A 67 2.39 48.26 -47.00
CA ASP A 67 3.57 49.04 -47.36
C ASP A 67 4.82 48.35 -46.82
N PRO A 68 5.63 47.79 -47.71
CA PRO A 68 6.78 47.03 -47.24
C PRO A 68 7.80 47.83 -46.45
N SER A 69 7.71 49.17 -46.46
CA SER A 69 8.67 50.01 -45.71
C SER A 69 8.14 50.43 -44.36
N ASP A 70 6.89 50.09 -44.08
CA ASP A 70 6.24 50.31 -42.78
C ASP A 70 5.32 49.15 -42.45
N THR A 71 5.88 48.10 -41.87
CA THR A 71 5.14 46.93 -41.47
C THR A 71 4.17 47.23 -40.31
N HIS A 72 4.26 48.43 -39.75
CA HIS A 72 3.37 48.85 -38.64
C HIS A 72 2.26 49.76 -39.16
N TRP A 73 2.28 50.04 -40.45
CA TRP A 73 1.22 50.84 -41.02
C TRP A 73 -0.18 50.44 -40.50
N LEU A 74 -0.78 51.39 -39.81
CA LEU A 74 -2.09 51.24 -39.20
C LEU A 74 -3.15 50.65 -40.14
N GLY A 75 -3.09 51.03 -41.41
CA GLY A 75 -4.16 50.81 -42.35
C GLY A 75 -3.88 49.66 -43.26
N ARG A 76 -2.88 48.84 -42.93
CA ARG A 76 -2.50 47.67 -43.75
C ARG A 76 -3.50 46.52 -43.61
N ASP A 77 -3.68 45.75 -44.67
CA ASP A 77 -4.34 44.46 -44.58
C ASP A 77 -3.44 43.57 -43.73
N ARG A 78 -4.06 42.67 -42.99
CA ARG A 78 -3.31 41.73 -42.17
C ARG A 78 -3.30 40.32 -42.72
N PHE A 79 -2.12 39.73 -42.78
CA PHE A 79 -1.98 38.33 -43.16
C PHE A 79 -1.55 37.42 -42.00
N VAL A 80 -2.21 36.28 -41.91
CA VAL A 80 -1.92 35.25 -40.90
C VAL A 80 -1.67 33.89 -41.60
N LEU A 81 -0.46 33.38 -41.52
CA LEU A 81 -0.19 32.06 -41.96
C LEU A 81 -0.52 31.10 -40.82
N SER A 82 -1.70 30.51 -40.83
CA SER A 82 -2.06 29.57 -39.77
C SER A 82 -1.29 28.26 -39.87
N ALA A 83 -1.02 27.84 -41.09
CA ALA A 83 -0.19 26.68 -41.35
C ALA A 83 1.30 27.04 -41.18
N GLY A 84 1.75 27.14 -39.95
CA GLY A 84 2.94 27.88 -39.58
C GLY A 84 4.21 27.20 -40.01
N HIS A 85 4.09 25.89 -40.23
CA HIS A 85 5.16 25.03 -40.79
C HIS A 85 5.63 25.51 -42.14
N SER A 86 4.71 26.05 -42.94
CA SER A 86 5.09 26.58 -44.23
C SER A 86 5.59 28.02 -44.09
N SER A 87 6.50 28.26 -43.16
CA SER A 87 6.98 29.60 -42.89
C SER A 87 7.63 30.23 -44.10
N LEU A 88 8.33 29.41 -44.90
CA LEU A 88 8.94 29.89 -46.13
C LEU A 88 7.97 30.61 -47.09
N THR A 89 6.72 30.17 -47.11
CA THR A 89 5.69 30.89 -47.85
C THR A 89 5.68 32.37 -47.43
N LEU A 90 5.73 32.64 -46.13
CA LEU A 90 5.67 34.01 -45.67
C LEU A 90 7.06 34.65 -45.87
N TYR A 91 8.11 33.94 -45.50
CA TYR A 91 9.45 34.51 -45.58
C TYR A 91 9.85 34.97 -46.98
N ILE A 92 9.51 34.17 -47.98
CA ILE A 92 9.90 34.52 -49.34
C ILE A 92 9.16 35.76 -49.88
N GLN A 93 7.87 35.86 -49.62
CA GLN A 93 7.15 37.08 -49.95
C GLN A 93 7.74 38.30 -49.21
N LEU A 94 8.15 38.13 -47.96
CA LEU A 94 8.69 39.24 -47.22
C LEU A 94 9.97 39.73 -47.89
N TYR A 95 10.79 38.76 -48.33
CA TYR A 95 12.02 39.01 -49.03
C TYR A 95 11.74 39.55 -50.40
N LEU A 96 10.99 38.81 -51.21
CA LEU A 96 10.74 39.25 -52.58
C LEU A 96 10.15 40.65 -52.64
N GLY A 97 9.30 40.99 -51.69
CA GLY A 97 8.55 42.25 -51.76
C GLY A 97 9.14 43.44 -51.02
N GLY A 98 10.32 43.27 -50.42
CA GLY A 98 11.03 44.40 -49.84
C GLY A 98 10.70 44.74 -48.41
N PHE A 99 10.19 43.76 -47.66
CA PHE A 99 9.72 43.96 -46.30
C PHE A 99 10.81 44.00 -45.24
N GLY A 100 12.06 43.76 -45.61
CA GLY A 100 13.14 43.76 -44.63
C GLY A 100 14.02 42.53 -44.70
N LEU A 101 13.43 41.36 -44.96
CA LEU A 101 14.22 40.12 -45.17
C LEU A 101 15.06 40.18 -46.41
N GLU A 102 16.25 39.63 -46.32
CA GLU A 102 17.20 39.56 -47.43
C GLU A 102 17.50 38.11 -47.77
N LEU A 103 18.25 37.90 -48.85
CA LEU A 103 18.59 36.55 -49.26
C LEU A 103 19.35 35.80 -48.16
N SER A 104 20.18 36.52 -47.42
CA SER A 104 20.99 35.85 -46.41
C SER A 104 20.11 35.34 -45.25
N ASP A 105 18.94 35.93 -45.09
CA ASP A 105 17.97 35.46 -44.06
C ASP A 105 17.36 34.15 -44.50
N ILE A 106 16.96 34.08 -45.75
CA ILE A 106 16.48 32.83 -46.31
C ILE A 106 17.53 31.72 -46.20
N GLU A 107 18.81 32.10 -46.30
CA GLU A 107 19.94 31.18 -46.25
C GLU A 107 20.27 30.82 -44.80
N SER A 108 19.55 31.41 -43.87
CA SER A 108 19.73 31.13 -42.46
C SER A 108 18.50 30.45 -41.82
N LEU A 109 17.58 30.00 -42.66
CA LEU A 109 16.41 29.27 -42.15
C LEU A 109 16.80 28.35 -40.99
N ARG A 110 16.03 28.41 -39.93
CA ARG A 110 16.21 27.46 -38.84
C ARG A 110 17.62 27.34 -38.22
N THR A 111 18.32 28.45 -38.09
CA THR A 111 19.61 28.50 -37.36
C THR A 111 19.59 29.47 -36.18
N TRP A 112 20.44 29.20 -35.19
CA TRP A 112 20.47 30.03 -33.99
C TRP A 112 20.40 31.55 -34.32
N GLY A 113 19.35 32.19 -33.85
CA GLY A 113 19.27 33.65 -33.83
C GLY A 113 18.88 34.33 -35.14
N SER A 114 18.69 33.53 -36.20
CA SER A 114 18.30 34.05 -37.50
C SER A 114 16.92 34.76 -37.46
N LYS A 115 16.60 35.57 -38.47
CA LYS A 115 15.28 36.19 -38.58
C LYS A 115 14.21 35.22 -39.14
N THR A 116 14.66 34.02 -39.55
CA THR A 116 13.77 33.02 -40.16
C THR A 116 13.74 31.71 -39.35
N PRO A 117 13.05 31.68 -38.19
CA PRO A 117 12.96 30.41 -37.48
C PRO A 117 11.95 29.51 -38.13
N GLY A 118 11.97 28.25 -37.76
CA GLY A 118 11.10 27.24 -38.37
C GLY A 118 9.61 27.60 -38.44
N HIS A 119 9.11 28.29 -37.43
CA HIS A 119 7.75 28.81 -37.50
C HIS A 119 7.85 30.28 -37.27
N PRO A 120 6.98 31.07 -37.88
CA PRO A 120 7.19 32.50 -37.84
C PRO A 120 6.90 33.01 -36.43
N GLU A 121 7.74 33.95 -35.96
CA GLU A 121 7.62 34.49 -34.63
C GLU A 121 7.37 35.97 -34.67
N PHE A 122 6.27 36.37 -34.04
CA PHE A 122 5.90 37.75 -33.88
C PHE A 122 7.02 38.53 -33.20
N ARG A 123 7.48 39.59 -33.81
CA ARG A 123 8.52 40.43 -33.22
C ARG A 123 9.95 40.05 -33.57
N HIS A 124 10.13 38.84 -34.05
CA HIS A 124 11.44 38.44 -34.52
C HIS A 124 11.72 38.95 -35.90
N THR A 125 10.64 39.07 -36.68
CA THR A 125 10.71 39.33 -38.11
C THR A 125 9.70 40.42 -38.43
N PRO A 126 10.13 41.47 -39.12
CA PRO A 126 9.14 42.46 -39.58
C PRO A 126 8.16 41.82 -40.54
N GLY A 127 6.89 42.13 -40.35
CA GLY A 127 5.86 41.62 -41.25
C GLY A 127 5.21 40.35 -40.77
N VAL A 128 5.66 39.78 -39.67
CA VAL A 128 4.98 38.62 -39.11
C VAL A 128 3.99 39.17 -38.10
N GLU A 129 2.69 38.92 -38.35
CA GLU A 129 1.64 39.50 -37.56
C GLU A 129 1.38 38.74 -36.29
N ILE A 130 1.90 37.52 -36.18
CA ILE A 130 1.55 36.61 -35.08
C ILE A 130 2.43 35.37 -35.16
N THR A 131 2.86 34.87 -34.01
CA THR A 131 3.48 33.59 -33.92
C THR A 131 2.45 32.46 -34.19
N THR A 132 2.81 31.56 -35.09
CA THR A 132 1.96 30.44 -35.39
C THR A 132 2.82 29.17 -35.41
N GLY A 133 2.18 28.01 -35.53
CA GLY A 133 2.93 26.76 -35.43
C GLY A 133 2.05 25.72 -34.78
N PRO A 134 1.55 26.00 -33.55
CA PRO A 134 0.55 25.09 -33.03
C PRO A 134 -0.64 25.22 -33.92
N LEU A 135 -0.97 24.16 -34.64
CA LEU A 135 -2.04 24.27 -35.64
C LEU A 135 -3.40 24.72 -35.05
N GLY A 136 -4.17 25.44 -35.85
CA GLY A 136 -5.42 26.03 -35.41
C GLY A 136 -5.26 27.47 -34.88
N GLN A 137 -4.15 27.74 -34.19
CA GLN A 137 -4.01 28.98 -33.46
C GLN A 137 -4.14 30.22 -34.35
N GLY A 138 -3.44 30.24 -35.47
CA GLY A 138 -3.43 31.41 -36.33
C GLY A 138 -4.81 31.76 -36.87
N LEU A 139 -5.54 30.74 -37.37
CA LEU A 139 -6.89 30.89 -37.87
C LEU A 139 -7.81 31.39 -36.77
N ALA A 140 -7.75 30.77 -35.60
CA ALA A 140 -8.66 31.13 -34.53
C ALA A 140 -8.34 32.56 -34.12
N SER A 141 -7.06 32.92 -34.05
CA SER A 141 -6.71 34.31 -33.74
C SER A 141 -7.11 35.33 -34.79
N ALA A 142 -7.14 34.87 -36.04
CA ALA A 142 -7.48 35.75 -37.16
C ALA A 142 -8.92 36.22 -36.93
N VAL A 143 -9.76 35.31 -36.46
CA VAL A 143 -11.12 35.62 -36.14
C VAL A 143 -11.09 36.77 -35.18
N GLY A 144 -10.28 36.67 -34.13
CA GLY A 144 -10.13 37.77 -33.15
C GLY A 144 -9.72 39.07 -33.82
N MET A 145 -8.72 38.98 -34.70
CA MET A 145 -8.27 40.19 -35.38
C MET A 145 -9.45 40.85 -36.11
N ALA A 146 -10.20 40.05 -36.88
CA ALA A 146 -11.38 40.53 -37.59
C ALA A 146 -12.30 41.25 -36.62
N MET A 147 -12.62 40.62 -35.51
CA MET A 147 -13.53 41.21 -34.55
C MET A 147 -12.99 42.53 -34.04
N ALA A 148 -11.68 42.56 -33.80
CA ALA A 148 -11.06 43.79 -33.30
C ALA A 148 -11.17 44.90 -34.33
N SER A 149 -11.08 44.55 -35.61
CA SER A 149 -11.08 45.65 -36.58
C SER A 149 -12.42 46.37 -36.61
N ARG A 150 -13.50 45.60 -36.43
CA ARG A 150 -14.82 46.17 -36.33
C ARG A 150 -14.96 46.99 -35.06
N TYR A 151 -14.47 46.47 -33.95
CA TYR A 151 -14.61 47.22 -32.71
C TYR A 151 -13.77 48.50 -32.77
N GLU A 152 -12.55 48.40 -33.30
CA GLU A 152 -11.69 49.56 -33.50
C GLU A 152 -12.32 50.61 -34.42
N ARG A 153 -13.02 50.15 -35.44
CA ARG A 153 -13.82 51.04 -36.28
C ARG A 153 -14.89 51.75 -35.45
N GLY A 154 -15.58 50.99 -34.59
CA GLY A 154 -16.52 51.59 -33.66
C GLY A 154 -15.98 52.81 -32.96
N LEU A 155 -14.71 52.73 -32.55
CA LEU A 155 -14.12 53.76 -31.69
C LEU A 155 -13.57 54.93 -32.47
N PHE A 156 -13.15 54.71 -33.70
CA PHE A 156 -12.42 55.76 -34.41
C PHE A 156 -13.18 56.41 -35.54
N ASP A 157 -14.02 55.64 -36.23
CA ASP A 157 -14.71 56.14 -37.41
C ASP A 157 -16.03 55.38 -37.67
N PRO A 158 -16.96 55.42 -36.68
CA PRO A 158 -18.20 54.60 -36.75
C PRO A 158 -19.18 54.99 -37.86
N ASP A 159 -19.24 56.30 -38.14
CA ASP A 159 -20.23 56.93 -39.02
C ASP A 159 -19.78 56.94 -40.49
N ALA A 160 -18.52 56.54 -40.72
CA ALA A 160 -18.01 56.29 -42.08
C ALA A 160 -18.87 55.23 -42.77
N GLU A 161 -18.75 55.11 -44.08
CA GLU A 161 -19.60 54.17 -44.81
C GLU A 161 -18.85 52.89 -45.22
N PRO A 162 -19.61 51.80 -45.44
CA PRO A 162 -18.96 50.52 -45.75
C PRO A 162 -17.84 50.65 -46.79
N GLY A 163 -16.60 50.53 -46.34
CA GLY A 163 -15.43 50.59 -47.25
C GLY A 163 -14.71 51.92 -47.31
N ALA A 164 -15.34 52.96 -46.77
CA ALA A 164 -14.88 54.33 -46.96
C ALA A 164 -13.95 54.84 -45.88
N SER A 165 -13.73 54.02 -44.85
CA SER A 165 -12.88 54.42 -43.72
C SER A 165 -11.39 54.08 -43.94
N PRO A 166 -10.49 54.96 -43.47
CA PRO A 166 -9.08 54.56 -43.44
C PRO A 166 -8.88 53.35 -42.53
N PHE A 167 -9.87 53.07 -41.66
CA PHE A 167 -9.82 51.95 -40.74
C PHE A 167 -10.44 50.68 -41.29
N ASP A 168 -10.86 50.70 -42.55
CA ASP A 168 -11.32 49.48 -43.20
C ASP A 168 -10.18 48.71 -43.87
N HIS A 169 -10.10 47.42 -43.61
CA HIS A 169 -9.09 46.55 -44.26
C HIS A 169 -9.49 45.08 -44.11
N TYR A 170 -8.69 44.18 -44.67
CA TYR A 170 -9.00 42.76 -44.59
C TYR A 170 -8.02 41.94 -43.74
N ILE A 171 -8.49 40.75 -43.32
CA ILE A 171 -7.66 39.78 -42.65
C ILE A 171 -7.66 38.55 -43.50
N TYR A 172 -6.49 38.17 -44.01
CA TYR A 172 -6.30 37.03 -44.94
C TYR A 172 -5.57 35.96 -44.17
N VAL A 173 -6.00 34.71 -44.37
CA VAL A 173 -5.49 33.62 -43.60
C VAL A 173 -5.22 32.47 -44.54
N ILE A 174 -4.05 31.86 -44.40
CA ILE A 174 -3.80 30.58 -45.08
C ILE A 174 -3.82 29.45 -44.07
N ALA A 175 -4.79 28.56 -44.23
CA ALA A 175 -4.93 27.40 -43.32
C ALA A 175 -4.72 26.07 -44.07
N SER A 176 -4.25 25.05 -43.35
CA SER A 176 -4.09 23.72 -43.92
C SER A 176 -5.09 22.66 -43.35
N ASP A 177 -4.97 21.42 -43.82
CA ASP A 177 -5.76 20.29 -43.33
C ASP A 177 -5.73 20.23 -41.81
N GLY A 178 -4.52 20.26 -41.26
CA GLY A 178 -4.33 20.29 -39.80
C GLY A 178 -5.10 21.41 -39.10
N ASP A 179 -5.06 22.64 -39.64
CA ASP A 179 -5.85 23.74 -39.10
C ASP A 179 -7.32 23.36 -39.12
N ILE A 180 -7.76 22.71 -40.20
CA ILE A 180 -9.14 22.39 -40.42
C ILE A 180 -9.61 21.30 -39.46
N GLU A 181 -8.71 20.41 -39.07
CA GLU A 181 -9.10 19.29 -38.19
C GLU A 181 -9.18 19.68 -36.69
N GLU A 182 -8.39 20.69 -36.31
CA GLU A 182 -8.30 21.13 -34.90
C GLU A 182 -9.58 21.74 -34.39
N GLY A 183 -10.03 21.25 -33.24
CA GLY A 183 -11.23 21.76 -32.57
C GLY A 183 -11.28 23.27 -32.47
N VAL A 184 -10.15 23.93 -32.20
CA VAL A 184 -10.18 25.38 -31.99
C VAL A 184 -10.75 26.11 -33.21
N THR A 185 -10.43 25.56 -34.37
CA THR A 185 -10.88 26.11 -35.63
C THR A 185 -12.40 26.03 -35.82
N SER A 186 -12.99 24.85 -35.55
CA SER A 186 -14.44 24.74 -35.47
C SER A 186 -15.08 25.80 -34.62
N GLU A 187 -14.64 25.90 -33.37
CA GLU A 187 -15.11 26.95 -32.48
C GLU A 187 -15.02 28.35 -33.08
N ALA A 188 -13.84 28.73 -33.52
CA ALA A 188 -13.59 30.10 -34.00
C ALA A 188 -14.41 30.42 -35.26
N SER A 189 -14.48 29.43 -36.14
CA SER A 189 -15.31 29.53 -37.32
C SER A 189 -16.82 29.63 -36.99
N SER A 190 -17.27 28.88 -35.99
CA SER A 190 -18.68 28.86 -35.70
C SER A 190 -19.09 30.27 -35.28
N LEU A 191 -18.25 30.84 -34.42
CA LEU A 191 -18.45 32.18 -33.88
C LEU A 191 -18.17 33.28 -34.89
N ALA A 192 -17.30 33.02 -35.88
CA ALA A 192 -17.01 34.05 -36.91
C ALA A 192 -18.26 34.38 -37.72
N ALA A 193 -18.97 33.32 -38.12
CA ALA A 193 -20.28 33.42 -38.75
C ALA A 193 -21.27 34.17 -37.89
N VAL A 194 -21.35 33.83 -36.61
CA VAL A 194 -22.35 34.50 -35.76
C VAL A 194 -22.15 36.01 -35.91
N GLN A 195 -20.88 36.39 -35.92
CA GLN A 195 -20.49 37.79 -35.87
C GLN A 195 -20.36 38.42 -37.25
N GLN A 196 -20.63 37.62 -38.29
CA GLN A 196 -20.76 38.13 -39.65
C GLN A 196 -19.57 38.97 -40.09
N LEU A 197 -18.36 38.40 -39.99
CA LEU A 197 -17.08 39.16 -40.13
C LEU A 197 -16.69 39.25 -41.60
N GLY A 198 -17.29 40.23 -42.27
CA GLY A 198 -17.22 40.33 -43.73
C GLY A 198 -15.79 40.45 -44.20
N ASN A 199 -14.94 41.01 -43.37
CA ASN A 199 -13.57 41.30 -43.77
C ASN A 199 -12.58 40.18 -43.43
N LEU A 200 -13.08 38.98 -43.21
CA LEU A 200 -12.21 37.84 -42.96
C LEU A 200 -12.25 36.88 -44.13
N ILE A 201 -11.09 36.60 -44.71
CA ILE A 201 -11.03 35.79 -45.90
C ILE A 201 -9.94 34.76 -45.70
N VAL A 202 -10.32 33.48 -45.75
CA VAL A 202 -9.47 32.39 -45.37
C VAL A 202 -9.35 31.49 -46.56
N PHE A 203 -8.10 31.19 -46.95
CA PHE A 203 -7.82 30.09 -47.90
C PHE A 203 -7.49 28.84 -47.14
N TYR A 204 -8.09 27.76 -47.55
CA TYR A 204 -7.84 26.44 -46.97
C TYR A 204 -7.12 25.58 -47.99
N ASP A 205 -5.85 25.29 -47.73
CA ASP A 205 -5.08 24.46 -48.65
C ASP A 205 -5.44 22.96 -48.54
N ARG A 206 -6.43 22.55 -49.30
CA ARG A 206 -6.95 21.19 -49.31
C ARG A 206 -6.13 20.32 -50.24
N ASN A 207 -5.19 19.57 -49.69
CA ASN A 207 -4.20 18.95 -50.55
C ASN A 207 -4.06 17.44 -50.30
N GLN A 208 -5.03 16.90 -49.56
CA GLN A 208 -5.08 15.48 -49.26
C GLN A 208 -3.77 14.92 -48.71
N ILE A 209 -2.98 15.78 -48.09
CA ILE A 209 -1.73 15.35 -47.47
C ILE A 209 -1.55 15.98 -46.08
N SER A 210 -1.03 15.14 -45.19
CA SER A 210 -0.53 15.56 -43.90
C SER A 210 0.63 14.64 -43.57
N ILE A 211 1.10 14.60 -42.32
CA ILE A 211 2.33 13.89 -42.01
C ILE A 211 2.17 12.40 -42.25
N GLU A 212 0.95 11.88 -42.06
CA GLU A 212 0.68 10.47 -42.28
C GLU A 212 0.24 10.19 -43.72
N ASP A 213 0.79 11.00 -44.64
CA ASP A 213 0.49 10.95 -46.08
C ASP A 213 -0.93 11.32 -46.44
N ASP A 214 -1.56 10.54 -47.30
CA ASP A 214 -2.95 10.71 -47.76
C ASP A 214 -3.98 10.86 -46.63
N THR A 215 -4.70 11.97 -46.65
CA THR A 215 -5.59 12.35 -45.55
C THR A 215 -6.80 11.48 -45.42
N ASN A 216 -7.00 10.60 -46.38
CA ASN A 216 -8.19 9.76 -46.41
C ASN A 216 -8.26 8.87 -45.20
N ILE A 217 -7.10 8.56 -44.63
CA ILE A 217 -7.00 7.65 -43.49
C ILE A 217 -7.65 8.22 -42.23
N ALA A 218 -7.90 9.52 -42.22
CA ALA A 218 -8.40 10.18 -41.01
C ALA A 218 -9.29 11.38 -41.31
N LEU A 219 -9.58 11.62 -42.58
CA LEU A 219 -10.35 12.82 -42.96
C LEU A 219 -11.24 12.55 -44.15
N CYS A 220 -12.54 12.52 -43.92
CA CYS A 220 -13.49 12.17 -44.98
C CYS A 220 -14.58 13.25 -45.12
N GLU A 221 -14.58 14.22 -44.22
CA GLU A 221 -15.66 15.22 -44.16
C GLU A 221 -15.71 16.12 -45.40
N ASP A 222 -16.87 16.75 -45.61
CA ASP A 222 -17.00 17.75 -46.66
C ASP A 222 -16.86 19.11 -45.98
N THR A 223 -15.62 19.56 -45.88
CA THR A 223 -15.27 20.76 -45.13
C THR A 223 -16.04 21.97 -45.63
N ALA A 224 -16.23 22.04 -46.94
CA ALA A 224 -16.89 23.19 -47.55
C ALA A 224 -18.33 23.29 -47.09
N ALA A 225 -19.03 22.14 -47.13
CA ALA A 225 -20.41 22.03 -46.58
C ALA A 225 -20.42 22.45 -45.13
N ARG A 226 -19.49 21.89 -44.34
CA ARG A 226 -19.38 22.30 -42.92
C ARG A 226 -19.39 23.84 -42.81
N TYR A 227 -18.57 24.53 -43.60
CA TYR A 227 -18.51 25.99 -43.52
C TYR A 227 -19.80 26.69 -43.92
N ARG A 228 -20.52 26.07 -44.86
CA ARG A 228 -21.85 26.53 -45.28
C ARG A 228 -22.79 26.39 -44.07
N ALA A 229 -22.78 25.23 -43.43
CA ALA A 229 -23.47 25.01 -42.15
C ALA A 229 -23.28 26.14 -41.11
N TYR A 230 -22.04 26.59 -40.91
CA TYR A 230 -21.79 27.72 -39.99
C TYR A 230 -22.44 29.01 -40.40
N GLY A 231 -22.58 29.21 -41.70
CA GLY A 231 -23.08 30.48 -42.23
C GLY A 231 -21.98 31.34 -42.85
N TRP A 232 -20.91 30.69 -43.29
CA TRP A 232 -19.82 31.35 -44.03
C TRP A 232 -20.16 31.45 -45.53
N HIS A 233 -19.54 32.41 -46.21
CA HIS A 233 -19.51 32.49 -47.67
C HIS A 233 -18.47 31.50 -48.19
N VAL A 234 -18.88 30.44 -48.86
CA VAL A 234 -17.96 29.37 -49.25
C VAL A 234 -17.77 29.24 -50.77
N GLN A 235 -16.50 29.10 -51.21
CA GLN A 235 -16.22 28.87 -52.62
C GLN A 235 -15.18 27.79 -52.72
N GLU A 236 -15.24 26.99 -53.78
CA GLU A 236 -14.22 25.97 -54.05
C GLU A 236 -13.45 26.32 -55.32
N VAL A 237 -12.13 26.34 -55.25
CA VAL A 237 -11.34 26.63 -56.44
C VAL A 237 -10.48 25.43 -56.65
N GLU A 238 -10.26 25.02 -57.91
CA GLU A 238 -9.45 23.82 -58.20
C GLU A 238 -8.12 24.18 -58.81
N GLY A 239 -7.05 23.74 -58.15
CA GLY A 239 -5.72 23.78 -58.70
C GLY A 239 -4.87 24.91 -58.17
N GLY A 240 -3.70 24.55 -57.67
CA GLY A 240 -2.73 25.50 -57.19
C GLY A 240 -2.28 26.54 -58.21
N GLU A 241 -2.36 26.23 -59.48
CA GLU A 241 -1.85 27.13 -60.52
C GLU A 241 -2.95 27.98 -61.18
N ASN A 242 -4.17 27.84 -60.68
CA ASN A 242 -5.31 28.53 -61.22
C ASN A 242 -5.46 29.91 -60.61
N VAL A 243 -4.49 30.77 -60.91
CA VAL A 243 -4.48 32.16 -60.44
C VAL A 243 -5.78 32.90 -60.80
N VAL A 244 -6.36 32.63 -61.96
CA VAL A 244 -7.62 33.23 -62.38
C VAL A 244 -8.77 32.85 -61.43
N GLY A 245 -8.89 31.55 -61.16
CA GLY A 245 -9.86 31.03 -60.22
C GLY A 245 -9.67 31.69 -58.85
N ILE A 246 -8.42 31.74 -58.40
CA ILE A 246 -8.05 32.38 -57.12
C ILE A 246 -8.48 33.85 -57.07
N GLU A 247 -8.16 34.60 -58.13
CA GLU A 247 -8.47 36.01 -58.15
C GLU A 247 -9.93 36.34 -58.25
N GLU A 248 -10.70 35.46 -58.87
CA GLU A 248 -12.18 35.62 -58.90
C GLU A 248 -12.80 35.32 -57.57
N ALA A 249 -12.43 34.19 -56.99
CA ALA A 249 -12.78 33.89 -55.62
C ALA A 249 -12.49 35.09 -54.66
N ILE A 250 -11.27 35.64 -54.69
CA ILE A 250 -10.93 36.79 -53.85
C ILE A 250 -11.89 37.96 -54.05
N ALA A 251 -12.14 38.35 -55.30
CA ALA A 251 -13.08 39.45 -55.57
C ALA A 251 -14.55 39.14 -55.15
N ASN A 252 -15.00 37.91 -55.39
CA ASN A 252 -16.30 37.47 -54.88
C ASN A 252 -16.37 37.62 -53.36
N ALA A 253 -15.31 37.21 -52.68
CA ALA A 253 -15.25 37.33 -51.24
C ALA A 253 -15.31 38.80 -50.78
N GLN A 254 -14.56 39.68 -51.43
CA GLN A 254 -14.52 41.08 -51.03
C GLN A 254 -15.87 41.72 -51.22
N ALA A 255 -16.60 41.24 -52.21
CA ALA A 255 -17.92 41.77 -52.53
C ALA A 255 -18.95 41.35 -51.47
N VAL A 256 -18.71 40.23 -50.78
CA VAL A 256 -19.60 39.78 -49.72
C VAL A 256 -19.13 40.36 -48.38
N THR A 257 -19.96 41.22 -47.80
CA THR A 257 -19.57 41.96 -46.61
C THR A 257 -20.39 41.57 -45.36
N ASP A 258 -21.19 40.50 -45.44
CA ASP A 258 -22.04 40.09 -44.30
CA ASP A 258 -22.11 40.04 -44.37
C ASP A 258 -21.74 38.67 -43.79
N ARG A 259 -20.72 38.04 -44.34
CA ARG A 259 -20.38 36.69 -44.00
C ARG A 259 -18.89 36.57 -44.23
N PRO A 260 -18.16 35.96 -43.28
CA PRO A 260 -16.73 35.73 -43.49
C PRO A 260 -16.59 34.74 -44.67
N SER A 261 -15.47 34.83 -45.39
CA SER A 261 -15.32 34.03 -46.59
C SER A 261 -14.32 32.90 -46.43
N PHE A 262 -14.64 31.74 -47.03
CA PHE A 262 -13.85 30.55 -46.98
C PHE A 262 -13.66 30.05 -48.39
N ILE A 263 -12.41 29.96 -48.84
CA ILE A 263 -12.12 29.50 -50.15
C ILE A 263 -11.29 28.25 -50.03
N ALA A 264 -11.86 27.10 -50.39
CA ALA A 264 -11.14 25.85 -50.38
C ALA A 264 -10.45 25.70 -51.70
N LEU A 265 -9.12 25.65 -51.65
CA LEU A 265 -8.27 25.56 -52.80
C LEU A 265 -7.69 24.18 -52.88
N ARG A 266 -8.13 23.37 -53.84
CA ARG A 266 -7.62 22.02 -54.00
C ARG A 266 -6.23 22.05 -54.65
N THR A 267 -5.26 21.34 -54.09
CA THR A 267 -3.84 21.47 -54.47
C THR A 267 -3.12 20.13 -54.47
N VAL A 268 -1.98 20.08 -55.15
CA VAL A 268 -1.04 18.97 -55.06
C VAL A 268 0.20 19.51 -54.36
N ILE A 269 0.50 18.94 -53.19
CA ILE A 269 1.62 19.38 -52.38
C ILE A 269 2.94 19.16 -53.11
N GLY A 270 3.85 20.13 -53.00
CA GLY A 270 5.20 19.99 -53.53
C GLY A 270 5.34 19.98 -55.04
N TYR A 271 4.32 20.41 -55.77
CA TYR A 271 4.44 20.60 -57.21
C TYR A 271 5.55 21.63 -57.50
N PRO A 272 6.52 21.31 -58.38
CA PRO A 272 6.55 20.21 -59.33
C PRO A 272 7.60 19.09 -59.04
N ALA A 273 7.86 18.78 -57.79
CA ALA A 273 8.80 17.71 -57.47
C ALA A 273 8.29 16.43 -58.10
N PRO A 274 9.04 15.93 -59.11
CA PRO A 274 8.54 14.82 -59.91
C PRO A 274 8.21 13.58 -59.09
N ASN A 275 9.02 13.26 -58.08
CA ASN A 275 8.83 12.04 -57.28
C ASN A 275 8.20 12.29 -55.92
N LEU A 276 8.47 13.46 -55.36
CA LEU A 276 8.05 13.78 -53.99
C LEU A 276 6.71 14.53 -53.85
N MET A 277 6.20 15.09 -54.93
CA MET A 277 4.92 15.79 -54.86
C MET A 277 3.81 14.81 -54.56
N ASP A 278 2.75 15.30 -53.90
CA ASP A 278 1.60 14.49 -53.54
C ASP A 278 1.96 13.41 -52.51
N THR A 279 3.00 13.64 -51.71
CA THR A 279 3.41 12.71 -50.64
C THR A 279 3.68 13.41 -49.29
N GLY A 280 3.62 12.66 -48.20
CA GLY A 280 3.96 13.19 -46.88
C GLY A 280 5.39 13.69 -46.81
N LYS A 281 6.28 13.13 -47.61
CA LYS A 281 7.71 13.47 -47.55
C LYS A 281 8.01 14.87 -48.05
N ALA A 282 7.12 15.40 -48.90
CA ALA A 282 7.30 16.78 -49.37
C ALA A 282 6.98 17.74 -48.24
N HIS A 283 6.11 17.32 -47.31
CA HIS A 283 5.69 18.20 -46.23
C HIS A 283 6.81 18.64 -45.27
N GLY A 284 7.60 17.68 -44.77
CA GLY A 284 8.41 17.90 -43.58
C GLY A 284 9.85 17.41 -43.62
N ALA A 285 10.43 17.32 -44.80
CA ALA A 285 11.83 17.01 -44.88
C ALA A 285 12.46 17.65 -46.11
N ALA A 286 13.79 17.78 -46.08
CA ALA A 286 14.56 18.17 -47.24
C ALA A 286 14.27 17.17 -48.38
N LEU A 287 14.04 17.72 -49.59
CA LEU A 287 13.83 16.88 -50.75
C LEU A 287 15.00 15.95 -51.11
N GLY A 288 16.22 16.36 -50.78
CA GLY A 288 17.43 15.64 -51.21
C GLY A 288 17.96 16.28 -52.49
N ASP A 289 19.28 16.21 -52.71
CA ASP A 289 19.96 16.89 -53.85
C ASP A 289 19.42 16.57 -55.25
N ASP A 290 19.05 15.30 -55.48
CA ASP A 290 18.50 14.83 -56.74
C ASP A 290 17.13 15.39 -57.06
N GLU A 291 16.22 15.38 -56.08
CA GLU A 291 14.89 15.96 -56.31
C GLU A 291 14.96 17.48 -56.49
N VAL A 292 15.88 18.12 -55.78
CA VAL A 292 16.14 19.56 -55.93
C VAL A 292 16.68 19.90 -57.33
N ALA A 293 17.69 19.14 -57.76
CA ALA A 293 18.23 19.30 -59.12
C ALA A 293 17.12 19.07 -60.16
N ALA A 294 16.35 18.00 -60.01
CA ALA A 294 15.27 17.67 -60.92
C ALA A 294 14.25 18.78 -61.02
N VAL A 295 13.97 19.45 -59.89
CA VAL A 295 12.99 20.54 -59.83
C VAL A 295 13.50 21.76 -60.60
N LYS A 296 14.78 22.08 -60.42
CA LYS A 296 15.43 23.17 -61.11
C LYS A 296 15.40 23.00 -62.62
N LYS A 297 15.66 21.77 -63.07
CA LYS A 297 15.59 21.44 -64.50
C LYS A 297 14.20 21.68 -65.05
N ILE A 298 13.19 21.22 -64.32
CA ILE A 298 11.81 21.33 -64.79
C ILE A 298 11.43 22.80 -65.00
N VAL A 299 11.90 23.69 -64.14
CA VAL A 299 11.53 25.10 -64.24
C VAL A 299 12.54 25.94 -65.02
N GLY A 300 13.61 25.31 -65.50
CA GLY A 300 14.63 25.99 -66.30
C GLY A 300 15.63 26.74 -65.46
N PHE A 301 15.95 26.19 -64.30
CA PHE A 301 16.96 26.76 -63.42
C PHE A 301 18.26 25.95 -63.53
N ASP A 302 19.36 26.56 -63.12
CA ASP A 302 20.68 25.91 -63.13
C ASP A 302 20.74 24.95 -61.92
N PRO A 303 20.86 23.61 -62.18
CA PRO A 303 20.89 22.63 -61.11
C PRO A 303 22.18 22.57 -60.32
N ASP A 304 23.15 23.42 -60.66
CA ASP A 304 24.43 23.44 -59.95
C ASP A 304 24.62 24.64 -59.04
N LYS A 305 23.74 25.62 -59.19
CA LYS A 305 23.76 26.80 -58.32
C LYS A 305 22.58 26.80 -57.31
N THR A 306 22.77 27.41 -56.14
CA THR A 306 21.69 27.51 -55.15
C THR A 306 21.32 28.97 -54.92
N PHE A 307 20.09 29.18 -54.44
CA PHE A 307 19.61 30.52 -54.07
C PHE A 307 19.81 31.50 -55.20
N GLN A 308 19.39 31.09 -56.39
CA GLN A 308 19.53 31.90 -57.59
C GLN A 308 18.33 32.81 -57.72
N VAL A 309 18.57 34.11 -57.77
CA VAL A 309 17.46 35.04 -57.94
C VAL A 309 17.79 35.99 -59.08
N ARG A 310 17.10 35.80 -60.22
CA ARG A 310 17.23 36.68 -61.39
C ARG A 310 17.01 38.15 -61.08
N GLU A 311 17.83 39.02 -61.65
CA GLU A 311 17.72 40.44 -61.39
C GLU A 311 16.34 41.00 -61.79
N ASP A 312 15.81 40.53 -62.91
CA ASP A 312 14.52 41.00 -63.40
C ASP A 312 13.35 40.55 -62.53
N VAL A 313 13.46 39.36 -61.96
CA VAL A 313 12.46 38.86 -61.05
C VAL A 313 12.39 39.80 -59.85
N LEU A 314 13.54 40.06 -59.22
CA LEU A 314 13.56 40.84 -58.00
C LEU A 314 13.15 42.29 -58.27
N THR A 315 13.61 42.83 -59.37
CA THR A 315 13.20 44.17 -59.79
C THR A 315 11.70 44.26 -59.90
N HIS A 316 11.09 43.23 -60.45
CA HIS A 316 9.64 43.15 -60.55
C HIS A 316 8.94 43.03 -59.21
N THR A 317 9.33 42.05 -58.39
CA THR A 317 8.63 41.84 -57.13
C THR A 317 8.82 43.03 -56.19
N ARG A 318 9.97 43.69 -56.29
CA ARG A 318 10.32 44.80 -55.43
C ARG A 318 9.52 46.05 -55.78
N GLY A 319 8.78 46.02 -56.89
CA GLY A 319 7.84 47.08 -57.26
C GLY A 319 6.75 47.31 -56.21
N LEU A 320 6.50 46.28 -55.40
CA LEU A 320 5.63 46.41 -54.24
C LEU A 320 6.06 47.55 -53.30
N VAL A 321 7.37 47.78 -53.14
CA VAL A 321 7.87 48.91 -52.32
C VAL A 321 7.23 50.24 -52.77
N ALA A 322 7.39 50.54 -54.05
CA ALA A 322 6.79 51.72 -54.64
C ALA A 322 5.25 51.72 -54.60
N ARG A 323 4.60 50.63 -55.03
CA ARG A 323 3.12 50.53 -54.94
C ARG A 323 2.63 50.76 -53.52
N GLY A 324 3.31 50.14 -52.56
CA GLY A 324 2.99 50.27 -51.14
C GLY A 324 3.07 51.72 -50.68
N LYS A 325 4.17 52.37 -51.04
CA LYS A 325 4.43 53.73 -50.63
C LYS A 325 3.31 54.65 -51.07
N GLN A 326 2.94 54.50 -52.33
CA GLN A 326 1.89 55.28 -52.95
C GLN A 326 0.51 55.03 -52.31
N ALA A 327 0.17 53.76 -52.10
CA ALA A 327 -1.06 53.42 -51.41
C ALA A 327 -1.09 54.09 -50.07
N HIS A 328 0.06 54.06 -49.37
CA HIS A 328 0.22 54.65 -48.03
C HIS A 328 0.05 56.17 -48.06
N GLU A 329 0.61 56.83 -49.07
CA GLU A 329 0.45 58.26 -49.26
C GLU A 329 -1.00 58.70 -49.52
N ARG A 330 -1.74 57.91 -50.30
CA ARG A 330 -3.19 58.16 -50.57
C ARG A 330 -4.01 57.95 -49.34
N TRP A 331 -3.73 56.87 -48.64
CA TRP A 331 -4.39 56.58 -47.41
C TRP A 331 -4.19 57.71 -46.42
N GLN A 332 -3.02 58.33 -46.44
CA GLN A 332 -2.65 59.34 -45.48
C GLN A 332 -3.54 60.59 -45.57
N LEU A 333 -3.96 60.94 -46.78
CA LEU A 333 -4.82 62.08 -46.99
C LEU A 333 -6.18 61.80 -46.34
N GLU A 334 -6.74 60.63 -46.60
CA GLU A 334 -8.00 60.21 -45.97
C GLU A 334 -7.90 60.23 -44.45
N PHE A 335 -6.77 59.79 -43.90
CA PHE A 335 -6.59 59.73 -42.44
C PHE A 335 -6.56 61.14 -41.88
N ASP A 336 -5.74 61.99 -42.50
CA ASP A 336 -5.56 63.38 -42.12
C ASP A 336 -6.89 64.14 -42.18
N ALA A 337 -7.66 63.85 -43.23
CA ALA A 337 -9.02 64.35 -43.37
C ALA A 337 -9.86 63.88 -42.21
N TRP A 338 -9.75 62.59 -41.87
CA TRP A 338 -10.47 62.00 -40.74
C TRP A 338 -10.09 62.66 -39.40
N ALA A 339 -8.79 62.94 -39.23
CA ALA A 339 -8.28 63.59 -38.03
C ALA A 339 -8.84 65.00 -37.81
N ARG A 340 -8.96 65.77 -38.89
CA ARG A 340 -9.55 67.08 -38.79
C ARG A 340 -11.03 66.96 -38.48
N ARG A 341 -11.73 66.05 -39.15
CA ARG A 341 -13.16 65.82 -38.91
CA ARG A 341 -13.16 65.83 -38.91
C ARG A 341 -13.45 65.19 -37.55
N GLU A 342 -12.46 64.50 -36.96
CA GLU A 342 -12.72 63.81 -35.69
C GLU A 342 -11.65 63.99 -34.60
N PRO A 343 -11.41 65.24 -34.13
CA PRO A 343 -10.26 65.50 -33.24
C PRO A 343 -10.29 64.72 -31.90
N GLU A 344 -11.50 64.42 -31.47
CA GLU A 344 -11.74 63.74 -30.23
C GLU A 344 -11.29 62.30 -30.25
N ARG A 345 -11.72 61.61 -31.30
CA ARG A 345 -11.43 60.20 -31.54
C ARG A 345 -9.99 59.99 -31.95
N LYS A 346 -9.41 60.99 -32.61
CA LYS A 346 -7.99 61.00 -32.94
C LYS A 346 -7.12 61.10 -31.67
N ALA A 347 -7.56 61.91 -30.71
CA ALA A 347 -6.86 62.06 -29.43
C ALA A 347 -6.85 60.71 -28.70
N LEU A 348 -7.98 59.99 -28.79
CA LEU A 348 -8.11 58.63 -28.26
C LEU A 348 -7.17 57.65 -28.98
N LEU A 349 -7.21 57.64 -30.31
CA LEU A 349 -6.25 56.82 -31.04
C LEU A 349 -4.83 57.10 -30.55
N ASP A 350 -4.50 58.37 -30.36
CA ASP A 350 -3.13 58.71 -29.98
C ASP A 350 -2.80 58.29 -28.54
N ARG A 351 -3.79 58.41 -27.65
CA ARG A 351 -3.63 57.95 -26.27
C ARG A 351 -3.37 56.44 -26.24
N LEU A 352 -4.16 55.68 -27.01
CA LEU A 352 -4.06 54.23 -27.06
C LEU A 352 -2.74 53.75 -27.67
N LEU A 353 -2.33 54.38 -28.76
CA LEU A 353 -1.05 54.04 -29.37
C LEU A 353 0.17 54.36 -28.51
N ALA A 354 0.09 55.38 -27.67
CA ALA A 354 1.18 55.73 -26.77
C ALA A 354 1.08 54.92 -25.46
N GLN A 355 0.01 54.12 -25.34
CA GLN A 355 -0.28 53.27 -24.16
C GLN A 355 -0.41 54.11 -22.91
N LYS A 356 -1.21 55.17 -23.00
CA LYS A 356 -1.46 56.03 -21.84
CA LYS A 356 -1.46 56.03 -21.85
C LYS A 356 -2.91 55.88 -21.42
N LEU A 357 -3.16 56.22 -20.17
CA LEU A 357 -4.52 56.18 -19.64
C LEU A 357 -4.99 57.60 -19.35
N PRO A 358 -6.31 57.85 -19.49
CA PRO A 358 -6.86 59.19 -19.30
C PRO A 358 -6.79 59.59 -17.84
N ASP A 359 -6.45 60.85 -17.57
CA ASP A 359 -6.43 61.43 -16.22
C ASP A 359 -7.63 61.08 -15.39
N GLY A 360 -7.35 60.57 -14.20
CA GLY A 360 -8.41 60.20 -13.24
C GLY A 360 -9.27 59.02 -13.66
N TRP A 361 -8.71 58.15 -14.51
CA TRP A 361 -9.37 56.93 -14.95
C TRP A 361 -9.65 55.98 -13.78
N ASP A 362 -8.74 56.00 -12.80
CA ASP A 362 -8.84 55.18 -11.60
C ASP A 362 -9.36 55.96 -10.37
N ALA A 363 -10.15 57.00 -10.58
CA ALA A 363 -10.64 57.82 -9.47
C ALA A 363 -11.91 57.23 -8.86
N ASP A 364 -12.80 56.67 -9.70
CA ASP A 364 -14.02 56.00 -9.24
C ASP A 364 -13.77 54.60 -8.68
N LEU A 365 -12.50 54.18 -8.64
CA LEU A 365 -12.10 52.84 -8.17
C LEU A 365 -12.78 52.45 -6.85
N PRO A 366 -13.59 51.37 -6.84
CA PRO A 366 -14.32 50.98 -5.62
C PRO A 366 -13.43 50.63 -4.42
N HIS A 367 -13.98 50.81 -3.22
CA HIS A 367 -13.30 50.46 -1.97
C HIS A 367 -14.35 49.92 -1.02
N TRP A 368 -13.93 49.01 -0.17
CA TRP A 368 -14.79 48.36 0.79
C TRP A 368 -14.10 48.47 2.12
N GLU A 369 -14.87 48.55 3.21
CA GLU A 369 -14.26 48.76 4.54
C GLU A 369 -14.02 47.41 5.19
N PRO A 370 -12.78 47.22 5.69
CA PRO A 370 -12.42 46.01 6.44
C PRO A 370 -13.54 45.69 7.41
N GLY A 371 -14.09 44.49 7.35
CA GLY A 371 -15.18 44.12 8.26
C GLY A 371 -16.58 44.18 7.66
N SER A 372 -16.76 44.96 6.59
CA SER A 372 -18.07 45.00 5.94
C SER A 372 -18.48 43.59 5.46
N LYS A 373 -19.72 43.47 4.97
CA LYS A 373 -20.27 42.22 4.48
C LYS A 373 -19.26 41.44 3.63
N ALA A 374 -19.23 40.11 3.78
CA ALA A 374 -18.35 39.23 3.00
C ALA A 374 -18.72 39.34 1.55
N LEU A 375 -17.69 39.62 0.73
CA LEU A 375 -17.84 39.83 -0.71
C LEU A 375 -16.95 38.89 -1.52
N ALA A 376 -17.55 38.22 -2.50
CA ALA A 376 -16.80 37.34 -3.38
C ALA A 376 -15.88 38.14 -4.33
N THR A 377 -14.64 37.68 -4.43
CA THR A 377 -13.61 38.35 -5.22
C THR A 377 -14.04 38.58 -6.69
N ARG A 378 -14.88 37.69 -7.23
CA ARG A 378 -15.49 37.83 -8.53
C ARG A 378 -16.50 38.98 -8.58
N ALA A 379 -17.29 39.15 -7.51
CA ALA A 379 -18.27 40.25 -7.43
C ALA A 379 -17.55 41.58 -7.35
N ALA A 380 -16.42 41.59 -6.62
CA ALA A 380 -15.53 42.75 -6.58
C ALA A 380 -15.01 43.10 -7.96
N SER A 381 -14.70 42.08 -8.77
CA SER A 381 -14.12 42.32 -10.10
C SER A 381 -15.14 43.00 -11.01
N GLY A 382 -16.35 42.46 -11.05
CA GLY A 382 -17.50 43.08 -11.77
C GLY A 382 -17.70 44.55 -11.36
N ALA A 383 -17.62 44.83 -10.06
CA ALA A 383 -17.81 46.17 -9.58
C ALA A 383 -16.68 47.02 -10.10
N VAL A 384 -15.46 46.53 -10.05
CA VAL A 384 -14.34 47.30 -10.58
C VAL A 384 -14.45 47.54 -12.11
N LEU A 385 -14.86 46.50 -12.83
CA LEU A 385 -15.07 46.60 -14.27
C LEU A 385 -16.14 47.66 -14.59
N SER A 386 -17.29 47.56 -13.90
CA SER A 386 -18.40 48.50 -14.07
C SER A 386 -18.01 49.95 -13.83
N ALA A 387 -17.10 50.17 -12.87
CA ALA A 387 -16.59 51.49 -12.55
C ALA A 387 -15.57 52.06 -13.57
N LEU A 388 -14.77 51.18 -14.19
CA LEU A 388 -13.72 51.63 -15.10
C LEU A 388 -14.24 51.66 -16.53
N GLY A 389 -15.28 50.89 -16.81
CA GLY A 389 -15.86 50.87 -18.14
C GLY A 389 -16.05 52.26 -18.75
N PRO A 390 -17.02 53.01 -18.23
CA PRO A 390 -17.23 54.41 -18.59
C PRO A 390 -15.94 55.18 -18.88
N LYS A 391 -14.91 54.97 -18.08
CA LYS A 391 -13.69 55.75 -18.24
C LYS A 391 -12.64 55.17 -19.20
N LEU A 392 -12.89 53.96 -19.72
CA LEU A 392 -11.95 53.33 -20.66
C LEU A 392 -12.63 52.68 -21.87
N PRO A 393 -12.82 53.44 -22.96
CA PRO A 393 -13.52 52.89 -24.09
C PRO A 393 -12.80 51.69 -24.73
N GLU A 394 -11.46 51.63 -24.62
CA GLU A 394 -10.65 50.51 -25.18
C GLU A 394 -10.84 49.18 -24.47
N LEU A 395 -11.42 49.23 -23.28
CA LEU A 395 -11.70 48.05 -22.52
C LEU A 395 -13.00 47.38 -22.98
N TRP A 396 -12.87 46.16 -23.48
CA TRP A 396 -14.03 45.30 -23.81
C TRP A 396 -13.67 43.86 -23.48
N GLY A 397 -14.61 42.95 -23.71
CA GLY A 397 -14.44 41.56 -23.33
C GLY A 397 -15.77 40.96 -22.91
N GLY A 398 -15.71 39.73 -22.40
CA GLY A 398 -16.91 39.01 -22.02
C GLY A 398 -16.57 37.62 -21.51
N SER A 399 -17.48 36.68 -21.75
CA SER A 399 -17.37 35.39 -21.12
C SER A 399 -17.69 34.20 -22.03
N ALA A 400 -17.14 33.04 -21.69
CA ALA A 400 -17.47 31.83 -22.38
C ALA A 400 -18.77 31.24 -21.81
N ASP A 401 -19.92 31.86 -22.17
CA ASP A 401 -21.27 31.48 -21.70
C ASP A 401 -21.48 31.58 -20.18
N LEU A 402 -20.66 32.34 -19.47
CA LEU A 402 -20.79 32.40 -18.00
C LEU A 402 -20.80 33.83 -17.45
N ALA A 403 -21.39 34.76 -18.20
CA ALA A 403 -21.39 36.17 -17.77
C ALA A 403 -21.96 36.35 -16.37
N GLY A 404 -23.08 35.65 -16.11
CA GLY A 404 -23.69 35.62 -14.77
C GLY A 404 -22.66 35.22 -13.70
N SER A 405 -21.92 34.14 -13.98
CA SER A 405 -20.99 33.59 -12.98
C SER A 405 -19.58 34.16 -12.98
N ASN A 406 -19.16 34.81 -14.07
CA ASN A 406 -17.82 35.39 -14.12
C ASN A 406 -17.78 36.85 -13.77
N ASN A 407 -18.95 37.51 -13.76
CA ASN A 407 -19.05 38.96 -13.45
C ASN A 407 -18.23 39.84 -14.45
N THR A 408 -18.41 39.55 -15.74
CA THR A 408 -17.60 40.18 -16.78
C THR A 408 -18.31 41.27 -17.59
N THR A 409 -19.64 41.28 -17.50
CA THR A 409 -20.45 42.33 -18.10
C THR A 409 -20.32 43.64 -17.32
N ILE A 410 -19.77 44.66 -17.98
CA ILE A 410 -19.74 46.04 -17.45
C ILE A 410 -21.19 46.53 -17.31
N LYS A 411 -21.58 46.94 -16.11
CA LYS A 411 -23.01 47.29 -15.89
C LYS A 411 -23.45 48.42 -16.86
N GLY A 412 -24.60 48.16 -17.50
CA GLY A 412 -25.19 49.07 -18.48
C GLY A 412 -24.44 49.13 -19.81
N ALA A 413 -23.73 48.05 -20.16
CA ALA A 413 -23.03 48.00 -21.45
C ALA A 413 -23.82 47.17 -22.39
N ASP A 414 -23.68 47.47 -23.67
CA ASP A 414 -24.37 46.67 -24.67
C ASP A 414 -23.45 45.53 -25.11
N SER A 415 -23.95 44.70 -26.01
CA SER A 415 -23.21 43.56 -26.51
C SER A 415 -22.68 43.75 -27.94
N PHE A 416 -21.52 43.12 -28.22
CA PHE A 416 -20.83 43.19 -29.52
C PHE A 416 -21.38 42.12 -30.46
N GLY A 417 -22.01 42.55 -31.54
CA GLY A 417 -22.57 41.61 -32.51
C GLY A 417 -23.54 42.31 -33.46
N PRO A 418 -23.94 41.62 -34.53
CA PRO A 418 -25.00 42.16 -35.38
C PRO A 418 -26.32 42.26 -34.60
N PRO A 419 -27.05 43.40 -34.74
CA PRO A 419 -28.33 43.56 -34.04
C PRO A 419 -29.26 42.35 -34.17
N SER A 420 -29.18 41.64 -35.28
CA SER A 420 -30.00 40.46 -35.50
C SER A 420 -29.64 39.25 -34.61
N ILE A 421 -28.61 39.39 -33.77
CA ILE A 421 -28.33 38.32 -32.81
C ILE A 421 -28.79 38.71 -31.43
N SER A 422 -29.21 39.97 -31.28
CA SER A 422 -29.84 40.43 -30.02
C SER A 422 -30.84 39.41 -29.44
N THR A 423 -30.84 39.33 -28.11
CA THR A 423 -31.78 38.48 -27.38
C THR A 423 -32.50 39.27 -26.28
N LYS A 424 -33.44 38.61 -25.60
CA LYS A 424 -34.12 39.21 -24.47
C LYS A 424 -33.10 39.74 -23.48
N GLU A 425 -32.07 38.93 -23.17
CA GLU A 425 -31.09 39.34 -22.17
C GLU A 425 -30.02 40.31 -22.66
N TYR A 426 -29.70 40.27 -23.95
CA TYR A 426 -28.56 41.05 -24.49
C TYR A 426 -28.91 41.73 -25.80
N THR A 427 -28.66 43.03 -25.86
CA THR A 427 -28.88 43.82 -27.06
C THR A 427 -27.54 43.97 -27.76
N ALA A 428 -27.48 43.50 -29.00
CA ALA A 428 -26.24 43.52 -29.77
C ALA A 428 -26.21 44.66 -30.78
N HIS A 429 -25.21 45.52 -30.67
CA HIS A 429 -24.87 46.49 -31.70
C HIS A 429 -23.50 46.11 -32.31
N TRP A 430 -23.23 46.57 -33.52
CA TRP A 430 -21.96 46.30 -34.19
C TRP A 430 -20.77 46.78 -33.41
N TYR A 431 -20.89 47.94 -32.76
CA TYR A 431 -19.78 48.47 -31.96
C TYR A 431 -20.02 48.30 -30.47
N GLY A 432 -20.76 47.24 -30.16
CA GLY A 432 -21.03 46.84 -28.77
C GLY A 432 -19.79 46.44 -27.99
N ARG A 433 -19.98 46.28 -26.69
CA ARG A 433 -18.86 46.11 -25.77
C ARG A 433 -18.71 44.71 -25.23
N THR A 434 -19.82 44.01 -25.04
CA THR A 434 -19.78 42.76 -24.33
C THR A 434 -19.65 41.59 -25.28
N LEU A 435 -18.67 40.73 -25.00
CA LEU A 435 -18.39 39.61 -25.91
C LEU A 435 -19.06 38.36 -25.46
N HIS A 436 -19.67 37.65 -26.39
CA HIS A 436 -20.25 36.36 -26.03
C HIS A 436 -19.60 35.25 -26.84
N PHE A 437 -18.76 34.46 -26.20
CA PHE A 437 -17.98 33.47 -26.92
C PHE A 437 -18.70 32.18 -27.00
N GLY A 438 -19.74 31.98 -26.19
CA GLY A 438 -20.39 30.68 -26.12
C GLY A 438 -19.47 29.70 -25.40
N VAL A 439 -19.73 28.41 -25.48
CA VAL A 439 -18.98 27.44 -24.70
C VAL A 439 -17.74 27.04 -25.51
N ARG A 440 -16.82 28.00 -25.67
CA ARG A 440 -15.75 27.95 -26.62
C ARG A 440 -14.51 28.58 -26.05
N GLU A 441 -13.96 27.94 -25.01
CA GLU A 441 -12.92 28.58 -24.20
C GLU A 441 -11.62 28.68 -25.02
N HIS A 442 -11.29 27.60 -25.73
CA HIS A 442 -10.10 27.58 -26.51
C HIS A 442 -10.12 28.71 -27.58
N ALA A 443 -11.20 28.80 -28.35
CA ALA A 443 -11.31 29.91 -29.33
C ALA A 443 -11.31 31.25 -28.63
N MET A 444 -11.88 31.31 -27.43
CA MET A 444 -11.87 32.55 -26.67
C MET A 444 -10.43 32.98 -26.46
N GLY A 445 -9.59 32.05 -25.99
CA GLY A 445 -8.20 32.36 -25.75
C GLY A 445 -7.55 32.88 -27.02
N ALA A 446 -7.71 32.15 -28.13
CA ALA A 446 -7.07 32.55 -29.37
C ALA A 446 -7.55 33.90 -29.79
N ILE A 447 -8.86 34.12 -29.61
CA ILE A 447 -9.47 35.39 -30.03
C ILE A 447 -8.82 36.55 -29.31
N LEU A 448 -8.65 36.41 -28.00
CA LEU A 448 -8.04 37.47 -27.19
C LEU A 448 -6.62 37.87 -27.69
N SER A 449 -5.85 36.92 -28.21
CA SER A 449 -4.53 37.26 -28.75
C SER A 449 -4.68 38.02 -30.05
N GLY A 450 -5.63 37.61 -30.86
CA GLY A 450 -5.94 38.36 -32.07
C GLY A 450 -6.25 39.79 -31.73
N ILE A 451 -7.09 40.01 -30.73
CA ILE A 451 -7.55 41.35 -30.41
C ILE A 451 -6.37 42.26 -30.12
N VAL A 452 -5.53 41.91 -29.16
CA VAL A 452 -4.42 42.81 -28.79
C VAL A 452 -3.29 42.81 -29.81
N LEU A 453 -3.21 41.79 -30.66
CA LEU A 453 -2.21 41.86 -31.74
C LEU A 453 -2.69 42.80 -32.85
N HIS A 454 -3.98 42.77 -33.13
CA HIS A 454 -4.52 43.64 -34.12
C HIS A 454 -4.30 45.13 -33.81
N GLY A 455 -4.61 45.54 -32.57
CA GLY A 455 -4.55 46.94 -32.24
C GLY A 455 -4.33 47.26 -30.76
N PRO A 456 -4.52 48.54 -30.39
CA PRO A 456 -4.26 48.96 -29.02
C PRO A 456 -5.46 48.84 -28.07
N THR A 457 -6.47 48.02 -28.37
CA THR A 457 -7.59 47.83 -27.42
C THR A 457 -7.21 46.81 -26.33
N ARG A 458 -8.03 46.74 -25.27
CA ARG A 458 -7.72 45.85 -24.15
C ARG A 458 -8.88 44.95 -23.83
N ALA A 459 -8.74 43.67 -24.21
CA ALA A 459 -9.84 42.72 -24.09
C ALA A 459 -9.55 41.70 -23.03
N TYR A 460 -10.58 41.19 -22.40
CA TYR A 460 -10.43 40.13 -21.43
C TYR A 460 -11.50 39.09 -21.70
N GLY A 461 -11.25 37.85 -21.29
CA GLY A 461 -12.20 36.76 -21.48
C GLY A 461 -12.34 35.95 -20.21
N GLY A 462 -13.54 35.42 -19.95
CA GLY A 462 -13.80 34.88 -18.65
C GLY A 462 -14.39 33.49 -18.72
N THR A 463 -13.97 32.66 -17.77
CA THR A 463 -14.47 31.29 -17.61
C THR A 463 -14.04 30.77 -16.22
N PHE A 464 -14.45 29.54 -15.88
CA PHE A 464 -14.01 28.97 -14.62
C PHE A 464 -12.52 28.60 -14.76
N LEU A 465 -11.73 28.89 -13.74
CA LEU A 465 -10.33 28.41 -13.69
C LEU A 465 -10.13 26.99 -14.24
N GLN A 466 -10.98 26.05 -13.87
CA GLN A 466 -10.87 24.68 -14.34
C GLN A 466 -10.64 24.58 -15.84
N PHE A 467 -11.29 25.44 -16.60
CA PHE A 467 -11.28 25.35 -18.03
C PHE A 467 -10.20 26.18 -18.64
N SER A 468 -9.29 26.68 -17.83
CA SER A 468 -8.01 27.12 -18.38
C SER A 468 -7.44 25.89 -19.12
N ASP A 469 -7.82 24.69 -18.70
CA ASP A 469 -7.40 23.50 -19.39
C ASP A 469 -7.88 23.46 -20.83
N TYR A 470 -9.07 24.01 -21.12
CA TYR A 470 -9.54 23.98 -22.49
C TYR A 470 -8.80 24.94 -23.40
N MET A 471 -8.20 25.98 -22.84
CA MET A 471 -7.65 27.05 -23.64
C MET A 471 -6.12 27.19 -23.51
N ARG A 472 -5.51 26.15 -22.97
CA ARG A 472 -4.12 26.19 -22.61
C ARG A 472 -3.17 26.53 -23.74
N PRO A 473 -3.41 25.96 -24.94
CA PRO A 473 -2.42 26.23 -25.98
C PRO A 473 -2.40 27.70 -26.40
N ALA A 474 -3.51 28.39 -26.23
CA ALA A 474 -3.58 29.79 -26.61
C ALA A 474 -2.89 30.69 -25.57
N VAL A 475 -3.07 30.31 -24.31
CA VAL A 475 -2.49 31.02 -23.20
C VAL A 475 -0.95 30.95 -23.32
N ARG A 476 -0.47 29.76 -23.64
CA ARG A 476 0.91 29.50 -23.78
C ARG A 476 1.54 30.30 -24.86
N LEU A 477 0.82 30.36 -25.96
CA LEU A 477 1.25 31.10 -27.12
C LEU A 477 1.28 32.60 -26.82
N ALA A 478 0.30 33.09 -26.05
CA ALA A 478 0.28 34.51 -25.66
C ALA A 478 1.54 34.82 -24.86
N ALA A 479 1.86 33.97 -23.90
CA ALA A 479 3.03 34.18 -23.06
C ALA A 479 4.33 34.14 -23.90
N LEU A 480 4.43 33.16 -24.79
CA LEU A 480 5.56 33.08 -25.70
C LEU A 480 5.69 34.41 -26.45
N MET A 481 4.56 34.98 -26.85
CA MET A 481 4.55 36.19 -27.65
C MET A 481 4.71 37.41 -26.72
N ASP A 482 4.46 37.25 -25.43
CA ASP A 482 4.63 38.35 -24.48
C ASP A 482 3.70 39.54 -24.77
N ILE A 483 2.43 39.21 -24.97
CA ILE A 483 1.41 40.17 -25.36
C ILE A 483 0.38 40.22 -24.26
N ASP A 484 -0.34 41.33 -24.15
CA ASP A 484 -1.03 41.54 -22.89
C ASP A 484 -2.51 41.17 -22.85
N THR A 485 -2.76 39.88 -23.09
CA THR A 485 -4.08 39.33 -22.97
C THR A 485 -4.44 39.25 -21.49
N ILE A 486 -5.73 38.99 -21.18
CA ILE A 486 -6.24 38.93 -19.82
C ILE A 486 -7.32 37.88 -19.74
N TYR A 487 -7.13 36.93 -18.83
CA TYR A 487 -8.02 35.79 -18.69
C TYR A 487 -8.56 35.89 -17.31
N VAL A 488 -9.86 36.01 -17.20
CA VAL A 488 -10.54 36.10 -15.94
C VAL A 488 -10.96 34.69 -15.65
N TRP A 489 -10.39 34.13 -14.59
CA TRP A 489 -10.73 32.79 -14.19
C TRP A 489 -11.42 32.74 -12.82
N THR A 490 -12.72 32.45 -12.79
CA THR A 490 -13.43 32.49 -11.53
C THR A 490 -13.58 31.09 -10.98
N HIS A 491 -14.22 30.98 -9.82
CA HIS A 491 -14.43 29.68 -9.16
C HIS A 491 -13.13 28.91 -9.04
N ASP A 492 -12.23 29.51 -8.27
CA ASP A 492 -10.79 29.17 -8.31
C ASP A 492 -10.39 28.01 -7.42
N SER A 493 -11.33 27.38 -6.70
CA SER A 493 -10.96 26.30 -5.81
C SER A 493 -12.13 25.47 -5.40
N ILE A 494 -11.88 24.55 -4.47
CA ILE A 494 -12.98 23.83 -3.82
C ILE A 494 -14.04 24.83 -3.29
N GLY A 495 -13.60 26.06 -3.00
CA GLY A 495 -14.50 27.13 -2.60
C GLY A 495 -15.78 27.15 -3.43
N LEU A 496 -15.66 26.72 -4.67
CA LEU A 496 -16.79 26.71 -5.57
C LEU A 496 -17.94 25.75 -5.13
N GLY A 497 -17.65 24.81 -4.26
CA GLY A 497 -18.67 23.97 -3.69
C GLY A 497 -19.25 22.87 -4.55
N GLU A 498 -20.58 22.81 -4.60
CA GLU A 498 -21.30 21.59 -4.96
C GLU A 498 -21.11 20.98 -6.35
N ASP A 499 -20.69 21.81 -7.32
CA ASP A 499 -20.41 21.33 -8.69
C ASP A 499 -19.33 20.22 -8.74
N GLY A 500 -18.53 20.07 -7.70
CA GLY A 500 -17.79 18.84 -7.54
C GLY A 500 -16.41 18.80 -8.18
N PRO A 501 -15.79 17.60 -8.20
CA PRO A 501 -14.37 17.48 -8.51
C PRO A 501 -14.00 17.69 -9.97
N THR A 502 -14.97 17.57 -10.89
CA THR A 502 -14.73 17.84 -12.32
C THR A 502 -14.55 19.32 -12.53
N HIS A 503 -15.08 20.11 -11.60
CA HIS A 503 -15.11 21.57 -11.69
C HIS A 503 -14.08 22.22 -10.78
N GLN A 504 -13.80 21.60 -9.64
CA GLN A 504 -12.87 22.16 -8.69
C GLN A 504 -11.35 22.10 -9.11
N PRO A 505 -10.71 23.28 -9.24
CA PRO A 505 -9.28 23.31 -9.57
C PRO A 505 -8.44 22.74 -8.44
N ILE A 506 -7.36 22.03 -8.74
CA ILE A 506 -6.44 21.53 -7.71
C ILE A 506 -5.02 21.84 -8.20
N GLU A 507 -4.71 21.42 -9.42
CA GLU A 507 -3.35 21.56 -9.95
C GLU A 507 -3.17 22.87 -10.73
N HIS A 508 -4.28 23.59 -10.91
CA HIS A 508 -4.34 24.63 -11.93
C HIS A 508 -3.41 25.83 -11.73
N LEU A 509 -3.32 26.34 -10.52
CA LEU A 509 -2.45 27.46 -10.22
C LEU A 509 -1.00 27.06 -10.45
N SER A 510 -0.61 25.91 -9.94
CA SER A 510 0.77 25.42 -10.17
C SER A 510 1.06 25.29 -11.64
N ALA A 511 0.14 24.67 -12.37
CA ALA A 511 0.34 24.43 -13.79
C ALA A 511 0.37 25.74 -14.57
N LEU A 512 -0.41 26.72 -14.12
CA LEU A 512 -0.41 28.01 -14.81
C LEU A 512 0.81 28.82 -14.42
N ARG A 513 1.25 28.71 -13.18
CA ARG A 513 2.39 29.50 -12.75
C ARG A 513 3.65 29.00 -13.41
N ALA A 514 3.62 27.74 -13.84
CA ALA A 514 4.77 27.13 -14.52
C ALA A 514 5.09 27.75 -15.90
N ILE A 515 4.08 28.33 -16.56
CA ILE A 515 4.21 28.81 -17.92
C ILE A 515 5.02 30.06 -17.92
N PRO A 516 6.26 29.97 -18.41
CA PRO A 516 7.08 31.18 -18.34
C PRO A 516 6.33 32.39 -18.88
N ARG A 517 6.39 33.50 -18.15
CA ARG A 517 5.79 34.82 -18.52
C ARG A 517 4.29 34.95 -18.30
N LEU A 518 3.60 33.94 -17.78
CA LEU A 518 2.20 34.16 -17.41
C LEU A 518 2.17 34.62 -15.96
N SER A 519 1.69 35.84 -15.74
CA SER A 519 1.45 36.33 -14.41
C SER A 519 0.09 35.81 -13.92
N VAL A 520 0.12 35.03 -12.82
CA VAL A 520 -1.07 34.50 -12.13
C VAL A 520 -1.44 35.39 -10.89
N VAL A 521 -2.46 36.22 -11.07
CA VAL A 521 -2.84 37.19 -10.04
C VAL A 521 -4.09 36.73 -9.23
N ARG A 522 -3.89 36.50 -7.92
CA ARG A 522 -4.92 35.94 -7.06
C ARG A 522 -5.15 36.90 -5.86
N PRO A 523 -6.04 37.91 -6.05
CA PRO A 523 -6.36 38.87 -5.00
C PRO A 523 -6.92 38.20 -3.73
N ALA A 524 -6.46 38.67 -2.57
CA ALA A 524 -6.91 38.13 -1.30
C ALA A 524 -8.35 38.52 -0.99
N ASP A 525 -8.77 39.69 -1.40
CA ASP A 525 -10.15 40.18 -1.12
C ASP A 525 -10.57 41.21 -2.13
N ALA A 526 -11.77 41.77 -1.92
CA ALA A 526 -12.37 42.76 -2.82
C ALA A 526 -11.43 43.94 -3.16
N ASN A 527 -10.60 44.38 -2.21
CA ASN A 527 -9.74 45.52 -2.46
C ASN A 527 -8.50 45.14 -3.23
N GLU A 528 -7.97 43.96 -2.93
CA GLU A 528 -6.81 43.47 -3.70
C GLU A 528 -7.23 43.30 -5.18
N THR A 529 -8.49 42.89 -5.36
CA THR A 529 -9.03 42.70 -6.67
C THR A 529 -8.91 44.01 -7.42
N ALA A 530 -9.42 45.09 -6.80
CA ALA A 530 -9.44 46.41 -7.39
C ALA A 530 -8.04 46.88 -7.68
N TYR A 531 -7.12 46.66 -6.76
CA TYR A 531 -5.73 47.02 -6.97
C TYR A 531 -5.06 46.18 -8.06
N ALA A 532 -5.61 44.99 -8.26
CA ALA A 532 -5.10 44.10 -9.28
C ALA A 532 -5.40 44.64 -10.68
N TRP A 533 -6.68 44.85 -10.96
CA TRP A 533 -7.11 45.45 -12.21
C TRP A 533 -6.35 46.74 -12.48
N ARG A 534 -6.36 47.63 -11.51
CA ARG A 534 -5.59 48.84 -11.57
C ARG A 534 -4.15 48.57 -12.12
N THR A 535 -3.44 47.63 -11.52
CA THR A 535 -2.06 47.31 -11.95
C THR A 535 -1.96 46.68 -13.33
N ILE A 536 -2.98 45.85 -13.66
CA ILE A 536 -3.08 45.23 -14.98
C ILE A 536 -3.25 46.29 -16.06
N LEU A 537 -4.28 47.13 -15.93
CA LEU A 537 -4.55 48.15 -16.94
C LEU A 537 -3.43 49.20 -17.05
N ALA A 538 -2.79 49.51 -15.93
CA ALA A 538 -1.71 50.48 -15.89
C ALA A 538 -0.44 49.94 -16.49
N ARG A 539 -0.40 48.62 -16.68
CA ARG A 539 0.77 47.90 -17.23
C ARG A 539 2.01 48.09 -16.39
N ARG A 540 1.81 48.20 -15.08
CA ARG A 540 2.89 48.46 -14.12
C ARG A 540 3.98 47.39 -14.23
N ASN A 541 3.58 46.13 -14.39
CA ASN A 541 4.55 45.01 -14.44
C ASN A 541 4.84 44.47 -15.83
N GLY A 542 4.95 45.34 -16.81
CA GLY A 542 5.33 44.91 -18.16
C GLY A 542 4.14 44.49 -19.01
N SER A 543 4.41 43.82 -20.11
CA SER A 543 3.38 43.66 -21.14
C SER A 543 2.92 42.21 -21.45
N GLY A 544 3.30 41.26 -20.59
CA GLY A 544 2.88 39.87 -20.72
C GLY A 544 1.41 39.60 -20.39
N PRO A 545 0.95 38.36 -20.58
CA PRO A 545 -0.42 37.98 -20.33
C PRO A 545 -0.71 37.89 -18.85
N VAL A 546 -1.99 37.95 -18.50
CA VAL A 546 -2.36 37.88 -17.13
C VAL A 546 -3.56 36.97 -16.97
N GLY A 547 -3.48 36.12 -15.94
CA GLY A 547 -4.63 35.34 -15.50
C GLY A 547 -5.05 35.86 -14.16
N LEU A 548 -6.26 36.41 -14.09
CA LEU A 548 -6.81 36.96 -12.87
C LEU A 548 -7.74 35.92 -12.23
N ILE A 549 -7.35 35.46 -11.03
CA ILE A 549 -7.96 34.29 -10.36
C ILE A 549 -8.93 34.78 -9.32
N LEU A 550 -10.20 34.43 -9.44
CA LEU A 550 -11.22 35.00 -8.56
C LEU A 550 -12.11 33.89 -8.02
N THR A 551 -12.64 34.08 -6.82
CA THR A 551 -13.41 33.10 -6.08
C THR A 551 -14.88 33.16 -6.46
N ARG A 552 -15.57 32.05 -6.28
CA ARG A 552 -17.00 32.04 -6.36
C ARG A 552 -17.61 32.57 -5.06
N GLN A 553 -17.20 31.99 -3.93
CA GLN A 553 -17.79 32.23 -2.60
C GLN A 553 -17.24 33.51 -2.00
N GLY A 554 -18.02 34.10 -1.05
CA GLY A 554 -17.67 35.35 -0.36
C GLY A 554 -16.44 35.21 0.53
N VAL A 555 -15.57 36.22 0.52
CA VAL A 555 -14.43 36.29 1.43
C VAL A 555 -14.37 37.62 2.23
N PRO A 556 -13.82 37.58 3.44
CA PRO A 556 -13.73 38.81 4.24
C PRO A 556 -13.03 39.94 3.52
N VAL A 557 -13.39 41.17 3.88
CA VAL A 557 -12.57 42.32 3.55
C VAL A 557 -11.61 42.51 4.71
N LEU A 558 -10.32 42.63 4.39
CA LEU A 558 -9.27 42.46 5.38
C LEU A 558 -8.61 43.78 5.75
N ASP A 559 -7.94 43.80 6.89
CA ASP A 559 -7.14 44.96 7.24
C ASP A 559 -5.79 44.76 6.62
N GLY A 560 -5.21 45.87 6.16
CA GLY A 560 -3.79 45.89 5.77
C GLY A 560 -3.51 45.75 4.30
N THR A 561 -4.57 45.70 3.48
CA THR A 561 -4.41 45.62 2.02
C THR A 561 -3.84 46.94 1.47
N ASP A 562 -3.08 46.88 0.38
CA ASP A 562 -2.26 48.00 -0.05
C ASP A 562 -1.96 47.93 -1.55
N ALA A 563 -2.45 48.92 -2.32
CA ALA A 563 -2.23 48.99 -3.77
C ALA A 563 -0.78 48.75 -4.14
N GLU A 564 0.12 49.53 -3.56
CA GLU A 564 1.50 49.44 -3.91
C GLU A 564 2.00 48.02 -3.69
N GLY A 565 1.50 47.37 -2.64
CA GLY A 565 1.93 46.04 -2.25
C GLY A 565 1.45 44.97 -3.23
N VAL A 566 0.18 45.08 -3.63
CA VAL A 566 -0.37 44.23 -4.69
C VAL A 566 0.51 44.34 -5.93
N ALA A 567 0.88 45.58 -6.30
CA ALA A 567 1.56 45.83 -7.55
C ALA A 567 2.94 45.27 -7.48
N ARG A 568 3.36 44.98 -6.27
CA ARG A 568 4.65 44.36 -6.09
C ARG A 568 4.56 42.83 -6.10
N GLY A 569 3.34 42.30 -6.01
CA GLY A 569 3.14 40.86 -6.14
C GLY A 569 2.96 40.19 -4.79
N GLY A 570 3.90 40.45 -3.88
CA GLY A 570 3.79 39.99 -2.50
C GLY A 570 4.26 41.07 -1.54
N TYR A 571 3.48 41.31 -0.49
CA TYR A 571 3.84 42.33 0.50
C TYR A 571 3.38 41.90 1.90
N VAL A 572 3.87 42.61 2.93
CA VAL A 572 3.52 42.36 4.34
C VAL A 572 2.13 42.92 4.67
N LEU A 573 1.20 42.05 5.02
CA LEU A 573 -0.17 42.47 5.29
C LEU A 573 -0.32 43.00 6.71
N SER A 574 0.39 42.35 7.65
CA SER A 574 0.57 42.82 9.02
C SER A 574 1.72 42.06 9.64
N ASP A 575 2.56 42.77 10.38
CA ASP A 575 3.53 42.11 11.18
C ASP A 575 2.77 41.82 12.44
N ALA A 576 3.38 41.07 13.32
CA ALA A 576 2.75 40.72 14.57
C ALA A 576 3.17 41.79 15.59
N GLY A 577 2.34 42.15 16.53
CA GLY A 577 2.82 43.11 17.49
C GLY A 577 3.04 42.32 18.73
N GLY A 578 4.29 42.00 19.02
CA GLY A 578 5.38 42.37 18.15
C GLY A 578 5.42 43.84 18.54
N LEU A 579 6.45 44.59 18.15
CA LEU A 579 7.64 44.10 17.47
C LEU A 579 8.71 45.14 17.78
N GLN A 580 9.98 44.84 17.50
CA GLN A 580 11.02 45.79 17.88
C GLN A 580 12.01 46.02 16.75
N PRO A 581 12.74 47.11 16.77
CA PRO A 581 13.66 47.23 15.67
C PRO A 581 14.57 46.07 15.78
N GLY A 582 14.92 45.51 14.65
CA GLY A 582 15.79 44.37 14.62
C GLY A 582 14.99 43.20 15.07
N GLU A 583 13.68 43.40 15.12
CA GLU A 583 12.72 42.37 15.54
C GLU A 583 12.18 41.40 14.50
N GLU A 584 12.95 40.46 13.96
CA GLU A 584 12.34 39.56 12.99
C GLU A 584 11.09 38.97 13.62
N PRO A 585 10.08 38.57 12.80
CA PRO A 585 8.98 37.79 13.39
C PRO A 585 9.45 36.36 13.65
N ASP A 586 8.74 35.67 14.54
CA ASP A 586 9.06 34.27 14.89
C ASP A 586 8.78 33.35 13.68
N VAL A 587 7.68 33.64 12.99
CA VAL A 587 7.23 32.81 11.88
C VAL A 587 6.53 33.66 10.79
N ILE A 588 6.72 33.27 9.53
CA ILE A 588 6.04 33.98 8.44
C ILE A 588 4.99 33.10 7.81
N LEU A 589 3.76 33.62 7.79
CA LEU A 589 2.67 32.99 7.07
C LEU A 589 2.55 33.67 5.68
N ILE A 590 2.64 32.89 4.60
CA ILE A 590 2.47 33.39 3.21
C ILE A 590 1.22 32.79 2.59
N ALA A 591 0.29 33.62 2.18
CA ALA A 591 -0.96 33.08 1.64
C ALA A 591 -1.49 33.87 0.45
N THR A 592 -2.51 33.32 -0.23
CA THR A 592 -3.02 33.95 -1.46
C THR A 592 -4.53 33.81 -1.50
N GLY A 593 -5.19 34.75 -2.17
CA GLY A 593 -6.61 34.59 -2.46
C GLY A 593 -7.34 34.25 -1.19
N SER A 594 -8.25 33.27 -1.26
CA SER A 594 -9.21 33.02 -0.17
C SER A 594 -8.57 32.40 1.09
N GLU A 595 -7.28 32.11 1.01
CA GLU A 595 -6.56 31.53 2.13
C GLU A 595 -5.79 32.58 3.00
N VAL A 596 -5.79 33.84 2.58
CA VAL A 596 -5.14 34.87 3.38
C VAL A 596 -5.89 35.06 4.70
N GLN A 597 -7.22 34.92 4.67
CA GLN A 597 -8.02 35.03 5.91
C GLN A 597 -7.64 33.97 6.97
N LEU A 598 -7.15 32.82 6.53
CA LEU A 598 -6.68 31.80 7.46
C LEU A 598 -5.34 32.25 8.03
N ALA A 599 -4.51 32.91 7.23
CA ALA A 599 -3.20 33.37 7.70
C ALA A 599 -3.41 34.34 8.84
N VAL A 600 -4.39 35.24 8.68
CA VAL A 600 -4.68 36.29 9.62
C VAL A 600 -5.19 35.63 10.90
N ALA A 601 -6.31 34.91 10.80
CA ALA A 601 -6.92 34.25 11.96
C ALA A 601 -5.90 33.39 12.76
N ALA A 602 -4.92 32.82 12.08
CA ALA A 602 -3.89 31.99 12.72
C ALA A 602 -2.82 32.87 13.38
N GLN A 603 -2.68 34.08 12.86
CA GLN A 603 -1.80 35.08 13.45
C GLN A 603 -2.35 35.48 14.83
N THR A 604 -3.68 35.57 14.95
CA THR A 604 -4.36 35.81 16.22
C THR A 604 -4.15 34.63 17.17
N LEU A 605 -4.40 33.42 16.68
CA LEU A 605 -4.21 32.23 17.51
C LEU A 605 -2.76 32.06 17.94
N LEU A 606 -1.82 32.59 17.18
CA LEU A 606 -0.42 32.40 17.57
C LEU A 606 0.09 33.47 18.57
N ALA A 607 -0.43 34.67 18.47
CA ALA A 607 -0.11 35.74 19.41
C ALA A 607 -0.61 35.33 20.80
N ASP A 608 -1.84 34.81 20.83
CA ASP A 608 -2.43 34.26 22.04
C ASP A 608 -1.62 33.10 22.67
N ASN A 609 -0.49 32.78 22.07
CA ASN A 609 0.40 31.71 22.53
C ASN A 609 1.81 32.19 22.48
N ASP A 610 1.94 33.51 22.49
CA ASP A 610 3.25 34.18 22.53
C ASP A 610 4.10 33.79 21.32
N ILE A 611 3.45 33.60 20.17
CA ILE A 611 4.18 33.46 18.90
C ILE A 611 3.84 34.64 17.98
N LEU A 612 4.91 35.25 17.46
CA LEU A 612 4.80 36.48 16.67
C LEU A 612 4.93 36.20 15.18
N ALA A 613 3.78 36.24 14.50
CA ALA A 613 3.69 35.87 13.08
C ALA A 613 3.45 37.05 12.14
N ARG A 614 4.29 37.17 11.11
CA ARG A 614 4.08 38.03 9.94
C ARG A 614 3.15 37.34 8.94
N VAL A 615 2.16 38.07 8.45
CA VAL A 615 1.29 37.63 7.35
C VAL A 615 1.72 38.34 6.06
N VAL A 616 2.07 37.55 5.05
CA VAL A 616 2.40 38.04 3.73
C VAL A 616 1.30 37.60 2.78
N SER A 617 0.65 38.57 2.14
CA SER A 617 -0.25 38.29 1.04
C SER A 617 0.59 38.25 -0.25
N MET A 618 0.39 37.18 -1.03
CA MET A 618 1.16 36.98 -2.28
C MET A 618 0.21 36.83 -3.50
N PRO A 619 -0.44 37.97 -3.91
CA PRO A 619 -1.39 37.90 -5.02
C PRO A 619 -0.75 37.57 -6.37
N CYS A 620 0.56 37.81 -6.51
CA CYS A 620 1.26 37.41 -7.71
C CYS A 620 2.71 37.03 -7.50
N LEU A 621 2.96 35.73 -7.40
CA LEU A 621 4.31 35.27 -7.18
C LEU A 621 5.29 35.67 -8.28
N GLU A 622 4.82 35.82 -9.51
CA GLU A 622 5.68 36.18 -10.63
C GLU A 622 6.15 37.64 -10.51
N TRP A 623 5.25 38.51 -10.02
CA TRP A 623 5.62 39.92 -9.83
C TRP A 623 6.61 40.06 -8.67
N PHE A 624 6.30 39.34 -7.58
CA PHE A 624 7.18 39.28 -6.43
C PHE A 624 8.57 38.84 -6.83
N GLU A 625 8.70 37.70 -7.47
CA GLU A 625 9.99 37.17 -7.89
C GLU A 625 10.78 38.12 -8.83
N ALA A 626 10.09 39.07 -9.45
CA ALA A 626 10.69 40.03 -10.40
C ALA A 626 11.19 41.30 -9.70
N GLN A 627 10.72 41.51 -8.47
CA GLN A 627 11.20 42.61 -7.62
C GLN A 627 12.66 42.35 -7.23
N PRO A 628 13.42 43.44 -6.95
CA PRO A 628 14.84 43.23 -6.56
C PRO A 628 14.97 42.57 -5.16
N TYR A 629 16.06 41.86 -4.94
CA TYR A 629 16.24 41.13 -3.69
C TYR A 629 16.02 42.01 -2.48
N GLU A 630 16.44 43.25 -2.54
CA GLU A 630 16.24 44.15 -1.38
C GLU A 630 14.80 44.16 -0.92
N TYR A 631 13.87 44.28 -1.86
CA TYR A 631 12.46 44.25 -1.52
C TYR A 631 12.02 42.85 -1.02
N ARG A 632 12.48 41.81 -1.72
CA ARG A 632 12.03 40.46 -1.41
C ARG A 632 12.49 40.06 -0.02
N ASP A 633 13.77 40.30 0.27
CA ASP A 633 14.34 40.05 1.61
C ASP A 633 13.71 40.93 2.70
N ALA A 634 13.07 42.03 2.35
CA ALA A 634 12.34 42.83 3.32
C ALA A 634 11.03 42.14 3.67
N VAL A 635 10.42 41.46 2.69
CA VAL A 635 9.13 40.78 2.91
C VAL A 635 9.35 39.39 3.49
N LEU A 636 10.38 38.69 3.00
CA LEU A 636 10.69 37.35 3.42
C LEU A 636 12.16 37.29 3.76
N PRO A 637 12.49 37.70 4.98
CA PRO A 637 13.89 37.74 5.40
C PRO A 637 14.46 36.35 5.43
N PRO A 638 15.57 36.11 4.71
CA PRO A 638 16.20 34.76 4.65
C PRO A 638 16.64 34.20 6.02
N THR A 639 16.69 35.04 7.05
CA THR A 639 17.10 34.57 8.38
C THR A 639 15.94 33.89 9.11
N VAL A 640 14.71 34.28 8.79
CA VAL A 640 13.51 33.53 9.25
C VAL A 640 13.24 32.26 8.39
N SER A 641 13.65 31.09 8.87
CA SER A 641 13.40 29.84 8.16
C SER A 641 12.01 29.26 8.44
N ALA A 642 11.39 29.70 9.52
CA ALA A 642 10.06 29.18 9.90
C ALA A 642 8.97 29.84 9.05
N ARG A 643 8.53 29.12 8.01
CA ARG A 643 7.59 29.67 7.02
C ARG A 643 6.45 28.70 6.73
N VAL A 644 5.27 29.25 6.52
CA VAL A 644 4.12 28.43 6.14
C VAL A 644 3.38 29.04 4.94
N ALA A 645 3.13 28.25 3.89
CA ALA A 645 2.35 28.72 2.73
C ALA A 645 0.94 28.14 2.79
N VAL A 646 -0.06 28.93 2.44
CA VAL A 646 -1.44 28.43 2.45
C VAL A 646 -2.14 28.76 1.11
N GLU A 647 -2.63 27.73 0.42
CA GLU A 647 -3.27 27.88 -0.88
C GLU A 647 -4.14 26.68 -1.17
N ALA A 648 -5.39 26.92 -1.53
CA ALA A 648 -6.30 25.83 -1.88
C ALA A 648 -5.98 25.20 -3.25
N GLY A 649 -4.75 24.68 -3.35
CA GLY A 649 -4.19 24.10 -4.57
C GLY A 649 -3.05 23.20 -4.16
N VAL A 650 -2.31 22.65 -5.11
CA VAL A 650 -1.25 21.71 -4.78
C VAL A 650 -0.02 22.45 -4.26
N ALA A 651 0.83 21.70 -3.57
CA ALA A 651 1.97 22.27 -2.87
C ALA A 651 3.07 22.64 -3.84
N GLN A 652 3.02 22.06 -5.04
CA GLN A 652 4.18 22.00 -5.92
C GLN A 652 4.99 23.31 -6.03
N CYS A 653 4.30 24.44 -6.21
CA CYS A 653 4.97 25.70 -6.56
C CYS A 653 5.41 26.52 -5.34
N TRP A 654 5.13 26.00 -4.14
CA TRP A 654 5.48 26.70 -2.90
C TRP A 654 6.78 26.23 -2.18
N HIS A 655 7.30 25.06 -2.56
CA HIS A 655 8.46 24.49 -1.88
C HIS A 655 9.70 25.40 -1.88
N GLN A 656 9.98 26.07 -2.98
CA GLN A 656 11.22 26.87 -3.07
C GLN A 656 11.13 28.02 -2.09
N LEU A 657 9.93 28.56 -1.93
CA LEU A 657 9.68 29.67 -1.06
C LEU A 657 9.75 29.29 0.43
N VAL A 658 9.19 28.14 0.86
CA VAL A 658 9.15 27.79 2.29
C VAL A 658 10.42 27.07 2.79
N GLY A 659 11.22 26.54 1.88
CA GLY A 659 12.49 25.92 2.23
C GLY A 659 12.33 24.60 2.95
N ASP A 660 13.48 23.98 3.27
CA ASP A 660 13.64 22.68 3.99
C ASP A 660 12.78 22.45 5.22
N THR A 661 12.67 23.50 6.02
CA THR A 661 12.02 23.42 7.32
C THR A 661 10.66 24.07 7.37
N GLY A 662 10.10 24.39 6.19
CA GLY A 662 8.82 25.07 6.10
C GLY A 662 7.70 24.09 6.02
N GLU A 663 6.48 24.59 6.13
CA GLU A 663 5.27 23.79 5.95
C GLU A 663 4.36 24.37 4.86
N ILE A 664 3.60 23.50 4.20
CA ILE A 664 2.63 23.95 3.23
C ILE A 664 1.27 23.35 3.53
N VAL A 665 0.29 24.21 3.66
CA VAL A 665 -1.09 23.80 3.82
C VAL A 665 -1.72 23.84 2.41
N SER A 666 -1.89 22.65 1.83
CA SER A 666 -2.31 22.51 0.43
C SER A 666 -3.37 21.44 0.25
N ILE A 667 -3.90 21.31 -0.96
CA ILE A 667 -4.72 20.16 -1.29
C ILE A 667 -4.06 19.32 -2.39
N GLU A 668 -3.82 18.05 -2.09
CA GLU A 668 -3.07 17.18 -2.99
C GLU A 668 -3.95 16.21 -3.78
N HIS A 669 -5.26 16.26 -3.56
CA HIS A 669 -6.16 15.32 -4.23
C HIS A 669 -7.39 16.03 -4.70
N TYR A 670 -8.20 15.30 -5.46
CA TYR A 670 -9.44 15.82 -6.05
C TYR A 670 -10.49 16.07 -4.99
N GLY A 671 -11.45 16.92 -5.34
CA GLY A 671 -12.44 17.37 -4.38
C GLY A 671 -13.68 16.49 -4.31
N GLU A 672 -14.78 17.12 -3.93
CA GLU A 672 -15.99 16.39 -3.58
C GLU A 672 -17.14 17.35 -3.80
N SER A 673 -18.31 16.77 -4.00
CA SER A 673 -19.54 17.52 -4.24
C SER A 673 -20.23 17.84 -2.93
N ALA A 674 -19.90 19.00 -2.34
CA ALA A 674 -20.48 19.46 -1.06
C ALA A 674 -20.31 20.97 -0.95
N ASP A 675 -20.95 21.60 0.05
CA ASP A 675 -20.87 23.06 0.23
C ASP A 675 -19.46 23.49 0.60
N HIS A 676 -19.09 24.75 0.39
CA HIS A 676 -17.69 25.10 0.53
C HIS A 676 -17.16 24.98 1.94
N LYS A 677 -18.03 25.31 2.91
CA LYS A 677 -17.58 25.32 4.31
C LYS A 677 -17.22 23.91 4.77
N THR A 678 -18.03 22.94 4.39
CA THR A 678 -17.72 21.54 4.62
C THR A 678 -16.39 21.15 3.96
N LEU A 679 -16.17 21.63 2.75
CA LEU A 679 -14.98 21.27 1.98
C LEU A 679 -13.71 21.79 2.59
N PHE A 680 -13.68 23.09 2.86
CA PHE A 680 -12.47 23.69 3.47
C PHE A 680 -12.14 23.06 4.84
N ARG A 681 -13.19 22.81 5.63
CA ARG A 681 -13.03 22.11 6.91
C ARG A 681 -12.42 20.70 6.70
N GLU A 682 -13.14 19.85 5.97
CA GLU A 682 -12.69 18.48 5.74
C GLU A 682 -11.26 18.38 5.21
N TYR A 683 -10.82 19.35 4.41
CA TYR A 683 -9.49 19.26 3.78
C TYR A 683 -8.48 20.06 4.55
N GLY A 684 -8.91 20.55 5.71
CA GLY A 684 -8.01 21.14 6.70
C GLY A 684 -7.61 22.55 6.40
N PHE A 685 -8.49 23.29 5.74
CA PHE A 685 -8.28 24.72 5.50
C PHE A 685 -8.95 25.55 6.63
N THR A 686 -8.29 25.56 7.78
CA THR A 686 -8.77 26.21 9.00
C THR A 686 -7.61 26.95 9.65
N ALA A 687 -7.92 28.03 10.38
CA ALA A 687 -6.89 28.80 11.12
C ALA A 687 -6.04 27.89 12.01
N GLU A 688 -6.70 26.98 12.71
CA GLU A 688 -6.05 26.01 13.59
C GLU A 688 -5.00 25.20 12.85
N ALA A 689 -5.35 24.64 11.69
CA ALA A 689 -4.36 23.90 10.91
C ALA A 689 -3.18 24.80 10.48
N VAL A 690 -3.47 26.05 10.11
CA VAL A 690 -2.38 26.99 9.75
C VAL A 690 -1.49 27.26 10.96
N ALA A 691 -2.11 27.62 12.08
CA ALA A 691 -1.41 27.73 13.36
C ALA A 691 -0.53 26.49 13.69
N ALA A 692 -1.15 25.30 13.65
CA ALA A 692 -0.46 24.07 14.01
C ALA A 692 0.78 23.83 13.12
N ALA A 693 0.67 24.21 11.85
CA ALA A 693 1.79 24.13 10.89
C ALA A 693 2.87 25.15 11.21
N ALA A 694 2.47 26.35 11.61
CA ALA A 694 3.41 27.37 12.09
C ALA A 694 4.23 26.82 13.26
N GLU A 695 3.53 26.14 14.18
CA GLU A 695 4.17 25.49 15.34
C GLU A 695 5.17 24.41 14.93
N ARG A 696 4.85 23.58 13.94
CA ARG A 696 5.84 22.59 13.50
C ARG A 696 6.98 23.24 12.76
N ALA A 697 6.67 24.33 12.10
CA ALA A 697 7.66 25.11 11.35
C ALA A 697 8.81 25.51 12.27
N LEU A 698 8.50 25.62 13.56
CA LEU A 698 9.46 26.07 14.58
C LEU A 698 10.34 24.96 15.19
N ASP A 699 9.85 23.72 15.20
CA ASP A 699 10.58 22.53 15.65
C ASP A 699 11.10 21.65 14.49
N ILE B 7 -11.44 10.14 16.65
CA ILE B 7 -12.49 9.06 16.81
C ILE B 7 -13.71 9.27 15.89
N SER B 8 -14.32 10.45 15.92
CA SER B 8 -15.41 10.73 14.98
C SER B 8 -14.89 10.61 13.53
N ALA B 9 -13.65 11.07 13.32
CA ALA B 9 -12.98 10.99 12.01
C ALA B 9 -12.65 9.56 11.54
N LEU B 10 -12.16 8.73 12.46
CA LEU B 10 -11.92 7.30 12.17
C LEU B 10 -13.17 6.47 11.90
N THR B 11 -14.31 6.90 12.43
CA THR B 11 -15.53 6.11 12.36
C THR B 11 -16.49 6.57 11.26
N ARG B 12 -15.95 7.29 10.28
CA ARG B 12 -16.73 7.80 9.15
C ARG B 12 -16.85 6.79 8.02
N PRO B 13 -18.08 6.64 7.49
CA PRO B 13 -18.29 5.65 6.43
C PRO B 13 -17.77 6.09 5.07
N ARG B 14 -17.27 5.12 4.29
CA ARG B 14 -17.02 5.27 2.87
C ARG B 14 -17.57 4.02 2.20
N HIS B 15 -18.80 4.13 1.68
CA HIS B 15 -19.52 3.01 1.08
C HIS B 15 -19.33 2.96 -0.42
N PRO B 16 -19.08 1.78 -0.97
CA PRO B 16 -18.92 1.67 -2.40
C PRO B 16 -20.23 1.93 -3.15
N ASP B 17 -20.15 1.99 -4.48
CA ASP B 17 -21.30 2.30 -5.34
C ASP B 17 -22.50 1.32 -5.17
N TYR B 18 -22.24 0.03 -4.95
CA TYR B 18 -23.33 -0.97 -4.93
C TYR B 18 -23.99 -1.05 -3.56
N TRP B 19 -23.44 -0.31 -2.59
CA TRP B 19 -23.87 -0.43 -1.22
C TRP B 19 -25.20 0.26 -0.94
N THR B 20 -26.23 -0.52 -0.63
CA THR B 20 -27.58 0.05 -0.38
C THR B 20 -27.90 0.19 1.11
N GLU B 21 -29.08 0.77 1.39
CA GLU B 21 -29.67 0.79 2.75
C GLU B 21 -29.67 -0.58 3.42
N ILE B 22 -30.03 -1.59 2.64
CA ILE B 22 -29.94 -2.96 3.09
C ILE B 22 -28.52 -3.34 3.65
N ASP B 23 -27.47 -2.91 2.96
CA ASP B 23 -26.13 -3.30 3.41
C ASP B 23 -25.81 -2.63 4.75
N SER B 24 -26.18 -1.37 4.88
CA SER B 24 -26.07 -0.69 6.19
C SER B 24 -26.87 -1.35 7.33
N ALA B 25 -28.09 -1.79 7.05
CA ALA B 25 -28.88 -2.59 7.99
C ALA B 25 -28.19 -3.94 8.35
N ALA B 26 -27.70 -4.65 7.36
CA ALA B 26 -26.97 -5.90 7.63
C ALA B 26 -25.80 -5.62 8.60
N VAL B 27 -24.92 -4.71 8.24
CA VAL B 27 -23.87 -4.30 9.16
C VAL B 27 -24.43 -4.04 10.56
N ASP B 28 -25.35 -3.09 10.67
CA ASP B 28 -25.96 -2.80 11.99
C ASP B 28 -26.57 -4.04 12.70
N THR B 29 -27.07 -5.01 11.94
CA THR B 29 -27.62 -6.22 12.50
C THR B 29 -26.53 -7.11 13.15
N ILE B 30 -25.35 -7.15 12.51
CA ILE B 30 -24.16 -7.83 13.06
C ILE B 30 -23.80 -7.18 14.39
N ARG B 31 -23.67 -5.85 14.39
CA ARG B 31 -23.26 -5.15 15.61
C ARG B 31 -24.13 -5.51 16.79
N VAL B 32 -25.46 -5.42 16.64
CA VAL B 32 -26.42 -5.68 17.72
C VAL B 32 -26.55 -7.16 18.05
N LEU B 33 -26.52 -8.01 17.03
CA LEU B 33 -26.48 -9.44 17.32
C LEU B 33 -25.35 -9.82 18.30
N ALA B 34 -24.18 -9.20 18.13
CA ALA B 34 -22.98 -9.47 18.92
C ALA B 34 -23.16 -9.00 20.34
N ALA B 35 -23.65 -7.76 20.45
CA ALA B 35 -23.97 -7.19 21.75
C ALA B 35 -25.09 -7.97 22.46
N ASP B 36 -26.12 -8.45 21.75
CA ASP B 36 -27.23 -9.16 22.41
C ASP B 36 -26.81 -10.53 22.80
N ALA B 37 -25.95 -11.14 21.97
CA ALA B 37 -25.51 -12.51 22.22
C ALA B 37 -24.63 -12.56 23.48
N VAL B 38 -23.80 -11.55 23.69
CA VAL B 38 -22.94 -11.50 24.87
C VAL B 38 -23.80 -11.17 26.07
N GLN B 39 -24.70 -10.20 25.91
CA GLN B 39 -25.63 -9.80 26.96
C GLN B 39 -26.47 -10.96 27.48
N LYS B 40 -26.96 -11.83 26.59
CA LYS B 40 -27.71 -12.99 27.05
C LYS B 40 -26.93 -13.87 28.01
N VAL B 41 -25.69 -14.21 27.68
CA VAL B 41 -24.96 -15.14 28.53
C VAL B 41 -24.27 -14.46 29.69
N GLY B 42 -24.06 -13.15 29.55
CA GLY B 42 -23.43 -12.39 30.62
C GLY B 42 -21.92 -12.26 30.58
N ASN B 43 -21.30 -12.87 29.56
CA ASN B 43 -19.84 -12.83 29.37
C ASN B 43 -19.50 -13.14 27.90
N GLY B 44 -18.31 -12.80 27.45
CA GLY B 44 -17.96 -12.92 26.05
C GLY B 44 -17.26 -11.68 25.58
N HIS B 45 -17.18 -11.54 24.26
CA HIS B 45 -16.41 -10.50 23.58
C HIS B 45 -17.23 -9.84 22.48
N PRO B 46 -17.83 -8.70 22.81
CA PRO B 46 -18.71 -8.05 21.86
C PRO B 46 -18.01 -6.96 21.05
N GLY B 47 -16.94 -6.38 21.57
CA GLY B 47 -16.41 -5.13 21.06
C GLY B 47 -15.85 -5.13 19.67
N THR B 48 -14.98 -6.10 19.41
CA THR B 48 -14.26 -6.23 18.16
C THR B 48 -15.23 -6.66 17.04
N ALA B 49 -16.12 -7.59 17.38
CA ALA B 49 -17.17 -8.06 16.49
C ALA B 49 -17.99 -6.89 15.93
N MET B 50 -18.18 -5.85 16.72
CA MET B 50 -18.96 -4.66 16.34
C MET B 50 -18.26 -3.75 15.34
N SER B 51 -16.97 -3.49 15.59
CA SER B 51 -16.11 -2.63 14.73
C SER B 51 -15.70 -3.35 13.48
N LEU B 52 -15.50 -4.66 13.59
CA LEU B 52 -15.09 -5.48 12.46
C LEU B 52 -16.22 -5.97 11.57
N ALA B 53 -17.47 -5.59 11.88
CA ALA B 53 -18.66 -6.02 11.14
C ALA B 53 -18.57 -5.64 9.65
N PRO B 54 -18.23 -4.36 9.33
CA PRO B 54 -18.11 -4.06 7.90
C PRO B 54 -17.02 -4.92 7.20
N LEU B 55 -15.85 -5.10 7.80
CA LEU B 55 -14.86 -5.99 7.19
C LEU B 55 -15.36 -7.43 7.00
N ALA B 56 -15.89 -8.04 8.08
CA ALA B 56 -16.32 -9.46 8.01
C ALA B 56 -17.47 -9.68 7.02
N TYR B 57 -18.44 -8.77 7.04
CA TYR B 57 -19.48 -8.69 6.02
C TYR B 57 -18.95 -8.75 4.61
N THR B 58 -17.94 -7.92 4.33
CA THR B 58 -17.35 -7.77 3.00
C THR B 58 -16.71 -9.08 2.59
N LEU B 59 -15.99 -9.67 3.53
CA LEU B 59 -15.22 -10.88 3.28
C LEU B 59 -16.07 -12.08 2.94
N PHE B 60 -17.14 -12.27 3.69
CA PHE B 60 -18.05 -13.38 3.44
C PHE B 60 -19.02 -13.14 2.31
N GLN B 61 -19.65 -11.97 2.30
CA GLN B 61 -20.66 -11.64 1.28
C GLN B 61 -20.08 -11.41 -0.14
N ARG B 62 -18.86 -10.86 -0.24
CA ARG B 62 -18.38 -10.40 -1.54
C ARG B 62 -17.06 -10.93 -1.99
N THR B 63 -16.11 -10.98 -1.05
CA THR B 63 -14.71 -11.17 -1.36
C THR B 63 -14.43 -12.63 -1.60
N MET B 64 -14.89 -13.49 -0.69
CA MET B 64 -14.46 -14.85 -0.70
C MET B 64 -15.26 -15.74 -1.61
N ARG B 65 -14.58 -16.73 -2.20
CA ARG B 65 -15.22 -17.79 -2.92
C ARG B 65 -15.46 -18.98 -2.00
N HIS B 66 -16.73 -19.28 -1.74
CA HIS B 66 -17.12 -20.42 -0.94
C HIS B 66 -18.59 -20.69 -1.12
N ASP B 67 -19.03 -21.85 -0.62
CA ASP B 67 -20.38 -22.35 -0.81
C ASP B 67 -20.96 -22.71 0.56
N PRO B 68 -21.94 -21.93 1.01
CA PRO B 68 -22.47 -22.18 2.33
C PRO B 68 -23.15 -23.52 2.49
N SER B 69 -23.39 -24.28 1.42
CA SER B 69 -24.10 -25.58 1.52
C SER B 69 -23.13 -26.74 1.58
N ASP B 70 -21.84 -26.42 1.42
CA ASP B 70 -20.74 -27.37 1.42
C ASP B 70 -19.44 -26.71 1.90
N THR B 71 -19.28 -26.69 3.22
CA THR B 71 -18.13 -26.11 3.88
C THR B 71 -16.89 -26.98 3.66
N HIS B 72 -17.05 -28.14 3.03
CA HIS B 72 -15.91 -29.02 2.70
C HIS B 72 -15.45 -28.83 1.28
N TRP B 73 -16.11 -27.91 0.58
CA TRP B 73 -15.80 -27.69 -0.79
C TRP B 73 -14.28 -27.54 -0.99
N LEU B 74 -13.71 -28.45 -1.74
CA LEU B 74 -12.28 -28.47 -2.00
C LEU B 74 -11.70 -27.16 -2.53
N GLY B 75 -12.49 -26.42 -3.31
CA GLY B 75 -11.98 -25.29 -4.05
C GLY B 75 -12.30 -23.98 -3.38
N ARG B 76 -12.68 -24.03 -2.11
CA ARG B 76 -13.11 -22.83 -1.35
C ARG B 76 -11.94 -21.96 -0.88
N ASP B 77 -12.13 -20.64 -0.79
CA ASP B 77 -11.16 -19.78 -0.07
C ASP B 77 -11.25 -20.15 1.41
N ARG B 78 -10.11 -20.07 2.08
CA ARG B 78 -10.05 -20.39 3.49
C ARG B 78 -10.03 -19.13 4.38
N PHE B 79 -10.89 -19.09 5.40
CA PHE B 79 -10.85 -18.04 6.46
C PHE B 79 -10.40 -18.50 7.86
N VAL B 80 -9.47 -17.75 8.42
CA VAL B 80 -8.91 -17.98 9.75
C VAL B 80 -9.05 -16.73 10.67
N LEU B 81 -9.89 -16.86 11.68
CA LEU B 81 -10.00 -15.84 12.68
C LEU B 81 -8.93 -16.09 13.74
N SER B 82 -7.80 -15.40 13.60
CA SER B 82 -6.67 -15.52 14.55
C SER B 82 -7.01 -14.87 15.92
N ALA B 83 -7.66 -13.71 15.86
CA ALA B 83 -8.22 -13.08 17.03
C ALA B 83 -9.51 -13.83 17.47
N GLY B 84 -9.31 -15.01 18.08
CA GLY B 84 -10.38 -16.01 18.25
C GLY B 84 -11.45 -15.66 19.26
N HIS B 85 -11.08 -14.73 20.16
CA HIS B 85 -12.00 -14.08 21.13
C HIS B 85 -13.19 -13.50 20.42
N SER B 86 -12.94 -12.91 19.26
CA SER B 86 -13.97 -12.31 18.48
C SER B 86 -14.70 -13.36 17.65
N SER B 87 -15.17 -14.42 18.31
CA SER B 87 -15.77 -15.55 17.62
C SER B 87 -17.12 -15.18 17.06
N LEU B 88 -17.80 -14.22 17.69
CA LEU B 88 -19.05 -13.67 17.10
C LEU B 88 -18.97 -13.06 15.68
N THR B 89 -17.83 -12.43 15.35
CA THR B 89 -17.51 -12.10 13.98
C THR B 89 -17.70 -13.31 13.03
N LEU B 90 -17.14 -14.48 13.37
CA LEU B 90 -17.23 -15.61 12.44
C LEU B 90 -18.63 -16.15 12.53
N TYR B 91 -19.11 -16.44 13.73
CA TYR B 91 -20.44 -17.05 13.92
C TYR B 91 -21.56 -16.28 13.23
N ILE B 92 -21.55 -14.95 13.32
CA ILE B 92 -22.63 -14.18 12.70
C ILE B 92 -22.65 -14.28 11.18
N GLN B 93 -21.48 -14.20 10.55
CA GLN B 93 -21.37 -14.49 9.12
C GLN B 93 -21.83 -15.91 8.79
N LEU B 94 -21.45 -16.90 9.58
CA LEU B 94 -21.90 -18.25 9.25
C LEU B 94 -23.44 -18.30 9.26
N TYR B 95 -24.02 -17.61 10.22
CA TYR B 95 -25.46 -17.51 10.33
C TYR B 95 -26.00 -16.68 9.19
N LEU B 96 -25.53 -15.46 9.06
CA LEU B 96 -26.09 -14.56 8.03
C LEU B 96 -26.02 -15.16 6.64
N GLY B 97 -24.96 -15.92 6.35
CA GLY B 97 -24.73 -16.42 5.01
C GLY B 97 -25.25 -17.82 4.69
N GLY B 98 -25.92 -18.47 5.63
CA GLY B 98 -26.55 -19.77 5.38
C GLY B 98 -25.64 -20.99 5.50
N PHE B 99 -24.63 -20.89 6.38
CA PHE B 99 -23.57 -21.90 6.49
C PHE B 99 -23.93 -23.03 7.43
N GLY B 100 -25.12 -22.97 8.04
CA GLY B 100 -25.57 -24.00 8.99
C GLY B 100 -26.00 -23.42 10.34
N LEU B 101 -25.31 -22.39 10.82
CA LEU B 101 -25.72 -21.69 12.06
C LEU B 101 -27.05 -20.97 11.95
N GLU B 102 -27.92 -21.19 12.94
CA GLU B 102 -29.18 -20.42 13.08
C GLU B 102 -29.16 -19.35 14.20
N LEU B 103 -30.24 -18.58 14.28
CA LEU B 103 -30.39 -17.61 15.35
C LEU B 103 -30.32 -18.24 16.74
N SER B 104 -30.93 -19.41 16.92
CA SER B 104 -30.85 -20.13 18.20
C SER B 104 -29.41 -20.50 18.59
N ASP B 105 -28.52 -20.67 17.62
CA ASP B 105 -27.10 -20.92 17.96
C ASP B 105 -26.42 -19.65 18.50
N ILE B 106 -26.70 -18.52 17.87
CA ILE B 106 -26.27 -17.21 18.39
C ILE B 106 -26.83 -16.91 19.79
N GLU B 107 -28.01 -17.45 20.04
CA GLU B 107 -28.70 -17.36 21.32
C GLU B 107 -28.09 -18.32 22.37
N SER B 108 -27.23 -19.21 21.91
CA SER B 108 -26.54 -20.16 22.78
C SER B 108 -25.04 -19.89 22.95
N LEU B 109 -24.56 -18.73 22.53
CA LEU B 109 -23.14 -18.41 22.73
C LEU B 109 -22.64 -18.88 24.11
N ARG B 110 -21.53 -19.60 24.14
CA ARG B 110 -20.85 -19.96 25.41
C ARG B 110 -21.74 -20.68 26.45
N THR B 111 -22.59 -21.61 25.99
CA THR B 111 -23.32 -22.54 26.89
C THR B 111 -23.00 -23.99 26.61
N TRP B 112 -23.10 -24.85 27.61
CA TRP B 112 -22.79 -26.27 27.43
C TRP B 112 -23.36 -26.89 26.14
N GLY B 113 -22.45 -27.45 25.34
CA GLY B 113 -22.81 -28.26 24.16
C GLY B 113 -23.19 -27.51 22.91
N SER B 114 -23.27 -26.18 22.97
CA SER B 114 -23.73 -25.33 21.87
C SER B 114 -22.76 -25.38 20.71
N LYS B 115 -23.22 -24.99 19.52
CA LYS B 115 -22.38 -24.89 18.35
C LYS B 115 -21.52 -23.63 18.34
N THR B 116 -21.75 -22.76 19.33
CA THR B 116 -21.01 -21.50 19.42
C THR B 116 -20.25 -21.38 20.77
N PRO B 117 -19.14 -22.11 20.94
CA PRO B 117 -18.29 -21.88 22.11
C PRO B 117 -17.52 -20.58 22.03
N GLY B 118 -17.07 -20.11 23.18
CA GLY B 118 -16.46 -18.77 23.21
C GLY B 118 -15.32 -18.53 22.21
N HIS B 119 -14.54 -19.57 21.93
CA HIS B 119 -13.59 -19.52 20.84
C HIS B 119 -13.94 -20.59 19.86
N PRO B 120 -13.75 -20.32 18.57
CA PRO B 120 -14.24 -21.24 17.59
C PRO B 120 -13.45 -22.55 17.60
N GLU B 121 -14.21 -23.63 17.45
CA GLU B 121 -13.63 -24.94 17.50
C GLU B 121 -13.82 -25.65 16.18
N PHE B 122 -12.69 -26.04 15.60
CA PHE B 122 -12.67 -26.87 14.44
C PHE B 122 -13.52 -28.12 14.70
N ARG B 123 -14.43 -28.42 13.79
CA ARG B 123 -15.22 -29.67 13.85
C ARG B 123 -16.49 -29.57 14.73
N HIS B 124 -16.54 -28.57 15.58
CA HIS B 124 -17.72 -28.32 16.37
C HIS B 124 -18.79 -27.69 15.55
N THR B 125 -18.34 -26.92 14.55
CA THR B 125 -19.16 -25.95 13.85
C THR B 125 -18.76 -25.98 12.38
N PRO B 126 -19.69 -26.33 11.48
CA PRO B 126 -19.41 -26.18 10.05
C PRO B 126 -18.90 -24.77 9.67
N GLY B 127 -17.84 -24.70 8.89
CA GLY B 127 -17.30 -23.43 8.41
C GLY B 127 -16.21 -22.91 9.30
N VAL B 128 -15.84 -23.64 10.32
CA VAL B 128 -14.72 -23.23 11.16
C VAL B 128 -13.50 -24.03 10.69
N GLU B 129 -12.56 -23.30 10.09
CA GLU B 129 -11.39 -23.92 9.49
C GLU B 129 -10.36 -24.43 10.46
N ILE B 130 -10.42 -23.99 11.72
CA ILE B 130 -9.35 -24.23 12.69
C ILE B 130 -9.77 -23.69 14.03
N THR B 131 -9.45 -24.41 15.11
CA THR B 131 -9.63 -23.88 16.47
C THR B 131 -8.61 -22.77 16.80
N THR B 132 -9.10 -21.61 17.20
CA THR B 132 -8.17 -20.56 17.55
C THR B 132 -8.51 -20.09 18.92
N GLY B 133 -7.77 -19.13 19.45
CA GLY B 133 -7.99 -18.66 20.80
C GLY B 133 -6.67 -18.29 21.43
N PRO B 134 -5.76 -19.28 21.64
CA PRO B 134 -4.36 -18.91 21.97
C PRO B 134 -3.87 -17.94 20.92
N LEU B 135 -3.61 -16.70 21.28
CA LEU B 135 -3.31 -15.72 20.25
C LEU B 135 -1.99 -16.06 19.51
N GLY B 136 -1.99 -15.73 18.23
CA GLY B 136 -0.93 -16.07 17.32
C GLY B 136 -1.12 -17.37 16.57
N GLN B 137 -1.70 -18.38 17.20
CA GLN B 137 -1.83 -19.70 16.56
C GLN B 137 -2.47 -19.66 15.17
N GLY B 138 -3.59 -18.95 15.04
CA GLY B 138 -4.31 -18.95 13.79
C GLY B 138 -3.57 -18.30 12.66
N LEU B 139 -3.08 -17.07 12.86
CA LEU B 139 -2.17 -16.41 11.91
C LEU B 139 -0.96 -17.29 11.51
N ALA B 140 -0.24 -17.86 12.47
CA ALA B 140 0.88 -18.76 12.17
C ALA B 140 0.40 -20.00 11.40
N SER B 141 -0.71 -20.63 11.80
CA SER B 141 -1.25 -21.78 11.05
C SER B 141 -1.74 -21.47 9.62
N ALA B 142 -2.15 -20.22 9.38
CA ALA B 142 -2.62 -19.82 8.09
C ALA B 142 -1.45 -19.85 7.18
N VAL B 143 -0.28 -19.45 7.67
CA VAL B 143 0.94 -19.50 6.87
C VAL B 143 1.13 -20.92 6.36
N GLY B 144 1.02 -21.91 7.24
CA GLY B 144 1.02 -23.32 6.87
C GLY B 144 0.02 -23.68 5.76
N MET B 145 -1.24 -23.25 5.96
CA MET B 145 -2.30 -23.42 4.99
C MET B 145 -1.93 -22.89 3.61
N ALA B 146 -1.44 -21.65 3.55
CA ALA B 146 -0.87 -21.04 2.32
C ALA B 146 0.22 -21.92 1.69
N MET B 147 1.11 -22.45 2.53
CA MET B 147 2.21 -23.27 2.04
C MET B 147 1.69 -24.60 1.49
N ALA B 148 0.65 -25.13 2.12
CA ALA B 148 0.12 -26.40 1.70
C ALA B 148 -0.64 -26.22 0.40
N SER B 149 -1.24 -25.06 0.19
CA SER B 149 -2.00 -24.88 -1.03
C SER B 149 -1.06 -24.88 -2.22
N ARG B 150 0.11 -24.28 -2.09
CA ARG B 150 1.10 -24.36 -3.13
C ARG B 150 1.64 -25.78 -3.33
N TYR B 151 1.95 -26.50 -2.26
CA TYR B 151 2.39 -27.88 -2.41
C TYR B 151 1.33 -28.78 -2.98
N GLU B 152 0.07 -28.55 -2.62
CA GLU B 152 -1.04 -29.35 -3.12
C GLU B 152 -1.27 -29.06 -4.61
N ARG B 153 -1.05 -27.81 -5.01
CA ARG B 153 -1.08 -27.50 -6.42
C ARG B 153 -0.02 -28.33 -7.12
N GLY B 154 1.19 -28.35 -6.56
CA GLY B 154 2.26 -29.15 -7.14
C GLY B 154 1.85 -30.56 -7.49
N LEU B 155 1.02 -31.16 -6.65
CA LEU B 155 0.67 -32.57 -6.81
C LEU B 155 -0.51 -32.75 -7.77
N PHE B 156 -1.41 -31.77 -7.85
CA PHE B 156 -2.64 -31.98 -8.62
C PHE B 156 -2.71 -31.27 -9.96
N ASP B 157 -2.15 -30.06 -10.04
CA ASP B 157 -2.27 -29.27 -11.25
C ASP B 157 -1.09 -28.31 -11.43
N PRO B 158 0.15 -28.84 -11.44
CA PRO B 158 1.37 -28.01 -11.50
C PRO B 158 1.51 -27.13 -12.75
N ASP B 159 0.96 -27.61 -13.86
CA ASP B 159 1.16 -27.07 -15.21
C ASP B 159 0.10 -26.03 -15.58
N ALA B 160 -0.96 -25.98 -14.79
CA ALA B 160 -1.94 -24.91 -14.90
C ALA B 160 -1.21 -23.56 -14.79
N GLU B 161 -1.89 -22.48 -15.15
CA GLU B 161 -1.24 -21.18 -15.13
C GLU B 161 -1.68 -20.35 -13.93
N PRO B 162 -0.89 -19.32 -13.57
CA PRO B 162 -1.24 -18.51 -12.41
C PRO B 162 -2.72 -18.03 -12.40
N GLY B 163 -3.54 -18.69 -11.60
CA GLY B 163 -4.94 -18.26 -11.37
C GLY B 163 -5.92 -19.18 -12.05
N ALA B 164 -5.41 -20.07 -12.89
CA ALA B 164 -6.22 -20.91 -13.79
C ALA B 164 -6.67 -22.24 -13.22
N SER B 165 -6.02 -22.69 -12.15
CA SER B 165 -6.35 -23.98 -11.57
C SER B 165 -7.62 -23.98 -10.68
N PRO B 166 -8.41 -25.08 -10.71
CA PRO B 166 -9.44 -25.27 -9.68
C PRO B 166 -8.81 -25.26 -8.29
N PHE B 167 -7.51 -25.58 -8.22
CA PHE B 167 -6.82 -25.65 -6.95
C PHE B 167 -6.28 -24.30 -6.48
N ASP B 168 -6.51 -23.23 -7.23
CA ASP B 168 -6.10 -21.92 -6.74
C ASP B 168 -7.18 -21.31 -5.85
N HIS B 169 -6.75 -20.71 -4.74
CA HIS B 169 -7.66 -19.98 -3.84
C HIS B 169 -6.82 -19.15 -2.87
N TYR B 170 -7.47 -18.34 -2.04
CA TYR B 170 -6.76 -17.52 -1.05
C TYR B 170 -6.95 -17.96 0.41
N ILE B 171 -6.07 -17.50 1.29
CA ILE B 171 -6.20 -17.71 2.72
C ILE B 171 -6.32 -16.33 3.37
N TYR B 172 -7.49 -16.05 3.93
CA TYR B 172 -7.77 -14.73 4.56
C TYR B 172 -7.73 -14.86 6.06
N VAL B 173 -7.06 -13.89 6.69
CA VAL B 173 -6.80 -13.95 8.13
C VAL B 173 -7.21 -12.64 8.79
N ILE B 174 -7.88 -12.78 9.94
CA ILE B 174 -8.12 -11.62 10.81
C ILE B 174 -7.30 -11.71 12.11
N ALA B 175 -6.31 -10.83 12.20
CA ALA B 175 -5.40 -10.78 13.34
C ALA B 175 -5.61 -9.52 14.14
N SER B 176 -5.37 -9.59 15.45
CA SER B 176 -5.44 -8.42 16.33
C SER B 176 -4.07 -7.99 16.94
N ASP B 177 -4.10 -6.92 17.75
CA ASP B 177 -2.89 -6.47 18.46
C ASP B 177 -2.18 -7.63 19.12
N GLY B 178 -2.97 -8.49 19.77
CA GLY B 178 -2.42 -9.66 20.44
C GLY B 178 -1.70 -10.62 19.48
N ASP B 179 -2.31 -10.90 18.32
CA ASP B 179 -1.68 -11.73 17.32
C ASP B 179 -0.34 -11.12 16.90
N ILE B 180 -0.34 -9.80 16.76
CA ILE B 180 0.79 -9.08 16.24
C ILE B 180 1.93 -9.11 17.24
N GLU B 181 1.62 -9.14 18.53
CA GLU B 181 2.64 -9.05 19.57
C GLU B 181 3.35 -10.36 19.90
N GLU B 182 2.68 -11.49 19.59
CA GLU B 182 3.14 -12.82 19.95
C GLU B 182 4.32 -13.25 19.10
N GLY B 183 5.36 -13.77 19.73
CA GLY B 183 6.50 -14.32 19.03
C GLY B 183 6.19 -15.17 17.82
N VAL B 184 5.27 -16.14 17.95
CA VAL B 184 4.94 -17.10 16.88
C VAL B 184 4.62 -16.43 15.53
N THR B 185 3.91 -15.34 15.62
CA THR B 185 3.55 -14.52 14.50
C THR B 185 4.72 -13.87 13.80
N SER B 186 5.62 -13.25 14.54
CA SER B 186 6.90 -12.84 13.94
C SER B 186 7.55 -14.00 13.16
N GLU B 187 7.72 -15.14 13.81
CA GLU B 187 8.30 -16.28 13.13
C GLU B 187 7.60 -16.63 11.82
N ALA B 188 6.29 -16.84 11.86
CA ALA B 188 5.52 -17.34 10.75
C ALA B 188 5.50 -16.32 9.60
N SER B 189 5.49 -15.05 9.98
CA SER B 189 5.53 -13.94 9.05
C SER B 189 6.90 -13.78 8.40
N SER B 190 7.95 -13.98 9.18
CA SER B 190 9.30 -13.93 8.64
C SER B 190 9.40 -14.95 7.52
N LEU B 191 8.95 -16.17 7.80
CA LEU B 191 9.09 -17.30 6.88
C LEU B 191 8.08 -17.19 5.73
N ALA B 192 6.94 -16.54 5.96
CA ALA B 192 5.95 -16.43 4.89
C ALA B 192 6.52 -15.71 3.70
N ALA B 193 7.11 -14.55 3.97
CA ALA B 193 7.90 -13.77 3.01
C ALA B 193 8.97 -14.62 2.33
N VAL B 194 9.75 -15.36 3.08
CA VAL B 194 10.76 -16.14 2.40
C VAL B 194 10.07 -16.96 1.29
N GLN B 195 8.88 -17.49 1.61
CA GLN B 195 8.20 -18.45 0.73
C GLN B 195 7.30 -17.78 -0.32
N GLN B 196 7.21 -16.46 -0.24
CA GLN B 196 6.54 -15.64 -1.26
C GLN B 196 5.10 -16.14 -1.46
N LEU B 197 4.37 -16.25 -0.36
CA LEU B 197 3.03 -16.80 -0.35
C LEU B 197 1.98 -15.75 -0.80
N GLY B 198 1.86 -15.58 -2.11
CA GLY B 198 1.08 -14.51 -2.68
C GLY B 198 -0.38 -14.68 -2.36
N ASN B 199 -0.82 -15.92 -2.09
CA ASN B 199 -2.24 -16.17 -1.80
C ASN B 199 -2.63 -16.04 -0.33
N LEU B 200 -1.77 -15.42 0.44
CA LEU B 200 -2.03 -15.16 1.84
C LEU B 200 -2.27 -13.67 2.07
N ILE B 201 -3.43 -13.36 2.63
CA ILE B 201 -3.90 -12.00 2.84
C ILE B 201 -4.42 -11.89 4.26
N VAL B 202 -3.73 -11.07 5.04
CA VAL B 202 -3.98 -10.92 6.45
C VAL B 202 -4.41 -9.47 6.71
N PHE B 203 -5.53 -9.32 7.43
CA PHE B 203 -6.01 -8.03 7.96
C PHE B 203 -5.61 -7.97 9.39
N TYR B 204 -5.00 -6.86 9.75
CA TYR B 204 -4.61 -6.59 11.13
C TYR B 204 -5.48 -5.48 11.74
N ASP B 205 -6.31 -5.88 12.68
CA ASP B 205 -7.15 -4.93 13.34
C ASP B 205 -6.36 -4.12 14.35
N ARG B 206 -5.86 -2.97 13.91
CA ARG B 206 -5.05 -2.12 14.74
C ARG B 206 -5.97 -1.12 15.44
N ASN B 207 -6.31 -1.37 16.68
CA ASN B 207 -7.35 -0.57 17.28
C ASN B 207 -6.91 0.10 18.56
N GLN B 208 -5.60 0.10 18.81
CA GLN B 208 -5.04 0.70 20.04
C GLN B 208 -5.71 0.25 21.35
N ILE B 209 -6.30 -0.94 21.34
CA ILE B 209 -6.90 -1.53 22.52
C ILE B 209 -6.53 -3.00 22.69
N SER B 210 -6.28 -3.33 23.95
CA SER B 210 -6.17 -4.70 24.41
C SER B 210 -6.73 -4.75 25.85
N ILE B 211 -6.53 -5.85 26.58
CA ILE B 211 -7.19 -6.02 27.86
C ILE B 211 -6.77 -4.92 28.84
N GLU B 212 -5.55 -4.42 28.70
CA GLU B 212 -5.05 -3.37 29.57
C GLU B 212 -5.34 -1.99 28.98
N ASP B 213 -6.42 -1.91 28.22
CA ASP B 213 -6.87 -0.70 27.53
C ASP B 213 -5.94 -0.23 26.43
N ASP B 214 -5.57 1.04 26.48
CA ASP B 214 -4.70 1.70 25.47
C ASP B 214 -3.34 1.01 25.26
N THR B 215 -3.08 0.58 24.04
CA THR B 215 -1.93 -0.30 23.78
C THR B 215 -0.62 0.42 23.90
N ASN B 216 -0.68 1.75 24.08
CA ASN B 216 0.52 2.58 24.14
C ASN B 216 1.44 2.20 25.28
N ILE B 217 0.85 1.63 26.32
CA ILE B 217 1.56 1.21 27.53
C ILE B 217 2.55 0.03 27.26
N ALA B 218 2.38 -0.66 26.13
CA ALA B 218 3.17 -1.85 25.86
C ALA B 218 3.53 -2.03 24.41
N LEU B 219 2.99 -1.17 23.54
CA LEU B 219 3.16 -1.29 22.08
C LEU B 219 3.38 0.06 21.39
N CYS B 220 4.55 0.22 20.80
CA CYS B 220 4.95 1.51 20.20
C CYS B 220 5.43 1.30 18.76
N GLU B 221 5.59 0.04 18.36
CA GLU B 221 6.29 -0.31 17.12
C GLU B 221 5.51 0.18 15.88
N ASP B 222 6.20 0.27 14.75
CA ASP B 222 5.55 0.49 13.48
C ASP B 222 5.42 -0.88 12.80
N THR B 223 4.29 -1.56 13.06
CA THR B 223 4.07 -2.94 12.62
C THR B 223 4.14 -3.01 11.11
N ALA B 224 3.56 -2.01 10.46
CA ALA B 224 3.58 -1.97 9.00
C ALA B 224 5.04 -2.02 8.45
N ALA B 225 5.92 -1.16 9.01
CA ALA B 225 7.36 -1.13 8.61
C ALA B 225 7.99 -2.48 8.87
N ARG B 226 7.69 -3.08 10.03
CA ARG B 226 8.14 -4.45 10.33
C ARG B 226 7.78 -5.43 9.22
N TYR B 227 6.53 -5.42 8.76
CA TYR B 227 6.11 -6.33 7.68
C TYR B 227 6.81 -6.06 6.37
N ARG B 228 7.12 -4.78 6.10
CA ARG B 228 7.89 -4.40 4.89
C ARG B 228 9.31 -4.99 5.05
N ALA B 229 9.93 -4.79 6.21
CA ALA B 229 11.19 -5.46 6.53
C ALA B 229 11.25 -6.96 6.26
N TYR B 230 10.13 -7.68 6.45
CA TYR B 230 10.09 -9.11 6.19
C TYR B 230 10.04 -9.39 4.72
N GLY B 231 9.55 -8.41 3.97
CA GLY B 231 9.27 -8.57 2.54
C GLY B 231 7.82 -8.85 2.17
N TRP B 232 6.88 -8.48 3.04
CA TRP B 232 5.47 -8.56 2.70
C TRP B 232 5.02 -7.39 1.81
N HIS B 233 3.85 -7.54 1.20
CA HIS B 233 3.12 -6.50 0.48
C HIS B 233 2.28 -5.78 1.52
N VAL B 234 2.59 -4.53 1.82
CA VAL B 234 1.95 -3.87 2.96
C VAL B 234 1.11 -2.66 2.61
N GLN B 235 -0.15 -2.66 3.07
CA GLN B 235 -1.01 -1.51 2.90
C GLN B 235 -1.56 -1.05 4.22
N GLU B 236 -1.82 0.25 4.34
CA GLU B 236 -2.51 0.81 5.50
C GLU B 236 -3.89 1.34 5.10
N VAL B 237 -4.94 0.88 5.78
CA VAL B 237 -6.31 1.43 5.54
C VAL B 237 -6.82 2.06 6.80
N GLU B 238 -7.50 3.18 6.68
CA GLU B 238 -7.84 3.98 7.81
C GLU B 238 -9.37 3.95 7.99
N GLY B 239 -9.86 3.28 9.04
CA GLY B 239 -11.24 3.34 9.50
C GLY B 239 -12.09 2.12 9.25
N GLY B 240 -12.77 1.65 10.28
CA GLY B 240 -13.57 0.40 10.20
C GLY B 240 -14.75 0.47 9.24
N GLU B 241 -15.19 1.67 8.94
CA GLU B 241 -16.36 1.81 8.06
C GLU B 241 -16.02 2.20 6.63
N ASN B 242 -14.71 2.26 6.33
CA ASN B 242 -14.17 2.52 5.00
C ASN B 242 -14.11 1.24 4.14
N VAL B 243 -15.29 0.74 3.80
CA VAL B 243 -15.45 -0.45 2.95
C VAL B 243 -14.81 -0.26 1.56
N VAL B 244 -14.82 0.99 1.07
CA VAL B 244 -14.08 1.34 -0.17
C VAL B 244 -12.58 1.10 -0.04
N GLY B 245 -11.96 1.67 1.00
CA GLY B 245 -10.54 1.49 1.29
C GLY B 245 -10.20 0.01 1.42
N ILE B 246 -11.04 -0.69 2.17
CA ILE B 246 -10.91 -2.14 2.40
C ILE B 246 -10.89 -2.87 1.10
N GLU B 247 -11.87 -2.58 0.25
CA GLU B 247 -11.98 -3.34 -0.99
C GLU B 247 -10.90 -3.05 -2.00
N GLU B 248 -10.37 -1.82 -2.00
CA GLU B 248 -9.20 -1.52 -2.85
C GLU B 248 -8.00 -2.29 -2.40
N ALA B 249 -7.68 -2.15 -1.12
CA ALA B 249 -6.61 -2.95 -0.53
C ALA B 249 -6.75 -4.45 -0.84
N ILE B 250 -7.94 -5.02 -0.72
CA ILE B 250 -8.14 -6.43 -1.10
C ILE B 250 -7.76 -6.74 -2.54
N ALA B 251 -8.23 -5.93 -3.49
CA ALA B 251 -7.88 -6.08 -4.91
C ALA B 251 -6.36 -5.87 -5.22
N ASN B 252 -5.76 -4.83 -4.65
CA ASN B 252 -4.32 -4.63 -4.74
C ASN B 252 -3.57 -5.86 -4.28
N ALA B 253 -3.98 -6.39 -3.13
CA ALA B 253 -3.39 -7.62 -2.58
C ALA B 253 -3.55 -8.84 -3.50
N GLN B 254 -4.73 -9.01 -4.10
CA GLN B 254 -4.98 -10.15 -4.97
C GLN B 254 -4.11 -10.06 -6.21
N ALA B 255 -3.88 -8.84 -6.65
CA ALA B 255 -3.05 -8.61 -7.83
C ALA B 255 -1.55 -8.83 -7.57
N VAL B 256 -1.14 -8.85 -6.30
CA VAL B 256 0.26 -9.15 -5.95
C VAL B 256 0.39 -10.64 -5.64
N THR B 257 1.20 -11.32 -6.41
CA THR B 257 1.19 -12.76 -6.33
C THR B 257 2.51 -13.30 -5.89
N ASP B 258 3.48 -12.46 -5.58
CA ASP B 258 4.83 -12.94 -5.19
C ASP B 258 5.26 -12.58 -3.76
N ARG B 259 4.33 -12.01 -3.00
CA ARG B 259 4.56 -11.54 -1.65
C ARG B 259 3.24 -11.74 -0.90
N PRO B 260 3.28 -12.27 0.33
CA PRO B 260 2.04 -12.34 1.10
C PRO B 260 1.58 -10.92 1.39
N SER B 261 0.28 -10.74 1.66
CA SER B 261 -0.25 -9.40 1.83
C SER B 261 -0.70 -9.07 3.24
N PHE B 262 -0.35 -7.87 3.70
CA PHE B 262 -0.65 -7.44 5.05
C PHE B 262 -1.37 -6.09 4.98
N ILE B 263 -2.63 -6.06 5.41
CA ILE B 263 -3.37 -4.82 5.40
C ILE B 263 -3.63 -4.47 6.83
N ALA B 264 -3.12 -3.32 7.29
CA ALA B 264 -3.35 -2.88 8.62
C ALA B 264 -4.51 -1.93 8.58
N LEU B 265 -5.60 -2.36 9.22
CA LEU B 265 -6.83 -1.61 9.31
C LEU B 265 -6.93 -0.88 10.63
N ARG B 266 -6.74 0.43 10.64
CA ARG B 266 -6.91 1.22 11.88
C ARG B 266 -8.40 1.33 12.23
N THR B 267 -8.73 1.09 13.50
CA THR B 267 -10.14 0.93 13.97
C THR B 267 -10.42 1.54 15.37
N VAL B 268 -11.70 1.77 15.67
CA VAL B 268 -12.15 2.09 17.01
C VAL B 268 -12.98 0.89 17.52
N ILE B 269 -12.43 0.17 18.53
CA ILE B 269 -13.12 -0.98 19.11
C ILE B 269 -14.53 -0.64 19.68
N GLY B 270 -15.50 -1.52 19.40
CA GLY B 270 -16.87 -1.40 19.94
C GLY B 270 -17.72 -0.25 19.39
N TYR B 271 -17.34 0.34 18.26
CA TYR B 271 -18.17 1.36 17.59
C TYR B 271 -19.50 0.71 17.20
N PRO B 272 -20.66 1.33 17.54
CA PRO B 272 -20.86 2.67 18.03
C PRO B 272 -21.27 2.79 19.50
N ALA B 273 -20.80 1.89 20.36
CA ALA B 273 -21.07 2.04 21.80
C ALA B 273 -20.64 3.40 22.32
N PRO B 274 -21.61 4.27 22.70
CA PRO B 274 -21.28 5.68 22.96
C PRO B 274 -20.25 5.87 24.06
N ASN B 275 -20.34 5.06 25.12
CA ASN B 275 -19.46 5.19 26.29
C ASN B 275 -18.36 4.14 26.31
N LEU B 276 -18.65 2.97 25.76
CA LEU B 276 -17.74 1.84 25.87
C LEU B 276 -16.72 1.66 24.70
N MET B 277 -16.97 2.35 23.59
CA MET B 277 -16.08 2.24 22.46
C MET B 277 -14.75 2.87 22.78
N ASP B 278 -13.69 2.30 22.21
CA ASP B 278 -12.34 2.77 22.44
C ASP B 278 -11.86 2.53 23.87
N THR B 279 -12.39 1.47 24.51
CA THR B 279 -11.99 1.02 25.86
C THR B 279 -11.74 -0.50 25.93
N GLY B 280 -10.93 -0.91 26.90
CA GLY B 280 -10.75 -2.32 27.19
C GLY B 280 -12.03 -3.01 27.61
N LYS B 281 -12.99 -2.26 28.13
CA LYS B 281 -14.23 -2.86 28.64
C LYS B 281 -15.11 -3.40 27.53
N ALA B 282 -15.04 -2.78 26.35
CA ALA B 282 -15.73 -3.30 25.17
C ALA B 282 -15.18 -4.65 24.75
N HIS B 283 -13.89 -4.91 25.01
CA HIS B 283 -13.28 -6.12 24.51
C HIS B 283 -13.83 -7.41 25.11
N GLY B 284 -13.98 -7.44 26.44
CA GLY B 284 -14.14 -8.72 27.13
C GLY B 284 -15.24 -8.79 28.17
N ALA B 285 -16.26 -7.95 28.03
CA ALA B 285 -17.39 -7.99 28.93
C ALA B 285 -18.71 -7.55 28.28
N ALA B 286 -19.81 -8.06 28.80
CA ALA B 286 -21.12 -7.62 28.39
C ALA B 286 -21.19 -6.12 28.57
N LEU B 287 -21.72 -5.44 27.57
CA LEU B 287 -21.81 -3.99 27.63
C LEU B 287 -22.69 -3.47 28.77
N GLY B 288 -23.68 -4.26 29.21
CA GLY B 288 -24.70 -3.80 30.17
C GLY B 288 -25.95 -3.33 29.46
N ASP B 289 -27.13 -3.50 30.07
CA ASP B 289 -28.43 -3.21 29.40
C ASP B 289 -28.59 -1.82 28.84
N ASP B 290 -27.95 -0.86 29.51
CA ASP B 290 -27.98 0.57 29.11
C ASP B 290 -27.19 0.86 27.84
N GLU B 291 -25.96 0.32 27.77
CA GLU B 291 -25.11 0.54 26.62
C GLU B 291 -25.65 -0.20 25.41
N VAL B 292 -26.26 -1.37 25.63
CA VAL B 292 -26.97 -2.11 24.55
C VAL B 292 -28.21 -1.36 24.01
N ALA B 293 -29.03 -0.82 24.90
CA ALA B 293 -30.19 -0.01 24.48
C ALA B 293 -29.73 1.24 23.72
N ALA B 294 -28.69 1.91 24.22
CA ALA B 294 -28.17 3.12 23.55
C ALA B 294 -27.62 2.85 22.15
N VAL B 295 -26.99 1.68 21.97
CA VAL B 295 -26.45 1.24 20.68
C VAL B 295 -27.61 1.03 19.71
N LYS B 296 -28.64 0.32 20.16
CA LYS B 296 -29.83 0.05 19.37
C LYS B 296 -30.52 1.35 18.86
N LYS B 297 -30.60 2.35 19.74
CA LYS B 297 -31.18 3.65 19.36
C LYS B 297 -30.37 4.32 18.27
N ILE B 298 -29.05 4.31 18.43
CA ILE B 298 -28.19 4.97 17.48
C ILE B 298 -28.39 4.35 16.11
N VAL B 299 -28.50 3.02 16.03
CA VAL B 299 -28.71 2.38 14.71
C VAL B 299 -30.17 2.30 14.28
N GLY B 300 -31.07 2.73 15.16
CA GLY B 300 -32.50 2.73 14.86
C GLY B 300 -33.17 1.38 15.05
N PHE B 301 -32.69 0.63 16.04
CA PHE B 301 -33.29 -0.64 16.39
C PHE B 301 -34.21 -0.40 17.61
N ASP B 302 -35.10 -1.35 17.86
CA ASP B 302 -36.01 -1.33 19.00
C ASP B 302 -35.25 -1.78 20.29
N PRO B 303 -35.10 -0.85 21.26
CA PRO B 303 -34.30 -1.14 22.46
C PRO B 303 -34.97 -2.09 23.47
N ASP B 304 -36.18 -2.55 23.14
CA ASP B 304 -36.93 -3.44 24.03
C ASP B 304 -36.97 -4.87 23.55
N LYS B 305 -36.53 -5.09 22.33
CA LYS B 305 -36.47 -6.43 21.79
C LYS B 305 -35.00 -6.84 21.68
N THR B 306 -34.73 -8.16 21.70
CA THR B 306 -33.38 -8.70 21.52
C THR B 306 -33.32 -9.64 20.31
N PHE B 307 -32.13 -9.80 19.73
CA PHE B 307 -31.93 -10.71 18.59
C PHE B 307 -32.90 -10.41 17.46
N GLN B 308 -33.01 -9.14 17.10
CA GLN B 308 -33.94 -8.73 16.06
C GLN B 308 -33.27 -8.78 14.71
N VAL B 309 -33.77 -9.65 13.84
CA VAL B 309 -33.23 -9.77 12.50
C VAL B 309 -34.34 -9.52 11.47
N ARG B 310 -34.27 -8.39 10.77
CA ARG B 310 -35.25 -8.02 9.74
C ARG B 310 -35.31 -9.04 8.62
N GLU B 311 -36.51 -9.34 8.12
CA GLU B 311 -36.65 -10.30 7.03
C GLU B 311 -35.84 -9.92 5.79
N ASP B 312 -35.86 -8.65 5.44
CA ASP B 312 -35.12 -8.20 4.25
C ASP B 312 -33.59 -8.35 4.37
N VAL B 313 -33.06 -8.08 5.55
CA VAL B 313 -31.65 -8.23 5.82
C VAL B 313 -31.21 -9.68 5.62
N LEU B 314 -31.99 -10.63 6.15
CA LEU B 314 -31.62 -12.05 6.07
C LEU B 314 -31.80 -12.58 4.66
N THR B 315 -32.90 -12.21 4.02
CA THR B 315 -33.09 -12.54 2.61
C THR B 315 -31.87 -12.11 1.79
N HIS B 316 -31.31 -10.93 2.09
CA HIS B 316 -30.19 -10.35 1.34
C HIS B 316 -28.90 -11.13 1.57
N THR B 317 -28.60 -11.38 2.84
CA THR B 317 -27.34 -11.98 3.21
C THR B 317 -27.34 -13.43 2.79
N ARG B 318 -28.53 -14.02 2.84
CA ARG B 318 -28.80 -15.40 2.46
C ARG B 318 -28.65 -15.65 0.94
N GLY B 319 -28.56 -14.59 0.16
CA GLY B 319 -28.27 -14.69 -1.27
C GLY B 319 -26.90 -15.29 -1.58
N LEU B 320 -25.98 -15.19 -0.61
CA LEU B 320 -24.76 -16.02 -0.67
C LEU B 320 -25.03 -17.51 -0.94
N VAL B 321 -26.15 -18.06 -0.45
CA VAL B 321 -26.43 -19.49 -0.67
C VAL B 321 -26.42 -19.78 -2.17
N ALA B 322 -27.17 -18.97 -2.90
CA ALA B 322 -27.30 -19.08 -4.34
C ALA B 322 -25.97 -18.79 -5.04
N ARG B 323 -25.33 -17.66 -4.68
CA ARG B 323 -24.06 -17.27 -5.32
C ARG B 323 -23.04 -18.40 -5.19
N GLY B 324 -22.97 -18.95 -3.99
CA GLY B 324 -22.06 -20.01 -3.64
C GLY B 324 -22.28 -21.23 -4.47
N LYS B 325 -23.55 -21.58 -4.65
CA LYS B 325 -23.94 -22.78 -5.37
C LYS B 325 -23.56 -22.71 -6.83
N GLN B 326 -23.81 -21.54 -7.45
CA GLN B 326 -23.36 -21.28 -8.84
C GLN B 326 -21.84 -21.30 -8.97
N ALA B 327 -21.13 -20.51 -8.17
CA ALA B 327 -19.69 -20.52 -8.23
C ALA B 327 -19.16 -21.95 -8.13
N HIS B 328 -19.83 -22.78 -7.30
CA HIS B 328 -19.45 -24.21 -7.12
C HIS B 328 -19.75 -25.06 -8.34
N GLU B 329 -20.90 -24.79 -8.97
CA GLU B 329 -21.22 -25.39 -10.28
C GLU B 329 -20.24 -25.05 -11.41
N ARG B 330 -19.82 -23.80 -11.49
CA ARG B 330 -18.83 -23.33 -12.47
C ARG B 330 -17.44 -23.93 -12.25
N TRP B 331 -17.00 -23.89 -11.00
CA TRP B 331 -15.79 -24.53 -10.56
C TRP B 331 -15.77 -26.01 -10.92
N GLN B 332 -16.92 -26.66 -10.86
CA GLN B 332 -17.01 -28.11 -11.03
C GLN B 332 -16.67 -28.54 -12.46
N LEU B 333 -17.05 -27.71 -13.42
CA LEU B 333 -16.75 -27.93 -14.82
C LEU B 333 -15.24 -27.94 -15.05
N GLU B 334 -14.56 -26.89 -14.58
CA GLU B 334 -13.10 -26.79 -14.64
C GLU B 334 -12.42 -28.00 -13.99
N PHE B 335 -13.02 -28.53 -12.92
CA PHE B 335 -12.43 -29.63 -12.17
C PHE B 335 -12.63 -30.89 -12.94
N ASP B 336 -13.85 -31.08 -13.46
CA ASP B 336 -14.16 -32.27 -14.25
C ASP B 336 -13.26 -32.28 -15.48
N ALA B 337 -13.04 -31.12 -16.06
CA ALA B 337 -12.14 -30.98 -17.20
C ALA B 337 -10.74 -31.46 -16.79
N TRP B 338 -10.30 -30.99 -15.61
CA TRP B 338 -8.98 -31.32 -15.03
C TRP B 338 -8.82 -32.83 -14.83
N ALA B 339 -9.90 -33.46 -14.36
CA ALA B 339 -9.92 -34.91 -14.11
C ALA B 339 -9.78 -35.74 -15.37
N ARG B 340 -10.35 -35.23 -16.45
CA ARG B 340 -10.21 -35.88 -17.73
C ARG B 340 -8.79 -35.68 -18.23
N ARG B 341 -8.29 -34.44 -18.16
CA ARG B 341 -6.90 -34.13 -18.54
C ARG B 341 -5.83 -34.85 -17.70
N GLU B 342 -6.17 -35.19 -16.45
CA GLU B 342 -5.15 -35.64 -15.50
C GLU B 342 -5.60 -36.82 -14.67
N PRO B 343 -5.89 -37.96 -15.32
CA PRO B 343 -6.51 -39.07 -14.57
C PRO B 343 -5.63 -39.60 -13.44
N GLU B 344 -4.29 -39.53 -13.63
CA GLU B 344 -3.31 -40.08 -12.69
C GLU B 344 -3.26 -39.28 -11.39
N ARG B 345 -3.19 -37.95 -11.55
CA ARG B 345 -3.21 -37.02 -10.42
C ARG B 345 -4.55 -37.01 -9.70
N LYS B 346 -5.64 -37.20 -10.43
CA LYS B 346 -6.97 -37.38 -9.86
C LYS B 346 -7.11 -38.66 -9.02
N ALA B 347 -6.47 -39.74 -9.45
CA ALA B 347 -6.46 -41.02 -8.71
C ALA B 347 -5.74 -40.85 -7.39
N LEU B 348 -4.70 -40.01 -7.41
CA LEU B 348 -3.97 -39.61 -6.22
C LEU B 348 -4.82 -38.73 -5.30
N LEU B 349 -5.43 -37.67 -5.82
CA LEU B 349 -6.34 -36.88 -5.02
C LEU B 349 -7.37 -37.78 -4.34
N ASP B 350 -7.90 -38.77 -5.07
CA ASP B 350 -8.95 -39.66 -4.52
C ASP B 350 -8.42 -40.58 -3.43
N ARG B 351 -7.19 -41.04 -3.60
CA ARG B 351 -6.53 -41.93 -2.63
C ARG B 351 -6.31 -41.18 -1.35
N LEU B 352 -5.85 -39.94 -1.48
CA LEU B 352 -5.61 -39.06 -0.36
C LEU B 352 -6.89 -38.71 0.36
N LEU B 353 -7.90 -38.27 -0.38
CA LEU B 353 -9.16 -37.94 0.28
C LEU B 353 -9.82 -39.13 1.00
N ALA B 354 -9.60 -40.34 0.50
CA ALA B 354 -10.15 -41.54 1.11
C ALA B 354 -9.27 -42.03 2.28
N GLN B 355 -8.08 -41.42 2.40
CA GLN B 355 -7.07 -41.81 3.39
C GLN B 355 -6.52 -43.23 3.17
N LYS B 356 -6.31 -43.61 1.92
CA LYS B 356 -5.70 -44.94 1.67
C LYS B 356 -4.25 -44.75 1.23
N LEU B 357 -3.48 -45.82 1.35
CA LEU B 357 -2.10 -45.79 0.93
C LEU B 357 -1.95 -46.67 -0.31
N PRO B 358 -0.95 -46.36 -1.17
CA PRO B 358 -0.74 -47.14 -2.39
C PRO B 358 -0.26 -48.53 -2.05
N ASP B 359 -0.81 -49.49 -2.77
CA ASP B 359 -0.41 -50.87 -2.73
C ASP B 359 1.11 -51.10 -2.72
N GLY B 360 1.63 -51.79 -1.69
CA GLY B 360 3.08 -52.00 -1.51
C GLY B 360 3.94 -50.77 -1.21
N TRP B 361 3.32 -49.75 -0.60
CA TRP B 361 4.01 -48.53 -0.13
C TRP B 361 5.07 -48.84 0.95
N ASP B 362 4.76 -49.85 1.77
CA ASP B 362 5.61 -50.35 2.83
C ASP B 362 6.42 -51.62 2.48
N ALA B 363 6.82 -51.78 1.22
CA ALA B 363 7.51 -53.03 0.85
C ALA B 363 9.00 -52.86 0.85
N ASP B 364 9.46 -51.65 0.55
CA ASP B 364 10.88 -51.29 0.60
C ASP B 364 11.35 -50.96 2.02
N LEU B 365 10.45 -51.10 3.00
CA LEU B 365 10.72 -50.75 4.39
C LEU B 365 12.05 -51.40 4.86
N PRO B 366 13.03 -50.58 5.34
CA PRO B 366 14.31 -51.11 5.82
C PRO B 366 14.25 -52.06 7.04
N HIS B 367 15.23 -52.94 7.14
CA HIS B 367 15.33 -53.89 8.25
C HIS B 367 16.81 -54.08 8.54
N TRP B 368 17.13 -54.31 9.82
CA TRP B 368 18.50 -54.40 10.26
C TRP B 368 18.56 -55.64 11.11
N GLU B 369 19.70 -56.31 11.12
CA GLU B 369 19.78 -57.60 11.79
C GLU B 369 20.23 -57.41 13.22
N PRO B 370 19.50 -58.05 14.17
CA PRO B 370 19.93 -58.05 15.56
C PRO B 370 21.42 -58.33 15.59
N GLY B 371 22.19 -57.45 16.20
CA GLY B 371 23.62 -57.69 16.31
C GLY B 371 24.49 -56.92 15.34
N SER B 372 23.92 -56.45 14.24
CA SER B 372 24.68 -55.58 13.36
C SER B 372 25.19 -54.33 14.08
N LYS B 373 25.89 -53.47 13.35
CA LYS B 373 26.45 -52.25 13.91
C LYS B 373 25.39 -51.40 14.66
N ALA B 374 25.77 -50.79 15.78
CA ALA B 374 24.94 -49.85 16.53
C ALA B 374 24.49 -48.67 15.68
N LEU B 375 23.17 -48.49 15.62
CA LEU B 375 22.57 -47.50 14.78
C LEU B 375 21.67 -46.61 15.59
N ALA B 376 21.88 -45.32 15.45
CA ALA B 376 21.07 -44.32 16.10
C ALA B 376 19.65 -44.35 15.58
N THR B 377 18.70 -44.29 16.50
CA THR B 377 17.31 -44.32 16.14
C THR B 377 16.88 -43.19 15.16
N ARG B 378 17.58 -42.04 15.21
CA ARG B 378 17.42 -40.93 14.24
C ARG B 378 17.94 -41.22 12.82
N ALA B 379 19.05 -41.96 12.71
CA ALA B 379 19.56 -42.42 11.42
C ALA B 379 18.63 -43.48 10.82
N ALA B 380 18.09 -44.37 11.64
CA ALA B 380 17.03 -45.26 11.19
C ALA B 380 15.82 -44.51 10.62
N SER B 381 15.50 -43.35 11.19
CA SER B 381 14.32 -42.62 10.75
C SER B 381 14.50 -42.01 9.37
N GLY B 382 15.65 -41.37 9.15
CA GLY B 382 16.06 -40.91 7.82
C GLY B 382 16.15 -42.01 6.77
N ALA B 383 16.68 -43.17 7.13
CA ALA B 383 16.62 -44.29 6.22
C ALA B 383 15.19 -44.68 5.89
N VAL B 384 14.29 -44.70 6.90
CA VAL B 384 12.90 -45.10 6.65
C VAL B 384 12.21 -44.00 5.84
N LEU B 385 12.56 -42.75 6.12
CA LEU B 385 11.97 -41.65 5.40
C LEU B 385 12.39 -41.69 3.94
N SER B 386 13.67 -41.90 3.70
CA SER B 386 14.21 -41.97 2.34
C SER B 386 13.64 -43.11 1.49
N ALA B 387 13.26 -44.22 2.13
CA ALA B 387 12.64 -45.35 1.45
C ALA B 387 11.17 -45.14 1.10
N LEU B 388 10.43 -44.41 1.93
CA LEU B 388 8.99 -44.24 1.73
C LEU B 388 8.66 -43.00 0.90
N GLY B 389 9.60 -42.06 0.84
CA GLY B 389 9.41 -40.84 0.06
C GLY B 389 8.94 -41.11 -1.36
N PRO B 390 9.79 -41.77 -2.16
CA PRO B 390 9.42 -42.27 -3.48
C PRO B 390 8.00 -42.82 -3.60
N LYS B 391 7.57 -43.64 -2.65
CA LYS B 391 6.27 -44.24 -2.70
C LYS B 391 5.11 -43.39 -2.17
N LEU B 392 5.39 -42.26 -1.51
CA LEU B 392 4.28 -41.41 -0.95
C LEU B 392 4.44 -39.93 -1.27
N PRO B 393 3.86 -39.47 -2.35
CA PRO B 393 4.11 -38.10 -2.74
C PRO B 393 3.56 -37.09 -1.74
N GLU B 394 2.55 -37.49 -0.96
CA GLU B 394 1.89 -36.61 0.04
C GLU B 394 2.74 -36.40 1.30
N LEU B 395 3.78 -37.23 1.42
CA LEU B 395 4.76 -37.05 2.45
C LEU B 395 5.78 -35.93 2.17
N TRP B 396 5.71 -34.87 2.97
CA TRP B 396 6.71 -33.80 2.96
C TRP B 396 6.99 -33.31 4.38
N GLY B 397 7.89 -32.35 4.53
CA GLY B 397 8.31 -31.93 5.85
C GLY B 397 9.78 -31.54 5.88
N GLY B 398 10.30 -31.29 7.07
CA GLY B 398 11.70 -30.91 7.17
C GLY B 398 12.07 -30.59 8.60
N SER B 399 13.01 -29.65 8.77
CA SER B 399 13.54 -29.36 10.06
C SER B 399 13.57 -27.85 10.39
N ALA B 400 13.62 -27.56 11.70
CA ALA B 400 13.89 -26.23 12.18
C ALA B 400 15.42 -25.98 12.31
N ASP B 401 16.05 -25.69 11.17
CA ASP B 401 17.51 -25.54 11.01
C ASP B 401 18.38 -26.75 11.38
N LEU B 402 17.81 -27.95 11.57
CA LEU B 402 18.64 -29.06 12.02
C LEU B 402 18.57 -30.32 11.16
N ALA B 403 18.53 -30.13 9.85
CA ALA B 403 18.26 -31.20 8.92
C ALA B 403 19.32 -32.27 9.12
N GLY B 404 20.58 -31.83 9.23
CA GLY B 404 21.72 -32.74 9.36
C GLY B 404 21.52 -33.62 10.58
N SER B 405 21.06 -33.00 11.66
CA SER B 405 20.95 -33.68 12.95
C SER B 405 19.61 -34.36 13.24
N ASN B 406 18.57 -34.03 12.50
CA ASN B 406 17.25 -34.64 12.70
C ASN B 406 17.01 -35.85 11.80
N ASN B 407 17.82 -35.93 10.75
CA ASN B 407 17.65 -36.91 9.67
C ASN B 407 16.31 -36.83 8.93
N THR B 408 15.85 -35.60 8.67
CA THR B 408 14.52 -35.34 8.11
C THR B 408 14.39 -35.22 6.56
N THR B 409 15.53 -34.97 5.90
CA THR B 409 15.61 -34.86 4.44
C THR B 409 15.57 -36.25 3.79
N ILE B 410 14.47 -36.53 3.07
CA ILE B 410 14.36 -37.73 2.26
C ILE B 410 15.46 -37.72 1.18
N LYS B 411 16.26 -38.79 1.13
CA LYS B 411 17.44 -38.78 0.25
C LYS B 411 17.08 -38.50 -1.23
N GLY B 412 17.80 -37.53 -1.81
CA GLY B 412 17.57 -37.09 -3.18
C GLY B 412 16.33 -36.22 -3.40
N ALA B 413 15.84 -35.59 -2.36
CA ALA B 413 14.66 -34.76 -2.51
C ALA B 413 15.05 -33.30 -2.68
N ASP B 414 14.23 -32.55 -3.39
CA ASP B 414 14.49 -31.15 -3.52
C ASP B 414 13.79 -30.41 -2.39
N SER B 415 13.98 -29.09 -2.35
CA SER B 415 13.50 -28.28 -1.27
C SER B 415 12.32 -27.45 -1.74
N PHE B 416 11.43 -27.12 -0.81
CA PHE B 416 10.20 -26.35 -1.06
C PHE B 416 10.47 -24.84 -0.88
N GLY B 417 10.40 -24.12 -1.98
CA GLY B 417 10.64 -22.69 -1.94
C GLY B 417 10.80 -22.08 -3.31
N PRO B 418 10.76 -20.74 -3.40
CA PRO B 418 11.11 -20.12 -4.67
C PRO B 418 12.55 -20.47 -5.02
N PRO B 419 12.81 -20.84 -6.31
CA PRO B 419 14.16 -21.07 -6.84
C PRO B 419 15.21 -20.07 -6.36
N SER B 420 14.82 -18.80 -6.31
CA SER B 420 15.67 -17.72 -5.85
C SER B 420 16.13 -17.84 -4.38
N ILE B 421 15.65 -18.86 -3.66
CA ILE B 421 16.14 -19.05 -2.32
C ILE B 421 17.09 -20.20 -2.26
N SER B 422 17.22 -20.90 -3.39
CA SER B 422 18.16 -22.01 -3.48
C SER B 422 19.57 -21.64 -2.95
N THR B 423 20.25 -22.63 -2.40
CA THR B 423 21.63 -22.43 -1.92
C THR B 423 22.53 -23.55 -2.43
N LYS B 424 23.81 -23.45 -2.11
CA LYS B 424 24.78 -24.48 -2.46
C LYS B 424 24.36 -25.85 -1.94
N GLU B 425 23.81 -25.89 -0.72
CA GLU B 425 23.35 -27.14 -0.12
C GLU B 425 21.96 -27.59 -0.54
N TYR B 426 21.07 -26.63 -0.83
CA TYR B 426 19.65 -26.92 -1.10
C TYR B 426 19.09 -26.20 -2.32
N THR B 427 18.54 -26.98 -3.25
CA THR B 427 17.91 -26.47 -4.49
C THR B 427 16.40 -26.40 -4.31
N ALA B 428 15.87 -25.19 -4.42
CA ALA B 428 14.47 -24.91 -4.10
C ALA B 428 13.62 -24.80 -5.35
N HIS B 429 12.61 -25.65 -5.43
CA HIS B 429 11.58 -25.53 -6.46
C HIS B 429 10.26 -25.19 -5.80
N TRP B 430 9.37 -24.50 -6.50
CA TRP B 430 8.04 -24.23 -5.95
C TRP B 430 7.29 -25.46 -5.44
N TYR B 431 7.43 -26.61 -6.09
CA TYR B 431 6.73 -27.79 -5.63
C TYR B 431 7.70 -28.77 -4.95
N GLY B 432 8.78 -28.22 -4.40
CA GLY B 432 9.76 -28.98 -3.65
C GLY B 432 9.26 -29.68 -2.41
N ARG B 433 10.08 -30.58 -1.88
CA ARG B 433 9.63 -31.49 -0.85
C ARG B 433 10.12 -31.18 0.57
N THR B 434 11.33 -30.65 0.68
CA THR B 434 11.97 -30.45 1.96
C THR B 434 11.66 -29.05 2.51
N LEU B 435 11.22 -28.99 3.76
CA LEU B 435 10.84 -27.75 4.40
C LEU B 435 11.98 -27.22 5.24
N HIS B 436 12.23 -25.94 5.10
CA HIS B 436 13.21 -25.31 5.94
C HIS B 436 12.59 -24.21 6.79
N PHE B 437 12.42 -24.48 8.08
CA PHE B 437 11.73 -23.54 8.95
C PHE B 437 12.64 -22.48 9.56
N GLY B 438 13.97 -22.69 9.49
CA GLY B 438 14.88 -21.84 10.23
C GLY B 438 14.73 -22.16 11.71
N VAL B 439 15.26 -21.30 12.58
CA VAL B 439 15.25 -21.58 13.99
C VAL B 439 13.93 -21.01 14.53
N ARG B 440 12.82 -21.72 14.20
CA ARG B 440 11.48 -21.23 14.40
C ARG B 440 10.53 -22.36 14.80
N GLU B 441 10.81 -22.97 15.94
CA GLU B 441 10.15 -24.18 16.30
C GLU B 441 8.66 -23.91 16.55
N HIS B 442 8.35 -22.81 17.21
CA HIS B 442 6.98 -22.51 17.51
C HIS B 442 6.22 -22.37 16.17
N ALA B 443 6.63 -21.47 15.28
CA ALA B 443 5.94 -21.39 13.97
C ALA B 443 5.94 -22.70 13.18
N MET B 444 7.00 -23.48 13.27
CA MET B 444 7.00 -24.78 12.64
C MET B 444 5.81 -25.58 13.17
N GLY B 445 5.68 -25.69 14.49
CA GLY B 445 4.53 -26.38 15.07
C GLY B 445 3.19 -25.91 14.51
N ALA B 446 2.98 -24.59 14.46
CA ALA B 446 1.72 -24.05 14.00
C ALA B 446 1.52 -24.38 12.55
N ILE B 447 2.64 -24.35 11.81
CA ILE B 447 2.60 -24.52 10.35
C ILE B 447 2.11 -25.91 10.03
N LEU B 448 2.67 -26.91 10.70
CA LEU B 448 2.25 -28.28 10.54
C LEU B 448 0.73 -28.49 10.76
N SER B 449 0.08 -27.68 11.59
CA SER B 449 -1.38 -27.84 11.73
C SER B 449 -2.08 -27.26 10.50
N GLY B 450 -1.56 -26.16 9.99
CA GLY B 450 -2.15 -25.48 8.85
C GLY B 450 -2.13 -26.45 7.71
N ILE B 451 -0.95 -27.04 7.47
CA ILE B 451 -0.79 -28.11 6.47
C ILE B 451 -1.87 -29.21 6.46
N VAL B 452 -2.11 -29.89 7.57
CA VAL B 452 -3.03 -31.02 7.55
C VAL B 452 -4.46 -30.56 7.69
N LEU B 453 -4.68 -29.39 8.26
CA LEU B 453 -6.01 -28.81 8.20
C LEU B 453 -6.40 -28.48 6.76
N HIS B 454 -5.46 -27.84 6.04
CA HIS B 454 -5.73 -27.36 4.69
C HIS B 454 -6.18 -28.50 3.76
N GLY B 455 -5.43 -29.61 3.76
CA GLY B 455 -5.74 -30.71 2.86
C GLY B 455 -5.29 -32.06 3.34
N PRO B 456 -5.29 -33.04 2.44
CA PRO B 456 -4.94 -34.40 2.79
C PRO B 456 -3.45 -34.76 2.67
N THR B 457 -2.53 -33.80 2.81
CA THR B 457 -1.09 -34.18 2.73
C THR B 457 -0.58 -34.59 4.12
N ARG B 458 0.60 -35.18 4.18
CA ARG B 458 1.15 -35.56 5.46
C ARG B 458 2.54 -34.92 5.69
N ALA B 459 2.57 -33.88 6.51
CA ALA B 459 3.83 -33.17 6.83
C ALA B 459 4.38 -33.49 8.22
N TYR B 460 5.67 -33.33 8.38
CA TYR B 460 6.31 -33.55 9.65
C TYR B 460 7.38 -32.53 9.79
N GLY B 461 7.76 -32.26 11.04
CA GLY B 461 8.69 -31.21 11.38
C GLY B 461 9.56 -31.70 12.47
N GLY B 462 10.83 -31.32 12.37
CA GLY B 462 11.80 -31.87 13.28
C GLY B 462 12.63 -30.85 13.96
N THR B 463 13.00 -31.19 15.20
CA THR B 463 13.91 -30.43 16.04
C THR B 463 14.34 -31.36 17.19
N PHE B 464 15.18 -30.86 18.11
CA PHE B 464 15.58 -31.58 19.30
C PHE B 464 14.41 -31.63 20.28
N LEU B 465 14.13 -32.80 20.85
CA LEU B 465 13.16 -32.98 21.93
C LEU B 465 13.05 -31.79 22.89
N GLN B 466 14.19 -31.23 23.29
CA GLN B 466 14.24 -30.13 24.25
C GLN B 466 13.33 -28.99 23.81
N PHE B 467 13.33 -28.66 22.52
CA PHE B 467 12.66 -27.47 22.08
C PHE B 467 11.23 -27.74 21.73
N SER B 468 10.71 -28.89 22.12
CA SER B 468 9.27 -29.06 22.13
C SER B 468 8.74 -27.93 23.05
N ASP B 469 9.55 -27.54 24.01
CA ASP B 469 9.25 -26.41 24.86
C ASP B 469 8.96 -25.15 24.05
N TYR B 470 9.68 -24.96 22.97
CA TYR B 470 9.40 -23.78 22.17
C TYR B 470 8.10 -23.84 21.43
N MET B 471 7.58 -25.02 21.15
CA MET B 471 6.45 -25.13 20.27
C MET B 471 5.18 -25.70 20.93
N ARG B 472 5.21 -25.73 22.23
CA ARG B 472 4.22 -26.42 22.98
C ARG B 472 2.79 -25.93 22.80
N PRO B 473 2.57 -24.60 22.63
CA PRO B 473 1.18 -24.19 22.57
C PRO B 473 0.53 -24.74 21.32
N ALA B 474 1.31 -24.93 20.28
CA ALA B 474 0.84 -25.48 18.99
C ALA B 474 0.56 -26.99 19.05
N VAL B 475 1.41 -27.68 19.80
CA VAL B 475 1.29 -29.09 19.93
C VAL B 475 -0.01 -29.41 20.66
N ARG B 476 -0.30 -28.65 21.70
CA ARG B 476 -1.48 -28.81 22.53
C ARG B 476 -2.72 -28.55 21.75
N LEU B 477 -2.68 -27.55 20.89
CA LEU B 477 -3.81 -27.17 20.09
C LEU B 477 -4.05 -28.24 19.04
N ALA B 478 -3.01 -28.76 18.42
CA ALA B 478 -3.20 -29.88 17.50
C ALA B 478 -3.96 -31.00 18.21
N ALA B 479 -3.53 -31.38 19.40
CA ALA B 479 -4.11 -32.48 20.13
C ALA B 479 -5.60 -32.17 20.49
N LEU B 480 -5.83 -30.93 20.92
CA LEU B 480 -7.17 -30.46 21.18
C LEU B 480 -7.99 -30.67 19.92
N MET B 481 -7.42 -30.31 18.78
CA MET B 481 -8.12 -30.44 17.51
C MET B 481 -8.14 -31.87 17.03
N ASP B 482 -7.36 -32.76 17.64
CA ASP B 482 -7.33 -34.16 17.22
C ASP B 482 -6.96 -34.38 15.75
N ILE B 483 -5.96 -33.62 15.29
CA ILE B 483 -5.53 -33.70 13.90
C ILE B 483 -4.19 -34.41 13.78
N ASP B 484 -3.82 -34.94 12.62
CA ASP B 484 -2.62 -35.80 12.61
C ASP B 484 -1.26 -35.19 12.20
N THR B 485 -0.84 -34.16 12.93
CA THR B 485 0.49 -33.61 12.75
C THR B 485 1.52 -34.63 13.23
N ILE B 486 2.81 -34.38 12.91
CA ILE B 486 3.93 -35.28 13.25
C ILE B 486 5.18 -34.46 13.62
N TYR B 487 5.63 -34.65 14.86
CA TYR B 487 6.75 -33.89 15.36
C TYR B 487 7.87 -34.88 15.61
N VAL B 488 8.93 -34.64 14.86
CA VAL B 488 10.10 -35.50 14.92
C VAL B 488 11.03 -34.82 15.89
N TRP B 489 11.23 -35.47 17.05
CA TRP B 489 12.04 -34.91 18.10
C TRP B 489 13.27 -35.77 18.40
N THR B 490 14.45 -35.32 17.92
CA THR B 490 15.66 -36.12 18.12
C THR B 490 16.42 -35.68 19.36
N HIS B 491 17.53 -36.38 19.65
CA HIS B 491 18.42 -36.10 20.80
C HIS B 491 17.62 -36.12 22.06
N ASP B 492 17.11 -37.28 22.40
CA ASP B 492 15.95 -37.38 23.30
C ASP B 492 16.31 -37.47 24.79
N SER B 493 17.60 -37.39 25.11
CA SER B 493 18.03 -37.62 26.49
C SER B 493 19.42 -37.09 26.71
N ILE B 494 19.94 -37.40 27.88
CA ILE B 494 21.35 -37.23 28.17
C ILE B 494 22.24 -37.92 27.11
N GLY B 495 21.77 -39.04 26.55
CA GLY B 495 22.40 -39.71 25.43
C GLY B 495 23.04 -38.74 24.45
N LEU B 496 22.43 -37.56 24.36
CA LEU B 496 22.87 -36.51 23.48
C LEU B 496 24.30 -36.05 23.79
N GLY B 497 24.75 -36.21 25.03
CA GLY B 497 26.08 -35.85 25.37
C GLY B 497 26.45 -34.39 25.62
N GLU B 498 27.56 -34.01 25.00
CA GLU B 498 28.36 -32.87 25.40
C GLU B 498 27.68 -31.53 25.36
N ASP B 499 26.64 -31.38 24.55
CA ASP B 499 25.88 -30.13 24.53
C ASP B 499 25.29 -29.73 25.92
N GLY B 500 25.15 -30.69 26.82
CA GLY B 500 24.91 -30.35 28.21
C GLY B 500 23.44 -30.10 28.60
N PRO B 501 23.24 -29.56 29.81
CA PRO B 501 21.94 -29.58 30.47
C PRO B 501 20.86 -28.67 29.86
N THR B 502 21.26 -27.60 29.15
CA THR B 502 20.30 -26.74 28.46
C THR B 502 19.60 -27.47 27.31
N HIS B 503 20.27 -28.50 26.79
CA HIS B 503 19.85 -29.27 25.64
C HIS B 503 19.26 -30.63 26.04
N GLN B 504 19.77 -31.24 27.09
CA GLN B 504 19.29 -32.55 27.50
C GLN B 504 17.87 -32.56 28.14
N PRO B 505 16.93 -33.20 27.47
CA PRO B 505 15.58 -33.35 28.09
C PRO B 505 15.66 -34.17 29.36
N ILE B 506 14.82 -33.84 30.33
CA ILE B 506 14.67 -34.61 31.55
C ILE B 506 13.14 -34.79 31.82
N GLU B 507 12.42 -33.68 31.87
CA GLU B 507 11.00 -33.73 32.15
C GLU B 507 10.16 -33.90 30.91
N HIS B 508 10.79 -33.86 29.74
CA HIS B 508 10.01 -33.68 28.50
C HIS B 508 9.03 -34.82 28.13
N LEU B 509 9.39 -36.08 28.40
CA LEU B 509 8.52 -37.19 28.05
C LEU B 509 7.27 -37.17 28.93
N SER B 510 7.49 -36.98 30.23
CA SER B 510 6.35 -36.84 31.12
C SER B 510 5.50 -35.67 30.72
N ALA B 511 6.14 -34.54 30.46
CA ALA B 511 5.36 -33.36 30.18
C ALA B 511 4.59 -33.51 28.87
N LEU B 512 5.15 -34.27 27.93
CA LEU B 512 4.44 -34.42 26.67
C LEU B 512 3.43 -35.54 26.83
N ARG B 513 3.69 -36.54 27.66
CA ARG B 513 2.73 -37.65 27.75
C ARG B 513 1.49 -37.18 28.44
N ALA B 514 1.62 -36.04 29.11
CA ALA B 514 0.56 -35.47 29.93
C ALA B 514 -0.53 -34.86 29.08
N ILE B 515 -0.16 -34.40 27.87
CA ILE B 515 -1.11 -33.74 26.97
C ILE B 515 -2.16 -34.70 26.42
N PRO B 516 -3.41 -34.54 26.82
CA PRO B 516 -4.38 -35.52 26.38
C PRO B 516 -4.39 -35.65 24.86
N ARG B 517 -4.39 -36.88 24.36
CA ARG B 517 -4.37 -37.15 22.88
C ARG B 517 -3.04 -36.94 22.13
N LEU B 518 -1.94 -36.65 22.83
CA LEU B 518 -0.65 -36.68 22.12
C LEU B 518 0.01 -38.04 22.26
N SER B 519 0.10 -38.78 21.19
CA SER B 519 0.88 -40.03 21.25
C SER B 519 2.40 -39.72 21.21
N VAL B 520 3.12 -40.20 22.21
CA VAL B 520 4.56 -40.09 22.32
C VAL B 520 5.19 -41.43 22.02
N VAL B 521 5.82 -41.51 20.85
CA VAL B 521 6.29 -42.78 20.33
C VAL B 521 7.82 -42.80 20.36
N ARG B 522 8.38 -43.70 21.15
CA ARG B 522 9.81 -43.76 21.39
C ARG B 522 10.34 -45.17 21.01
N PRO B 523 10.76 -45.34 19.75
CA PRO B 523 11.31 -46.62 19.26
C PRO B 523 12.46 -47.11 20.08
N ALA B 524 12.50 -48.39 20.37
CA ALA B 524 13.61 -49.03 21.08
C ALA B 524 14.92 -49.10 20.26
N ASP B 525 14.78 -49.22 18.94
CA ASP B 525 15.89 -49.44 18.02
C ASP B 525 15.43 -49.14 16.60
N ALA B 526 16.35 -49.33 15.65
CA ALA B 526 16.11 -49.04 14.22
C ALA B 526 14.84 -49.71 13.64
N ASN B 527 14.56 -50.93 14.04
CA ASN B 527 13.41 -51.62 13.54
C ASN B 527 12.08 -51.09 14.09
N GLU B 528 12.03 -50.86 15.40
CA GLU B 528 10.90 -50.21 16.02
C GLU B 528 10.66 -48.84 15.36
N THR B 529 11.73 -48.16 14.98
CA THR B 529 11.60 -46.87 14.34
C THR B 529 10.81 -47.05 13.07
N ALA B 530 11.24 -48.01 12.26
CA ALA B 530 10.58 -48.37 11.03
C ALA B 530 9.12 -48.77 11.26
N TYR B 531 8.89 -49.59 12.27
CA TYR B 531 7.54 -50.04 12.56
C TYR B 531 6.69 -48.91 13.04
N ALA B 532 7.34 -47.91 13.69
CA ALA B 532 6.65 -46.71 14.18
C ALA B 532 6.09 -45.87 13.03
N TRP B 533 6.98 -45.47 12.12
CA TRP B 533 6.58 -44.71 10.96
C TRP B 533 5.46 -45.40 10.19
N ARG B 534 5.62 -46.68 9.88
CA ARG B 534 4.55 -47.48 9.26
CA ARG B 534 4.56 -47.47 9.24
C ARG B 534 3.22 -47.28 9.98
N THR B 535 3.21 -47.46 11.30
CA THR B 535 1.99 -47.33 12.06
C THR B 535 1.44 -45.88 12.05
N ILE B 536 2.35 -44.89 12.07
CA ILE B 536 1.95 -43.50 11.94
C ILE B 536 1.25 -43.25 10.59
N LEU B 537 1.96 -43.60 9.51
CA LEU B 537 1.44 -43.29 8.18
C LEU B 537 0.19 -44.08 7.82
N ALA B 538 0.07 -45.30 8.35
CA ALA B 538 -1.10 -46.14 8.14
C ALA B 538 -2.31 -45.69 8.96
N ARG B 539 -2.09 -44.74 9.86
CA ARG B 539 -3.10 -44.32 10.83
C ARG B 539 -3.80 -45.46 11.60
N ARG B 540 -3.02 -46.46 12.03
CA ARG B 540 -3.49 -47.60 12.77
C ARG B 540 -4.23 -47.11 14.00
N ASN B 541 -3.62 -46.20 14.75
CA ASN B 541 -4.13 -45.82 16.08
C ASN B 541 -4.91 -44.49 16.12
N GLY B 542 -5.68 -44.23 15.06
CA GLY B 542 -6.55 -43.06 14.98
C GLY B 542 -5.79 -41.87 14.42
N SER B 543 -6.35 -40.68 14.62
CA SER B 543 -5.94 -39.55 13.82
C SER B 543 -5.32 -38.37 14.57
N GLY B 544 -4.94 -38.59 15.83
CA GLY B 544 -4.37 -37.53 16.67
C GLY B 544 -2.93 -37.21 16.28
N PRO B 545 -2.31 -36.24 16.95
CA PRO B 545 -0.93 -35.86 16.67
C PRO B 545 0.07 -36.85 17.24
N VAL B 546 1.28 -36.85 16.69
CA VAL B 546 2.31 -37.79 17.11
C VAL B 546 3.66 -37.08 17.26
N GLY B 547 4.30 -37.39 18.38
CA GLY B 547 5.64 -36.93 18.61
C GLY B 547 6.47 -38.17 18.53
N LEU B 548 7.30 -38.26 17.49
CA LEU B 548 8.24 -39.37 17.36
C LEU B 548 9.60 -39.01 17.99
N ILE B 549 9.96 -39.74 19.06
CA ILE B 549 11.14 -39.49 19.90
C ILE B 549 12.37 -40.33 19.48
N LEU B 550 13.46 -39.65 19.10
CA LEU B 550 14.59 -40.37 18.51
C LEU B 550 15.92 -39.99 19.10
N THR B 551 16.84 -40.97 19.17
CA THR B 551 18.14 -40.78 19.83
C THR B 551 19.16 -40.08 18.96
N ARG B 552 20.11 -39.42 19.60
CA ARG B 552 21.27 -38.92 18.91
C ARG B 552 22.29 -40.06 18.71
N GLN B 553 22.64 -40.70 19.81
CA GLN B 553 23.69 -41.71 19.87
C GLN B 553 23.19 -43.07 19.39
N GLY B 554 24.14 -43.96 19.08
CA GLY B 554 23.83 -45.27 18.50
C GLY B 554 23.27 -46.19 19.53
N VAL B 555 22.25 -46.97 19.15
CA VAL B 555 21.69 -48.05 20.00
C VAL B 555 21.70 -49.46 19.34
N PRO B 556 21.82 -50.53 20.15
CA PRO B 556 21.81 -51.88 19.59
C PRO B 556 20.62 -52.15 18.71
N VAL B 557 20.78 -53.07 17.75
CA VAL B 557 19.63 -53.68 17.14
C VAL B 557 19.32 -54.94 17.94
N LEU B 558 18.07 -55.06 18.36
CA LEU B 558 17.71 -56.01 19.40
C LEU B 558 16.94 -57.21 18.88
N ASP B 559 17.02 -58.32 19.60
CA ASP B 559 16.18 -59.47 19.31
C ASP B 559 14.80 -59.21 19.83
N GLY B 560 13.78 -59.63 19.08
CA GLY B 560 12.42 -59.71 19.60
C GLY B 560 11.46 -58.61 19.19
N THR B 561 11.94 -57.65 18.39
CA THR B 561 11.10 -56.54 17.98
C THR B 561 9.98 -57.06 17.06
N ASP B 562 8.86 -56.35 17.04
CA ASP B 562 7.65 -56.81 16.36
C ASP B 562 6.78 -55.64 15.89
N ALA B 563 6.54 -55.53 14.59
CA ALA B 563 5.69 -54.48 14.07
C ALA B 563 4.29 -54.47 14.71
N GLU B 564 3.67 -55.64 14.87
CA GLU B 564 2.34 -55.70 15.43
C GLU B 564 2.40 -55.18 16.88
N GLY B 565 3.45 -55.60 17.57
CA GLY B 565 3.67 -55.18 18.96
C GLY B 565 3.87 -53.67 19.09
N VAL B 566 4.71 -53.09 18.21
CA VAL B 566 4.89 -51.65 18.19
C VAL B 566 3.56 -50.94 18.00
N ALA B 567 2.76 -51.46 17.07
CA ALA B 567 1.49 -50.85 16.72
C ALA B 567 0.50 -51.01 17.87
N ARG B 568 0.85 -51.85 18.81
CA ARG B 568 0.01 -52.02 19.96
C ARG B 568 0.41 -51.05 21.10
N GLY B 569 1.65 -50.56 21.04
CA GLY B 569 2.12 -49.55 21.97
C GLY B 569 3.14 -50.09 22.94
N GLY B 570 2.80 -51.23 23.55
CA GLY B 570 3.70 -51.99 24.43
C GLY B 570 3.50 -53.48 24.21
N TYR B 571 4.59 -54.23 24.19
CA TYR B 571 4.47 -55.65 23.88
C TYR B 571 5.63 -56.39 24.52
N VAL B 572 5.52 -57.71 24.60
CA VAL B 572 6.55 -58.56 25.18
C VAL B 572 7.72 -58.78 24.21
N LEU B 573 8.90 -58.28 24.57
CA LEU B 573 10.07 -58.37 23.71
C LEU B 573 10.72 -59.76 23.83
N SER B 574 10.84 -60.26 25.07
CA SER B 574 11.12 -61.68 25.35
C SER B 574 10.62 -62.04 26.75
N ASP B 575 10.07 -63.22 26.91
CA ASP B 575 9.93 -63.75 28.25
C ASP B 575 11.28 -64.37 28.61
N ALA B 576 11.50 -64.52 29.90
CA ALA B 576 12.75 -65.11 30.40
C ALA B 576 12.73 -66.63 30.30
N GLY B 577 13.46 -67.16 29.33
CA GLY B 577 13.52 -68.60 29.13
C GLY B 577 13.60 -69.37 30.43
N GLY B 578 12.44 -69.73 30.96
CA GLY B 578 12.37 -70.47 32.21
C GLY B 578 10.96 -70.65 32.71
N LEU B 579 10.00 -70.60 31.79
CA LEU B 579 8.59 -70.75 32.12
C LEU B 579 7.78 -71.98 31.70
N GLN B 580 6.89 -72.36 32.61
CA GLN B 580 5.94 -73.45 32.49
C GLN B 580 4.58 -72.86 32.15
N PRO B 581 3.81 -73.50 31.28
CA PRO B 581 2.46 -73.01 30.96
C PRO B 581 1.68 -72.55 32.18
N GLY B 582 1.24 -71.30 32.15
CA GLY B 582 0.63 -70.62 33.30
C GLY B 582 1.65 -69.90 34.16
N GLU B 583 2.95 -70.21 33.90
CA GLU B 583 4.00 -69.72 34.72
C GLU B 583 4.11 -68.25 34.37
N GLU B 584 3.79 -67.37 35.32
CA GLU B 584 4.13 -65.95 35.17
C GLU B 584 5.63 -65.77 35.31
N PRO B 585 6.16 -64.64 34.79
CA PRO B 585 7.56 -64.35 35.08
C PRO B 585 7.69 -63.88 36.53
N ASP B 586 8.88 -64.05 37.09
CA ASP B 586 9.21 -63.56 38.42
C ASP B 586 9.10 -62.02 38.48
N VAL B 587 9.60 -61.34 37.46
CA VAL B 587 9.67 -59.90 37.46
C VAL B 587 9.46 -59.34 36.05
N ILE B 588 8.80 -58.20 35.91
CA ILE B 588 8.67 -57.58 34.61
C ILE B 588 9.48 -56.29 34.52
N LEU B 589 10.36 -56.23 33.51
CA LEU B 589 11.10 -55.01 33.15
C LEU B 589 10.44 -54.32 31.98
N ILE B 590 10.00 -53.09 32.20
CA ILE B 590 9.33 -52.26 31.19
C ILE B 590 10.21 -51.10 30.80
N ALA B 591 10.52 -50.96 29.52
CA ALA B 591 11.44 -49.91 29.14
C ALA B 591 11.06 -49.29 27.80
N THR B 592 11.74 -48.21 27.43
CA THR B 592 11.45 -47.48 26.21
C THR B 592 12.76 -46.92 25.63
N GLY B 593 12.79 -46.75 24.31
CA GLY B 593 13.92 -46.10 23.63
C GLY B 593 15.25 -46.68 24.05
N SER B 594 16.24 -45.80 24.19
CA SER B 594 17.61 -46.25 24.43
C SER B 594 17.82 -47.05 25.71
N GLU B 595 16.74 -47.25 26.46
CA GLU B 595 16.83 -47.91 27.75
C GLU B 595 16.35 -49.31 27.72
N VAL B 596 15.77 -49.75 26.59
CA VAL B 596 15.33 -51.14 26.44
C VAL B 596 16.52 -52.09 26.49
N GLN B 597 17.64 -51.69 25.89
CA GLN B 597 18.89 -52.48 25.96
C GLN B 597 19.36 -52.82 27.38
N LEU B 598 19.05 -51.96 28.33
CA LEU B 598 19.40 -52.19 29.72
C LEU B 598 18.48 -53.24 30.28
N ALA B 599 17.22 -53.25 29.83
CA ALA B 599 16.22 -54.19 30.33
C ALA B 599 16.58 -55.58 29.85
N VAL B 600 17.13 -55.67 28.64
CA VAL B 600 17.54 -56.95 28.04
C VAL B 600 18.73 -57.51 28.79
N ALA B 601 19.82 -56.72 28.86
CA ALA B 601 21.07 -57.15 29.51
C ALA B 601 20.86 -57.57 30.97
N ALA B 602 19.89 -56.92 31.62
CA ALA B 602 19.58 -57.15 33.02
C ALA B 602 18.81 -58.43 33.16
N GLN B 603 18.04 -58.75 32.13
CA GLN B 603 17.35 -60.03 31.99
C GLN B 603 18.33 -61.21 31.95
N THR B 604 19.49 -61.01 31.31
CA THR B 604 20.57 -61.97 31.30
C THR B 604 21.14 -62.11 32.71
N LEU B 605 21.45 -60.96 33.33
CA LEU B 605 22.05 -60.96 34.64
C LEU B 605 21.13 -61.63 35.65
N LEU B 606 19.82 -61.54 35.43
CA LEU B 606 18.87 -62.08 36.38
C LEU B 606 18.61 -63.56 36.21
N ALA B 607 18.61 -64.02 34.97
CA ALA B 607 18.60 -65.46 34.69
C ALA B 607 19.83 -66.15 35.27
N ASP B 608 21.01 -65.54 35.12
CA ASP B 608 22.24 -66.04 35.77
C ASP B 608 22.16 -66.13 37.33
N ASN B 609 21.07 -65.65 37.92
CA ASN B 609 20.83 -65.71 39.37
C ASN B 609 19.47 -66.31 39.66
N ASP B 610 19.03 -67.13 38.71
CA ASP B 610 17.77 -67.87 38.83
C ASP B 610 16.56 -66.96 39.07
N ILE B 611 16.55 -65.78 38.42
CA ILE B 611 15.38 -64.91 38.41
C ILE B 611 14.89 -64.73 36.97
N LEU B 612 13.59 -64.95 36.77
CA LEU B 612 13.03 -65.02 35.44
C LEU B 612 12.27 -63.75 35.09
N ALA B 613 12.91 -62.92 34.29
CA ALA B 613 12.42 -61.62 33.90
C ALA B 613 11.78 -61.57 32.49
N ARG B 614 10.58 -61.00 32.39
CA ARG B 614 9.96 -60.55 31.15
C ARG B 614 10.44 -59.14 30.81
N VAL B 615 10.79 -58.91 29.55
CA VAL B 615 11.13 -57.57 29.07
C VAL B 615 9.98 -57.11 28.19
N VAL B 616 9.44 -55.93 28.49
CA VAL B 616 8.35 -55.33 27.72
C VAL B 616 8.90 -54.04 27.15
N SER B 617 8.84 -53.89 25.85
CA SER B 617 9.20 -52.64 25.21
C SER B 617 7.93 -51.81 25.05
N MET B 618 7.98 -50.55 25.47
CA MET B 618 6.81 -49.70 25.51
C MET B 618 7.01 -48.41 24.71
N PRO B 619 7.08 -48.55 23.36
CA PRO B 619 7.35 -47.40 22.49
C PRO B 619 6.27 -46.33 22.50
N CYS B 620 5.04 -46.71 22.88
CA CYS B 620 3.96 -45.75 23.05
C CYS B 620 2.93 -46.09 24.12
N LEU B 621 3.07 -45.43 25.25
CA LEU B 621 2.21 -45.67 26.39
C LEU B 621 0.74 -45.36 26.07
N GLU B 622 0.51 -44.38 25.21
CA GLU B 622 -0.86 -43.99 24.89
C GLU B 622 -1.58 -45.08 24.07
N TRP B 623 -0.83 -45.70 23.15
CA TRP B 623 -1.41 -46.72 22.32
C TRP B 623 -1.68 -47.92 23.18
N PHE B 624 -0.73 -48.27 24.03
CA PHE B 624 -0.91 -49.33 25.01
C PHE B 624 -2.15 -49.12 25.89
N GLU B 625 -2.24 -47.98 26.61
CA GLU B 625 -3.43 -47.73 27.45
C GLU B 625 -4.76 -47.76 26.68
N ALA B 626 -4.72 -47.56 25.36
CA ALA B 626 -5.90 -47.64 24.48
C ALA B 626 -6.31 -49.06 24.00
N GLN B 627 -5.41 -50.02 24.18
CA GLN B 627 -5.70 -51.42 23.94
C GLN B 627 -6.67 -51.97 24.98
N PRO B 628 -7.46 -52.99 24.63
CA PRO B 628 -8.41 -53.54 25.63
C PRO B 628 -7.70 -54.33 26.73
N TYR B 629 -8.21 -54.27 27.94
CA TYR B 629 -7.54 -54.92 29.05
C TYR B 629 -7.05 -56.35 28.73
N GLU B 630 -7.76 -57.11 27.90
CA GLU B 630 -7.32 -58.49 27.62
C GLU B 630 -5.87 -58.50 27.16
N TYR B 631 -5.59 -57.64 26.20
CA TYR B 631 -4.23 -57.45 25.70
C TYR B 631 -3.30 -56.90 26.76
N ARG B 632 -3.74 -55.87 27.49
CA ARG B 632 -2.83 -55.25 28.43
C ARG B 632 -2.43 -56.20 29.54
N ASP B 633 -3.40 -56.94 30.07
CA ASP B 633 -3.14 -57.92 31.14
C ASP B 633 -2.31 -59.11 30.63
N ALA B 634 -2.32 -59.36 29.33
CA ALA B 634 -1.44 -60.37 28.77
C ALA B 634 0.03 -59.91 28.82
N VAL B 635 0.26 -58.61 28.60
CA VAL B 635 1.61 -58.02 28.58
C VAL B 635 2.10 -57.70 29.98
N LEU B 636 1.16 -57.23 30.81
CA LEU B 636 1.44 -56.81 32.17
C LEU B 636 0.39 -57.46 33.06
N PRO B 637 0.63 -58.73 33.45
CA PRO B 637 -0.31 -59.43 34.31
C PRO B 637 -0.37 -58.74 35.65
N PRO B 638 -1.61 -58.41 36.08
CA PRO B 638 -1.82 -57.77 37.39
C PRO B 638 -1.38 -58.62 38.58
N THR B 639 -1.22 -59.93 38.36
CA THR B 639 -0.72 -60.80 39.44
C THR B 639 0.78 -60.58 39.72
N VAL B 640 1.54 -60.19 38.70
CA VAL B 640 2.96 -59.85 38.93
C VAL B 640 3.10 -58.40 39.40
N SER B 641 3.40 -58.23 40.69
CA SER B 641 3.56 -56.91 41.28
C SER B 641 5.00 -56.45 41.21
N ALA B 642 5.92 -57.39 41.02
CA ALA B 642 7.34 -57.05 40.86
C ALA B 642 7.61 -56.45 39.47
N ARG B 643 7.76 -55.13 39.40
CA ARG B 643 7.92 -54.41 38.13
C ARG B 643 9.00 -53.33 38.19
N VAL B 644 9.70 -53.14 37.08
CA VAL B 644 10.73 -52.11 37.02
C VAL B 644 10.61 -51.34 35.73
N ALA B 645 10.45 -50.01 35.82
CA ALA B 645 10.41 -49.17 34.62
C ALA B 645 11.73 -48.44 34.42
N VAL B 646 12.15 -48.28 33.16
CA VAL B 646 13.45 -47.70 32.83
C VAL B 646 13.34 -46.73 31.66
N GLU B 647 13.71 -45.48 31.89
CA GLU B 647 13.56 -44.41 30.92
C GLU B 647 14.51 -43.29 31.32
N ALA B 648 15.32 -42.80 30.39
CA ALA B 648 16.20 -41.67 30.68
C ALA B 648 15.43 -40.31 30.74
N GLY B 649 14.47 -40.23 31.67
CA GLY B 649 13.59 -39.07 31.88
C GLY B 649 13.12 -39.24 33.31
N VAL B 650 12.19 -38.39 33.75
CA VAL B 650 11.73 -38.38 35.15
C VAL B 650 10.76 -39.51 35.40
N ALA B 651 10.69 -39.94 36.66
CA ALA B 651 9.85 -41.03 37.08
C ALA B 651 8.38 -40.76 36.90
N GLN B 652 7.96 -39.47 36.99
CA GLN B 652 6.57 -39.07 37.17
C GLN B 652 5.53 -39.96 36.49
N CYS B 653 5.66 -40.18 35.18
CA CYS B 653 4.62 -40.84 34.39
C CYS B 653 4.61 -42.40 34.47
N TRP B 654 5.47 -43.00 35.29
CA TRP B 654 5.63 -44.48 35.35
C TRP B 654 5.07 -45.16 36.58
N HIS B 655 4.73 -44.35 37.59
CA HIS B 655 4.32 -44.84 38.90
C HIS B 655 3.03 -45.66 38.85
N GLN B 656 2.10 -45.26 37.98
CA GLN B 656 0.82 -45.96 37.87
C GLN B 656 1.04 -47.35 37.34
N LEU B 657 2.02 -47.48 36.47
CA LEU B 657 2.32 -48.72 35.85
C LEU B 657 3.05 -49.67 36.80
N VAL B 658 4.01 -49.18 37.58
CA VAL B 658 4.85 -50.07 38.41
C VAL B 658 4.21 -50.46 39.74
N GLY B 659 3.32 -49.60 40.23
CA GLY B 659 2.58 -49.85 41.48
C GLY B 659 3.42 -49.59 42.73
N ASP B 660 2.80 -49.87 43.89
CA ASP B 660 3.39 -49.69 45.25
C ASP B 660 4.79 -50.26 45.42
N THR B 661 4.96 -51.49 44.94
CA THR B 661 6.13 -52.26 45.26
C THR B 661 7.19 -52.28 44.15
N GLY B 662 6.92 -51.49 43.11
CA GLY B 662 7.74 -51.45 41.90
C GLY B 662 8.90 -50.50 42.05
N GLU B 663 9.80 -50.53 41.08
CA GLU B 663 10.92 -49.62 41.07
C GLU B 663 11.01 -48.90 39.74
N ILE B 664 11.55 -47.69 39.76
CA ILE B 664 11.74 -46.94 38.54
C ILE B 664 13.17 -46.46 38.45
N VAL B 665 13.85 -46.84 37.37
CA VAL B 665 15.18 -46.30 37.08
C VAL B 665 15.00 -45.03 36.23
N SER B 666 15.26 -43.86 36.81
CA SER B 666 14.90 -42.63 36.12
C SER B 666 15.98 -41.57 36.34
N ILE B 667 15.87 -40.43 35.69
CA ILE B 667 16.69 -39.29 36.06
C ILE B 667 15.83 -38.09 36.53
N GLU B 668 16.04 -37.69 37.78
CA GLU B 668 15.26 -36.70 38.44
C GLU B 668 15.89 -35.31 38.42
N HIS B 669 17.08 -35.17 37.84
CA HIS B 669 17.76 -33.87 37.86
C HIS B 669 18.40 -33.51 36.52
N TYR B 670 18.75 -32.24 36.38
CA TYR B 670 19.46 -31.79 35.21
C TYR B 670 20.80 -32.49 34.93
N GLY B 671 21.16 -32.46 33.65
CA GLY B 671 22.36 -33.12 33.16
C GLY B 671 23.70 -32.42 33.29
N GLU B 672 24.63 -32.80 32.44
CA GLU B 672 26.02 -32.32 32.56
C GLU B 672 26.65 -32.39 31.18
N SER B 673 27.65 -31.55 30.95
CA SER B 673 28.37 -31.50 29.68
C SER B 673 29.49 -32.54 29.66
N ALA B 674 29.19 -33.74 29.15
CA ALA B 674 30.13 -34.88 29.05
C ALA B 674 29.65 -35.85 27.97
N ASP B 675 30.51 -36.79 27.58
CA ASP B 675 30.11 -37.81 26.59
C ASP B 675 29.00 -38.71 27.13
N HIS B 676 28.21 -39.28 26.25
CA HIS B 676 27.05 -40.04 26.69
C HIS B 676 27.36 -41.23 27.54
N LYS B 677 28.49 -41.89 27.30
CA LYS B 677 28.76 -43.12 28.05
C LYS B 677 29.09 -42.81 29.50
N THR B 678 29.87 -41.75 29.73
CA THR B 678 30.05 -41.19 31.07
C THR B 678 28.69 -40.82 31.72
N LEU B 679 27.80 -40.16 30.98
CA LEU B 679 26.52 -39.68 31.56
C LEU B 679 25.62 -40.83 32.01
N PHE B 680 25.47 -41.84 31.17
CA PHE B 680 24.60 -42.99 31.48
C PHE B 680 25.12 -43.77 32.69
N ARG B 681 26.44 -43.86 32.78
CA ARG B 681 27.08 -44.55 33.88
C ARG B 681 26.88 -43.73 35.19
N GLU B 682 27.29 -42.47 35.18
CA GLU B 682 27.14 -41.64 36.36
C GLU B 682 25.71 -41.56 36.86
N TYR B 683 24.73 -41.52 35.98
CA TYR B 683 23.37 -41.41 36.49
C TYR B 683 22.69 -42.78 36.65
N GLY B 684 23.49 -43.84 36.60
CA GLY B 684 23.06 -45.19 36.98
C GLY B 684 22.14 -45.84 35.97
N PHE B 685 22.38 -45.57 34.69
CA PHE B 685 21.68 -46.24 33.60
C PHE B 685 22.59 -47.38 33.12
N THR B 686 22.64 -48.43 33.93
CA THR B 686 23.43 -49.64 33.67
C THR B 686 22.54 -50.86 33.85
N ALA B 687 22.90 -51.95 33.18
CA ALA B 687 22.24 -53.26 33.38
C ALA B 687 22.16 -53.67 34.85
N GLU B 688 23.29 -53.48 35.55
CA GLU B 688 23.44 -53.78 36.94
C GLU B 688 22.40 -53.02 37.75
N ALA B 689 22.25 -51.72 37.48
CA ALA B 689 21.31 -50.94 38.25
C ALA B 689 19.85 -51.39 38.00
N VAL B 690 19.53 -51.79 36.77
CA VAL B 690 18.20 -52.33 36.49
C VAL B 690 17.99 -53.69 37.16
N ALA B 691 18.98 -54.59 37.08
CA ALA B 691 19.01 -55.85 37.83
C ALA B 691 18.78 -55.65 39.34
N ALA B 692 19.63 -54.81 39.93
CA ALA B 692 19.55 -54.55 41.37
C ALA B 692 18.15 -54.04 41.77
N ALA B 693 17.55 -53.19 40.96
CA ALA B 693 16.18 -52.67 41.18
C ALA B 693 15.10 -53.76 41.08
N ALA B 694 15.30 -54.72 40.17
CA ALA B 694 14.42 -55.88 40.01
C ALA B 694 14.51 -56.84 41.20
N GLU B 695 15.72 -56.97 41.76
CA GLU B 695 15.88 -57.66 43.04
C GLU B 695 15.15 -56.92 44.18
N ARG B 696 15.25 -55.59 44.22
CA ARG B 696 14.59 -54.82 45.29
C ARG B 696 13.08 -54.99 45.22
N ALA B 697 12.54 -54.92 44.01
CA ALA B 697 11.11 -55.07 43.78
C ALA B 697 10.53 -56.35 44.40
N LEU B 698 11.27 -57.44 44.30
CA LEU B 698 10.84 -58.73 44.85
C LEU B 698 11.01 -58.77 46.36
N ASP B 699 11.51 -57.68 46.93
CA ASP B 699 11.73 -57.59 48.37
C ASP B 699 10.89 -56.48 48.99
N ASN B 700 9.78 -56.14 48.33
CA ASN B 700 8.88 -55.11 48.82
C ASN B 700 7.49 -55.63 49.10
N ILE C 7 -47.75 29.73 -29.03
CA ILE C 7 -46.63 28.97 -28.41
C ILE C 7 -47.09 28.36 -27.05
N SER C 8 -46.85 27.07 -26.80
CA SER C 8 -46.06 26.20 -27.67
C SER C 8 -46.86 25.08 -28.30
N ALA C 9 -46.53 24.82 -29.57
CA ALA C 9 -46.83 23.54 -30.24
C ALA C 9 -45.65 22.58 -30.05
N LEU C 10 -44.52 23.12 -29.58
CA LEU C 10 -43.31 22.33 -29.24
C LEU C 10 -43.52 21.39 -28.04
N THR C 11 -44.22 21.89 -27.02
CA THR C 11 -44.54 21.11 -25.83
C THR C 11 -45.85 20.35 -25.94
N ARG C 12 -46.11 19.74 -27.09
CA ARG C 12 -47.34 19.00 -27.30
C ARG C 12 -47.01 17.51 -27.37
N PRO C 13 -47.80 16.67 -26.69
CA PRO C 13 -47.44 15.26 -26.58
C PRO C 13 -47.73 14.49 -27.85
N ARG C 14 -47.07 13.34 -28.04
CA ARG C 14 -47.38 12.38 -29.12
C ARG C 14 -46.99 11.00 -28.67
N HIS C 15 -47.93 10.37 -27.96
CA HIS C 15 -47.70 9.12 -27.24
C HIS C 15 -47.95 7.94 -28.16
N PRO C 16 -47.03 6.95 -28.20
CA PRO C 16 -47.30 5.75 -29.00
C PRO C 16 -48.47 4.89 -28.47
N ASP C 17 -48.72 3.75 -29.13
CA ASP C 17 -49.93 2.97 -28.90
C ASP C 17 -50.00 2.15 -27.59
N TYR C 18 -48.83 1.76 -27.05
CA TYR C 18 -48.72 1.05 -25.76
C TYR C 18 -48.80 1.99 -24.53
N TRP C 19 -48.45 3.26 -24.72
CA TRP C 19 -48.37 4.23 -23.62
C TRP C 19 -49.73 4.40 -22.89
N THR C 20 -49.71 4.13 -21.58
CA THR C 20 -50.88 4.26 -20.68
C THR C 20 -50.78 5.52 -19.83
N GLU C 21 -51.75 5.71 -18.94
CA GLU C 21 -51.73 6.83 -17.99
C GLU C 21 -50.48 6.77 -17.12
N ILE C 22 -50.11 5.52 -16.83
CA ILE C 22 -49.03 5.17 -15.92
C ILE C 22 -47.73 5.83 -16.39
N ASP C 23 -47.36 5.52 -17.63
CA ASP C 23 -46.24 6.12 -18.28
C ASP C 23 -46.30 7.64 -18.11
N SER C 24 -47.45 8.27 -18.32
CA SER C 24 -47.53 9.74 -18.13
C SER C 24 -47.27 10.16 -16.72
N ALA C 25 -47.57 9.27 -15.78
CA ALA C 25 -47.29 9.57 -14.35
C ALA C 25 -45.78 9.40 -14.08
N ALA C 26 -45.24 8.29 -14.59
CA ALA C 26 -43.81 7.98 -14.57
C ALA C 26 -43.00 9.17 -15.06
N VAL C 27 -43.35 9.67 -16.25
CA VAL C 27 -42.71 10.90 -16.75
C VAL C 27 -42.88 12.03 -15.74
N ASP C 28 -44.12 12.38 -15.41
CA ASP C 28 -44.36 13.53 -14.51
C ASP C 28 -43.57 13.40 -13.19
N THR C 29 -43.32 12.15 -12.82
CA THR C 29 -42.66 11.96 -11.54
C THR C 29 -41.17 12.39 -11.71
N ILE C 30 -40.55 11.96 -12.81
CA ILE C 30 -39.20 12.41 -13.14
C ILE C 30 -39.08 13.93 -12.91
N ARG C 31 -40.06 14.68 -13.43
CA ARG C 31 -39.92 16.16 -13.45
C ARG C 31 -39.91 16.75 -12.06
N VAL C 32 -40.84 16.27 -11.23
CA VAL C 32 -40.98 16.84 -9.86
C VAL C 32 -39.85 16.31 -8.97
N LEU C 33 -39.53 15.04 -9.16
CA LEU C 33 -38.40 14.45 -8.47
C LEU C 33 -37.16 15.32 -8.72
N ALA C 34 -36.90 15.63 -10.00
CA ALA C 34 -35.84 16.60 -10.32
C ALA C 34 -36.02 17.95 -9.63
N ALA C 35 -37.24 18.50 -9.67
CA ALA C 35 -37.45 19.84 -9.12
C ALA C 35 -37.23 19.91 -7.62
N ASP C 36 -37.75 18.88 -6.94
CA ASP C 36 -37.60 18.72 -5.49
C ASP C 36 -36.15 18.46 -5.14
N ALA C 37 -35.54 17.53 -5.88
CA ALA C 37 -34.18 17.07 -5.58
C ALA C 37 -33.20 18.22 -5.56
N VAL C 38 -33.47 19.23 -6.38
CA VAL C 38 -32.63 20.44 -6.40
C VAL C 38 -33.09 21.45 -5.36
N GLN C 39 -34.39 21.49 -5.14
CA GLN C 39 -34.96 22.41 -4.15
C GLN C 39 -34.42 22.09 -2.76
N LYS C 40 -34.34 20.78 -2.44
CA LYS C 40 -33.78 20.33 -1.12
C LYS C 40 -32.41 20.90 -0.83
N VAL C 41 -31.42 20.54 -1.64
CA VAL C 41 -30.07 21.03 -1.38
C VAL C 41 -29.92 22.51 -1.73
N GLY C 42 -30.80 23.03 -2.60
CA GLY C 42 -30.86 24.48 -2.91
C GLY C 42 -29.87 25.01 -3.93
N ASN C 43 -29.30 24.09 -4.73
CA ASN C 43 -28.48 24.42 -5.91
C ASN C 43 -28.43 23.16 -6.79
N GLY C 44 -28.16 23.33 -8.09
CA GLY C 44 -28.27 22.20 -9.03
C GLY C 44 -28.87 22.63 -10.36
N HIS C 45 -29.22 21.62 -11.16
CA HIS C 45 -29.62 21.77 -12.53
C HIS C 45 -30.88 20.91 -12.75
N PRO C 46 -32.08 21.54 -12.55
CA PRO C 46 -33.42 20.89 -12.66
C PRO C 46 -34.00 20.93 -14.07
N GLY C 47 -33.94 22.10 -14.70
CA GLY C 47 -34.52 22.35 -16.03
C GLY C 47 -34.45 21.19 -16.99
N THR C 48 -33.23 20.85 -17.38
CA THR C 48 -33.05 19.91 -18.47
C THR C 48 -33.64 18.56 -18.11
N ALA C 49 -33.44 18.15 -16.86
CA ALA C 49 -33.90 16.85 -16.39
C ALA C 49 -35.42 16.72 -16.57
N MET C 50 -36.13 17.83 -16.40
CA MET C 50 -37.54 17.91 -16.74
C MET C 50 -37.87 17.65 -18.25
N SER C 51 -37.25 18.41 -19.15
CA SER C 51 -37.60 18.30 -20.59
C SER C 51 -37.10 16.99 -21.21
N LEU C 52 -36.06 16.42 -20.60
CA LEU C 52 -35.51 15.23 -21.17
C LEU C 52 -36.15 13.97 -20.58
N ALA C 53 -37.05 14.20 -19.60
CA ALA C 53 -37.72 13.09 -18.94
C ALA C 53 -38.27 12.05 -19.94
N PRO C 54 -39.16 12.48 -20.85
CA PRO C 54 -39.74 11.48 -21.80
C PRO C 54 -38.68 10.63 -22.54
N LEU C 55 -37.58 11.31 -22.93
CA LEU C 55 -36.49 10.69 -23.72
C LEU C 55 -35.72 9.75 -22.84
N ALA C 56 -35.28 10.29 -21.70
CA ALA C 56 -34.55 9.48 -20.73
C ALA C 56 -35.41 8.27 -20.37
N TYR C 57 -36.68 8.53 -20.01
CA TYR C 57 -37.63 7.42 -19.77
C TYR C 57 -37.64 6.37 -20.87
N THR C 58 -37.76 6.82 -22.12
CA THR C 58 -37.84 5.91 -23.24
C THR C 58 -36.56 5.06 -23.43
N LEU C 59 -35.42 5.66 -23.07
CA LEU C 59 -34.15 5.02 -23.36
C LEU C 59 -33.91 3.88 -22.40
N PHE C 60 -34.17 4.14 -21.13
CA PHE C 60 -33.91 3.14 -20.07
C PHE C 60 -35.00 2.11 -20.01
N GLN C 61 -36.25 2.58 -19.93
CA GLN C 61 -37.38 1.68 -19.89
C GLN C 61 -37.45 0.73 -21.12
N ARG C 62 -37.24 1.30 -22.30
CA ARG C 62 -37.67 0.64 -23.53
C ARG C 62 -36.58 0.34 -24.54
N THR C 63 -35.89 1.41 -24.96
CA THR C 63 -34.85 1.31 -25.98
C THR C 63 -33.70 0.40 -25.61
N MET C 64 -33.10 0.62 -24.45
CA MET C 64 -31.81 -0.04 -24.13
C MET C 64 -31.87 -1.50 -23.69
N ARG C 65 -30.86 -2.25 -24.07
CA ARG C 65 -30.73 -3.58 -23.55
C ARG C 65 -29.73 -3.51 -22.39
N HIS C 66 -30.22 -3.64 -21.16
CA HIS C 66 -29.36 -3.69 -19.97
C HIS C 66 -30.03 -4.46 -18.82
N ASP C 67 -29.26 -4.87 -17.82
CA ASP C 67 -29.84 -5.56 -16.66
C ASP C 67 -29.60 -4.77 -15.39
N PRO C 68 -30.67 -4.23 -14.76
CA PRO C 68 -30.42 -3.27 -13.66
C PRO C 68 -29.84 -3.91 -12.39
N SER C 69 -29.70 -5.24 -12.36
CA SER C 69 -29.04 -5.90 -11.22
C SER C 69 -27.67 -6.51 -11.56
N ASP C 70 -27.17 -6.19 -12.76
CA ASP C 70 -25.75 -6.40 -13.13
C ASP C 70 -25.28 -5.26 -13.99
N THR C 71 -25.00 -4.11 -13.39
CA THR C 71 -24.50 -2.95 -14.14
C THR C 71 -23.14 -3.24 -14.81
N HIS C 72 -22.54 -4.38 -14.56
CA HIS C 72 -21.27 -4.74 -15.22
C HIS C 72 -21.47 -5.70 -16.37
N TRP C 73 -22.72 -6.09 -16.61
CA TRP C 73 -23.05 -7.02 -17.69
C TRP C 73 -22.33 -6.69 -19.01
N LEU C 74 -21.53 -7.64 -19.44
CA LEU C 74 -20.68 -7.50 -20.61
C LEU C 74 -21.43 -7.05 -21.85
N GLY C 75 -22.72 -7.40 -21.93
CA GLY C 75 -23.46 -7.24 -23.16
C GLY C 75 -24.48 -6.14 -23.13
N ARG C 76 -24.28 -5.19 -22.23
CA ARG C 76 -25.29 -4.14 -22.03
C ARG C 76 -25.07 -3.02 -23.04
N ASP C 77 -26.16 -2.38 -23.45
CA ASP C 77 -26.02 -1.12 -24.17
C ASP C 77 -25.39 -0.15 -23.18
N ARG C 78 -24.46 0.69 -23.66
CA ARG C 78 -23.83 1.74 -22.83
C ARG C 78 -24.46 3.09 -23.05
N PHE C 79 -24.68 3.83 -21.97
CA PHE C 79 -25.25 5.15 -22.09
C PHE C 79 -24.28 6.17 -21.52
N VAL C 80 -24.18 7.33 -22.18
CA VAL C 80 -23.33 8.41 -21.72
C VAL C 80 -24.13 9.70 -21.66
N LEU C 81 -24.23 10.31 -20.50
CA LEU C 81 -24.89 11.59 -20.44
C LEU C 81 -23.77 12.60 -20.52
N SER C 82 -23.53 13.12 -21.73
CA SER C 82 -22.42 14.07 -21.99
C SER C 82 -22.70 15.43 -21.41
N ALA C 83 -23.97 15.74 -21.22
CA ALA C 83 -24.37 16.98 -20.58
C ALA C 83 -24.39 16.72 -19.07
N GLY C 84 -23.21 16.58 -18.46
CA GLY C 84 -23.06 16.08 -17.09
C GLY C 84 -23.88 16.84 -16.06
N HIS C 85 -24.16 18.11 -16.35
CA HIS C 85 -24.92 18.93 -15.42
C HIS C 85 -26.36 18.40 -15.19
N SER C 86 -26.98 17.83 -16.21
CA SER C 86 -28.27 17.25 -15.91
C SER C 86 -28.11 15.84 -15.34
N SER C 87 -27.35 15.72 -14.23
CA SER C 87 -27.11 14.40 -13.64
C SER C 87 -28.40 13.69 -13.21
N LEU C 88 -29.30 14.43 -12.57
CA LEU C 88 -30.63 13.91 -12.24
C LEU C 88 -31.33 13.06 -13.32
N THR C 89 -31.20 13.44 -14.59
CA THR C 89 -31.71 12.64 -15.67
C THR C 89 -31.15 11.22 -15.63
N LEU C 90 -29.86 11.07 -15.30
CA LEU C 90 -29.34 9.70 -15.20
C LEU C 90 -29.76 9.11 -13.86
N TYR C 91 -29.75 9.94 -12.81
CA TYR C 91 -29.94 9.39 -11.46
C TYR C 91 -31.36 8.78 -11.36
N ILE C 92 -32.30 9.51 -11.94
CA ILE C 92 -33.68 9.20 -11.69
C ILE C 92 -34.02 7.91 -12.40
N GLN C 93 -33.36 7.68 -13.52
CA GLN C 93 -33.61 6.47 -14.26
C GLN C 93 -32.91 5.29 -13.58
N LEU C 94 -31.77 5.56 -12.98
CA LEU C 94 -31.08 4.55 -12.19
C LEU C 94 -31.94 4.08 -11.00
N TYR C 95 -32.58 5.06 -10.36
CA TYR C 95 -33.48 4.85 -9.24
C TYR C 95 -34.70 4.12 -9.75
N LEU C 96 -35.56 4.86 -10.46
CA LEU C 96 -36.76 4.25 -11.08
C LEU C 96 -36.57 2.84 -11.59
N GLY C 97 -35.46 2.53 -12.24
CA GLY C 97 -35.33 1.25 -12.92
C GLY C 97 -34.64 0.13 -12.19
N GLY C 98 -34.35 0.40 -10.91
CA GLY C 98 -33.83 -0.62 -9.97
C GLY C 98 -32.36 -0.87 -10.00
N PHE C 99 -31.58 0.13 -10.46
CA PHE C 99 -30.14 -0.01 -10.68
C PHE C 99 -29.27 0.07 -9.42
N GLY C 100 -29.85 0.55 -8.33
CA GLY C 100 -29.13 0.51 -7.06
C GLY C 100 -29.45 1.76 -6.28
N LEU C 101 -29.62 2.86 -6.98
CA LEU C 101 -30.04 4.09 -6.32
C LEU C 101 -31.44 3.96 -5.74
N GLU C 102 -31.62 4.58 -4.57
CA GLU C 102 -32.91 4.62 -3.86
C GLU C 102 -33.30 6.08 -3.69
N LEU C 103 -34.50 6.31 -3.14
CA LEU C 103 -35.03 7.64 -3.01
C LEU C 103 -34.17 8.49 -2.10
N SER C 104 -33.49 7.86 -1.12
CA SER C 104 -32.64 8.62 -0.19
C SER C 104 -31.40 9.16 -0.88
N ASP C 105 -31.02 8.53 -1.99
CA ASP C 105 -29.85 8.96 -2.74
C ASP C 105 -30.23 10.23 -3.44
N ILE C 106 -31.42 10.20 -4.08
CA ILE C 106 -32.00 11.39 -4.70
C ILE C 106 -32.12 12.56 -3.72
N GLU C 107 -32.43 12.23 -2.45
CA GLU C 107 -32.60 13.22 -1.38
C GLU C 107 -31.26 13.73 -0.89
N SER C 108 -30.19 13.14 -1.42
CA SER C 108 -28.85 13.47 -0.99
C SER C 108 -28.09 14.17 -2.09
N LEU C 109 -28.78 14.51 -3.17
CA LEU C 109 -28.13 15.23 -4.26
C LEU C 109 -27.13 16.27 -3.71
N ARG C 110 -25.91 16.26 -4.26
CA ARG C 110 -24.87 17.27 -3.97
C ARG C 110 -24.50 17.50 -2.48
N THR C 111 -24.50 16.43 -1.68
CA THR C 111 -23.98 16.50 -0.30
C THR C 111 -22.76 15.61 -0.08
N TRP C 112 -21.91 16.01 0.89
CA TRP C 112 -20.71 15.22 1.23
C TRP C 112 -20.97 13.69 1.14
N GLY C 113 -20.36 13.07 0.12
CA GLY C 113 -20.15 11.64 0.08
C GLY C 113 -21.34 10.86 -0.42
N SER C 114 -22.33 11.55 -0.98
CA SER C 114 -23.58 10.89 -1.39
C SER C 114 -23.31 10.13 -2.71
N LYS C 115 -24.23 9.28 -3.15
CA LYS C 115 -24.06 8.50 -4.41
C LYS C 115 -24.48 9.33 -5.62
N THR C 116 -24.87 10.57 -5.33
CA THR C 116 -25.41 11.47 -6.32
C THR C 116 -24.70 12.83 -6.26
N PRO C 117 -23.39 12.89 -6.65
CA PRO C 117 -22.75 14.19 -6.76
C PRO C 117 -23.31 15.01 -7.94
N GLY C 118 -23.01 16.31 -7.92
CA GLY C 118 -23.39 17.22 -8.98
C GLY C 118 -23.30 16.75 -10.40
N HIS C 119 -22.23 16.04 -10.73
CA HIS C 119 -22.02 15.55 -12.06
C HIS C 119 -21.73 14.11 -11.87
N PRO C 120 -22.18 13.22 -12.79
CA PRO C 120 -22.05 11.79 -12.49
C PRO C 120 -20.59 11.39 -12.41
N GLU C 121 -20.27 10.46 -11.50
CA GLU C 121 -18.87 10.06 -11.29
C GLU C 121 -18.70 8.58 -11.41
N PHE C 122 -17.86 8.19 -12.36
CA PHE C 122 -17.54 6.77 -12.60
C PHE C 122 -17.08 6.10 -11.32
N ARG C 123 -17.67 4.95 -10.99
CA ARG C 123 -17.31 4.22 -9.79
C ARG C 123 -18.00 4.65 -8.50
N HIS C 124 -18.53 5.86 -8.46
CA HIS C 124 -19.27 6.37 -7.31
C HIS C 124 -20.70 5.89 -7.27
N THR C 125 -21.26 5.64 -8.45
CA THR C 125 -22.63 5.26 -8.63
C THR C 125 -22.73 4.07 -9.56
N PRO C 126 -23.57 3.06 -9.22
CA PRO C 126 -23.72 1.90 -10.13
C PRO C 126 -24.39 2.30 -11.42
N GLY C 127 -23.81 1.87 -12.54
CA GLY C 127 -24.41 2.23 -13.82
C GLY C 127 -24.05 3.58 -14.43
N VAL C 128 -23.11 4.32 -13.84
CA VAL C 128 -22.56 5.51 -14.50
C VAL C 128 -21.37 4.98 -15.22
N GLU C 129 -21.31 5.20 -16.53
CA GLU C 129 -20.30 4.56 -17.34
C GLU C 129 -19.00 5.40 -17.40
N ILE C 130 -19.10 6.67 -17.05
CA ILE C 130 -17.99 7.58 -17.24
C ILE C 130 -18.23 8.91 -16.49
N THR C 131 -17.13 9.53 -16.06
CA THR C 131 -17.30 10.82 -15.38
C THR C 131 -17.47 11.89 -16.43
N THR C 132 -18.48 12.74 -16.27
CA THR C 132 -18.75 13.79 -17.24
C THR C 132 -19.00 15.05 -16.47
N GLY C 133 -19.14 16.17 -17.15
CA GLY C 133 -19.18 17.49 -16.47
C GLY C 133 -18.42 18.49 -17.31
N PRO C 134 -17.12 18.26 -17.53
CA PRO C 134 -16.51 19.14 -18.54
C PRO C 134 -17.15 18.86 -19.92
N LEU C 135 -17.87 19.87 -20.42
CA LEU C 135 -18.63 19.71 -21.63
C LEU C 135 -17.81 19.18 -22.79
N GLY C 136 -18.42 18.29 -23.58
CA GLY C 136 -17.76 17.72 -24.72
C GLY C 136 -17.15 16.38 -24.45
N GLN C 137 -16.67 16.19 -23.20
CA GLN C 137 -15.92 14.97 -22.84
C GLN C 137 -16.70 13.68 -23.01
N GLY C 138 -17.99 13.70 -22.65
CA GLY C 138 -18.78 12.46 -22.67
C GLY C 138 -19.02 12.00 -24.10
N LEU C 139 -19.34 12.97 -24.95
CA LEU C 139 -19.60 12.67 -26.35
C LEU C 139 -18.35 12.16 -27.04
N ALA C 140 -17.26 12.90 -26.88
CA ALA C 140 -15.98 12.56 -27.50
C ALA C 140 -15.55 11.18 -27.04
N SER C 141 -15.66 10.87 -25.75
CA SER C 141 -15.40 9.51 -25.29
C SER C 141 -16.37 8.47 -25.80
N ALA C 142 -17.66 8.85 -25.96
CA ALA C 142 -18.67 7.87 -26.49
C ALA C 142 -18.10 7.27 -27.79
N VAL C 143 -17.62 8.18 -28.66
CA VAL C 143 -16.90 7.84 -29.87
C VAL C 143 -15.88 6.74 -29.56
N GLY C 144 -15.01 6.99 -28.60
CA GLY C 144 -13.98 5.99 -28.22
C GLY C 144 -14.63 4.66 -27.84
N MET C 145 -15.72 4.75 -27.08
CA MET C 145 -16.46 3.53 -26.69
C MET C 145 -16.92 2.77 -27.94
N ALA C 146 -17.67 3.47 -28.82
CA ALA C 146 -18.04 2.89 -30.11
C ALA C 146 -16.83 2.21 -30.75
N MET C 147 -15.71 2.92 -30.92
CA MET C 147 -14.56 2.28 -31.57
C MET C 147 -14.13 1.01 -30.83
N ALA C 148 -14.15 1.07 -29.50
CA ALA C 148 -13.71 -0.07 -28.74
C ALA C 148 -14.61 -1.26 -29.08
N SER C 149 -15.94 -1.07 -29.07
CA SER C 149 -16.82 -2.21 -29.33
C SER C 149 -16.50 -2.95 -30.63
N ARG C 150 -16.11 -2.20 -31.66
CA ARG C 150 -15.77 -2.79 -32.95
CA ARG C 150 -15.77 -2.79 -32.94
C ARG C 150 -14.51 -3.59 -32.79
N TYR C 151 -13.55 -3.04 -32.09
CA TYR C 151 -12.27 -3.70 -32.05
C TYR C 151 -12.35 -4.90 -31.14
N GLU C 152 -13.18 -4.79 -30.09
CA GLU C 152 -13.44 -5.91 -29.18
C GLU C 152 -14.18 -7.05 -29.89
N ARG C 153 -15.14 -6.71 -30.74
CA ARG C 153 -15.75 -7.67 -31.66
C ARG C 153 -14.71 -8.38 -32.53
N GLY C 154 -13.79 -7.63 -33.10
CA GLY C 154 -12.70 -8.26 -33.82
C GLY C 154 -11.97 -9.36 -33.07
N LEU C 155 -11.74 -9.14 -31.77
CA LEU C 155 -10.97 -10.07 -30.95
C LEU C 155 -11.76 -11.28 -30.47
N PHE C 156 -13.06 -11.15 -30.28
CA PHE C 156 -13.84 -12.19 -29.62
C PHE C 156 -14.71 -13.01 -30.59
N ASP C 157 -15.43 -12.29 -31.46
CA ASP C 157 -16.42 -12.86 -32.40
C ASP C 157 -16.44 -12.12 -33.79
N PRO C 158 -15.33 -12.23 -34.58
CA PRO C 158 -15.19 -11.50 -35.87
C PRO C 158 -16.05 -12.04 -37.02
N ASP C 159 -16.12 -13.36 -37.11
CA ASP C 159 -16.86 -14.10 -38.12
C ASP C 159 -18.34 -14.16 -37.84
N ALA C 160 -18.80 -13.58 -36.73
CA ALA C 160 -20.24 -13.44 -36.49
C ALA C 160 -20.91 -12.51 -37.52
N GLU C 161 -22.24 -12.45 -37.54
CA GLU C 161 -22.91 -11.65 -38.57
C GLU C 161 -23.49 -10.37 -38.00
N PRO C 162 -23.59 -9.29 -38.84
CA PRO C 162 -24.09 -8.00 -38.38
C PRO C 162 -25.31 -8.07 -37.44
N GLY C 163 -25.07 -7.98 -36.13
CA GLY C 163 -26.15 -7.96 -35.14
C GLY C 163 -26.35 -9.29 -34.44
N ALA C 164 -25.74 -10.35 -34.97
CA ALA C 164 -25.94 -11.71 -34.43
C ALA C 164 -25.00 -12.08 -33.25
N SER C 165 -24.06 -11.17 -32.92
CA SER C 165 -23.08 -11.44 -31.84
C SER C 165 -23.59 -11.10 -30.46
N PRO C 166 -23.18 -11.90 -29.47
CA PRO C 166 -23.42 -11.44 -28.10
C PRO C 166 -22.62 -10.13 -27.81
N PHE C 167 -21.48 -9.94 -28.49
CA PHE C 167 -20.73 -8.67 -28.39
C PHE C 167 -21.30 -7.48 -29.19
N ASP C 168 -22.51 -7.58 -29.71
CA ASP C 168 -23.07 -6.48 -30.47
C ASP C 168 -24.04 -5.71 -29.58
N HIS C 169 -23.84 -4.40 -29.46
CA HIS C 169 -24.69 -3.54 -28.62
C HIS C 169 -24.52 -2.10 -29.10
N TYR C 170 -25.24 -1.17 -28.47
CA TYR C 170 -25.21 0.23 -28.84
C TYR C 170 -24.64 1.17 -27.76
N ILE C 171 -24.22 2.36 -28.23
CA ILE C 171 -23.78 3.46 -27.41
C ILE C 171 -24.73 4.67 -27.59
N TYR C 172 -25.44 5.02 -26.55
CA TYR C 172 -26.36 6.15 -26.65
C TYR C 172 -25.70 7.26 -25.92
N VAL C 173 -25.91 8.49 -26.38
CA VAL C 173 -25.24 9.64 -25.80
C VAL C 173 -26.23 10.78 -25.78
N ILE C 174 -26.41 11.42 -24.63
CA ILE C 174 -27.21 12.65 -24.63
C ILE C 174 -26.24 13.82 -24.55
N ALA C 175 -26.32 14.72 -25.55
CA ALA C 175 -25.48 15.92 -25.58
C ALA C 175 -26.32 17.17 -25.59
N SER C 176 -25.77 18.28 -25.11
CA SER C 176 -26.49 19.54 -25.07
C SER C 176 -25.81 20.59 -25.93
N ASP C 177 -26.37 21.82 -26.00
CA ASP C 177 -25.79 22.95 -26.78
C ASP C 177 -24.29 23.18 -26.51
N GLY C 178 -23.92 23.18 -25.22
CA GLY C 178 -22.50 23.30 -24.80
C GLY C 178 -21.59 22.20 -25.37
N ASP C 179 -22.07 20.95 -25.34
CA ASP C 179 -21.32 19.86 -25.94
C ASP C 179 -21.12 20.14 -27.41
N ILE C 180 -22.15 20.68 -28.08
CA ILE C 180 -22.16 20.88 -29.54
C ILE C 180 -21.19 22.02 -29.89
N GLU C 181 -21.07 23.01 -29.04
CA GLU C 181 -20.15 24.11 -29.27
C GLU C 181 -18.66 23.75 -29.08
N GLU C 182 -18.38 22.76 -28.23
CA GLU C 182 -17.02 22.48 -27.87
C GLU C 182 -16.19 21.81 -28.97
N GLY C 183 -15.08 22.46 -29.32
CA GLY C 183 -14.12 21.91 -30.28
C GLY C 183 -13.89 20.40 -30.22
N VAL C 184 -13.74 19.84 -29.02
CA VAL C 184 -13.47 18.39 -28.89
C VAL C 184 -14.59 17.58 -29.60
N THR C 185 -15.83 18.13 -29.55
CA THR C 185 -16.99 17.46 -30.14
C THR C 185 -16.85 17.36 -31.65
N SER C 186 -16.54 18.50 -32.27
CA SER C 186 -16.20 18.53 -33.71
C SER C 186 -15.19 17.45 -34.05
N GLU C 187 -14.04 17.51 -33.43
CA GLU C 187 -13.00 16.57 -33.78
C GLU C 187 -13.55 15.15 -33.70
N ALA C 188 -14.14 14.80 -32.54
CA ALA C 188 -14.66 13.44 -32.33
C ALA C 188 -15.68 13.07 -33.40
N SER C 189 -16.66 13.93 -33.59
CA SER C 189 -17.67 13.67 -34.59
C SER C 189 -17.11 13.41 -36.00
N SER C 190 -16.10 14.20 -36.37
CA SER C 190 -15.53 14.15 -37.68
C SER C 190 -14.88 12.78 -37.88
N LEU C 191 -14.14 12.32 -36.89
CA LEU C 191 -13.49 11.06 -36.95
C LEU C 191 -14.45 9.92 -36.76
N ALA C 192 -15.64 10.19 -36.20
CA ALA C 192 -16.63 9.14 -35.99
C ALA C 192 -17.19 8.68 -37.35
N ALA C 193 -17.51 9.70 -38.16
CA ALA C 193 -17.93 9.44 -39.53
C ALA C 193 -16.88 8.68 -40.29
N VAL C 194 -15.60 9.11 -40.24
CA VAL C 194 -14.54 8.39 -40.97
C VAL C 194 -14.67 6.91 -40.69
N GLN C 195 -14.73 6.56 -39.41
CA GLN C 195 -14.76 5.17 -38.96
C GLN C 195 -16.13 4.52 -39.00
N GLN C 196 -17.17 5.28 -39.32
CA GLN C 196 -18.45 4.67 -39.74
C GLN C 196 -19.05 3.83 -38.60
N LEU C 197 -19.10 4.44 -37.43
CA LEU C 197 -19.46 3.74 -36.22
C LEU C 197 -20.97 3.55 -36.17
N GLY C 198 -21.41 2.48 -36.83
CA GLY C 198 -22.84 2.24 -37.04
C GLY C 198 -23.61 2.17 -35.74
N ASN C 199 -22.94 1.62 -34.72
CA ASN C 199 -23.54 1.48 -33.39
C ASN C 199 -23.34 2.60 -32.43
N LEU C 200 -23.42 3.87 -32.88
CA LEU C 200 -23.33 5.06 -31.98
C LEU C 200 -24.47 5.99 -32.31
N ILE C 201 -25.30 6.31 -31.35
CA ILE C 201 -26.54 7.03 -31.58
C ILE C 201 -26.59 8.09 -30.51
N VAL C 202 -26.70 9.35 -30.93
CA VAL C 202 -26.49 10.51 -30.06
C VAL C 202 -27.73 11.33 -30.16
N PHE C 203 -28.25 11.77 -29.03
CA PHE C 203 -29.30 12.77 -29.09
C PHE C 203 -28.67 14.07 -28.73
N TYR C 204 -29.02 15.11 -29.47
CA TYR C 204 -28.60 16.46 -29.15
C TYR C 204 -29.82 17.25 -28.68
N ASP C 205 -29.81 17.68 -27.44
CA ASP C 205 -30.88 18.49 -26.91
C ASP C 205 -30.73 19.91 -27.37
N ARG C 206 -31.15 20.14 -28.60
CA ARG C 206 -31.22 21.50 -29.13
C ARG C 206 -32.34 22.29 -28.48
N ASN C 207 -32.02 23.21 -27.58
CA ASN C 207 -33.09 23.83 -26.79
C ASN C 207 -32.99 25.33 -26.63
N GLN C 208 -32.16 25.96 -27.47
CA GLN C 208 -31.93 27.43 -27.50
C GLN C 208 -31.61 28.07 -26.16
N ILE C 209 -31.11 27.24 -25.25
CA ILE C 209 -30.79 27.72 -23.89
C ILE C 209 -29.48 27.16 -23.34
N SER C 210 -28.75 28.08 -22.73
CA SER C 210 -27.51 27.82 -22.01
C SER C 210 -27.38 28.90 -20.94
N ILE C 211 -26.21 28.98 -20.30
CA ILE C 211 -26.14 29.81 -19.09
C ILE C 211 -26.42 31.28 -19.39
N GLU C 212 -26.08 31.75 -20.59
CA GLU C 212 -26.34 33.18 -20.95
C GLU C 212 -27.73 33.38 -21.61
N ASP C 213 -28.71 32.62 -21.12
CA ASP C 213 -30.06 32.55 -21.68
C ASP C 213 -30.13 31.97 -23.10
N ASP C 214 -30.85 32.67 -24.00
CA ASP C 214 -31.09 32.31 -25.45
C ASP C 214 -29.82 32.15 -26.33
N THR C 215 -29.62 30.96 -26.89
CA THR C 215 -28.36 30.65 -27.59
C THR C 215 -28.06 31.48 -28.83
N ASN C 216 -29.09 32.13 -29.39
CA ASN C 216 -28.89 33.03 -30.53
C ASN C 216 -27.76 34.05 -30.37
N ILE C 217 -27.41 34.42 -29.14
CA ILE C 217 -26.35 35.43 -28.91
C ILE C 217 -24.94 34.92 -29.22
N ALA C 218 -24.82 33.63 -29.58
CA ALA C 218 -23.50 33.02 -29.75
C ALA C 218 -23.58 31.71 -30.51
N LEU C 219 -24.75 31.40 -31.05
CA LEU C 219 -24.92 30.16 -31.77
C LEU C 219 -25.98 30.32 -32.84
N CYS C 220 -25.53 30.51 -34.09
CA CYS C 220 -26.41 30.61 -35.27
C CYS C 220 -26.28 29.39 -36.27
N GLU C 221 -25.26 28.55 -36.11
CA GLU C 221 -25.02 27.44 -37.05
C GLU C 221 -26.20 26.44 -37.16
N ASP C 222 -26.28 25.78 -38.32
CA ASP C 222 -27.21 24.72 -38.57
C ASP C 222 -26.48 23.44 -38.25
N THR C 223 -26.56 23.08 -36.96
CA THR C 223 -25.83 21.95 -36.43
C THR C 223 -26.05 20.65 -37.17
N ALA C 224 -27.30 20.44 -37.60
CA ALA C 224 -27.70 19.19 -38.29
C ALA C 224 -27.01 19.06 -39.64
N ALA C 225 -26.97 20.18 -40.39
CA ALA C 225 -26.19 20.25 -41.64
C ALA C 225 -24.71 19.87 -41.43
N ARG C 226 -24.12 20.57 -40.45
CA ARG C 226 -22.76 20.28 -40.06
C ARG C 226 -22.59 18.79 -39.88
N TYR C 227 -23.59 18.12 -39.30
CA TYR C 227 -23.41 16.67 -39.09
C TYR C 227 -23.46 15.88 -40.36
N ARG C 228 -24.40 16.27 -41.22
CA ARG C 228 -24.42 15.72 -42.60
C ARG C 228 -23.03 15.93 -43.28
N ALA C 229 -22.51 17.16 -43.26
CA ALA C 229 -21.15 17.40 -43.77
C ALA C 229 -20.10 16.39 -43.30
N TYR C 230 -20.10 16.00 -42.03
CA TYR C 230 -19.17 14.95 -41.56
C TYR C 230 -19.32 13.61 -42.23
N GLY C 231 -20.57 13.23 -42.45
CA GLY C 231 -20.83 11.88 -42.95
C GLY C 231 -21.78 11.12 -42.06
N TRP C 232 -22.55 11.85 -41.24
CA TRP C 232 -23.32 11.25 -40.16
C TRP C 232 -24.74 11.05 -40.65
N HIS C 233 -25.38 9.93 -40.30
CA HIS C 233 -26.84 9.77 -40.44
C HIS C 233 -27.61 10.71 -39.53
N VAL C 234 -28.13 11.80 -40.08
CA VAL C 234 -28.80 12.83 -39.27
C VAL C 234 -30.29 12.76 -39.40
N GLN C 235 -31.03 13.10 -38.32
CA GLN C 235 -32.47 13.29 -38.34
C GLN C 235 -32.86 14.40 -37.39
N GLU C 236 -33.95 15.10 -37.69
CA GLU C 236 -34.46 16.10 -36.75
C GLU C 236 -35.82 15.63 -36.26
N VAL C 237 -36.00 15.70 -34.93
CA VAL C 237 -37.27 15.44 -34.30
C VAL C 237 -37.67 16.73 -33.58
N GLU C 238 -38.97 16.95 -33.44
CA GLU C 238 -39.43 18.20 -32.92
C GLU C 238 -40.30 17.92 -31.71
N GLY C 239 -39.97 18.61 -30.60
CA GLY C 239 -40.72 18.56 -29.35
C GLY C 239 -40.22 17.54 -28.33
N GLY C 240 -40.03 18.04 -27.13
CA GLY C 240 -39.67 17.18 -26.00
C GLY C 240 -40.67 16.06 -25.71
N GLU C 241 -41.94 16.30 -26.03
CA GLU C 241 -42.97 15.30 -25.70
C GLU C 241 -43.22 14.27 -26.81
N ASN C 242 -42.46 14.36 -27.90
CA ASN C 242 -42.85 13.57 -29.06
C ASN C 242 -42.17 12.20 -29.09
N VAL C 243 -42.67 11.37 -28.18
CA VAL C 243 -42.12 10.03 -27.98
C VAL C 243 -42.17 9.17 -29.26
N VAL C 244 -43.19 9.45 -30.11
CA VAL C 244 -43.38 8.66 -31.34
C VAL C 244 -42.24 9.05 -32.24
N GLY C 245 -42.05 10.36 -32.40
CA GLY C 245 -40.94 10.89 -33.20
C GLY C 245 -39.64 10.25 -32.73
N ILE C 246 -39.44 10.34 -31.42
CA ILE C 246 -38.22 9.79 -30.81
C ILE C 246 -38.02 8.31 -31.15
N GLU C 247 -39.09 7.52 -31.01
CA GLU C 247 -38.91 6.11 -31.20
C GLU C 247 -38.70 5.72 -32.66
N GLU C 248 -39.33 6.46 -33.57
CA GLU C 248 -39.02 6.20 -35.00
C GLU C 248 -37.59 6.59 -35.32
N ALA C 249 -37.21 7.82 -34.89
CA ALA C 249 -35.79 8.24 -34.98
C ALA C 249 -34.88 7.12 -34.49
N ILE C 250 -35.17 6.60 -33.30
CA ILE C 250 -34.36 5.50 -32.77
C ILE C 250 -34.22 4.30 -33.72
N ALA C 251 -35.35 3.75 -34.19
CA ALA C 251 -35.32 2.56 -35.11
C ALA C 251 -34.69 2.87 -36.48
N ASN C 252 -34.91 4.08 -36.99
CA ASN C 252 -34.19 4.54 -38.21
C ASN C 252 -32.67 4.46 -37.97
N ALA C 253 -32.21 5.06 -36.86
CA ALA C 253 -30.82 4.98 -36.50
C ALA C 253 -30.29 3.51 -36.41
N GLN C 254 -31.00 2.62 -35.68
CA GLN C 254 -30.55 1.22 -35.54
C GLN C 254 -30.54 0.52 -36.88
N ALA C 255 -31.46 0.93 -37.76
CA ALA C 255 -31.47 0.39 -39.13
C ALA C 255 -30.20 0.78 -39.90
N VAL C 256 -29.65 1.95 -39.62
CA VAL C 256 -28.46 2.40 -40.36
C VAL C 256 -27.20 1.96 -39.66
N THR C 257 -26.47 1.05 -40.31
CA THR C 257 -25.30 0.41 -39.70
C THR C 257 -23.91 0.83 -40.27
N ASP C 258 -23.86 1.79 -41.19
CA ASP C 258 -22.57 2.22 -41.78
C ASP C 258 -22.27 3.72 -41.49
N ARG C 259 -23.16 4.37 -40.73
CA ARG C 259 -22.98 5.75 -40.35
C ARG C 259 -23.42 6.04 -38.88
N PRO C 260 -22.53 6.72 -38.11
CA PRO C 260 -23.00 7.02 -36.77
C PRO C 260 -24.18 7.94 -36.90
N SER C 261 -25.22 7.74 -36.09
CA SER C 261 -26.45 8.52 -36.16
C SER C 261 -26.54 9.70 -35.14
N PHE C 262 -27.11 10.82 -35.59
CA PHE C 262 -27.23 12.02 -34.78
C PHE C 262 -28.69 12.43 -34.88
N ILE C 263 -29.30 12.84 -33.76
CA ILE C 263 -30.74 13.11 -33.71
C ILE C 263 -30.97 14.39 -33.00
N ALA C 264 -31.16 15.47 -33.72
CA ALA C 264 -31.42 16.75 -33.05
C ALA C 264 -32.86 16.78 -32.56
N LEU C 265 -33.01 16.70 -31.24
CA LEU C 265 -34.30 16.89 -30.62
C LEU C 265 -34.50 18.34 -30.24
N ARG C 266 -35.53 18.98 -30.78
CA ARG C 266 -35.82 20.38 -30.42
C ARG C 266 -36.73 20.39 -29.20
N THR C 267 -36.45 21.23 -28.20
CA THR C 267 -37.03 21.06 -26.86
C THR C 267 -37.15 22.40 -26.23
N VAL C 268 -38.09 22.52 -25.26
CA VAL C 268 -38.23 23.69 -24.41
C VAL C 268 -37.72 23.32 -23.03
N ILE C 269 -36.66 24.03 -22.58
CA ILE C 269 -35.98 23.68 -21.33
C ILE C 269 -36.97 23.88 -20.19
N GLY C 270 -37.02 22.91 -19.26
CA GLY C 270 -37.75 23.11 -17.98
C GLY C 270 -39.28 23.10 -18.07
N TYR C 271 -39.79 22.49 -19.13
CA TYR C 271 -41.21 22.23 -19.24
C TYR C 271 -41.60 21.25 -18.12
N PRO C 272 -42.66 21.57 -17.36
CA PRO C 272 -43.66 22.62 -17.63
C PRO C 272 -43.65 23.81 -16.67
N ALA C 273 -42.47 24.21 -16.22
CA ALA C 273 -42.40 25.33 -15.25
C ALA C 273 -43.00 26.52 -15.94
N PRO C 274 -44.18 26.96 -15.45
CA PRO C 274 -44.92 28.05 -16.10
C PRO C 274 -44.13 29.35 -16.29
N ASN C 275 -43.29 29.76 -15.33
CA ASN C 275 -42.50 31.02 -15.49
C ASN C 275 -40.99 30.86 -15.81
N LEU C 276 -40.46 29.69 -15.54
CA LEU C 276 -39.02 29.50 -15.61
C LEU C 276 -38.64 28.65 -16.82
N MET C 277 -39.57 27.91 -17.41
CA MET C 277 -39.24 27.18 -18.64
C MET C 277 -38.72 28.13 -19.75
N ASP C 278 -37.91 27.59 -20.67
CA ASP C 278 -37.37 28.39 -21.79
C ASP C 278 -36.46 29.57 -21.36
N THR C 279 -35.92 29.51 -20.13
CA THR C 279 -34.97 30.52 -19.64
C THR C 279 -33.70 29.89 -19.06
N GLY C 280 -32.61 30.65 -19.03
CA GLY C 280 -31.33 30.20 -18.39
C GLY C 280 -31.42 29.84 -16.92
N LYS C 281 -32.45 30.39 -16.27
CA LYS C 281 -32.72 30.12 -14.84
C LYS C 281 -33.22 28.69 -14.59
N ALA C 282 -33.92 28.09 -15.55
CA ALA C 282 -34.25 26.69 -15.40
C ALA C 282 -33.03 25.74 -15.45
N HIS C 283 -31.92 26.21 -16.06
CA HIS C 283 -30.71 25.37 -16.26
C HIS C 283 -29.98 25.05 -14.95
N GLY C 284 -29.73 26.08 -14.14
CA GLY C 284 -28.72 25.99 -13.09
C GLY C 284 -28.95 26.68 -11.74
N ALA C 285 -30.21 26.83 -11.36
CA ALA C 285 -30.59 27.13 -10.00
C ALA C 285 -31.83 26.35 -9.58
N ALA C 286 -32.14 26.50 -8.30
CA ALA C 286 -33.35 25.93 -7.74
C ALA C 286 -34.46 26.84 -8.25
N LEU C 287 -35.53 26.20 -8.74
CA LEU C 287 -36.73 26.94 -9.17
C LEU C 287 -37.26 27.98 -8.12
N GLY C 288 -37.18 27.64 -6.83
CA GLY C 288 -37.91 28.35 -5.77
C GLY C 288 -39.18 27.57 -5.40
N ASP C 289 -39.74 27.90 -4.22
CA ASP C 289 -40.88 27.12 -3.66
C ASP C 289 -42.19 27.24 -4.48
N ASP C 290 -42.45 28.47 -4.94
CA ASP C 290 -43.63 28.77 -5.75
C ASP C 290 -43.62 28.05 -7.09
N GLU C 291 -42.47 28.11 -7.78
CA GLU C 291 -42.41 27.47 -9.09
C GLU C 291 -42.57 25.95 -8.95
N VAL C 292 -42.00 25.43 -7.85
CA VAL C 292 -42.08 24.00 -7.55
C VAL C 292 -43.53 23.67 -7.30
N ALA C 293 -44.14 24.45 -6.41
CA ALA C 293 -45.55 24.29 -6.09
C ALA C 293 -46.38 24.23 -7.40
N ALA C 294 -46.28 25.33 -8.15
CA ALA C 294 -46.96 25.48 -9.44
C ALA C 294 -46.82 24.24 -10.35
N VAL C 295 -45.65 23.64 -10.33
CA VAL C 295 -45.33 22.54 -11.23
C VAL C 295 -46.09 21.27 -10.85
N LYS C 296 -46.17 21.05 -9.56
CA LYS C 296 -46.90 19.89 -9.04
C LYS C 296 -48.40 20.04 -9.40
N LYS C 297 -48.95 21.22 -9.12
CA LYS C 297 -50.34 21.56 -9.55
C LYS C 297 -50.58 21.22 -11.02
N ILE C 298 -49.75 21.77 -11.91
CA ILE C 298 -49.91 21.47 -13.32
C ILE C 298 -49.89 19.95 -13.62
N VAL C 299 -49.11 19.17 -12.86
CA VAL C 299 -49.03 17.71 -13.15
C VAL C 299 -49.93 16.83 -12.29
N GLY C 300 -50.62 17.46 -11.33
CA GLY C 300 -51.60 16.75 -10.52
C GLY C 300 -50.90 16.11 -9.32
N PHE C 301 -50.01 16.88 -8.71
CA PHE C 301 -49.16 16.39 -7.64
C PHE C 301 -49.43 17.26 -6.44
N ASP C 302 -49.28 16.68 -5.25
CA ASP C 302 -49.49 17.38 -4.00
C ASP C 302 -48.39 18.44 -3.87
N PRO C 303 -48.78 19.74 -3.88
CA PRO C 303 -47.80 20.84 -3.65
C PRO C 303 -47.25 20.98 -2.24
N ASP C 304 -47.69 20.13 -1.32
CA ASP C 304 -47.25 20.26 0.08
C ASP C 304 -46.29 19.12 0.49
N LYS C 305 -46.26 18.05 -0.32
CA LYS C 305 -45.39 16.88 -0.08
C LYS C 305 -44.23 16.77 -1.10
N THR C 306 -43.03 16.45 -0.62
CA THR C 306 -41.89 16.31 -1.52
C THR C 306 -41.53 14.83 -1.80
N PHE C 307 -40.74 14.60 -2.82
CA PHE C 307 -40.24 13.27 -3.13
C PHE C 307 -41.32 12.22 -3.09
N GLN C 308 -42.45 12.55 -3.69
CA GLN C 308 -43.59 11.68 -3.73
C GLN C 308 -43.49 10.75 -4.90
N VAL C 309 -43.56 9.45 -4.66
CA VAL C 309 -43.49 8.48 -5.73
C VAL C 309 -44.61 7.45 -5.56
N ARG C 310 -45.64 7.56 -6.39
CA ARG C 310 -46.75 6.62 -6.38
C ARG C 310 -46.28 5.18 -6.54
N GLU C 311 -46.96 4.30 -5.83
CA GLU C 311 -46.55 2.92 -5.77
C GLU C 311 -46.69 2.28 -7.16
N ASP C 312 -47.73 2.66 -7.91
CA ASP C 312 -47.98 2.03 -9.23
C ASP C 312 -46.96 2.51 -10.25
N VAL C 313 -46.49 3.73 -10.06
CA VAL C 313 -45.41 4.25 -10.89
C VAL C 313 -44.18 3.36 -10.72
N LEU C 314 -43.72 3.24 -9.46
CA LEU C 314 -42.46 2.52 -9.18
C LEU C 314 -42.51 1.03 -9.52
N THR C 315 -43.64 0.41 -9.20
CA THR C 315 -43.95 -0.95 -9.61
C THR C 315 -43.75 -1.09 -11.09
N HIS C 316 -44.31 -0.14 -11.84
CA HIS C 316 -44.19 -0.19 -13.32
C HIS C 316 -42.71 -0.07 -13.82
N THR C 317 -42.04 1.01 -13.37
CA THR C 317 -40.67 1.30 -13.79
C THR C 317 -39.73 0.18 -13.37
N ARG C 318 -40.00 -0.42 -12.21
CA ARG C 318 -39.12 -1.49 -11.71
C ARG C 318 -39.22 -2.77 -12.53
N GLY C 319 -40.17 -2.83 -13.47
CA GLY C 319 -40.36 -4.02 -14.28
C GLY C 319 -39.06 -4.27 -15.01
N LEU C 320 -38.25 -3.20 -15.14
CA LEU C 320 -37.00 -3.25 -15.88
C LEU C 320 -36.04 -4.26 -15.30
N VAL C 321 -36.01 -4.35 -13.97
CA VAL C 321 -35.29 -5.43 -13.31
C VAL C 321 -35.66 -6.80 -13.90
N ALA C 322 -36.98 -7.11 -13.94
CA ALA C 322 -37.45 -8.38 -14.53
C ALA C 322 -37.09 -8.48 -16.02
N ARG C 323 -37.51 -7.51 -16.84
CA ARG C 323 -37.08 -7.51 -18.27
C ARG C 323 -35.56 -7.69 -18.42
N GLY C 324 -34.79 -6.89 -17.66
CA GLY C 324 -33.32 -6.93 -17.70
C GLY C 324 -32.75 -8.29 -17.40
N LYS C 325 -33.32 -8.92 -16.39
CA LYS C 325 -33.00 -10.31 -16.04
C LYS C 325 -33.16 -11.27 -17.25
N GLN C 326 -34.34 -11.28 -17.88
CA GLN C 326 -34.62 -12.28 -18.98
C GLN C 326 -33.74 -12.03 -20.17
N ALA C 327 -33.56 -10.76 -20.52
CA ALA C 327 -32.67 -10.38 -21.61
C ALA C 327 -31.27 -10.92 -21.34
N HIS C 328 -30.81 -10.68 -20.11
CA HIS C 328 -29.54 -11.23 -19.65
C HIS C 328 -29.45 -12.78 -19.76
N GLU C 329 -30.54 -13.46 -19.41
CA GLU C 329 -30.64 -14.92 -19.53
C GLU C 329 -30.60 -15.40 -21.01
N ARG C 330 -31.36 -14.77 -21.90
CA ARG C 330 -31.36 -15.16 -23.31
C ARG C 330 -29.97 -14.97 -23.90
N TRP C 331 -29.37 -13.85 -23.54
CA TRP C 331 -28.03 -13.46 -23.98
C TRP C 331 -27.03 -14.49 -23.57
N GLN C 332 -27.18 -15.02 -22.35
CA GLN C 332 -26.26 -16.03 -21.79
C GLN C 332 -26.11 -17.33 -22.62
N LEU C 333 -27.24 -17.77 -23.17
CA LEU C 333 -27.23 -18.95 -24.03
C LEU C 333 -26.35 -18.69 -25.23
N GLU C 334 -26.56 -17.57 -25.91
CA GLU C 334 -25.71 -17.20 -27.06
C GLU C 334 -24.24 -17.13 -26.68
N PHE C 335 -23.94 -16.49 -25.55
CA PHE C 335 -22.57 -16.37 -25.06
C PHE C 335 -21.94 -17.74 -24.87
N ASP C 336 -22.67 -18.60 -24.15
CA ASP C 336 -22.21 -19.96 -23.82
C ASP C 336 -22.03 -20.77 -25.09
N ALA C 337 -22.95 -20.56 -26.04
CA ALA C 337 -22.84 -21.15 -27.38
C ALA C 337 -21.54 -20.70 -28.02
N TRP C 338 -21.31 -19.38 -27.91
CA TRP C 338 -20.13 -18.72 -28.46
C TRP C 338 -18.87 -19.28 -27.85
N ALA C 339 -18.92 -19.49 -26.54
CA ALA C 339 -17.77 -20.01 -25.79
C ALA C 339 -17.38 -21.42 -26.24
N ARG C 340 -18.39 -22.30 -26.36
CA ARG C 340 -18.13 -23.66 -26.89
C ARG C 340 -17.55 -23.58 -28.29
N ARG C 341 -18.18 -22.78 -29.16
CA ARG C 341 -17.68 -22.50 -30.51
C ARG C 341 -16.30 -21.80 -30.62
N GLU C 342 -15.88 -21.06 -29.59
CA GLU C 342 -14.61 -20.30 -29.65
C GLU C 342 -13.76 -20.41 -28.37
N PRO C 343 -13.27 -21.61 -28.05
CA PRO C 343 -12.55 -21.76 -26.79
C PRO C 343 -11.33 -20.85 -26.64
N GLU C 344 -10.63 -20.60 -27.75
CA GLU C 344 -9.36 -19.84 -27.72
C GLU C 344 -9.60 -18.37 -27.41
N ARG C 345 -10.65 -17.84 -28.03
CA ARG C 345 -11.01 -16.44 -27.88
C ARG C 345 -11.66 -16.17 -26.53
N LYS C 346 -12.33 -17.20 -25.99
CA LYS C 346 -12.94 -17.15 -24.67
C LYS C 346 -11.84 -17.08 -23.61
N ALA C 347 -10.82 -17.91 -23.77
CA ALA C 347 -9.61 -17.89 -22.94
C ALA C 347 -8.94 -16.49 -22.86
N LEU C 348 -8.93 -15.80 -24.00
CA LEU C 348 -8.47 -14.43 -24.11
C LEU C 348 -9.42 -13.49 -23.36
N LEU C 349 -10.72 -13.56 -23.64
CA LEU C 349 -11.66 -12.72 -22.91
C LEU C 349 -11.40 -12.87 -21.41
N ASP C 350 -11.25 -14.12 -20.97
CA ASP C 350 -11.04 -14.42 -19.56
C ASP C 350 -9.70 -13.90 -19.05
N ARG C 351 -8.62 -14.06 -19.85
CA ARG C 351 -7.33 -13.50 -19.49
C ARG C 351 -7.45 -12.02 -19.28
N LEU C 352 -8.16 -11.34 -20.19
CA LEU C 352 -8.25 -9.88 -20.22
C LEU C 352 -9.08 -9.31 -19.08
N LEU C 353 -10.23 -9.95 -18.79
CA LEU C 353 -11.09 -9.54 -17.68
C LEU C 353 -10.41 -9.72 -16.31
N ALA C 354 -9.51 -10.70 -16.20
CA ALA C 354 -8.80 -10.95 -14.96
C ALA C 354 -7.52 -10.13 -14.89
N GLN C 355 -7.26 -9.35 -15.94
CA GLN C 355 -6.15 -8.41 -16.01
C GLN C 355 -4.87 -9.14 -15.88
N LYS C 356 -4.76 -10.20 -16.70
CA LYS C 356 -3.64 -11.10 -16.75
C LYS C 356 -2.85 -10.97 -18.06
N LEU C 357 -1.57 -11.31 -18.02
CA LEU C 357 -0.75 -11.31 -19.21
C LEU C 357 -0.27 -12.74 -19.53
N PRO C 358 -0.23 -13.07 -20.83
CA PRO C 358 0.12 -14.42 -21.21
C PRO C 358 1.56 -14.71 -20.88
N ASP C 359 1.80 -15.92 -20.39
CA ASP C 359 3.16 -16.42 -20.19
C ASP C 359 4.20 -15.96 -21.22
N GLY C 360 5.34 -15.49 -20.74
CA GLY C 360 6.43 -15.13 -21.64
C GLY C 360 6.09 -14.02 -22.63
N TRP C 361 5.08 -13.21 -22.30
CA TRP C 361 4.76 -12.00 -23.07
C TRP C 361 5.94 -11.00 -23.14
N ASP C 362 6.76 -10.94 -22.11
CA ASP C 362 7.90 -10.04 -22.10
C ASP C 362 9.23 -10.77 -22.37
N ALA C 363 9.17 -11.92 -23.04
CA ALA C 363 10.37 -12.70 -23.36
C ALA C 363 11.23 -12.11 -24.53
N ASP C 364 10.56 -11.69 -25.62
CA ASP C 364 11.18 -10.94 -26.74
C ASP C 364 11.59 -9.47 -26.45
N LEU C 365 11.24 -8.94 -25.27
CA LEU C 365 11.61 -7.59 -24.89
C LEU C 365 13.04 -7.20 -25.34
N PRO C 366 13.15 -6.16 -26.19
CA PRO C 366 14.44 -5.69 -26.70
C PRO C 366 15.45 -5.26 -25.64
N HIS C 367 16.73 -5.46 -25.94
CA HIS C 367 17.81 -4.99 -25.08
C HIS C 367 18.90 -4.34 -25.97
N TRP C 368 19.72 -3.48 -25.38
CA TRP C 368 20.73 -2.73 -26.10
C TRP C 368 21.94 -2.71 -25.19
N GLU C 369 23.13 -2.87 -25.76
CA GLU C 369 24.33 -2.91 -24.92
C GLU C 369 24.84 -1.51 -24.69
N PRO C 370 25.11 -1.19 -23.42
CA PRO C 370 25.71 0.08 -22.99
C PRO C 370 26.96 0.40 -23.81
N GLY C 371 26.97 1.55 -24.50
CA GLY C 371 28.01 1.88 -25.49
C GLY C 371 27.62 1.74 -26.97
N SER C 372 26.69 0.84 -27.28
CA SER C 372 26.19 0.76 -28.65
C SER C 372 25.64 2.12 -29.21
N LYS C 373 25.45 2.14 -30.54
CA LYS C 373 24.94 3.30 -31.31
C LYS C 373 23.87 4.06 -30.52
N ALA C 374 24.04 5.39 -30.43
CA ALA C 374 23.06 6.27 -29.80
C ALA C 374 21.67 5.96 -30.36
N LEU C 375 20.70 5.78 -29.49
CA LEU C 375 19.34 5.46 -29.94
C LEU C 375 18.34 6.37 -29.26
N ALA C 376 17.37 6.88 -30.02
CA ALA C 376 16.37 7.79 -29.47
C ALA C 376 15.35 6.98 -28.71
N THR C 377 14.94 7.53 -27.61
CA THR C 377 13.98 6.89 -26.73
C THR C 377 12.62 6.57 -27.38
N ARG C 378 12.27 7.33 -28.41
CA ARG C 378 11.05 7.06 -29.20
C ARG C 378 11.25 5.89 -30.13
N ALA C 379 12.47 5.77 -30.70
CA ALA C 379 12.81 4.62 -31.53
C ALA C 379 12.76 3.36 -30.66
N ALA C 380 13.37 3.43 -29.48
CA ALA C 380 13.26 2.36 -28.50
C ALA C 380 11.80 1.98 -28.24
N SER C 381 10.92 2.95 -28.06
CA SER C 381 9.53 2.64 -27.79
C SER C 381 8.88 1.82 -28.90
N GLY C 382 9.11 2.20 -30.15
CA GLY C 382 8.51 1.53 -31.31
C GLY C 382 9.04 0.11 -31.40
N ALA C 383 10.36 -0.05 -31.21
CA ALA C 383 10.99 -1.37 -31.16
C ALA C 383 10.28 -2.23 -30.11
N VAL C 384 10.25 -1.74 -28.86
CA VAL C 384 9.44 -2.42 -27.83
C VAL C 384 8.00 -2.73 -28.30
N LEU C 385 7.33 -1.73 -28.86
CA LEU C 385 5.91 -1.92 -29.21
C LEU C 385 5.79 -3.01 -30.23
N SER C 386 6.76 -3.04 -31.14
CA SER C 386 6.79 -4.00 -32.25
C SER C 386 6.95 -5.42 -31.70
N ALA C 387 7.83 -5.52 -30.71
CA ALA C 387 8.16 -6.78 -30.05
C ALA C 387 7.01 -7.36 -29.22
N LEU C 388 6.11 -6.50 -28.71
CA LEU C 388 5.08 -6.98 -27.79
C LEU C 388 3.77 -7.11 -28.48
N GLY C 389 3.66 -6.45 -29.63
CA GLY C 389 2.42 -6.47 -30.41
C GLY C 389 1.92 -7.88 -30.66
N PRO C 390 2.73 -8.69 -31.36
CA PRO C 390 2.43 -10.10 -31.66
C PRO C 390 1.92 -10.88 -30.42
N LYS C 391 2.57 -10.66 -29.27
CA LYS C 391 2.21 -11.32 -28.00
C LYS C 391 1.05 -10.71 -27.21
N LEU C 392 0.53 -9.54 -27.60
CA LEU C 392 -0.57 -8.93 -26.87
C LEU C 392 -1.68 -8.36 -27.76
N PRO C 393 -2.68 -9.19 -28.08
CA PRO C 393 -3.74 -8.78 -29.02
C PRO C 393 -4.53 -7.56 -28.55
N GLU C 394 -4.64 -7.36 -27.24
CA GLU C 394 -5.45 -6.27 -26.67
C GLU C 394 -4.75 -4.88 -26.79
N LEU C 395 -3.48 -4.89 -27.16
CA LEU C 395 -2.77 -3.66 -27.26
C LEU C 395 -2.93 -3.08 -28.65
N TRP C 396 -3.60 -1.93 -28.73
CA TRP C 396 -3.73 -1.20 -29.97
C TRP C 396 -3.53 0.28 -29.70
N GLY C 397 -3.68 1.08 -30.76
CA GLY C 397 -3.53 2.53 -30.68
C GLY C 397 -2.73 3.09 -31.84
N GLY C 398 -2.40 4.38 -31.76
CA GLY C 398 -1.78 5.08 -32.86
C GLY C 398 -1.42 6.52 -32.54
N SER C 399 -1.64 7.41 -33.49
CA SER C 399 -1.04 8.73 -33.41
C SER C 399 -1.93 9.87 -33.90
N ALA C 400 -1.68 11.06 -33.40
CA ALA C 400 -2.40 12.22 -33.91
C ALA C 400 -1.62 12.74 -35.14
N ASP C 401 -1.81 12.04 -36.27
CA ASP C 401 -1.15 12.36 -37.52
C ASP C 401 0.38 12.47 -37.41
N LEU C 402 1.01 11.79 -36.44
CA LEU C 402 2.48 11.76 -36.32
C LEU C 402 3.15 10.37 -36.20
N ALA C 403 2.60 9.35 -36.84
CA ALA C 403 3.04 7.94 -36.67
C ALA C 403 4.53 7.79 -36.94
N GLY C 404 4.97 8.44 -38.00
CA GLY C 404 6.37 8.44 -38.37
C GLY C 404 7.18 9.01 -37.26
N SER C 405 6.71 10.11 -36.69
CA SER C 405 7.47 10.82 -35.65
C SER C 405 7.27 10.34 -34.20
N ASN C 406 6.16 9.66 -33.92
CA ASN C 406 5.87 9.10 -32.59
C ASN C 406 6.32 7.64 -32.42
N ASN C 407 6.60 6.93 -33.52
CA ASN C 407 6.98 5.51 -33.45
C ASN C 407 5.91 4.69 -32.77
N THR C 408 4.68 4.88 -33.21
CA THR C 408 3.53 4.21 -32.60
C THR C 408 2.92 3.08 -33.43
N THR C 409 3.39 2.90 -34.66
CA THR C 409 2.90 1.82 -35.46
C THR C 409 3.68 0.57 -35.16
N ILE C 410 2.96 -0.47 -34.76
CA ILE C 410 3.59 -1.76 -34.49
C ILE C 410 4.06 -2.32 -35.85
N LYS C 411 5.35 -2.65 -35.99
CA LYS C 411 5.87 -3.09 -37.30
C LYS C 411 5.10 -4.29 -37.80
N GLY C 412 4.60 -4.18 -39.02
CA GLY C 412 3.81 -5.24 -39.63
C GLY C 412 2.35 -5.23 -39.28
N ALA C 413 1.89 -4.17 -38.62
CA ALA C 413 0.48 -4.11 -38.26
C ALA C 413 -0.38 -3.44 -39.30
N ASP C 414 -1.66 -3.69 -39.23
CA ASP C 414 -2.65 -3.14 -40.12
C ASP C 414 -3.34 -1.96 -39.46
N SER C 415 -4.24 -1.33 -40.12
CA SER C 415 -4.86 -0.11 -39.57
C SER C 415 -6.31 -0.33 -39.24
N PHE C 416 -6.78 0.35 -38.19
CA PHE C 416 -8.18 0.29 -37.77
C PHE C 416 -9.07 1.28 -38.52
N GLY C 417 -9.97 0.74 -39.35
CA GLY C 417 -11.02 1.51 -40.07
C GLY C 417 -11.67 0.68 -41.18
N PRO C 418 -12.76 1.22 -41.81
CA PRO C 418 -13.38 0.62 -43.00
C PRO C 418 -12.32 0.48 -44.11
N PRO C 419 -12.29 -0.66 -44.83
CA PRO C 419 -11.28 -0.82 -45.91
C PRO C 419 -11.26 0.33 -46.94
N SER C 420 -12.41 0.96 -47.14
CA SER C 420 -12.53 2.09 -48.06
C SER C 420 -11.77 3.37 -47.67
N ILE C 421 -11.16 3.41 -46.49
CA ILE C 421 -10.35 4.57 -46.11
C ILE C 421 -8.90 4.22 -46.28
N SER C 422 -8.63 2.95 -46.61
CA SER C 422 -7.27 2.53 -46.92
C SER C 422 -6.58 3.54 -47.82
N THR C 423 -5.27 3.60 -47.71
CA THR C 423 -4.47 4.48 -48.53
C THR C 423 -3.20 3.76 -48.93
N LYS C 424 -2.35 4.43 -49.72
CA LYS C 424 -1.09 3.87 -50.14
C LYS C 424 -0.27 3.44 -48.94
N GLU C 425 -0.23 4.26 -47.90
CA GLU C 425 0.67 3.99 -46.76
C GLU C 425 0.10 3.03 -45.66
N TYR C 426 -1.25 2.94 -45.64
CA TYR C 426 -1.98 2.20 -44.60
C TYR C 426 -3.18 1.48 -45.17
N THR C 427 -3.18 0.16 -45.00
CA THR C 427 -4.37 -0.64 -45.33
C THR C 427 -5.31 -0.71 -44.13
N ALA C 428 -6.53 -0.24 -44.28
CA ALA C 428 -7.47 -0.32 -43.16
C ALA C 428 -8.37 -1.56 -43.24
N HIS C 429 -8.41 -2.38 -42.18
CA HIS C 429 -9.46 -3.44 -41.98
C HIS C 429 -10.33 -3.05 -40.81
N TRP C 430 -11.58 -3.51 -40.76
CA TRP C 430 -12.47 -3.27 -39.61
C TRP C 430 -11.88 -3.64 -38.22
N TYR C 431 -11.07 -4.70 -38.16
CA TYR C 431 -10.48 -5.17 -36.90
C TYR C 431 -8.97 -4.93 -36.93
N GLY C 432 -8.62 -3.83 -37.56
CA GLY C 432 -7.26 -3.37 -37.62
C GLY C 432 -6.79 -2.80 -36.30
N ARG C 433 -5.48 -2.58 -36.24
CA ARG C 433 -4.84 -2.32 -34.99
C ARG C 433 -4.31 -0.90 -34.89
N THR C 434 -3.91 -0.30 -36.02
CA THR C 434 -3.30 1.02 -35.97
C THR C 434 -4.33 2.13 -36.08
N LEU C 435 -4.31 3.05 -35.09
CA LEU C 435 -5.30 4.16 -35.01
C LEU C 435 -4.77 5.40 -35.65
N HIS C 436 -5.65 6.05 -36.41
CA HIS C 436 -5.29 7.30 -37.05
C HIS C 436 -6.30 8.32 -36.63
N PHE C 437 -5.87 9.19 -35.73
CA PHE C 437 -6.73 10.19 -35.14
C PHE C 437 -6.82 11.43 -35.96
N GLY C 438 -5.82 11.61 -36.83
CA GLY C 438 -5.62 12.89 -37.52
C GLY C 438 -5.19 13.95 -36.52
N VAL C 439 -5.38 15.23 -36.85
CA VAL C 439 -4.73 16.34 -36.11
C VAL C 439 -5.77 16.80 -35.11
N ARG C 440 -6.04 15.86 -34.20
CA ARG C 440 -7.14 16.00 -33.24
C ARG C 440 -6.73 15.49 -31.84
N GLU C 441 -5.72 16.11 -31.24
CA GLU C 441 -5.20 15.59 -29.96
C GLU C 441 -6.25 15.47 -28.81
N HIS C 442 -7.11 16.47 -28.65
CA HIS C 442 -8.11 16.46 -27.60
C HIS C 442 -9.07 15.25 -27.73
N ALA C 443 -9.67 15.14 -28.91
CA ALA C 443 -10.42 13.97 -29.29
C ALA C 443 -9.62 12.73 -29.08
N MET C 444 -8.32 12.75 -29.39
CA MET C 444 -7.53 11.55 -29.14
C MET C 444 -7.58 11.16 -27.65
N GLY C 445 -7.37 12.14 -26.76
CA GLY C 445 -7.39 11.91 -25.33
C GLY C 445 -8.74 11.36 -24.87
N ALA C 446 -9.83 12.01 -25.26
CA ALA C 446 -11.16 11.56 -24.85
C ALA C 446 -11.44 10.14 -25.34
N ILE C 447 -10.89 9.79 -26.50
CA ILE C 447 -11.20 8.49 -27.11
C ILE C 447 -10.49 7.42 -26.32
N LEU C 448 -9.25 7.66 -25.90
CA LEU C 448 -8.52 6.64 -25.13
C LEU C 448 -9.29 6.32 -23.84
N SER C 449 -9.88 7.34 -23.22
CA SER C 449 -10.71 7.11 -22.05
C SER C 449 -11.91 6.24 -22.38
N GLY C 450 -12.60 6.54 -23.48
CA GLY C 450 -13.65 5.67 -23.97
C GLY C 450 -13.17 4.24 -24.14
N ILE C 451 -12.04 4.02 -24.77
CA ILE C 451 -11.64 2.67 -25.03
C ILE C 451 -11.53 1.85 -23.74
N VAL C 452 -10.67 2.28 -22.81
CA VAL C 452 -10.42 1.54 -21.57
C VAL C 452 -11.61 1.53 -20.61
N LEU C 453 -12.53 2.49 -20.73
CA LEU C 453 -13.78 2.42 -19.98
C LEU C 453 -14.70 1.35 -20.55
N HIS C 454 -14.78 1.26 -21.88
CA HIS C 454 -15.68 0.33 -22.51
C HIS C 454 -15.36 -1.12 -22.19
N GLY C 455 -14.08 -1.51 -22.16
CA GLY C 455 -13.70 -2.93 -21.99
C GLY C 455 -12.21 -3.10 -21.64
N PRO C 456 -11.72 -4.35 -21.71
CA PRO C 456 -10.39 -4.68 -21.14
C PRO C 456 -9.21 -4.58 -22.11
N THR C 457 -9.43 -3.94 -23.24
CA THR C 457 -8.33 -3.65 -24.15
C THR C 457 -7.45 -2.46 -23.62
N ARG C 458 -6.23 -2.38 -24.14
CA ARG C 458 -5.22 -1.39 -23.72
C ARG C 458 -4.70 -0.52 -24.85
N ALA C 459 -5.30 0.67 -24.98
CA ALA C 459 -5.06 1.64 -26.09
C ALA C 459 -4.05 2.69 -25.66
N TYR C 460 -3.11 3.07 -26.54
CA TYR C 460 -2.27 4.25 -26.31
C TYR C 460 -2.42 5.28 -27.45
N GLY C 461 -2.09 6.54 -27.18
CA GLY C 461 -2.23 7.60 -28.19
C GLY C 461 -0.95 8.41 -28.25
N GLY C 462 -0.63 8.97 -29.40
CA GLY C 462 0.68 9.60 -29.55
C GLY C 462 0.60 10.97 -30.16
N THR C 463 1.38 11.90 -29.57
CA THR C 463 1.62 13.22 -30.15
C THR C 463 2.90 13.87 -29.57
N PHE C 464 3.27 15.05 -30.01
CA PHE C 464 4.38 15.76 -29.34
C PHE C 464 4.04 16.23 -27.91
N LEU C 465 4.92 16.02 -26.96
CA LEU C 465 4.71 16.51 -25.61
C LEU C 465 4.03 17.91 -25.55
N GLN C 466 4.56 18.86 -26.32
CA GLN C 466 3.98 20.17 -26.41
C GLN C 466 2.44 20.15 -26.44
N PHE C 467 1.87 19.19 -27.16
CA PHE C 467 0.43 19.19 -27.45
C PHE C 467 -0.40 18.41 -26.46
N SER C 468 0.25 18.00 -25.37
CA SER C 468 -0.53 17.57 -24.26
C SER C 468 -1.35 18.78 -23.82
N ASP C 469 -0.92 19.98 -24.20
CA ASP C 469 -1.72 21.15 -23.97
C ASP C 469 -3.08 21.05 -24.65
N TYR C 470 -3.13 20.47 -25.86
CA TYR C 470 -4.39 20.41 -26.58
C TYR C 470 -5.40 19.41 -25.98
N MET C 471 -4.89 18.42 -25.25
CA MET C 471 -5.69 17.33 -24.73
C MET C 471 -5.80 17.28 -23.21
N ARG C 472 -5.44 18.39 -22.59
CA ARG C 472 -5.37 18.46 -21.15
C ARG C 472 -6.68 18.19 -20.45
N PRO C 473 -7.79 18.70 -20.97
CA PRO C 473 -8.95 18.38 -20.13
C PRO C 473 -9.29 16.90 -20.15
N ALA C 474 -8.88 16.18 -21.19
CA ALA C 474 -9.20 14.73 -21.25
C ALA C 474 -8.31 13.91 -20.33
N VAL C 475 -7.02 14.23 -20.37
CA VAL C 475 -5.96 13.71 -19.48
C VAL C 475 -6.33 13.82 -18.00
N ARG C 476 -6.76 15.02 -17.63
CA ARG C 476 -7.12 15.34 -16.27
C ARG C 476 -8.32 14.51 -15.81
N LEU C 477 -9.33 14.45 -16.66
CA LEU C 477 -10.50 13.61 -16.42
C LEU C 477 -10.11 12.11 -16.30
N ALA C 478 -9.07 11.69 -17.02
CA ALA C 478 -8.66 10.29 -16.89
C ALA C 478 -8.09 10.06 -15.47
N ALA C 479 -7.22 10.97 -15.06
CA ALA C 479 -6.64 10.91 -13.71
C ALA C 479 -7.74 10.98 -12.62
N LEU C 480 -8.66 11.92 -12.74
CA LEU C 480 -9.81 11.94 -11.82
C LEU C 480 -10.52 10.56 -11.73
N MET C 481 -10.80 9.91 -12.87
CA MET C 481 -11.37 8.56 -12.88
C MET C 481 -10.41 7.44 -12.51
N ASP C 482 -9.08 7.67 -12.59
CA ASP C 482 -8.07 6.67 -12.22
C ASP C 482 -8.17 5.44 -13.14
N ILE C 483 -8.27 5.69 -14.44
CA ILE C 483 -8.38 4.62 -15.44
C ILE C 483 -7.10 4.66 -16.25
N ASP C 484 -6.76 3.53 -16.88
CA ASP C 484 -5.39 3.32 -17.30
C ASP C 484 -5.04 3.66 -18.73
N THR C 485 -5.52 4.80 -19.18
CA THR C 485 -5.10 5.38 -20.46
C THR C 485 -3.59 5.59 -20.52
N ILE C 486 -3.07 5.77 -21.75
CA ILE C 486 -1.64 5.88 -22.04
C ILE C 486 -1.43 6.93 -23.13
N TYR C 487 -0.60 7.90 -22.87
CA TYR C 487 -0.36 8.98 -23.79
C TYR C 487 1.08 8.89 -24.05
N VAL C 488 1.43 8.62 -25.30
CA VAL C 488 2.84 8.63 -25.70
C VAL C 488 3.25 10.05 -26.08
N TRP C 489 4.04 10.73 -25.29
CA TRP C 489 4.42 12.04 -25.72
C TRP C 489 5.86 12.11 -26.18
N THR C 490 6.06 12.34 -27.47
CA THR C 490 7.43 12.38 -28.03
C THR C 490 7.95 13.79 -28.17
N HIS C 491 9.21 13.93 -28.58
CA HIS C 491 9.83 15.25 -28.70
C HIS C 491 9.68 16.04 -27.43
N ASP C 492 10.24 15.49 -26.37
CA ASP C 492 10.01 16.00 -25.04
C ASP C 492 10.67 17.30 -24.60
N SER C 493 11.56 17.88 -25.40
CA SER C 493 12.31 19.05 -24.99
C SER C 493 12.91 19.82 -26.14
N ILE C 494 13.64 20.89 -25.82
CA ILE C 494 14.53 21.55 -26.79
C ILE C 494 15.34 20.54 -27.62
N GLY C 495 15.56 19.34 -27.08
CA GLY C 495 16.17 18.25 -27.83
C GLY C 495 15.61 18.03 -29.21
N LEU C 496 14.36 18.43 -29.41
CA LEU C 496 13.66 18.31 -30.68
C LEU C 496 14.20 19.27 -31.77
N GLY C 497 14.93 20.30 -31.37
CA GLY C 497 15.65 21.12 -32.34
C GLY C 497 14.85 22.17 -33.10
N GLU C 498 14.98 22.12 -34.43
CA GLU C 498 14.74 23.30 -35.29
C GLU C 498 13.31 23.80 -35.41
N ASP C 499 12.33 22.93 -35.09
CA ASP C 499 10.91 23.33 -35.09
C ASP C 499 10.59 24.51 -34.14
N GLY C 500 11.49 24.77 -33.17
CA GLY C 500 11.49 25.99 -32.37
C GLY C 500 10.62 26.15 -31.15
N PRO C 501 10.46 27.40 -30.67
CA PRO C 501 9.89 27.61 -29.37
C PRO C 501 8.36 27.33 -29.27
N THR C 502 7.66 27.31 -30.38
CA THR C 502 6.25 26.98 -30.33
C THR C 502 6.07 25.49 -30.06
N HIS C 503 7.13 24.71 -30.36
CA HIS C 503 7.11 23.22 -30.30
C HIS C 503 7.84 22.65 -29.07
N GLN C 504 8.89 23.35 -28.63
CA GLN C 504 9.71 22.87 -27.52
C GLN C 504 8.99 23.02 -26.20
N PRO C 505 8.80 21.89 -25.48
CA PRO C 505 8.24 21.91 -24.13
C PRO C 505 9.21 22.53 -23.14
N ILE C 506 8.65 23.32 -22.22
CA ILE C 506 9.40 23.94 -21.14
C ILE C 506 8.69 23.68 -19.83
N GLU C 507 7.42 24.11 -19.75
CA GLU C 507 6.61 23.94 -18.54
C GLU C 507 5.84 22.61 -18.42
N HIS C 508 5.94 21.77 -19.44
CA HIS C 508 5.02 20.65 -19.59
C HIS C 508 5.19 19.52 -18.56
N LEU C 509 6.42 19.09 -18.33
CA LEU C 509 6.66 18.06 -17.31
C LEU C 509 6.09 18.46 -15.93
N SER C 510 6.43 19.64 -15.50
CA SER C 510 5.92 20.20 -14.27
C SER C 510 4.39 20.30 -14.22
N ALA C 511 3.82 20.88 -15.29
CA ALA C 511 2.40 21.06 -15.45
C ALA C 511 1.66 19.71 -15.45
N LEU C 512 2.28 18.69 -16.04
CA LEU C 512 1.67 17.38 -16.12
C LEU C 512 1.85 16.63 -14.81
N ARG C 513 3.01 16.80 -14.18
CA ARG C 513 3.27 16.14 -12.89
C ARG C 513 2.30 16.68 -11.85
N ALA C 514 1.89 17.93 -12.04
CA ALA C 514 0.99 18.58 -11.11
C ALA C 514 -0.39 17.93 -11.02
N ILE C 515 -0.75 17.14 -12.04
CA ILE C 515 -2.10 16.58 -12.12
C ILE C 515 -2.15 15.41 -11.17
N PRO C 516 -2.96 15.52 -10.11
CA PRO C 516 -2.93 14.40 -9.20
C PRO C 516 -3.29 13.15 -9.94
N ARG C 517 -2.44 12.12 -9.78
CA ARG C 517 -2.66 10.70 -10.25
C ARG C 517 -2.20 10.45 -11.66
N LEU C 518 -1.70 11.47 -12.32
CA LEU C 518 -1.06 11.19 -13.57
C LEU C 518 0.40 10.81 -13.31
N SER C 519 0.79 9.60 -13.74
CA SER C 519 2.21 9.19 -13.69
C SER C 519 2.95 9.62 -14.92
N VAL C 520 3.95 10.48 -14.74
CA VAL C 520 4.77 10.98 -15.85
C VAL C 520 6.11 10.23 -15.87
N VAL C 521 6.23 9.29 -16.81
CA VAL C 521 7.32 8.34 -16.95
C VAL C 521 8.32 8.81 -18.04
N ARG C 522 9.51 9.23 -17.67
CA ARG C 522 10.53 9.73 -18.64
C ARG C 522 11.83 8.85 -18.70
N PRO C 523 11.82 7.76 -19.51
CA PRO C 523 12.97 6.87 -19.55
C PRO C 523 14.28 7.60 -19.92
N ALA C 524 15.36 7.20 -19.26
CA ALA C 524 16.67 7.79 -19.46
C ALA C 524 17.28 7.33 -20.73
N ASP C 525 16.97 6.08 -21.13
CA ASP C 525 17.53 5.49 -22.35
C ASP C 525 16.63 4.40 -22.90
N ALA C 526 17.09 3.78 -23.98
CA ALA C 526 16.33 2.74 -24.67
C ALA C 526 15.92 1.56 -23.75
N ASN C 527 16.80 1.17 -22.82
CA ASN C 527 16.46 0.08 -21.90
C ASN C 527 15.40 0.49 -20.86
N GLU C 528 15.59 1.67 -20.26
CA GLU C 528 14.59 2.21 -19.34
C GLU C 528 13.26 2.27 -20.07
N THR C 529 13.29 2.63 -21.34
CA THR C 529 12.08 2.72 -22.12
C THR C 529 11.40 1.39 -22.13
N ALA C 530 12.18 0.35 -22.45
CA ALA C 530 11.65 -1.00 -22.52
C ALA C 530 11.07 -1.43 -21.16
N TYR C 531 11.80 -1.14 -20.08
CA TYR C 531 11.33 -1.46 -18.74
C TYR C 531 10.08 -0.65 -18.37
N ALA C 532 9.95 0.53 -18.97
CA ALA C 532 8.84 1.41 -18.66
C ALA C 532 7.58 0.78 -19.22
N TRP C 533 7.62 0.36 -20.47
CA TRP C 533 6.49 -0.32 -21.09
C TRP C 533 6.09 -1.56 -20.32
N ARG C 534 7.10 -2.36 -20.03
CA ARG C 534 6.94 -3.58 -19.27
C ARG C 534 6.12 -3.32 -17.96
N THR C 535 6.56 -2.32 -17.19
CA THR C 535 5.85 -1.87 -15.99
C THR C 535 4.42 -1.34 -16.25
N ILE C 536 4.27 -0.51 -17.29
CA ILE C 536 2.96 0.04 -17.65
C ILE C 536 1.98 -1.09 -18.01
N LEU C 537 2.43 -2.04 -18.83
CA LEU C 537 1.51 -3.09 -19.22
C LEU C 537 1.24 -4.11 -18.10
N ALA C 538 2.27 -4.37 -17.28
CA ALA C 538 2.14 -5.22 -16.10
C ALA C 538 1.21 -4.65 -15.05
N ARG C 539 0.98 -3.33 -15.08
CA ARG C 539 0.15 -2.61 -14.07
C ARG C 539 0.77 -2.73 -12.67
N ARG C 540 2.08 -2.88 -12.63
CA ARG C 540 2.85 -2.86 -11.39
C ARG C 540 2.53 -1.65 -10.44
N ASN C 541 2.33 -0.45 -11.00
CA ASN C 541 2.09 0.73 -10.15
C ASN C 541 0.64 1.22 -10.16
N GLY C 542 -0.29 0.25 -10.14
CA GLY C 542 -1.68 0.58 -9.99
C GLY C 542 -2.32 0.84 -11.33
N SER C 543 -3.46 1.54 -11.28
CA SER C 543 -4.40 1.53 -12.40
C SER C 543 -4.70 2.87 -13.07
N GLY C 544 -3.99 3.90 -12.66
CA GLY C 544 -4.21 5.21 -13.28
C GLY C 544 -3.45 5.48 -14.57
N PRO C 545 -3.66 6.67 -15.14
CA PRO C 545 -3.14 7.06 -16.43
C PRO C 545 -1.64 7.21 -16.48
N VAL C 546 -1.09 6.95 -17.65
CA VAL C 546 0.35 7.12 -17.84
C VAL C 546 0.63 8.00 -19.07
N GLY C 547 1.51 8.97 -18.87
CA GLY C 547 2.07 9.70 -19.97
C GLY C 547 3.54 9.34 -20.13
N LEU C 548 3.86 8.71 -21.25
CA LEU C 548 5.20 8.18 -21.50
C LEU C 548 6.00 9.19 -22.33
N ILE C 549 7.02 9.73 -21.71
CA ILE C 549 7.78 10.87 -22.28
C ILE C 549 9.01 10.39 -23.05
N LEU C 550 9.03 10.61 -24.34
CA LEU C 550 10.08 10.12 -25.17
C LEU C 550 10.76 11.27 -25.94
N THR C 551 12.07 11.09 -26.23
CA THR C 551 12.91 12.09 -26.96
C THR C 551 12.76 11.95 -28.47
N ARG C 552 12.97 13.05 -29.17
CA ARG C 552 13.17 12.97 -30.62
C ARG C 552 14.58 12.50 -30.98
N GLN C 553 15.58 13.10 -30.36
CA GLN C 553 17.00 12.89 -30.68
C GLN C 553 17.56 11.64 -30.00
N GLY C 554 18.66 11.09 -30.58
CA GLY C 554 19.40 9.94 -30.03
C GLY C 554 20.04 10.21 -28.69
N VAL C 555 19.97 9.23 -27.80
CA VAL C 555 20.63 9.31 -26.50
C VAL C 555 21.47 8.04 -26.19
N PRO C 556 22.58 8.18 -25.41
CA PRO C 556 23.43 7.01 -25.12
C PRO C 556 22.64 5.86 -24.50
N VAL C 557 23.07 4.63 -24.77
CA VAL C 557 22.64 3.50 -23.94
C VAL C 557 23.60 3.42 -22.75
N LEU C 558 23.04 3.49 -21.54
CA LEU C 558 23.81 3.74 -20.31
C LEU C 558 24.06 2.46 -19.50
N ASP C 559 25.09 2.53 -18.64
CA ASP C 559 25.39 1.44 -17.69
C ASP C 559 24.52 1.60 -16.44
N GLY C 560 24.02 0.47 -15.95
CA GLY C 560 23.37 0.49 -14.65
C GLY C 560 21.87 0.67 -14.71
N THR C 561 21.28 0.54 -15.88
CA THR C 561 19.84 0.53 -15.99
C THR C 561 19.33 -0.79 -15.45
N ASP C 562 18.10 -0.80 -14.93
CA ASP C 562 17.60 -1.88 -14.09
C ASP C 562 16.07 -1.86 -14.09
N ALA C 563 15.44 -2.95 -14.56
CA ALA C 563 13.96 -3.04 -14.63
C ALA C 563 13.32 -2.74 -13.31
N GLU C 564 13.80 -3.41 -12.28
CA GLU C 564 13.23 -3.26 -10.97
C GLU C 564 13.25 -1.78 -10.52
N GLY C 565 14.34 -1.07 -10.85
CA GLY C 565 14.51 0.33 -10.43
C GLY C 565 13.59 1.29 -11.13
N VAL C 566 13.41 1.10 -12.43
CA VAL C 566 12.44 1.86 -13.19
C VAL C 566 11.06 1.64 -12.58
N ALA C 567 10.71 0.39 -12.27
CA ALA C 567 9.37 0.08 -11.81
C ALA C 567 9.11 0.79 -10.51
N ARG C 568 10.21 1.12 -9.83
CA ARG C 568 10.17 1.88 -8.60
C ARG C 568 10.10 3.40 -8.82
N GLY C 569 10.29 3.84 -10.05
CA GLY C 569 10.23 5.26 -10.32
C GLY C 569 11.55 6.00 -10.24
N GLY C 570 12.38 5.71 -9.24
CA GLY C 570 13.67 6.35 -9.03
C GLY C 570 14.59 5.37 -8.33
N TYR C 571 15.80 5.19 -8.86
CA TYR C 571 16.74 4.25 -8.28
C TYR C 571 18.19 4.72 -8.50
N VAL C 572 19.11 4.11 -7.78
CA VAL C 572 20.53 4.42 -7.93
C VAL C 572 21.09 3.81 -9.23
N LEU C 573 21.63 4.65 -10.09
CA LEU C 573 22.16 4.18 -11.37
C LEU C 573 23.64 3.76 -11.24
N SER C 574 24.36 4.52 -10.43
CA SER C 574 25.77 4.29 -10.16
C SER C 574 26.12 4.82 -8.77
N ASP C 575 27.15 4.23 -8.16
CA ASP C 575 27.61 4.64 -6.84
C ASP C 575 29.02 5.13 -7.13
N ALA C 576 29.40 6.30 -6.64
CA ALA C 576 30.75 6.73 -6.97
C ALA C 576 31.73 5.62 -6.58
N GLY C 577 32.82 5.53 -7.34
CA GLY C 577 33.87 4.57 -7.20
C GLY C 577 34.66 4.54 -5.90
N GLY C 578 34.63 5.82 -5.26
CA GLY C 578 35.39 5.72 -4.05
C GLY C 578 34.80 5.00 -2.81
N LEU C 579 33.51 4.65 -2.79
CA LEU C 579 32.81 4.40 -1.52
C LEU C 579 33.14 3.18 -0.66
N GLN C 580 32.97 3.38 0.65
CA GLN C 580 32.99 2.35 1.68
C GLN C 580 31.54 2.02 2.12
N PRO C 581 31.30 0.78 2.57
CA PRO C 581 30.01 0.49 3.24
C PRO C 581 29.71 1.50 4.37
N GLY C 582 28.49 2.04 4.37
CA GLY C 582 28.10 3.08 5.35
C GLY C 582 28.68 4.42 4.98
N GLU C 583 29.36 4.45 3.82
CA GLU C 583 29.84 5.70 3.24
C GLU C 583 28.70 6.22 2.37
N GLU C 584 28.11 7.33 2.84
CA GLU C 584 27.27 8.18 2.01
C GLU C 584 28.12 8.79 0.91
N PRO C 585 27.50 9.12 -0.22
CA PRO C 585 28.21 9.87 -1.25
C PRO C 585 28.33 11.34 -0.84
N ASP C 586 29.33 12.03 -1.39
CA ASP C 586 29.56 13.45 -1.12
C ASP C 586 28.38 14.24 -1.68
N VAL C 587 27.95 13.85 -2.87
CA VAL C 587 26.87 14.52 -3.55
C VAL C 587 25.93 13.58 -4.34
N ILE C 588 24.66 13.95 -4.42
CA ILE C 588 23.72 13.18 -5.22
C ILE C 588 23.22 13.93 -6.47
N LEU C 589 23.45 13.31 -7.62
CA LEU C 589 22.92 13.80 -8.89
C LEU C 589 21.64 13.04 -9.25
N ILE C 590 20.52 13.76 -9.28
CA ILE C 590 19.24 13.18 -9.71
C ILE C 590 18.87 13.75 -11.06
N ALA C 591 18.67 12.88 -12.05
CA ALA C 591 18.24 13.29 -13.41
C ALA C 591 17.09 12.48 -14.06
N THR C 592 16.64 12.92 -15.22
CA THR C 592 15.60 12.16 -15.89
C THR C 592 15.81 12.19 -17.39
N GLY C 593 15.24 11.19 -18.07
CA GLY C 593 15.27 11.14 -19.52
C GLY C 593 16.65 11.45 -20.07
N SER C 594 16.70 12.44 -20.97
CA SER C 594 17.89 12.74 -21.78
C SER C 594 19.00 13.41 -21.00
N GLU C 595 18.68 13.89 -19.79
CA GLU C 595 19.62 14.55 -18.88
C GLU C 595 20.42 13.63 -17.94
N VAL C 596 20.08 12.34 -17.90
CA VAL C 596 20.83 11.36 -17.11
C VAL C 596 22.28 11.23 -17.59
N GLN C 597 22.50 11.33 -18.88
CA GLN C 597 23.84 11.21 -19.43
C GLN C 597 24.72 12.32 -18.87
N LEU C 598 24.14 13.51 -18.66
CA LEU C 598 24.91 14.60 -18.06
C LEU C 598 25.25 14.24 -16.63
N ALA C 599 24.31 13.60 -15.95
CA ALA C 599 24.52 13.16 -14.59
C ALA C 599 25.77 12.28 -14.50
N VAL C 600 25.80 11.24 -15.32
CA VAL C 600 26.92 10.33 -15.40
C VAL C 600 28.23 11.08 -15.69
N ALA C 601 28.25 11.78 -16.83
CA ALA C 601 29.41 12.47 -17.34
C ALA C 601 29.97 13.47 -16.34
N ALA C 602 29.09 14.04 -15.49
CA ALA C 602 29.55 14.93 -14.40
C ALA C 602 30.06 14.13 -13.19
N GLN C 603 29.64 12.86 -13.12
CA GLN C 603 30.13 11.94 -12.10
C GLN C 603 31.62 11.58 -12.32
N THR C 604 31.96 11.36 -13.57
CA THR C 604 33.35 11.20 -13.97
C THR C 604 34.18 12.47 -13.69
N LEU C 605 33.70 13.64 -14.12
CA LEU C 605 34.41 14.88 -13.84
C LEU C 605 34.52 15.16 -12.37
N LEU C 606 33.66 14.59 -11.56
CA LEU C 606 33.73 14.92 -10.13
C LEU C 606 34.67 13.99 -9.35
N ALA C 607 34.77 12.75 -9.83
CA ALA C 607 35.73 11.79 -9.27
C ALA C 607 37.17 12.26 -9.55
N ASP C 608 37.40 12.68 -10.79
CA ASP C 608 38.68 13.25 -11.17
C ASP C 608 39.04 14.50 -10.36
N ASN C 609 38.18 14.86 -9.39
CA ASN C 609 38.41 15.96 -8.48
C ASN C 609 38.17 15.55 -7.05
N ASP C 610 38.31 14.25 -6.81
CA ASP C 610 38.12 13.65 -5.48
C ASP C 610 36.72 13.98 -4.88
N ILE C 611 35.70 14.02 -5.75
CA ILE C 611 34.28 14.16 -5.30
C ILE C 611 33.47 12.93 -5.69
N LEU C 612 32.93 12.28 -4.67
CA LEU C 612 32.16 11.06 -4.84
C LEU C 612 30.64 11.32 -4.94
N ALA C 613 30.11 11.03 -6.14
CA ALA C 613 28.74 11.40 -6.52
C ALA C 613 27.92 10.17 -6.87
N ARG C 614 26.74 10.08 -6.26
CA ARG C 614 25.73 9.11 -6.66
C ARG C 614 24.92 9.66 -7.83
N VAL C 615 24.64 8.79 -8.81
CA VAL C 615 23.70 9.10 -9.87
C VAL C 615 22.35 8.38 -9.68
N VAL C 616 21.30 9.17 -9.40
CA VAL C 616 19.93 8.66 -9.40
C VAL C 616 19.12 9.04 -10.64
N SER C 617 18.75 8.02 -11.41
CA SER C 617 17.78 8.12 -12.48
C SER C 617 16.36 8.12 -11.90
N MET C 618 15.54 9.09 -12.32
CA MET C 618 14.20 9.26 -11.78
C MET C 618 13.17 9.22 -12.90
N PRO C 619 12.98 8.06 -13.55
CA PRO C 619 12.04 8.03 -14.66
C PRO C 619 10.58 8.38 -14.25
N CYS C 620 10.21 8.10 -13.01
CA CYS C 620 8.86 8.46 -12.58
C CYS C 620 8.82 8.93 -11.14
N LEU C 621 8.80 10.23 -10.97
CA LEU C 621 8.73 10.81 -9.64
C LEU C 621 7.46 10.41 -8.86
N GLU C 622 6.33 10.18 -9.52
CA GLU C 622 5.12 9.80 -8.80
C GLU C 622 5.22 8.39 -8.24
N TRP C 623 5.95 7.51 -8.94
CA TRP C 623 6.14 6.14 -8.48
C TRP C 623 7.14 6.15 -7.34
N PHE C 624 8.19 6.94 -7.50
CA PHE C 624 9.18 7.07 -6.47
C PHE C 624 8.53 7.59 -5.20
N GLU C 625 7.86 8.73 -5.29
CA GLU C 625 7.10 9.21 -4.15
C GLU C 625 6.11 8.22 -3.49
N ALA C 626 5.62 7.22 -4.22
CA ALA C 626 4.64 6.28 -3.68
C ALA C 626 5.31 5.11 -2.94
N GLN C 627 6.62 4.99 -3.09
CA GLN C 627 7.37 3.93 -2.48
C GLN C 627 7.48 4.24 -0.97
N PRO C 628 7.67 3.20 -0.13
CA PRO C 628 7.84 3.50 1.30
C PRO C 628 9.12 4.30 1.57
N TYR C 629 9.11 5.12 2.62
CA TYR C 629 10.30 5.90 2.99
C TYR C 629 11.61 5.09 3.11
N GLU C 630 11.55 3.82 3.53
CA GLU C 630 12.79 3.01 3.66
C GLU C 630 13.53 2.97 2.35
N TYR C 631 12.78 2.76 1.26
CA TYR C 631 13.35 2.71 -0.08
C TYR C 631 13.84 4.09 -0.50
N ARG C 632 13.01 5.09 -0.22
CA ARG C 632 13.30 6.44 -0.67
C ARG C 632 14.56 6.97 -0.02
N ASP C 633 14.69 6.72 1.28
CA ASP C 633 15.85 7.12 2.01
C ASP C 633 17.06 6.24 1.62
N ALA C 634 16.84 5.07 1.05
CA ALA C 634 17.96 4.26 0.56
C ALA C 634 18.56 4.90 -0.69
N VAL C 635 17.70 5.49 -1.49
CA VAL C 635 18.08 6.13 -2.73
C VAL C 635 18.57 7.55 -2.46
N LEU C 636 17.80 8.28 -1.65
CA LEU C 636 18.08 9.66 -1.32
C LEU C 636 18.21 9.89 0.19
N PRO C 637 19.33 9.45 0.80
CA PRO C 637 19.52 9.54 2.24
C PRO C 637 19.43 10.98 2.79
N PRO C 638 18.51 11.23 3.72
CA PRO C 638 18.28 12.63 4.19
C PRO C 638 19.48 13.30 4.81
N THR C 639 20.55 12.56 5.03
CA THR C 639 21.76 13.16 5.64
C THR C 639 22.66 13.78 4.56
N VAL C 640 22.51 13.35 3.32
CA VAL C 640 23.15 14.04 2.22
C VAL C 640 22.25 15.20 1.72
N SER C 641 22.50 16.43 2.19
CA SER C 641 21.84 17.63 1.66
C SER C 641 22.39 18.11 0.31
N ALA C 642 23.60 17.67 -0.07
CA ALA C 642 24.21 18.23 -1.26
C ALA C 642 23.62 17.51 -2.48
N ARG C 643 22.62 18.15 -3.09
CA ARG C 643 21.80 17.52 -4.16
C ARG C 643 21.68 18.38 -5.42
N VAL C 644 21.73 17.73 -6.57
CA VAL C 644 21.52 18.41 -7.85
C VAL C 644 20.51 17.68 -8.75
N ALA C 645 19.47 18.37 -9.22
CA ALA C 645 18.54 17.78 -10.22
C ALA C 645 18.86 18.30 -11.61
N VAL C 646 18.70 17.44 -12.62
CA VAL C 646 18.89 17.91 -13.97
C VAL C 646 17.71 17.47 -14.85
N GLU C 647 17.02 18.46 -15.45
CA GLU C 647 15.93 18.18 -16.38
C GLU C 647 15.72 19.31 -17.35
N ALA C 648 15.61 19.00 -18.64
CA ALA C 648 15.34 19.99 -19.67
C ALA C 648 13.92 20.54 -19.57
N GLY C 649 13.57 21.06 -18.41
CA GLY C 649 12.26 21.67 -18.22
C GLY C 649 12.34 22.66 -17.06
N VAL C 650 11.21 23.14 -16.53
CA VAL C 650 11.34 24.12 -15.47
C VAL C 650 11.72 23.44 -14.15
N ALA C 651 12.12 24.28 -13.18
CA ALA C 651 12.65 23.85 -11.89
C ALA C 651 11.55 23.53 -10.92
N GLN C 652 10.37 24.06 -11.20
CA GLN C 652 9.26 24.08 -10.25
C GLN C 652 9.06 22.76 -9.48
N CYS C 653 8.98 21.63 -10.20
CA CYS C 653 8.66 20.38 -9.56
C CYS C 653 9.83 19.75 -8.77
N TRP C 654 11.03 20.32 -8.89
CA TRP C 654 12.25 19.78 -8.29
C TRP C 654 12.74 20.38 -6.95
N HIS C 655 12.13 21.46 -6.49
CA HIS C 655 12.60 22.10 -5.28
C HIS C 655 12.46 21.26 -4.01
N GLN C 656 11.31 20.62 -3.81
CA GLN C 656 11.07 19.82 -2.63
C GLN C 656 12.11 18.70 -2.53
N LEU C 657 12.45 18.14 -3.68
CA LEU C 657 13.41 17.07 -3.67
C LEU C 657 14.83 17.54 -3.28
N VAL C 658 15.33 18.63 -3.86
CA VAL C 658 16.74 19.04 -3.63
C VAL C 658 16.92 19.92 -2.37
N GLY C 659 15.82 20.40 -1.81
CA GLY C 659 15.84 21.18 -0.58
C GLY C 659 16.57 22.52 -0.70
N ASP C 660 16.61 23.24 0.43
CA ASP C 660 17.28 24.57 0.65
C ASP C 660 18.68 24.80 0.00
N THR C 661 19.54 23.79 0.11
CA THR C 661 20.95 23.93 -0.24
C THR C 661 21.29 23.16 -1.50
N GLY C 662 20.27 22.75 -2.25
CA GLY C 662 20.48 22.01 -3.50
C GLY C 662 20.49 22.93 -4.69
N GLU C 663 20.83 22.37 -5.85
CA GLU C 663 20.92 23.11 -7.11
C GLU C 663 20.06 22.38 -8.15
N ILE C 664 19.46 23.18 -9.03
CA ILE C 664 18.66 22.65 -10.12
C ILE C 664 19.22 23.17 -11.45
N VAL C 665 19.53 22.27 -12.35
CA VAL C 665 19.96 22.64 -13.69
C VAL C 665 18.71 22.49 -14.55
N SER C 666 18.06 23.63 -14.84
CA SER C 666 16.73 23.70 -15.48
C SER C 666 16.77 24.66 -16.67
N ILE C 667 15.61 24.79 -17.34
CA ILE C 667 15.42 25.81 -18.38
C ILE C 667 14.19 26.57 -18.00
N GLU C 668 14.31 27.89 -17.90
CA GLU C 668 13.25 28.72 -17.29
C GLU C 668 12.55 29.65 -18.28
N HIS C 669 12.88 29.52 -19.55
CA HIS C 669 12.37 30.39 -20.58
C HIS C 669 12.18 29.51 -21.81
N TYR C 670 11.62 30.14 -22.85
CA TYR C 670 11.32 29.52 -24.13
C TYR C 670 12.57 29.33 -24.96
N GLY C 671 12.54 28.37 -25.89
CA GLY C 671 13.73 27.96 -26.61
C GLY C 671 13.95 28.77 -27.85
N GLU C 672 14.41 28.11 -28.90
CA GLU C 672 14.93 28.81 -30.05
C GLU C 672 14.97 27.79 -31.15
N SER C 673 14.97 28.25 -32.38
CA SER C 673 15.00 27.42 -33.56
C SER C 673 16.46 27.22 -33.97
N ALA C 674 17.06 26.12 -33.52
CA ALA C 674 18.42 25.69 -33.89
C ALA C 674 18.52 24.21 -33.63
N ASP C 675 19.64 23.58 -34.01
CA ASP C 675 19.85 22.13 -33.81
C ASP C 675 19.98 21.78 -32.33
N HIS C 676 19.74 20.54 -31.96
CA HIS C 676 19.70 20.23 -30.51
C HIS C 676 21.00 20.43 -29.71
N LYS C 677 22.15 20.07 -30.29
CA LYS C 677 23.43 20.30 -29.62
C LYS C 677 23.69 21.76 -29.33
N THR C 678 23.39 22.64 -30.26
CA THR C 678 23.54 24.09 -29.98
C THR C 678 22.61 24.55 -28.82
N LEU C 679 21.37 24.02 -28.83
CA LEU C 679 20.40 24.39 -27.80
C LEU C 679 20.79 23.93 -26.39
N PHE C 680 21.16 22.68 -26.24
CA PHE C 680 21.61 22.17 -24.92
C PHE C 680 22.90 22.90 -24.45
N ARG C 681 23.84 23.15 -25.38
CA ARG C 681 25.03 23.94 -25.04
CA ARG C 681 25.03 23.96 -25.12
C ARG C 681 24.64 25.35 -24.59
N GLU C 682 23.94 26.10 -25.45
CA GLU C 682 23.55 27.49 -25.10
C GLU C 682 22.80 27.63 -23.80
N TYR C 683 21.92 26.67 -23.50
CA TYR C 683 21.08 26.70 -22.28
C TYR C 683 21.67 25.99 -21.06
N GLY C 684 22.91 25.52 -21.18
CA GLY C 684 23.73 25.19 -20.03
C GLY C 684 23.59 23.74 -19.64
N PHE C 685 23.15 22.89 -20.56
CA PHE C 685 22.93 21.49 -20.29
C PHE C 685 24.13 20.65 -20.73
N THR C 686 25.19 20.77 -19.94
CA THR C 686 26.43 20.05 -20.21
C THR C 686 26.92 19.46 -18.91
N ALA C 687 27.68 18.36 -19.01
CA ALA C 687 28.33 17.77 -17.81
C ALA C 687 28.99 18.79 -16.89
N GLU C 688 29.74 19.75 -17.46
CA GLU C 688 30.45 20.79 -16.70
C GLU C 688 29.52 21.58 -15.81
N ALA C 689 28.42 22.05 -16.39
CA ALA C 689 27.44 22.81 -15.64
C ALA C 689 26.82 21.92 -14.53
N VAL C 690 26.59 20.64 -14.82
CA VAL C 690 26.13 19.74 -13.77
C VAL C 690 27.18 19.62 -12.64
N ALA C 691 28.40 19.21 -13.01
CA ALA C 691 29.54 19.25 -12.09
C ALA C 691 29.70 20.57 -11.32
N ALA C 692 29.66 21.72 -12.00
CA ALA C 692 29.83 23.01 -11.30
C ALA C 692 28.76 23.21 -10.24
N ALA C 693 27.54 22.73 -10.54
CA ALA C 693 26.40 22.85 -9.61
C ALA C 693 26.55 21.90 -8.40
N ALA C 694 27.05 20.70 -8.65
CA ALA C 694 27.41 19.79 -7.57
C ALA C 694 28.36 20.45 -6.56
N GLU C 695 29.43 21.05 -7.10
CA GLU C 695 30.41 21.86 -6.33
C GLU C 695 29.80 22.99 -5.52
N ARG C 696 28.90 23.76 -6.11
CA ARG C 696 28.25 24.83 -5.34
C ARG C 696 27.41 24.26 -4.19
N ALA C 697 26.80 23.07 -4.40
CA ALA C 697 25.85 22.47 -3.42
C ALA C 697 26.56 22.09 -2.13
N LEU C 698 27.68 21.38 -2.30
CA LEU C 698 28.67 21.13 -1.25
C LEU C 698 29.12 22.39 -0.47
N ASP C 699 29.24 23.52 -1.18
CA ASP C 699 29.74 24.75 -0.57
C ASP C 699 28.63 25.69 -0.09
N ASN C 700 27.44 25.14 0.20
CA ASN C 700 26.24 25.92 0.57
C ASN C 700 25.97 25.94 2.08
N ILE D 7 33.82 -13.49 -1.54
CA ILE D 7 34.21 -12.11 -1.07
C ILE D 7 35.25 -12.11 0.06
N SER D 8 36.40 -11.55 -0.31
CA SER D 8 37.58 -11.35 0.53
C SER D 8 37.69 -9.87 0.95
N ALA D 9 36.67 -9.08 0.63
CA ALA D 9 36.55 -7.69 1.08
C ALA D 9 35.93 -7.60 2.48
N LEU D 10 35.14 -8.62 2.81
CA LEU D 10 34.53 -8.74 4.12
C LEU D 10 35.56 -9.04 5.22
N THR D 11 36.57 -9.84 4.86
CA THR D 11 37.60 -10.23 5.80
C THR D 11 38.84 -9.35 5.80
N ARG D 12 38.75 -8.10 5.31
CA ARG D 12 39.91 -7.19 5.33
C ARG D 12 39.97 -6.46 6.67
N PRO D 13 41.19 -6.35 7.23
CA PRO D 13 41.34 -5.69 8.53
C PRO D 13 41.19 -4.16 8.46
N ARG D 14 40.74 -3.56 9.56
CA ARG D 14 40.80 -2.12 9.72
C ARG D 14 41.11 -1.90 11.18
N HIS D 15 42.38 -1.70 11.46
CA HIS D 15 42.87 -1.58 12.83
C HIS D 15 42.98 -0.13 13.23
N PRO D 16 42.46 0.25 14.41
CA PRO D 16 42.61 1.62 14.94
C PRO D 16 44.08 2.00 15.22
N ASP D 17 44.28 3.26 15.64
CA ASP D 17 45.61 3.86 15.81
C ASP D 17 46.49 3.27 16.92
N TYR D 18 45.88 2.82 18.01
CA TYR D 18 46.64 2.22 19.11
C TYR D 18 47.12 0.79 18.81
N TRP D 19 46.43 0.12 17.90
CA TRP D 19 46.55 -1.32 17.66
C TRP D 19 47.96 -1.73 17.22
N THR D 20 48.58 -2.60 18.00
CA THR D 20 49.96 -3.04 17.76
C THR D 20 49.97 -4.46 17.32
N GLU D 21 51.14 -4.94 16.95
CA GLU D 21 51.29 -6.30 16.48
C GLU D 21 50.77 -7.31 17.54
N ILE D 22 51.03 -6.98 18.80
CA ILE D 22 50.59 -7.77 19.93
C ILE D 22 49.04 -7.98 19.90
N ASP D 23 48.29 -6.91 19.63
CA ASP D 23 46.86 -7.00 19.53
C ASP D 23 46.45 -7.97 18.43
N SER D 24 47.14 -7.94 17.29
CA SER D 24 46.93 -8.91 16.20
C SER D 24 47.23 -10.34 16.65
N ALA D 25 48.22 -10.48 17.55
CA ALA D 25 48.68 -11.78 18.02
C ALA D 25 47.69 -12.34 19.03
N ALA D 26 47.16 -11.43 19.85
CA ALA D 26 46.06 -11.69 20.77
C ALA D 26 44.83 -12.27 20.03
N VAL D 27 44.41 -11.60 18.96
CA VAL D 27 43.27 -12.04 18.20
C VAL D 27 43.55 -13.44 17.64
N ASP D 28 44.69 -13.59 16.97
CA ASP D 28 45.03 -14.90 16.35
C ASP D 28 45.06 -16.03 17.39
N THR D 29 45.48 -15.70 18.61
CA THR D 29 45.52 -16.64 19.72
C THR D 29 44.10 -17.07 20.09
N ILE D 30 43.14 -16.14 20.02
CA ILE D 30 41.75 -16.46 20.28
C ILE D 30 41.28 -17.51 19.29
N ARG D 31 41.59 -17.31 18.01
CA ARG D 31 41.09 -18.21 16.95
C ARG D 31 41.66 -19.61 17.12
N VAL D 32 42.98 -19.71 17.25
CA VAL D 32 43.65 -20.99 17.37
C VAL D 32 43.18 -21.73 18.63
N LEU D 33 43.06 -21.02 19.75
CA LEU D 33 42.69 -21.64 21.00
C LEU D 33 41.31 -22.27 20.93
N ALA D 34 40.40 -21.66 20.14
CA ALA D 34 39.06 -22.19 19.89
C ALA D 34 39.13 -23.46 19.03
N ALA D 35 39.83 -23.39 17.91
CA ALA D 35 40.05 -24.56 17.09
C ALA D 35 40.69 -25.70 17.89
N ASP D 36 41.75 -25.42 18.66
CA ASP D 36 42.44 -26.43 19.47
C ASP D 36 41.56 -27.01 20.54
N ALA D 37 40.81 -26.11 21.20
CA ALA D 37 39.88 -26.48 22.26
C ALA D 37 38.82 -27.44 21.78
N VAL D 38 38.28 -27.21 20.59
CA VAL D 38 37.29 -28.12 20.03
C VAL D 38 37.91 -29.44 19.54
N GLN D 39 39.09 -29.30 18.96
CA GLN D 39 39.82 -30.42 18.45
C GLN D 39 40.11 -31.44 19.55
N LYS D 40 40.54 -30.95 20.72
CA LYS D 40 40.90 -31.85 21.79
C LYS D 40 39.72 -32.76 22.24
N VAL D 41 38.58 -32.19 22.55
CA VAL D 41 37.44 -33.02 22.92
C VAL D 41 36.76 -33.64 21.68
N GLY D 42 36.91 -33.02 20.51
CA GLY D 42 36.37 -33.61 19.30
C GLY D 42 34.94 -33.26 18.94
N ASN D 43 34.34 -32.32 19.65
CA ASN D 43 33.01 -31.85 19.32
C ASN D 43 32.93 -30.48 19.93
N GLY D 44 31.96 -29.68 19.50
CA GLY D 44 31.89 -28.30 19.89
C GLY D 44 31.65 -27.34 18.73
N HIS D 45 31.97 -26.07 18.97
CA HIS D 45 31.58 -24.98 18.10
C HIS D 45 32.75 -24.01 17.98
N PRO D 46 33.66 -24.21 16.98
CA PRO D 46 34.86 -23.38 16.84
C PRO D 46 34.71 -22.16 15.95
N GLY D 47 33.85 -22.23 14.94
CA GLY D 47 33.79 -21.22 13.87
C GLY D 47 33.41 -19.83 14.28
N THR D 48 32.33 -19.71 15.04
CA THR D 48 31.89 -18.36 15.40
C THR D 48 32.92 -17.64 16.29
N ALA D 49 33.51 -18.43 17.16
CA ALA D 49 34.46 -17.96 18.08
C ALA D 49 35.65 -17.38 17.27
N MET D 50 36.04 -18.07 16.21
CA MET D 50 37.08 -17.56 15.35
C MET D 50 36.78 -16.18 14.76
N SER D 51 35.58 -15.97 14.20
CA SER D 51 35.29 -14.73 13.47
C SER D 51 34.91 -13.59 14.40
N LEU D 52 34.40 -13.94 15.58
CA LEU D 52 34.04 -12.94 16.59
C LEU D 52 35.17 -12.57 17.50
N ALA D 53 36.36 -13.13 17.27
CA ALA D 53 37.52 -12.88 18.13
C ALA D 53 37.77 -11.39 18.22
N PRO D 54 37.80 -10.69 17.07
CA PRO D 54 38.10 -9.25 17.19
C PRO D 54 37.04 -8.44 17.97
N LEU D 55 35.77 -8.74 17.76
CA LEU D 55 34.70 -8.14 18.55
C LEU D 55 34.82 -8.43 20.05
N ALA D 56 34.94 -9.72 20.37
CA ALA D 56 34.99 -10.15 21.79
C ALA D 56 36.20 -9.54 22.46
N TYR D 57 37.34 -9.58 21.74
CA TYR D 57 38.58 -8.96 22.22
C TYR D 57 38.36 -7.48 22.58
N THR D 58 37.79 -6.72 21.66
CA THR D 58 37.46 -5.31 21.85
C THR D 58 36.52 -5.05 23.02
N LEU D 59 35.51 -5.89 23.18
CA LEU D 59 34.56 -5.73 24.30
C LEU D 59 35.20 -5.93 25.66
N PHE D 60 35.87 -7.04 25.84
CA PHE D 60 36.46 -7.37 27.12
C PHE D 60 37.64 -6.46 27.38
N GLN D 61 38.61 -6.40 26.47
CA GLN D 61 39.81 -5.59 26.70
C GLN D 61 39.61 -4.09 26.70
N ARG D 62 38.76 -3.57 25.83
CA ARG D 62 38.66 -2.11 25.73
C ARG D 62 37.34 -1.46 26.10
N THR D 63 36.24 -2.02 25.63
CA THR D 63 34.99 -1.34 25.75
C THR D 63 34.45 -1.37 27.17
N MET D 64 34.31 -2.58 27.72
CA MET D 64 33.61 -2.83 28.99
C MET D 64 34.34 -2.40 30.22
N ARG D 65 33.58 -1.93 31.19
CA ARG D 65 34.09 -1.63 32.50
C ARG D 65 33.78 -2.83 33.42
N HIS D 66 34.81 -3.57 33.81
CA HIS D 66 34.69 -4.69 34.75
C HIS D 66 36.02 -4.96 35.39
N ASP D 67 35.97 -5.68 36.52
CA ASP D 67 37.16 -5.99 37.29
C ASP D 67 37.37 -7.49 37.40
N PRO D 68 38.35 -8.03 36.66
CA PRO D 68 38.60 -9.48 36.60
C PRO D 68 38.80 -10.16 37.96
N SER D 69 39.11 -9.36 38.99
CA SER D 69 39.29 -9.85 40.36
C SER D 69 38.01 -9.91 41.13
N ASP D 70 37.01 -9.14 40.69
CA ASP D 70 35.66 -9.18 41.27
C ASP D 70 34.54 -9.28 40.19
N THR D 71 34.21 -10.51 39.84
CA THR D 71 33.13 -10.79 38.91
C THR D 71 31.74 -10.42 39.50
N HIS D 72 31.67 -10.18 40.81
CA HIS D 72 30.44 -9.76 41.45
C HIS D 72 30.34 -8.23 41.64
N TRP D 73 31.34 -7.51 41.17
CA TRP D 73 31.35 -6.06 41.30
C TRP D 73 30.02 -5.47 40.86
N LEU D 74 29.38 -4.81 41.80
CA LEU D 74 28.12 -4.13 41.62
C LEU D 74 28.08 -3.17 40.42
N GLY D 75 29.24 -2.58 40.13
CA GLY D 75 29.32 -1.50 39.16
C GLY D 75 29.81 -1.94 37.79
N ARG D 76 29.88 -3.26 37.59
CA ARG D 76 30.39 -3.79 36.33
C ARG D 76 29.41 -3.64 35.15
N ASP D 77 29.94 -3.49 33.93
CA ASP D 77 29.14 -3.73 32.73
C ASP D 77 28.75 -5.21 32.66
N ARG D 78 27.64 -5.49 32.01
CA ARG D 78 27.13 -6.86 31.93
C ARG D 78 27.21 -7.37 30.52
N PHE D 79 27.84 -8.52 30.31
CA PHE D 79 27.88 -9.15 29.00
C PHE D 79 27.10 -10.46 29.02
N VAL D 80 26.37 -10.70 27.93
CA VAL D 80 25.52 -11.86 27.76
C VAL D 80 25.79 -12.38 26.40
N LEU D 81 26.27 -13.61 26.30
CA LEU D 81 26.47 -14.25 25.01
C LEU D 81 25.20 -15.03 24.73
N SER D 82 24.33 -14.47 23.90
CA SER D 82 23.03 -15.07 23.67
C SER D 82 23.17 -16.24 22.75
N ALA D 83 24.20 -16.18 21.92
CA ALA D 83 24.59 -17.26 21.05
C ALA D 83 25.45 -18.21 21.85
N GLY D 84 24.78 -18.96 22.71
CA GLY D 84 25.43 -19.78 23.70
C GLY D 84 26.38 -20.85 23.20
N HIS D 85 26.22 -21.27 21.94
CA HIS D 85 27.05 -22.31 21.35
C HIS D 85 28.49 -21.80 21.14
N SER D 86 28.65 -20.51 20.90
CA SER D 86 29.95 -19.93 20.86
C SER D 86 30.48 -19.63 22.26
N SER D 87 30.34 -20.59 23.15
CA SER D 87 30.84 -20.42 24.52
C SER D 87 32.32 -20.09 24.57
N LEU D 88 33.15 -20.69 23.72
CA LEU D 88 34.57 -20.35 23.67
C LEU D 88 34.86 -18.85 23.49
N THR D 89 34.01 -18.12 22.78
CA THR D 89 34.07 -16.65 22.74
C THR D 89 34.10 -16.01 24.14
N LEU D 90 33.31 -16.53 25.07
CA LEU D 90 33.31 -16.02 26.42
C LEU D 90 34.41 -16.66 27.24
N TYR D 91 34.61 -17.98 27.10
CA TYR D 91 35.64 -18.64 27.91
C TYR D 91 37.04 -18.06 27.65
N ILE D 92 37.37 -17.75 26.40
CA ILE D 92 38.72 -17.32 26.10
C ILE D 92 39.02 -15.90 26.63
N GLN D 93 38.03 -15.00 26.51
CA GLN D 93 38.10 -13.68 27.08
C GLN D 93 38.24 -13.75 28.58
N LEU D 94 37.51 -14.65 29.21
CA LEU D 94 37.65 -14.91 30.62
C LEU D 94 39.05 -15.38 31.04
N TYR D 95 39.66 -16.22 30.22
CA TYR D 95 41.01 -16.68 30.44
C TYR D 95 42.02 -15.58 30.09
N LEU D 96 42.01 -15.10 28.88
CA LEU D 96 42.97 -14.11 28.53
C LEU D 96 42.97 -12.97 29.50
N GLY D 97 41.80 -12.62 30.04
CA GLY D 97 41.63 -11.34 30.77
C GLY D 97 41.79 -11.38 32.28
N GLY D 98 41.94 -12.57 32.83
CA GLY D 98 42.35 -12.77 34.21
C GLY D 98 41.21 -12.99 35.16
N PHE D 99 40.07 -13.47 34.65
CA PHE D 99 38.81 -13.60 35.42
C PHE D 99 38.66 -14.88 36.21
N GLY D 100 39.62 -15.80 36.13
CA GLY D 100 39.50 -17.04 36.90
C GLY D 100 39.90 -18.27 36.13
N LEU D 101 39.42 -18.33 34.90
CA LEU D 101 39.73 -19.45 34.04
C LEU D 101 41.21 -19.50 33.68
N GLU D 102 41.74 -20.73 33.57
CA GLU D 102 43.14 -20.98 33.22
C GLU D 102 43.21 -21.85 31.96
N LEU D 103 44.42 -21.97 31.40
CA LEU D 103 44.59 -22.70 30.16
C LEU D 103 44.04 -24.14 30.25
N SER D 104 44.26 -24.79 31.38
CA SER D 104 43.70 -26.12 31.62
C SER D 104 42.16 -26.20 31.57
N ASP D 105 41.47 -25.09 31.78
CA ASP D 105 40.00 -25.07 31.70
C ASP D 105 39.58 -25.14 30.25
N ILE D 106 40.20 -24.28 29.44
CA ILE D 106 40.09 -24.36 27.97
C ILE D 106 40.37 -25.78 27.45
N GLU D 107 41.35 -26.47 28.02
CA GLU D 107 41.73 -27.83 27.63
C GLU D 107 40.80 -28.85 28.22
N SER D 108 39.74 -28.39 28.89
CA SER D 108 38.76 -29.27 29.45
C SER D 108 37.40 -28.98 28.88
N LEU D 109 37.33 -28.08 27.91
CA LEU D 109 36.05 -27.87 27.22
C LEU D 109 35.21 -29.16 27.09
N ARG D 110 33.93 -29.05 27.49
CA ARG D 110 32.92 -30.10 27.31
C ARG D 110 33.29 -31.47 27.89
N THR D 111 33.92 -31.49 29.07
CA THR D 111 34.23 -32.75 29.80
C THR D 111 33.54 -32.74 31.17
N TRP D 112 33.25 -33.93 31.69
CA TRP D 112 32.61 -34.04 33.02
C TRP D 112 33.21 -33.09 34.09
N GLY D 113 32.36 -32.17 34.56
CA GLY D 113 32.61 -31.31 35.70
C GLY D 113 33.54 -30.15 35.45
N SER D 114 33.99 -30.00 34.22
CA SER D 114 34.88 -28.88 33.88
C SER D 114 34.22 -27.51 34.16
N LYS D 115 35.02 -26.43 34.11
CA LYS D 115 34.45 -25.10 34.23
C LYS D 115 33.97 -24.53 32.88
N THR D 116 34.17 -25.31 31.82
CA THR D 116 33.90 -24.86 30.49
C THR D 116 32.94 -25.84 29.84
N PRO D 117 31.67 -25.89 30.28
CA PRO D 117 30.74 -26.76 29.54
C PRO D 117 30.36 -26.14 28.17
N GLY D 118 29.78 -26.96 27.30
CA GLY D 118 29.46 -26.55 25.94
C GLY D 118 28.63 -25.28 25.78
N HIS D 119 27.66 -25.08 26.67
CA HIS D 119 27.04 -23.78 26.75
C HIS D 119 27.37 -23.21 28.11
N PRO D 120 27.52 -21.88 28.24
CA PRO D 120 28.03 -21.31 29.51
C PRO D 120 26.96 -21.37 30.58
N GLU D 121 27.36 -21.78 31.80
CA GLU D 121 26.39 -21.99 32.86
C GLU D 121 26.61 -21.08 34.03
N PHE D 122 25.57 -20.34 34.37
CA PHE D 122 25.59 -19.42 35.49
C PHE D 122 25.97 -20.17 36.77
N ARG D 123 26.93 -19.62 37.51
CA ARG D 123 27.41 -20.28 38.72
C ARG D 123 28.44 -21.38 38.48
N HIS D 124 28.64 -21.78 37.24
CA HIS D 124 29.67 -22.77 36.99
C HIS D 124 31.03 -22.15 36.70
N THR D 125 31.02 -20.89 36.30
CA THR D 125 32.17 -20.21 35.81
C THR D 125 32.03 -18.76 36.23
N PRO D 126 33.07 -18.21 36.89
CA PRO D 126 33.04 -16.78 37.22
C PRO D 126 33.08 -15.96 35.96
N GLY D 127 32.22 -14.94 35.91
CA GLY D 127 32.08 -14.12 34.73
C GLY D 127 30.92 -14.48 33.82
N VAL D 128 30.29 -15.64 34.04
CA VAL D 128 29.12 -16.00 33.27
C VAL D 128 27.96 -15.34 33.97
N GLU D 129 27.29 -14.42 33.29
CA GLU D 129 26.16 -13.71 33.90
C GLU D 129 24.81 -14.42 33.83
N ILE D 130 24.70 -15.48 33.02
CA ILE D 130 23.41 -16.13 32.78
C ILE D 130 23.61 -17.43 32.02
N THR D 131 22.72 -18.43 32.21
CA THR D 131 22.86 -19.59 31.37
C THR D 131 22.24 -19.33 30.00
N THR D 132 23.00 -19.66 28.95
CA THR D 132 22.51 -19.52 27.58
C THR D 132 22.69 -20.82 26.76
N GLY D 133 22.15 -20.87 25.55
CA GLY D 133 22.10 -22.12 24.84
C GLY D 133 20.80 -22.34 24.10
N PRO D 134 19.65 -22.28 24.82
CA PRO D 134 18.39 -22.25 24.04
C PRO D 134 18.37 -20.89 23.36
N LEU D 135 18.45 -20.91 22.04
CA LEU D 135 18.51 -19.70 21.29
C LEU D 135 17.41 -18.68 21.65
N GLY D 136 17.74 -17.39 21.61
CA GLY D 136 16.82 -16.36 21.97
C GLY D 136 16.87 -15.97 23.44
N GLN D 137 16.96 -16.97 24.31
CA GLN D 137 16.92 -16.75 25.74
C GLN D 137 17.77 -15.61 26.25
N GLY D 138 19.07 -15.56 25.85
CA GLY D 138 20.02 -14.60 26.42
C GLY D 138 19.73 -13.16 26.03
N LEU D 139 19.26 -12.97 24.82
CA LEU D 139 18.92 -11.62 24.38
C LEU D 139 17.65 -11.15 25.07
N ALA D 140 16.64 -12.01 25.10
CA ALA D 140 15.39 -11.64 25.76
C ALA D 140 15.68 -11.27 27.19
N SER D 141 16.52 -12.05 27.87
CA SER D 141 16.87 -11.77 29.24
C SER D 141 17.65 -10.50 29.41
N ALA D 142 18.51 -10.15 28.45
CA ALA D 142 19.37 -8.98 28.63
C ALA D 142 18.46 -7.75 28.72
N VAL D 143 17.39 -7.79 27.91
CA VAL D 143 16.30 -6.80 28.00
C VAL D 143 15.89 -6.70 29.44
N GLY D 144 15.57 -7.83 30.04
CA GLY D 144 15.19 -7.83 31.46
C GLY D 144 16.25 -7.14 32.29
N MET D 145 17.52 -7.47 32.01
CA MET D 145 18.66 -6.93 32.77
C MET D 145 18.69 -5.41 32.65
N ALA D 146 18.59 -4.91 31.43
CA ALA D 146 18.54 -3.50 31.24
C ALA D 146 17.41 -2.85 32.06
N MET D 147 16.21 -3.42 32.02
CA MET D 147 15.08 -2.87 32.73
C MET D 147 15.35 -2.85 34.22
N ALA D 148 15.98 -3.90 34.71
CA ALA D 148 16.30 -3.98 36.12
C ALA D 148 17.24 -2.86 36.47
N SER D 149 18.21 -2.54 35.60
CA SER D 149 19.23 -1.55 35.98
C SER D 149 18.60 -0.15 36.15
N ARG D 150 17.60 0.15 35.36
CA ARG D 150 16.87 1.37 35.53
C ARG D 150 16.04 1.37 36.83
N TYR D 151 15.34 0.28 37.12
CA TYR D 151 14.55 0.24 38.34
C TYR D 151 15.44 0.28 39.57
N GLU D 152 16.57 -0.42 39.51
CA GLU D 152 17.57 -0.39 40.58
C GLU D 152 18.14 1.04 40.75
N ARG D 153 18.35 1.75 39.65
CA ARG D 153 18.75 3.12 39.72
C ARG D 153 17.67 3.92 40.44
N GLY D 154 16.41 3.65 40.12
CA GLY D 154 15.31 4.25 40.83
C GLY D 154 15.43 4.17 42.33
N LEU D 155 15.83 2.99 42.80
CA LEU D 155 15.84 2.67 44.24
C LEU D 155 17.06 3.24 44.95
N PHE D 156 18.21 3.29 44.27
CA PHE D 156 19.48 3.62 44.93
C PHE D 156 19.96 5.06 44.71
N ASP D 157 19.76 5.61 43.52
CA ASP D 157 20.34 6.90 43.17
C ASP D 157 19.50 7.61 42.09
N PRO D 158 18.20 7.86 42.38
CA PRO D 158 17.30 8.37 41.34
C PRO D 158 17.65 9.76 40.81
N ASP D 159 18.20 10.58 41.72
CA ASP D 159 18.36 12.03 41.55
C ASP D 159 19.69 12.36 40.92
N ALA D 160 20.49 11.31 40.70
CA ALA D 160 21.77 11.38 40.00
C ALA D 160 21.54 11.68 38.54
N GLU D 161 22.58 12.18 37.86
CA GLU D 161 22.41 12.66 36.48
C GLU D 161 22.77 11.61 35.40
N PRO D 162 22.15 11.70 34.20
CA PRO D 162 22.49 10.73 33.18
C PRO D 162 24.02 10.46 33.08
N GLY D 163 24.44 9.25 33.44
CA GLY D 163 25.85 8.84 33.35
C GLY D 163 26.63 9.00 34.64
N ALA D 164 26.11 9.80 35.58
CA ALA D 164 26.88 10.24 36.76
C ALA D 164 26.78 9.33 38.02
N SER D 165 25.90 8.32 37.96
CA SER D 165 25.74 7.38 39.08
C SER D 165 26.77 6.24 39.06
N PRO D 166 27.18 5.78 40.24
CA PRO D 166 27.85 4.48 40.34
C PRO D 166 27.01 3.33 39.80
N PHE D 167 25.69 3.52 39.75
CA PHE D 167 24.80 2.47 39.30
C PHE D 167 24.53 2.53 37.77
N ASP D 168 25.23 3.42 37.08
CA ASP D 168 25.14 3.50 35.62
C ASP D 168 26.14 2.61 34.91
N HIS D 169 25.66 1.77 34.00
CA HIS D 169 26.49 0.79 33.32
C HIS D 169 25.78 0.27 32.07
N TYR D 170 26.42 -0.57 31.27
CA TYR D 170 25.78 -1.09 30.07
C TYR D 170 25.52 -2.60 30.12
N ILE D 171 24.54 -3.02 29.32
CA ILE D 171 24.29 -4.42 29.00
C ILE D 171 24.71 -4.67 27.55
N TYR D 172 25.71 -5.53 27.36
CA TYR D 172 26.20 -5.91 26.02
C TYR D 172 25.74 -7.31 25.68
N VAL D 173 25.37 -7.50 24.43
CA VAL D 173 24.79 -8.75 24.01
C VAL D 173 25.35 -9.14 22.65
N ILE D 174 25.84 -10.37 22.58
CA ILE D 174 26.19 -10.95 21.30
C ILE D 174 25.15 -12.00 20.94
N ALA D 175 24.49 -11.75 19.80
CA ALA D 175 23.41 -12.59 19.28
C ALA D 175 23.76 -13.09 17.90
N SER D 176 23.18 -14.23 17.52
CA SER D 176 23.37 -14.79 16.18
C SER D 176 22.07 -14.79 15.33
N ASP D 177 22.18 -15.33 14.10
CA ASP D 177 21.02 -15.55 13.23
C ASP D 177 19.91 -16.26 13.99
N GLY D 178 20.27 -17.40 14.58
CA GLY D 178 19.32 -18.17 15.44
C GLY D 178 18.57 -17.33 16.46
N ASP D 179 19.28 -16.47 17.19
CA ASP D 179 18.63 -15.53 18.12
C ASP D 179 17.62 -14.58 17.45
N ILE D 180 18.04 -14.04 16.29
CA ILE D 180 17.28 -13.14 15.46
C ILE D 180 16.04 -13.85 14.84
N GLU D 181 16.05 -15.17 14.67
CA GLU D 181 14.86 -15.86 14.11
C GLU D 181 13.79 -16.17 15.14
N GLU D 182 14.23 -16.31 16.40
CA GLU D 182 13.39 -16.81 17.47
C GLU D 182 12.34 -15.79 17.93
N GLY D 183 11.08 -16.24 18.03
CA GLY D 183 9.94 -15.39 18.37
C GLY D 183 10.17 -14.57 19.62
N VAL D 184 10.85 -15.18 20.59
CA VAL D 184 11.10 -14.58 21.89
C VAL D 184 11.94 -13.29 21.74
N THR D 185 12.83 -13.30 20.76
CA THR D 185 13.66 -12.13 20.47
C THR D 185 12.83 -10.96 19.99
N SER D 186 11.91 -11.25 19.06
CA SER D 186 11.04 -10.23 18.56
C SER D 186 10.26 -9.60 19.71
N GLU D 187 9.60 -10.44 20.52
CA GLU D 187 8.80 -9.89 21.57
C GLU D 187 9.65 -8.96 22.44
N ALA D 188 10.84 -9.43 22.84
CA ALA D 188 11.63 -8.69 23.82
C ALA D 188 12.15 -7.38 23.19
N SER D 189 12.46 -7.46 21.91
CA SER D 189 13.00 -6.33 21.20
C SER D 189 11.93 -5.27 20.97
N SER D 190 10.72 -5.75 20.79
CA SER D 190 9.57 -4.88 20.60
C SER D 190 9.37 -4.01 21.88
N LEU D 191 9.40 -4.70 23.01
CA LEU D 191 9.24 -4.08 24.31
C LEU D 191 10.45 -3.25 24.72
N ALA D 192 11.65 -3.61 24.25
CA ALA D 192 12.86 -2.93 24.66
C ALA D 192 12.83 -1.48 24.17
N ALA D 193 12.32 -1.31 22.95
CA ALA D 193 12.09 -0.01 22.38
C ALA D 193 11.03 0.76 23.14
N VAL D 194 9.92 0.09 23.49
CA VAL D 194 8.83 0.74 24.22
C VAL D 194 9.38 1.40 25.47
N GLN D 195 10.34 0.74 26.07
CA GLN D 195 10.89 1.14 27.32
C GLN D 195 12.17 1.94 27.13
N GLN D 196 12.55 2.23 25.90
CA GLN D 196 13.66 3.14 25.65
C GLN D 196 14.96 2.84 26.45
N LEU D 197 15.43 1.59 26.38
CA LEU D 197 16.55 1.13 27.23
C LEU D 197 17.90 1.53 26.64
N GLY D 198 18.27 2.76 26.89
CA GLY D 198 19.46 3.38 26.30
C GLY D 198 20.73 2.59 26.57
N ASN D 199 20.77 1.86 27.67
CA ASN D 199 21.98 1.20 28.06
C ASN D 199 22.14 -0.26 27.56
N LEU D 200 21.31 -0.65 26.57
CA LEU D 200 21.35 -1.99 25.97
C LEU D 200 21.95 -1.95 24.59
N ILE D 201 23.01 -2.72 24.38
CA ILE D 201 23.71 -2.62 23.13
C ILE D 201 23.92 -4.04 22.69
N VAL D 202 23.33 -4.38 21.54
CA VAL D 202 23.32 -5.74 21.05
C VAL D 202 24.12 -5.81 19.77
N PHE D 203 25.10 -6.72 19.70
CA PHE D 203 25.70 -7.09 18.41
C PHE D 203 25.02 -8.32 17.80
N TYR D 204 24.65 -8.20 16.53
CA TYR D 204 24.04 -9.30 15.78
C TYR D 204 25.06 -9.77 14.75
N ASP D 205 25.59 -10.98 14.98
CA ASP D 205 26.51 -11.64 14.07
C ASP D 205 25.77 -12.17 12.83
N ARG D 206 25.70 -11.32 11.80
CA ARG D 206 25.05 -11.65 10.58
C ARG D 206 26.05 -12.26 9.63
N ASN D 207 26.06 -13.59 9.54
CA ASN D 207 27.10 -14.27 8.79
C ASN D 207 26.60 -15.25 7.71
N GLN D 208 25.31 -15.13 7.37
CA GLN D 208 24.63 -16.00 6.39
C GLN D 208 24.83 -17.50 6.57
N ILE D 209 25.16 -17.94 7.77
CA ILE D 209 25.35 -19.35 8.06
C ILE D 209 24.61 -19.74 9.35
N SER D 210 24.03 -20.93 9.31
CA SER D 210 23.54 -21.65 10.47
C SER D 210 23.74 -23.15 10.19
N ILE D 211 23.02 -24.01 10.91
CA ILE D 211 23.28 -25.43 10.81
C ILE D 211 22.95 -25.93 9.42
N GLU D 212 21.97 -25.31 8.77
CA GLU D 212 21.61 -25.75 7.41
C GLU D 212 22.33 -24.94 6.33
N ASP D 213 23.55 -24.55 6.67
CA ASP D 213 24.48 -23.79 5.79
C ASP D 213 23.99 -22.36 5.56
N ASP D 214 23.99 -21.93 4.29
CA ASP D 214 23.58 -20.61 3.85
C ASP D 214 22.11 -20.32 4.27
N THR D 215 21.97 -19.24 5.02
CA THR D 215 20.69 -18.84 5.64
C THR D 215 19.63 -18.42 4.63
N ASN D 216 20.04 -18.18 3.40
CA ASN D 216 19.10 -17.80 2.36
C ASN D 216 17.94 -18.77 2.21
N ILE D 217 18.13 -20.02 2.62
CA ILE D 217 17.13 -21.08 2.45
C ILE D 217 15.96 -20.83 3.35
N ALA D 218 16.16 -20.08 4.42
CA ALA D 218 15.10 -19.83 5.38
C ALA D 218 15.13 -18.42 5.99
N LEU D 219 15.91 -17.51 5.41
CA LEU D 219 16.03 -16.19 5.96
C LEU D 219 16.29 -15.15 4.88
N CYS D 220 15.34 -14.22 4.69
CA CYS D 220 15.41 -13.26 3.61
C CYS D 220 15.19 -11.83 4.13
N GLU D 221 14.89 -11.68 5.41
CA GLU D 221 14.37 -10.42 5.94
C GLU D 221 15.46 -9.38 6.05
N ASP D 222 15.06 -8.12 6.03
CA ASP D 222 15.93 -7.04 6.37
C ASP D 222 15.87 -6.75 7.85
N THR D 223 16.68 -7.48 8.64
CA THR D 223 16.64 -7.44 10.09
C THR D 223 16.86 -6.04 10.65
N ALA D 224 17.81 -5.32 10.05
CA ALA D 224 18.12 -3.94 10.44
C ALA D 224 16.89 -3.01 10.30
N ALA D 225 16.13 -3.18 9.21
CA ALA D 225 14.86 -2.45 9.02
C ALA D 225 13.83 -2.81 10.11
N ARG D 226 13.68 -4.12 10.35
CA ARG D 226 12.88 -4.60 11.48
C ARG D 226 13.26 -3.84 12.76
N TYR D 227 14.54 -3.72 13.07
CA TYR D 227 14.89 -3.04 14.33
C TYR D 227 14.57 -1.55 14.31
N ARG D 228 14.75 -0.92 13.17
CA ARG D 228 14.26 0.46 12.97
C ARG D 228 12.75 0.54 13.20
N ALA D 229 11.98 -0.42 12.64
CA ALA D 229 10.54 -0.53 12.85
C ALA D 229 10.10 -0.52 14.34
N TYR D 230 10.77 -1.34 15.18
CA TYR D 230 10.58 -1.34 16.63
C TYR D 230 10.87 0.00 17.25
N GLY D 231 11.83 0.72 16.67
CA GLY D 231 12.29 1.99 17.25
C GLY D 231 13.64 1.91 17.92
N TRP D 232 14.46 0.93 17.52
CA TRP D 232 15.82 0.82 18.04
C TRP D 232 16.76 1.75 17.28
N HIS D 233 17.88 2.11 17.92
CA HIS D 233 18.95 2.82 17.23
C HIS D 233 19.76 1.77 16.47
N VAL D 234 19.73 1.83 15.14
CA VAL D 234 20.32 0.76 14.29
C VAL D 234 21.53 1.23 13.49
N GLN D 235 22.61 0.45 13.52
CA GLN D 235 23.78 0.69 12.69
C GLN D 235 24.19 -0.63 12.05
N GLU D 236 24.70 -0.57 10.84
CA GLU D 236 25.25 -1.74 10.17
C GLU D 236 26.74 -1.52 10.01
N VAL D 237 27.53 -2.53 10.34
CA VAL D 237 28.97 -2.47 10.23
C VAL D 237 29.35 -3.63 9.36
N GLU D 238 30.33 -3.40 8.46
CA GLU D 238 30.83 -4.50 7.58
C GLU D 238 32.18 -5.07 7.95
N GLY D 239 32.17 -6.38 8.20
CA GLY D 239 33.38 -7.14 8.33
C GLY D 239 33.78 -7.42 9.75
N GLY D 240 34.08 -8.69 9.99
CA GLY D 240 34.53 -9.11 11.29
C GLY D 240 35.83 -8.47 11.75
N GLU D 241 36.64 -8.01 10.81
CA GLU D 241 37.98 -7.51 11.17
C GLU D 241 38.04 -6.00 11.20
N ASN D 242 36.87 -5.36 11.14
CA ASN D 242 36.78 -3.92 11.05
C ASN D 242 36.64 -3.31 12.44
N VAL D 243 37.75 -3.37 13.18
CA VAL D 243 37.77 -2.96 14.58
C VAL D 243 37.38 -1.48 14.71
N VAL D 244 37.85 -0.67 13.74
CA VAL D 244 37.54 0.75 13.68
C VAL D 244 36.04 0.94 13.54
N GLY D 245 35.45 0.28 12.55
CA GLY D 245 34.00 0.29 12.36
C GLY D 245 33.23 -0.15 13.59
N ILE D 246 33.73 -1.17 14.27
CA ILE D 246 33.11 -1.67 15.49
C ILE D 246 33.14 -0.65 16.67
N GLU D 247 34.29 -0.03 16.87
CA GLU D 247 34.46 0.90 17.97
C GLU D 247 33.74 2.21 17.76
N GLU D 248 33.54 2.56 16.49
CA GLU D 248 32.75 3.71 16.13
C GLU D 248 31.28 3.48 16.39
N ALA D 249 30.75 2.34 15.90
CA ALA D 249 29.41 1.88 16.28
C ALA D 249 29.18 1.86 17.77
N ILE D 250 30.08 1.27 18.53
CA ILE D 250 29.99 1.27 20.01
C ILE D 250 29.84 2.67 20.62
N ALA D 251 30.77 3.57 20.25
CA ALA D 251 30.68 4.96 20.74
C ALA D 251 29.41 5.71 20.30
N ASN D 252 28.96 5.53 19.06
CA ASN D 252 27.66 6.09 18.67
C ASN D 252 26.55 5.50 19.53
N ALA D 253 26.57 4.20 19.77
CA ALA D 253 25.55 3.57 20.56
C ALA D 253 25.50 4.17 21.96
N GLN D 254 26.67 4.37 22.57
CA GLN D 254 26.73 4.92 23.93
C GLN D 254 26.22 6.35 23.98
N ALA D 255 26.41 7.06 22.87
CA ALA D 255 25.99 8.45 22.77
C ALA D 255 24.46 8.52 22.77
N VAL D 256 23.82 7.49 22.22
CA VAL D 256 22.34 7.42 22.18
C VAL D 256 21.79 6.78 23.45
N THR D 257 21.06 7.59 24.22
CA THR D 257 20.67 7.21 25.55
C THR D 257 19.18 6.99 25.69
N ASP D 258 18.42 7.06 24.60
CA ASP D 258 16.95 6.98 24.75
C ASP D 258 16.32 5.93 23.82
N ARG D 259 17.17 5.12 23.21
CA ARG D 259 16.75 4.04 22.34
C ARG D 259 17.80 2.94 22.49
N PRO D 260 17.37 1.69 22.69
CA PRO D 260 18.37 0.59 22.72
C PRO D 260 19.09 0.50 21.39
N SER D 261 20.36 0.14 21.40
CA SER D 261 21.10 0.04 20.15
C SER D 261 21.22 -1.39 19.58
N PHE D 262 21.18 -1.48 18.26
CA PHE D 262 21.34 -2.75 17.56
C PHE D 262 22.41 -2.59 16.46
N ILE D 263 23.52 -3.30 16.60
CA ILE D 263 24.62 -3.17 15.64
C ILE D 263 24.76 -4.45 14.84
N ALA D 264 24.28 -4.47 13.62
CA ALA D 264 24.42 -5.67 12.74
C ALA D 264 25.82 -5.72 12.08
N LEU D 265 26.61 -6.67 12.53
CA LEU D 265 27.95 -6.90 12.05
C LEU D 265 27.97 -8.03 11.02
N ARG D 266 28.21 -7.69 9.76
CA ARG D 266 28.31 -8.72 8.74
C ARG D 266 29.69 -9.43 8.81
N THR D 267 29.70 -10.76 8.81
CA THR D 267 30.91 -11.51 9.08
C THR D 267 30.97 -12.71 8.17
N VAL D 268 32.15 -13.31 8.10
CA VAL D 268 32.32 -14.64 7.50
C VAL D 268 32.63 -15.61 8.61
N ILE D 269 31.86 -16.68 8.72
CA ILE D 269 32.05 -17.58 9.85
C ILE D 269 33.36 -18.37 9.69
N GLY D 270 34.12 -18.48 10.76
CA GLY D 270 35.27 -19.35 10.76
C GLY D 270 36.51 -18.83 10.07
N TYR D 271 36.54 -17.55 9.74
CA TYR D 271 37.72 -16.94 9.19
C TYR D 271 38.86 -17.12 10.17
N PRO D 272 40.01 -17.63 9.70
CA PRO D 272 40.45 -17.80 8.35
C PRO D 272 40.60 -19.24 7.87
N ALA D 273 39.77 -20.15 8.37
CA ALA D 273 39.80 -21.55 7.92
C ALA D 273 39.67 -21.56 6.41
N PRO D 274 40.73 -21.98 5.70
CA PRO D 274 40.78 -21.84 4.25
C PRO D 274 39.70 -22.58 3.54
N ASN D 275 39.29 -23.75 4.05
CA ASN D 275 38.27 -24.59 3.36
C ASN D 275 36.91 -24.60 4.04
N LEU D 276 36.92 -24.39 5.35
CA LEU D 276 35.72 -24.55 6.15
C LEU D 276 35.02 -23.23 6.48
N MET D 277 35.71 -22.10 6.31
CA MET D 277 35.04 -20.82 6.58
C MET D 277 33.84 -20.62 5.62
N ASP D 278 32.88 -19.83 6.08
CA ASP D 278 31.66 -19.54 5.29
C ASP D 278 30.84 -20.81 5.00
N THR D 279 30.98 -21.85 5.83
CA THR D 279 30.19 -23.08 5.71
C THR D 279 29.56 -23.43 7.06
N GLY D 280 28.50 -24.24 7.03
CA GLY D 280 27.89 -24.77 8.26
C GLY D 280 28.75 -25.75 9.02
N LYS D 281 29.83 -26.25 8.39
CA LYS D 281 30.73 -27.18 9.09
C LYS D 281 31.60 -26.47 10.10
N ALA D 282 31.83 -25.18 9.90
CA ALA D 282 32.61 -24.38 10.85
C ALA D 282 31.85 -24.12 12.10
N HIS D 283 30.51 -24.14 11.99
CA HIS D 283 29.64 -23.84 13.11
C HIS D 283 29.75 -24.86 14.24
N GLY D 284 29.62 -26.15 13.90
CA GLY D 284 29.26 -27.13 14.92
C GLY D 284 29.98 -28.47 14.95
N ALA D 285 31.26 -28.43 14.57
CA ALA D 285 32.11 -29.61 14.58
C ALA D 285 33.58 -29.24 14.56
N ALA D 286 34.39 -30.21 14.98
CA ALA D 286 35.83 -30.09 14.98
C ALA D 286 36.21 -29.85 13.53
N LEU D 287 37.07 -28.86 13.30
CA LEU D 287 37.63 -28.60 11.99
C LEU D 287 38.39 -29.79 11.38
N GLY D 288 38.98 -30.65 12.20
CA GLY D 288 39.88 -31.74 11.73
C GLY D 288 41.35 -31.25 11.71
N ASP D 289 42.30 -32.16 11.85
CA ASP D 289 43.75 -31.82 12.02
C ASP D 289 44.34 -30.91 10.93
N ASP D 290 44.07 -31.28 9.68
CA ASP D 290 44.50 -30.53 8.50
C ASP D 290 44.06 -29.06 8.49
N GLU D 291 42.78 -28.81 8.75
CA GLU D 291 42.28 -27.46 8.73
C GLU D 291 42.87 -26.65 9.87
N VAL D 292 43.06 -27.32 11.01
CA VAL D 292 43.63 -26.66 12.18
C VAL D 292 45.07 -26.25 11.87
N ALA D 293 45.86 -27.23 11.40
CA ALA D 293 47.24 -27.01 10.94
C ALA D 293 47.26 -25.87 9.91
N ALA D 294 46.31 -25.93 8.98
CA ALA D 294 46.25 -24.95 7.92
C ALA D 294 46.03 -23.56 8.47
N VAL D 295 45.19 -23.46 9.50
CA VAL D 295 44.87 -22.17 10.13
C VAL D 295 46.07 -21.59 10.90
N LYS D 296 46.78 -22.45 11.63
CA LYS D 296 47.99 -22.06 12.35
C LYS D 296 49.07 -21.49 11.40
N LYS D 297 49.20 -22.12 10.23
CA LYS D 297 50.17 -21.67 9.24
C LYS D 297 49.86 -20.26 8.76
N ILE D 298 48.58 -20.02 8.51
CA ILE D 298 48.11 -18.74 8.00
C ILE D 298 48.40 -17.60 8.98
N VAL D 299 48.30 -17.88 10.29
CA VAL D 299 48.47 -16.84 11.32
C VAL D 299 49.86 -16.84 11.96
N GLY D 300 50.76 -17.67 11.42
CA GLY D 300 52.15 -17.76 11.88
C GLY D 300 52.36 -18.55 13.16
N PHE D 301 51.58 -19.62 13.35
CA PHE D 301 51.65 -20.42 14.59
C PHE D 301 52.25 -21.77 14.24
N ASP D 302 52.78 -22.44 15.23
CA ASP D 302 53.34 -23.77 15.07
C ASP D 302 52.21 -24.78 14.83
N PRO D 303 52.17 -25.41 13.65
CA PRO D 303 51.13 -26.40 13.38
C PRO D 303 51.28 -27.71 14.14
N ASP D 304 52.40 -27.90 14.82
CA ASP D 304 52.70 -29.15 15.51
C ASP D 304 52.43 -29.12 17.02
N LYS D 305 52.19 -27.91 17.54
CA LYS D 305 51.94 -27.70 18.96
C LYS D 305 50.47 -27.31 19.18
N THR D 306 49.89 -27.62 20.34
CA THR D 306 48.52 -27.17 20.65
C THR D 306 48.46 -26.19 21.85
N PHE D 307 47.39 -25.40 21.93
CA PHE D 307 47.19 -24.49 23.06
C PHE D 307 48.45 -23.65 23.33
N GLN D 308 49.04 -23.11 22.28
CA GLN D 308 50.21 -22.23 22.42
C GLN D 308 49.78 -20.81 22.72
N VAL D 309 50.26 -20.27 23.84
CA VAL D 309 49.97 -18.87 24.19
C VAL D 309 51.25 -18.14 24.49
N ARG D 310 51.56 -17.15 23.68
CA ARG D 310 52.80 -16.40 23.80
C ARG D 310 52.78 -15.59 25.08
N GLU D 311 53.97 -15.46 25.68
CA GLU D 311 54.10 -14.83 26.98
C GLU D 311 53.68 -13.35 26.91
N ASP D 312 54.06 -12.67 25.82
CA ASP D 312 53.78 -11.24 25.65
C ASP D 312 52.30 -10.98 25.37
N VAL D 313 51.67 -11.94 24.69
CA VAL D 313 50.23 -11.94 24.46
C VAL D 313 49.48 -11.99 25.79
N LEU D 314 49.80 -12.99 26.63
CA LEU D 314 49.12 -13.11 27.93
C LEU D 314 49.38 -11.90 28.86
N THR D 315 50.66 -11.53 29.01
CA THR D 315 51.07 -10.33 29.69
C THR D 315 50.27 -9.14 29.23
N HIS D 316 50.03 -9.07 27.92
CA HIS D 316 49.25 -7.95 27.40
C HIS D 316 47.77 -8.03 27.87
N THR D 317 47.08 -9.13 27.55
CA THR D 317 45.64 -9.27 27.83
C THR D 317 45.37 -9.24 29.31
N ARG D 318 46.36 -9.63 30.09
CA ARG D 318 46.23 -9.76 31.52
C ARG D 318 46.35 -8.38 32.21
N GLY D 319 46.63 -7.34 31.42
CA GLY D 319 46.65 -5.93 31.87
C GLY D 319 45.27 -5.47 32.31
N LEU D 320 44.24 -6.17 31.85
CA LEU D 320 42.88 -5.91 32.27
C LEU D 320 42.69 -6.07 33.79
N VAL D 321 43.37 -7.04 34.38
CA VAL D 321 43.39 -7.18 35.84
C VAL D 321 43.69 -5.81 36.49
N ALA D 322 44.88 -5.26 36.17
CA ALA D 322 45.32 -3.94 36.61
C ALA D 322 44.33 -2.80 36.24
N ARG D 323 43.98 -2.67 34.96
CA ARG D 323 42.99 -1.67 34.53
C ARG D 323 41.65 -1.75 35.30
N GLY D 324 41.18 -2.97 35.55
CA GLY D 324 39.89 -3.24 36.18
C GLY D 324 39.90 -2.92 37.65
N LYS D 325 41.01 -3.26 38.29
CA LYS D 325 41.26 -2.86 39.66
C LYS D 325 41.16 -1.31 39.87
N GLN D 326 41.90 -0.54 39.05
CA GLN D 326 41.85 0.93 39.12
C GLN D 326 40.46 1.46 38.93
N ALA D 327 39.80 1.01 37.87
CA ALA D 327 38.42 1.39 37.62
C ALA D 327 37.60 1.13 38.86
N HIS D 328 37.74 -0.07 39.43
CA HIS D 328 37.04 -0.46 40.63
C HIS D 328 37.38 0.48 41.80
N GLU D 329 38.65 0.81 41.99
CA GLU D 329 39.07 1.78 43.04
C GLU D 329 38.50 3.19 42.88
N ARG D 330 38.43 3.66 41.64
CA ARG D 330 37.92 4.97 41.30
C ARG D 330 36.43 5.04 41.50
N TRP D 331 35.74 3.98 41.06
CA TRP D 331 34.32 3.80 41.30
C TRP D 331 34.04 3.80 42.78
N GLN D 332 34.97 3.25 43.56
CA GLN D 332 34.68 3.07 44.99
C GLN D 332 34.54 4.37 45.76
N LEU D 333 35.23 5.41 45.31
CA LEU D 333 35.11 6.73 45.92
C LEU D 333 33.71 7.29 45.64
N GLU D 334 33.25 7.17 44.41
CA GLU D 334 31.92 7.63 44.02
C GLU D 334 30.82 6.95 44.84
N PHE D 335 30.94 5.63 44.99
CA PHE D 335 29.96 4.84 45.71
C PHE D 335 29.92 5.30 47.14
N ASP D 336 31.11 5.45 47.73
CA ASP D 336 31.28 5.84 49.13
C ASP D 336 30.75 7.25 49.37
N ALA D 337 30.89 8.12 48.38
CA ALA D 337 30.35 9.47 48.42
C ALA D 337 28.83 9.38 48.33
N TRP D 338 28.34 8.41 47.55
CA TRP D 338 26.92 8.16 47.41
C TRP D 338 26.37 7.60 48.72
N ALA D 339 27.14 6.72 49.38
CA ALA D 339 26.69 6.16 50.66
C ALA D 339 26.49 7.22 51.75
N ARG D 340 27.41 8.17 51.80
CA ARG D 340 27.31 9.27 52.74
C ARG D 340 26.14 10.15 52.38
N ARG D 341 26.01 10.51 51.09
CA ARG D 341 24.86 11.28 50.59
C ARG D 341 23.50 10.59 50.74
N GLU D 342 23.50 9.25 50.78
CA GLU D 342 22.22 8.52 50.83
C GLU D 342 22.14 7.36 51.81
N PRO D 343 22.34 7.63 53.12
CA PRO D 343 22.42 6.52 54.07
C PRO D 343 21.19 5.61 54.13
N GLU D 344 20.01 6.16 53.80
CA GLU D 344 18.74 5.40 53.84
C GLU D 344 18.68 4.35 52.73
N ARG D 345 19.04 4.80 51.53
CA ARG D 345 19.00 3.95 50.37
C ARG D 345 20.17 2.96 50.41
N LYS D 346 21.28 3.37 51.02
CA LYS D 346 22.39 2.49 51.28
C LYS D 346 22.04 1.38 52.26
N ALA D 347 21.23 1.72 53.25
CA ALA D 347 20.67 0.71 54.15
C ALA D 347 19.84 -0.33 53.37
N LEU D 348 19.05 0.16 52.42
CA LEU D 348 18.25 -0.67 51.56
C LEU D 348 19.13 -1.60 50.75
N LEU D 349 20.05 -1.02 49.99
CA LEU D 349 20.97 -1.81 49.19
C LEU D 349 21.61 -2.91 49.99
N ASP D 350 21.94 -2.63 51.24
CA ASP D 350 22.52 -3.61 52.14
C ASP D 350 21.55 -4.69 52.57
N ARG D 351 20.30 -4.29 52.88
CA ARG D 351 19.26 -5.25 53.25
C ARG D 351 19.03 -6.25 52.12
N LEU D 352 18.95 -5.72 50.89
CA LEU D 352 18.67 -6.50 49.69
C LEU D 352 19.77 -7.47 49.38
N LEU D 353 21.02 -7.01 49.50
CA LEU D 353 22.18 -7.84 49.20
C LEU D 353 22.33 -8.96 50.19
N ALA D 354 21.84 -8.79 51.41
CA ALA D 354 22.01 -9.82 52.44
C ALA D 354 20.76 -10.65 52.48
N GLN D 355 19.81 -10.30 51.62
CA GLN D 355 18.58 -11.07 51.43
C GLN D 355 17.74 -11.10 52.68
N LYS D 356 17.67 -9.93 53.31
CA LYS D 356 16.86 -9.72 54.51
C LYS D 356 15.56 -8.98 54.15
N LEU D 357 14.54 -9.17 54.98
CA LEU D 357 13.31 -8.40 54.88
C LEU D 357 13.21 -7.43 56.06
N PRO D 358 12.58 -6.26 55.87
CA PRO D 358 12.49 -5.27 56.94
C PRO D 358 11.53 -5.71 58.01
N ASP D 359 11.86 -5.44 59.26
CA ASP D 359 10.96 -5.70 60.39
C ASP D 359 9.49 -5.34 60.14
N GLY D 360 8.61 -6.29 60.42
CA GLY D 360 7.17 -6.06 60.31
C GLY D 360 6.67 -5.88 58.89
N TRP D 361 7.47 -6.33 57.93
CA TRP D 361 7.09 -6.39 56.53
C TRP D 361 5.81 -7.21 56.28
N ASP D 362 5.60 -8.28 57.06
CA ASP D 362 4.41 -9.11 56.91
C ASP D 362 3.33 -8.77 57.94
N ALA D 363 3.38 -7.58 58.50
CA ALA D 363 2.47 -7.24 59.60
C ALA D 363 1.06 -6.96 59.08
N ASP D 364 0.98 -6.28 57.95
CA ASP D 364 -0.30 -5.96 57.35
C ASP D 364 -0.90 -7.09 56.52
N LEU D 365 -0.24 -8.24 56.50
CA LEU D 365 -0.75 -9.42 55.80
C LEU D 365 -2.26 -9.62 56.02
N PRO D 366 -3.05 -9.66 54.93
CA PRO D 366 -4.50 -9.87 55.02
C PRO D 366 -4.88 -11.25 55.51
N HIS D 367 -6.10 -11.36 56.06
CA HIS D 367 -6.67 -12.58 56.61
C HIS D 367 -8.18 -12.47 56.45
N TRP D 368 -8.81 -13.61 56.24
CA TRP D 368 -10.22 -13.68 55.98
C TRP D 368 -10.79 -14.72 56.92
N GLU D 369 -12.02 -14.49 57.38
CA GLU D 369 -12.59 -15.38 58.38
C GLU D 369 -13.25 -16.53 57.68
N PRO D 370 -12.96 -17.76 58.11
CA PRO D 370 -13.59 -18.98 57.60
C PRO D 370 -15.09 -18.81 57.57
N GLY D 371 -15.72 -19.03 56.40
CA GLY D 371 -17.15 -18.83 56.21
C GLY D 371 -17.55 -17.49 55.61
N SER D 372 -16.64 -16.52 55.59
CA SER D 372 -16.96 -15.22 55.00
C SER D 372 -17.21 -15.41 53.51
N LYS D 373 -17.68 -14.35 52.82
CA LYS D 373 -17.96 -14.34 51.39
C LYS D 373 -16.87 -15.08 50.60
N ALA D 374 -17.30 -15.98 49.70
CA ALA D 374 -16.40 -16.66 48.78
C ALA D 374 -15.54 -15.65 47.99
N LEU D 375 -14.25 -15.96 47.90
CA LEU D 375 -13.26 -15.06 47.34
C LEU D 375 -12.32 -15.87 46.45
N ALA D 376 -12.09 -15.33 45.27
CA ALA D 376 -11.17 -15.94 44.33
C ALA D 376 -9.72 -15.78 44.79
N THR D 377 -9.00 -16.88 44.70
CA THR D 377 -7.63 -16.94 45.10
C THR D 377 -6.73 -15.89 44.37
N ARG D 378 -7.15 -15.47 43.18
CA ARG D 378 -6.46 -14.42 42.49
C ARG D 378 -6.71 -13.08 43.17
N ALA D 379 -7.94 -12.89 43.67
CA ALA D 379 -8.37 -11.62 44.26
C ALA D 379 -7.60 -11.48 45.52
N ALA D 380 -7.47 -12.60 46.22
CA ALA D 380 -6.72 -12.66 47.44
C ALA D 380 -5.29 -12.27 47.16
N SER D 381 -4.70 -12.85 46.12
CA SER D 381 -3.32 -12.53 45.73
C SER D 381 -3.10 -11.02 45.54
N GLY D 382 -4.01 -10.38 44.84
CA GLY D 382 -4.02 -8.95 44.65
C GLY D 382 -3.99 -8.20 45.96
N ALA D 383 -4.82 -8.65 46.89
CA ALA D 383 -4.95 -8.01 48.20
C ALA D 383 -3.62 -8.12 48.93
N VAL D 384 -2.97 -9.29 48.82
CA VAL D 384 -1.73 -9.55 49.53
C VAL D 384 -0.64 -8.67 48.96
N LEU D 385 -0.67 -8.54 47.65
CA LEU D 385 0.31 -7.76 46.95
C LEU D 385 0.19 -6.30 47.32
N SER D 386 -1.05 -5.82 47.41
CA SER D 386 -1.36 -4.42 47.73
C SER D 386 -0.99 -4.05 49.17
N ALA D 387 -0.95 -5.06 50.04
CA ALA D 387 -0.59 -4.87 51.44
C ALA D 387 0.91 -4.96 51.70
N LEU D 388 1.62 -5.80 50.95
CA LEU D 388 3.07 -5.92 51.08
C LEU D 388 3.81 -4.88 50.29
N GLY D 389 3.23 -4.44 49.18
CA GLY D 389 3.84 -3.44 48.32
C GLY D 389 4.55 -2.31 49.06
N PRO D 390 3.77 -1.43 49.70
CA PRO D 390 4.29 -0.34 50.51
C PRO D 390 5.53 -0.72 51.33
N LYS D 391 5.51 -1.92 51.89
CA LYS D 391 6.58 -2.36 52.78
C LYS D 391 7.77 -3.03 52.07
N LEU D 392 7.68 -3.25 50.77
CA LEU D 392 8.82 -3.85 50.04
C LEU D 392 9.15 -3.15 48.69
N PRO D 393 10.06 -2.15 48.73
CA PRO D 393 10.35 -1.43 47.53
C PRO D 393 10.95 -2.31 46.44
N GLU D 394 11.60 -3.40 46.81
CA GLU D 394 12.25 -4.31 45.84
C GLU D 394 11.24 -5.18 45.05
N LEU D 395 10.00 -5.24 45.50
CA LEU D 395 9.00 -5.98 44.82
C LEU D 395 8.35 -5.15 43.71
N TRP D 396 8.47 -5.63 42.48
CA TRP D 396 7.81 -5.09 41.28
C TRP D 396 7.43 -6.25 40.37
N GLY D 397 6.79 -5.94 39.25
CA GLY D 397 6.20 -6.97 38.40
C GLY D 397 4.92 -6.47 37.76
N GLY D 398 4.30 -7.31 36.97
CA GLY D 398 3.07 -6.91 36.27
C GLY D 398 2.52 -8.08 35.52
N SER D 399 1.98 -7.82 34.32
CA SER D 399 1.23 -8.85 33.59
C SER D 399 1.44 -8.78 32.07
N ALA D 400 1.26 -9.93 31.44
CA ALA D 400 1.17 -10.03 30.00
C ALA D 400 -0.21 -9.56 29.46
N ASP D 401 -0.49 -8.25 29.60
CA ASP D 401 -1.75 -7.65 29.14
C ASP D 401 -3.01 -8.14 29.87
N LEU D 402 -2.85 -8.70 31.08
CA LEU D 402 -3.99 -9.20 31.85
C LEU D 402 -4.03 -8.69 33.30
N ALA D 403 -3.66 -7.43 33.53
CA ALA D 403 -3.60 -6.92 34.92
C ALA D 403 -4.95 -7.01 35.59
N GLY D 404 -6.01 -6.69 34.86
CA GLY D 404 -7.34 -6.81 35.42
C GLY D 404 -7.66 -8.25 35.79
N SER D 405 -7.22 -9.19 34.97
CA SER D 405 -7.53 -10.62 35.23
C SER D 405 -6.56 -11.37 36.14
N ASN D 406 -5.33 -10.87 36.27
CA ASN D 406 -4.32 -11.50 37.10
C ASN D 406 -4.21 -10.91 38.48
N ASN D 407 -4.74 -9.71 38.66
CA ASN D 407 -4.68 -9.03 39.96
C ASN D 407 -3.24 -8.79 40.39
N THR D 408 -2.43 -8.27 39.50
CA THR D 408 -1.02 -8.14 39.74
C THR D 408 -0.59 -6.71 40.05
N THR D 409 -1.50 -5.77 39.85
CA THR D 409 -1.19 -4.38 40.09
C THR D 409 -1.34 -4.08 41.56
N ILE D 410 -0.24 -3.60 42.16
CA ILE D 410 -0.24 -3.22 43.55
C ILE D 410 -1.04 -1.94 43.67
N LYS D 411 -2.13 -1.98 44.46
CA LYS D 411 -3.07 -0.85 44.49
C LYS D 411 -2.35 0.44 44.80
N GLY D 412 -2.66 1.46 44.01
CA GLY D 412 -2.05 2.76 44.16
C GLY D 412 -0.61 2.87 43.69
N ALA D 413 -0.14 1.91 42.90
CA ALA D 413 1.22 1.97 42.39
C ALA D 413 1.24 2.54 40.98
N ASP D 414 2.37 3.09 40.58
CA ASP D 414 2.48 3.59 39.24
C ASP D 414 3.08 2.53 38.29
N SER D 415 3.16 2.87 37.02
CA SER D 415 3.72 1.99 36.03
C SER D 415 5.18 2.36 35.64
N PHE D 416 5.97 1.31 35.36
CA PHE D 416 7.36 1.35 34.90
C PHE D 416 7.40 1.63 33.41
N GLY D 417 7.97 2.77 33.05
CA GLY D 417 8.07 3.19 31.65
C GLY D 417 8.47 4.64 31.47
N PRO D 418 8.83 5.04 30.24
CA PRO D 418 8.98 6.46 29.98
C PRO D 418 7.61 7.13 30.12
N PRO D 419 7.56 8.34 30.72
CA PRO D 419 6.29 9.07 30.86
C PRO D 419 5.48 9.17 29.55
N SER D 420 6.17 9.22 28.41
CA SER D 420 5.50 9.31 27.11
C SER D 420 4.66 8.08 26.71
N ILE D 421 4.69 7.02 27.50
CA ILE D 421 3.89 5.83 27.19
C ILE D 421 2.67 5.78 28.13
N SER D 422 2.63 6.72 29.07
CA SER D 422 1.48 6.88 29.93
C SER D 422 0.19 6.86 29.15
N THR D 423 -0.83 6.23 29.71
CA THR D 423 -2.16 6.18 29.11
C THR D 423 -3.23 6.64 30.10
N LYS D 424 -4.49 6.65 29.66
CA LYS D 424 -5.56 6.99 30.55
C LYS D 424 -5.56 6.05 31.77
N GLU D 425 -5.42 4.75 31.57
CA GLU D 425 -5.42 3.81 32.70
C GLU D 425 -4.12 3.74 33.49
N TYR D 426 -2.99 4.05 32.87
CA TYR D 426 -1.69 3.83 33.55
C TYR D 426 -0.74 4.99 33.38
N THR D 427 -0.31 5.56 34.50
CA THR D 427 0.72 6.58 34.45
C THR D 427 2.06 5.88 34.58
N ALA D 428 2.95 6.13 33.63
CA ALA D 428 4.28 5.53 33.68
C ALA D 428 5.25 6.58 34.16
N HIS D 429 6.11 6.21 35.09
CA HIS D 429 7.36 6.95 35.42
C HIS D 429 8.55 6.01 35.22
N TRP D 430 9.74 6.56 34.95
CA TRP D 430 10.97 5.78 34.73
C TRP D 430 11.19 4.77 35.85
N TYR D 431 10.96 5.19 37.09
CA TYR D 431 11.19 4.31 38.24
C TYR D 431 9.88 3.79 38.82
N GLY D 432 8.86 3.72 37.96
CA GLY D 432 7.59 3.11 38.32
C GLY D 432 7.68 1.63 38.66
N ARG D 433 6.57 1.12 39.15
CA ARG D 433 6.56 -0.21 39.69
C ARG D 433 5.92 -1.26 38.82
N THR D 434 4.88 -0.90 38.08
CA THR D 434 4.06 -1.89 37.45
C THR D 434 4.55 -2.16 36.04
N LEU D 435 4.79 -3.45 35.76
CA LEU D 435 5.23 -3.89 34.44
C LEU D 435 4.07 -4.18 33.48
N HIS D 436 4.23 -3.70 32.26
CA HIS D 436 3.31 -4.05 31.21
C HIS D 436 4.04 -4.77 30.10
N PHE D 437 3.89 -6.09 30.02
CA PHE D 437 4.69 -6.81 29.06
C PHE D 437 4.01 -6.87 27.72
N GLY D 438 2.71 -6.57 27.69
CA GLY D 438 1.90 -6.82 26.51
C GLY D 438 1.77 -8.34 26.30
N VAL D 439 1.24 -8.75 25.13
CA VAL D 439 0.83 -10.12 24.92
C VAL D 439 2.06 -10.90 24.53
N ARG D 440 2.98 -11.00 25.50
CA ARG D 440 4.37 -11.40 25.26
C ARG D 440 4.86 -12.32 26.41
N GLU D 441 4.17 -13.45 26.60
CA GLU D 441 4.44 -14.34 27.74
C GLU D 441 5.88 -14.88 27.73
N HIS D 442 6.33 -15.39 26.59
CA HIS D 442 7.71 -15.89 26.46
C HIS D 442 8.76 -14.80 26.82
N ALA D 443 8.67 -13.62 26.23
CA ALA D 443 9.60 -12.54 26.66
C ALA D 443 9.47 -12.21 28.11
N MET D 444 8.25 -12.29 28.63
CA MET D 444 8.03 -12.01 30.05
C MET D 444 8.86 -12.96 30.90
N GLY D 445 8.76 -14.26 30.64
CA GLY D 445 9.59 -15.29 31.28
C GLY D 445 11.05 -14.93 31.24
N ALA D 446 11.58 -14.61 30.07
CA ALA D 446 13.00 -14.32 29.96
C ALA D 446 13.36 -13.07 30.73
N ILE D 447 12.51 -12.04 30.68
CA ILE D 447 12.77 -10.77 31.36
C ILE D 447 12.84 -10.90 32.87
N LEU D 448 12.00 -11.74 33.46
CA LEU D 448 12.06 -11.97 34.90
C LEU D 448 13.35 -12.65 35.31
N SER D 449 13.89 -13.60 34.53
CA SER D 449 15.18 -14.17 34.87
C SER D 449 16.25 -13.08 34.81
N GLY D 450 16.14 -12.20 33.82
CA GLY D 450 17.06 -11.11 33.71
C GLY D 450 17.02 -10.26 34.95
N ILE D 451 15.82 -9.89 35.39
CA ILE D 451 15.71 -8.94 36.49
C ILE D 451 16.42 -9.51 37.71
N VAL D 452 16.03 -10.70 38.16
CA VAL D 452 16.70 -11.29 39.35
C VAL D 452 18.17 -11.69 39.13
N LEU D 453 18.61 -11.88 37.89
CA LEU D 453 20.03 -12.17 37.70
C LEU D 453 20.79 -10.88 37.75
N HIS D 454 20.21 -9.81 37.24
CA HIS D 454 20.87 -8.49 37.30
C HIS D 454 21.15 -7.97 38.70
N GLY D 455 20.15 -8.02 39.59
CA GLY D 455 20.29 -7.56 40.96
C GLY D 455 19.45 -8.24 42.04
N PRO D 456 19.39 -7.61 43.21
CA PRO D 456 18.63 -8.20 44.31
C PRO D 456 17.12 -7.80 44.40
N THR D 457 16.50 -7.34 43.32
CA THR D 457 15.08 -6.98 43.38
C THR D 457 14.30 -8.27 43.20
N ARG D 458 12.99 -8.23 43.35
CA ARG D 458 12.14 -9.42 43.28
C ARG D 458 10.97 -9.15 42.39
N ALA D 459 11.04 -9.65 41.16
CA ALA D 459 10.00 -9.45 40.12
C ALA D 459 9.12 -10.65 39.91
N TYR D 460 7.82 -10.38 39.64
CA TYR D 460 6.84 -11.41 39.28
C TYR D 460 6.15 -11.06 37.95
N GLY D 461 5.72 -12.07 37.19
CA GLY D 461 5.00 -11.88 35.94
C GLY D 461 3.75 -12.76 35.94
N GLY D 462 2.67 -12.26 35.34
CA GLY D 462 1.36 -12.86 35.49
C GLY D 462 0.79 -13.18 34.13
N THR D 463 0.10 -14.32 34.06
CA THR D 463 -0.71 -14.62 32.91
C THR D 463 -1.71 -15.70 33.29
N PHE D 464 -2.49 -16.20 32.35
CA PHE D 464 -3.26 -17.38 32.62
C PHE D 464 -2.37 -18.62 32.58
N LEU D 465 -2.69 -19.64 33.37
CA LEU D 465 -1.91 -20.87 33.52
C LEU D 465 -1.72 -21.57 32.16
N GLN D 466 -2.78 -21.52 31.35
CA GLN D 466 -2.70 -22.07 30.00
C GLN D 466 -1.40 -21.68 29.30
N PHE D 467 -0.97 -20.43 29.51
CA PHE D 467 0.06 -19.85 28.68
C PHE D 467 1.45 -19.97 29.29
N SER D 468 1.51 -20.67 30.41
CA SER D 468 2.77 -21.19 30.85
C SER D 468 3.36 -21.92 29.62
N ASP D 469 2.47 -22.37 28.73
CA ASP D 469 2.95 -23.00 27.51
C ASP D 469 3.79 -22.08 26.59
N TYR D 470 3.41 -20.80 26.48
CA TYR D 470 4.15 -19.84 25.65
C TYR D 470 5.51 -19.47 26.26
N MET D 471 5.72 -19.85 27.50
CA MET D 471 6.85 -19.32 28.20
C MET D 471 7.75 -20.38 28.86
N ARG D 472 7.49 -21.63 28.48
CA ARG D 472 8.11 -22.76 29.08
C ARG D 472 9.63 -22.84 28.90
N PRO D 473 10.17 -22.43 27.74
CA PRO D 473 11.62 -22.54 27.68
C PRO D 473 12.31 -21.65 28.72
N ALA D 474 11.65 -20.54 29.08
CA ALA D 474 12.29 -19.55 29.99
C ALA D 474 12.20 -20.01 31.45
N VAL D 475 11.09 -20.65 31.77
CA VAL D 475 10.80 -21.21 33.07
C VAL D 475 11.81 -22.32 33.33
N ARG D 476 11.97 -23.20 32.35
CA ARG D 476 12.89 -24.30 32.46
C ARG D 476 14.29 -23.80 32.68
N LEU D 477 14.67 -22.78 31.94
CA LEU D 477 15.98 -22.18 32.13
C LEU D 477 16.18 -21.51 33.53
N ALA D 478 15.11 -20.91 34.05
CA ALA D 478 15.15 -20.40 35.41
C ALA D 478 15.32 -21.53 36.45
N ALA D 479 14.60 -22.64 36.29
CA ALA D 479 14.77 -23.76 37.22
C ALA D 479 16.20 -24.36 37.12
N LEU D 480 16.68 -24.54 35.91
CA LEU D 480 18.08 -24.99 35.69
C LEU D 480 19.09 -24.07 36.38
N MET D 481 18.86 -22.77 36.28
CA MET D 481 19.70 -21.79 36.97
C MET D 481 19.48 -21.72 38.47
N ASP D 482 18.32 -22.21 38.96
CA ASP D 482 17.94 -22.18 40.40
C ASP D 482 17.82 -20.72 40.95
N ILE D 483 17.22 -19.85 40.14
CA ILE D 483 17.11 -18.46 40.48
C ILE D 483 15.66 -18.18 40.88
N ASP D 484 15.40 -17.09 41.57
CA ASP D 484 14.10 -17.01 42.25
C ASP D 484 13.04 -16.15 41.57
N THR D 485 12.74 -16.51 40.33
CA THR D 485 11.70 -15.83 39.55
C THR D 485 10.33 -16.28 40.07
N ILE D 486 9.30 -15.54 39.68
CA ILE D 486 7.91 -15.77 40.18
C ILE D 486 6.87 -15.54 39.06
N TYR D 487 6.18 -16.62 38.71
CA TYR D 487 5.19 -16.61 37.67
C TYR D 487 3.83 -16.76 38.32
N VAL D 488 3.03 -15.74 38.13
CA VAL D 488 1.70 -15.77 38.62
C VAL D 488 0.84 -16.39 37.53
N TRP D 489 0.24 -17.54 37.81
CA TRP D 489 -0.60 -18.11 36.78
C TRP D 489 -2.05 -18.22 37.29
N THR D 490 -2.95 -17.48 36.66
CA THR D 490 -4.33 -17.45 37.11
C THR D 490 -5.22 -18.33 36.21
N HIS D 491 -6.51 -18.42 36.49
CA HIS D 491 -7.42 -19.20 35.67
C HIS D 491 -6.83 -20.62 35.50
N ASP D 492 -6.74 -21.29 36.64
CA ASP D 492 -5.95 -22.47 36.75
C ASP D 492 -6.66 -23.75 36.31
N SER D 493 -7.95 -23.67 36.01
CA SER D 493 -8.67 -24.88 35.63
C SER D 493 -9.91 -24.64 34.82
N ILE D 494 -10.68 -25.71 34.65
CA ILE D 494 -12.04 -25.58 34.15
C ILE D 494 -12.85 -24.55 34.95
N GLY D 495 -12.44 -24.26 36.17
CA GLY D 495 -13.02 -23.19 36.92
C GLY D 495 -13.16 -21.89 36.15
N LEU D 496 -12.33 -21.67 35.14
CA LEU D 496 -12.32 -20.39 34.45
C LEU D 496 -13.54 -20.22 33.55
N GLY D 497 -14.24 -21.33 33.29
CA GLY D 497 -15.55 -21.29 32.65
C GLY D 497 -15.59 -21.12 31.13
N GLU D 498 -16.40 -20.18 30.71
CA GLU D 498 -16.86 -20.05 29.34
C GLU D 498 -15.84 -19.83 28.26
N ASP D 499 -14.69 -19.24 28.58
CA ASP D 499 -13.59 -19.13 27.60
C ASP D 499 -13.16 -20.48 26.96
N GLY D 500 -13.44 -21.60 27.60
CA GLY D 500 -13.42 -22.87 26.89
C GLY D 500 -12.11 -23.65 26.85
N PRO D 501 -12.07 -24.69 26.04
CA PRO D 501 -10.99 -25.66 26.18
C PRO D 501 -9.62 -25.18 25.68
N THR D 502 -9.60 -24.16 24.83
CA THR D 502 -8.34 -23.61 24.36
C THR D 502 -7.71 -22.89 25.51
N HIS D 503 -8.50 -22.47 26.48
CA HIS D 503 -8.01 -21.69 27.62
C HIS D 503 -7.83 -22.49 28.91
N GLN D 504 -8.60 -23.57 29.06
CA GLN D 504 -8.74 -24.28 30.30
C GLN D 504 -7.59 -25.26 30.44
N PRO D 505 -6.76 -25.11 31.48
CA PRO D 505 -5.64 -26.03 31.76
C PRO D 505 -6.08 -27.43 32.10
N ILE D 506 -5.34 -28.43 31.63
CA ILE D 506 -5.63 -29.83 31.92
C ILE D 506 -4.36 -30.57 32.29
N GLU D 507 -3.36 -30.48 31.41
CA GLU D 507 -2.03 -31.13 31.63
C GLU D 507 -1.01 -30.27 32.40
N HIS D 508 -1.36 -29.01 32.63
CA HIS D 508 -0.37 -27.97 32.95
C HIS D 508 0.33 -28.15 34.28
N LEU D 509 -0.44 -28.41 35.35
CA LEU D 509 0.13 -28.67 36.69
C LEU D 509 1.12 -29.85 36.70
N SER D 510 0.72 -30.96 36.10
CA SER D 510 1.60 -32.13 35.92
C SER D 510 2.87 -31.80 35.15
N ALA D 511 2.70 -31.20 33.98
CA ALA D 511 3.81 -30.79 33.11
C ALA D 511 4.76 -29.82 33.82
N LEU D 512 4.19 -28.87 34.58
CA LEU D 512 5.00 -27.92 35.36
C LEU D 512 5.71 -28.58 36.52
N ARG D 513 4.98 -29.39 37.27
CA ARG D 513 5.62 -30.09 38.41
C ARG D 513 6.77 -31.00 37.92
N ALA D 514 6.73 -31.43 36.67
CA ALA D 514 7.69 -32.38 36.18
C ALA D 514 9.06 -31.70 35.98
N ILE D 515 9.09 -30.37 35.98
CA ILE D 515 10.30 -29.63 35.73
C ILE D 515 11.12 -29.60 37.01
N PRO D 516 12.29 -30.26 37.00
CA PRO D 516 13.06 -30.28 38.22
C PRO D 516 13.32 -28.85 38.70
N ARG D 517 12.99 -28.61 39.99
CA ARG D 517 13.25 -27.38 40.78
C ARG D 517 12.20 -26.29 40.60
N LEU D 518 11.19 -26.54 39.79
CA LEU D 518 10.07 -25.61 39.82
C LEU D 518 9.12 -25.98 40.95
N SER D 519 8.88 -25.02 41.82
CA SER D 519 7.91 -25.19 42.89
C SER D 519 6.56 -24.69 42.40
N VAL D 520 5.58 -25.61 42.38
CA VAL D 520 4.23 -25.29 41.87
C VAL D 520 3.30 -25.09 43.07
N VAL D 521 3.04 -23.83 43.41
CA VAL D 521 2.28 -23.48 44.64
C VAL D 521 0.80 -23.16 44.35
N ARG D 522 -0.11 -23.97 44.89
CA ARG D 522 -1.57 -23.90 44.57
C ARG D 522 -2.45 -23.71 45.85
N PRO D 523 -2.51 -22.46 46.37
CA PRO D 523 -3.26 -22.21 47.59
C PRO D 523 -4.73 -22.61 47.50
N ALA D 524 -5.20 -23.28 48.55
CA ALA D 524 -6.55 -23.80 48.62
C ALA D 524 -7.58 -22.70 48.73
N ASP D 525 -7.21 -21.60 49.40
CA ASP D 525 -8.09 -20.46 49.60
C ASP D 525 -7.33 -19.14 49.78
N ALA D 526 -8.09 -18.07 50.06
CA ALA D 526 -7.53 -16.74 50.30
C ALA D 526 -6.41 -16.64 51.33
N ASN D 527 -6.53 -17.38 52.43
CA ASN D 527 -5.50 -17.41 53.43
C ASN D 527 -4.24 -18.18 53.00
N GLU D 528 -4.43 -19.31 52.31
CA GLU D 528 -3.27 -20.09 51.92
C GLU D 528 -2.43 -19.28 50.92
N THR D 529 -3.13 -18.43 50.15
CA THR D 529 -2.53 -17.53 49.21
C THR D 529 -1.62 -16.58 49.91
N ALA D 530 -2.17 -15.97 50.96
CA ALA D 530 -1.39 -15.07 51.81
C ALA D 530 -0.16 -15.78 52.37
N TYR D 531 -0.36 -16.96 52.96
CA TYR D 531 0.76 -17.71 53.51
C TYR D 531 1.78 -18.11 52.44
N ALA D 532 1.31 -18.19 51.18
CA ALA D 532 2.10 -18.63 50.09
C ALA D 532 3.04 -17.50 49.74
N TRP D 533 2.48 -16.33 49.51
CA TRP D 533 3.29 -15.19 49.18
C TRP D 533 4.37 -14.94 50.22
N ARG D 534 3.90 -14.92 51.45
CA ARG D 534 4.74 -14.85 52.62
C ARG D 534 5.95 -15.81 52.54
N THR D 535 5.70 -17.09 52.30
CA THR D 535 6.78 -18.08 52.20
C THR D 535 7.76 -17.80 51.04
N ILE D 536 7.18 -17.47 49.88
CA ILE D 536 7.92 -17.14 48.67
C ILE D 536 8.88 -15.97 48.91
N LEU D 537 8.34 -14.87 49.42
CA LEU D 537 9.16 -13.67 49.68
C LEU D 537 10.16 -13.88 50.80
N ALA D 538 9.80 -14.70 51.79
CA ALA D 538 10.66 -15.00 52.88
C ALA D 538 11.77 -15.97 52.47
N ARG D 539 11.64 -16.56 51.28
CA ARG D 539 12.62 -17.58 50.77
C ARG D 539 12.79 -18.77 51.72
N ARG D 540 11.72 -19.17 52.38
CA ARG D 540 11.75 -20.23 53.38
C ARG D 540 12.19 -21.57 52.79
N ASN D 541 11.76 -21.88 51.57
CA ASN D 541 12.13 -23.13 50.89
C ASN D 541 13.15 -22.93 49.75
N GLY D 542 14.17 -22.14 49.99
CA GLY D 542 15.29 -22.07 49.07
C GLY D 542 15.11 -21.05 47.96
N SER D 543 15.99 -21.11 46.97
CA SER D 543 16.10 -20.01 46.02
C SER D 543 15.62 -20.27 44.57
N GLY D 544 15.00 -21.42 44.33
CA GLY D 544 14.50 -21.72 42.99
C GLY D 544 13.29 -20.92 42.56
N PRO D 545 12.82 -21.13 41.32
CA PRO D 545 11.64 -20.48 40.79
C PRO D 545 10.31 -21.00 41.34
N VAL D 546 9.31 -20.14 41.29
CA VAL D 546 8.01 -20.47 41.82
C VAL D 546 6.89 -20.12 40.81
N GLY D 547 5.97 -21.06 40.67
CA GLY D 547 4.77 -20.83 39.98
C GLY D 547 3.61 -20.80 40.95
N LEU D 548 2.95 -19.65 41.03
CA LEU D 548 1.83 -19.45 41.93
C LEU D 548 0.53 -19.59 41.14
N ILE D 549 -0.27 -20.59 41.53
CA ILE D 549 -1.42 -21.05 40.74
C ILE D 549 -2.69 -20.55 41.39
N LEU D 550 -3.42 -19.71 40.69
CA LEU D 550 -4.54 -19.03 41.29
C LEU D 550 -5.79 -19.25 40.45
N THR D 551 -6.95 -19.20 41.09
CA THR D 551 -8.22 -19.44 40.43
C THR D 551 -8.79 -18.15 39.91
N ARG D 552 -9.64 -18.26 38.90
CA ARG D 552 -10.46 -17.17 38.46
C ARG D 552 -11.71 -17.05 39.37
N GLN D 553 -12.38 -18.19 39.59
CA GLN D 553 -13.68 -18.22 40.26
C GLN D 553 -13.49 -18.22 41.76
N GLY D 554 -14.52 -17.74 42.46
CA GLY D 554 -14.50 -17.65 43.92
C GLY D 554 -14.53 -19.00 44.60
N VAL D 555 -13.85 -19.10 45.74
CA VAL D 555 -13.72 -20.35 46.49
C VAL D 555 -13.89 -20.05 47.97
N PRO D 556 -14.51 -20.97 48.77
CA PRO D 556 -14.72 -20.77 50.20
C PRO D 556 -13.47 -20.39 50.96
N VAL D 557 -13.65 -19.72 52.09
CA VAL D 557 -12.58 -19.59 53.08
C VAL D 557 -12.73 -20.70 54.11
N LEU D 558 -11.66 -21.44 54.34
CA LEU D 558 -11.79 -22.72 55.03
C LEU D 558 -11.31 -22.69 56.46
N ASP D 559 -11.82 -23.64 57.25
CA ASP D 559 -11.29 -23.87 58.58
C ASP D 559 -10.09 -24.79 58.49
N GLY D 560 -9.07 -24.43 59.28
CA GLY D 560 -7.91 -25.27 59.48
C GLY D 560 -6.70 -24.87 58.67
N THR D 561 -6.76 -23.73 57.97
CA THR D 561 -5.59 -23.23 57.24
C THR D 561 -4.50 -22.76 58.23
N ASP D 562 -3.23 -22.80 57.80
CA ASP D 562 -2.11 -22.68 58.74
C ASP D 562 -0.82 -22.28 58.02
N ALA D 563 -0.27 -21.13 58.34
CA ALA D 563 0.98 -20.62 57.73
C ALA D 563 2.10 -21.64 57.70
N GLU D 564 2.36 -22.24 58.85
CA GLU D 564 3.44 -23.18 59.00
C GLU D 564 3.29 -24.42 58.07
N GLY D 565 2.04 -24.87 57.92
CA GLY D 565 1.72 -26.00 57.07
C GLY D 565 1.84 -25.73 55.57
N VAL D 566 1.37 -24.56 55.12
CA VAL D 566 1.57 -24.12 53.75
C VAL D 566 3.06 -24.12 53.44
N ALA D 567 3.85 -23.58 54.36
CA ALA D 567 5.27 -23.40 54.12
C ALA D 567 5.95 -24.77 54.02
N ARG D 568 5.22 -25.79 54.48
CA ARG D 568 5.69 -27.16 54.46
C ARG D 568 5.20 -27.88 53.22
N GLY D 569 4.31 -27.23 52.49
CA GLY D 569 3.85 -27.74 51.21
C GLY D 569 2.61 -28.60 51.27
N GLY D 570 2.52 -29.42 52.31
CA GLY D 570 1.38 -30.26 52.54
C GLY D 570 1.23 -30.44 54.02
N TYR D 571 0.03 -30.25 54.54
CA TYR D 571 -0.22 -30.44 55.95
C TYR D 571 -1.65 -30.95 56.19
N VAL D 572 -1.94 -31.40 57.40
CA VAL D 572 -3.27 -31.86 57.77
C VAL D 572 -4.22 -30.70 58.02
N LEU D 573 -5.30 -30.61 57.27
CA LEU D 573 -6.20 -29.49 57.38
C LEU D 573 -7.21 -29.73 58.50
N SER D 574 -7.65 -30.97 58.64
CA SER D 574 -8.42 -31.43 59.78
C SER D 574 -8.44 -32.93 59.76
N ASP D 575 -8.22 -33.53 60.90
CA ASP D 575 -8.55 -34.92 61.07
C ASP D 575 -10.04 -35.01 61.29
N ALA D 576 -10.58 -36.22 61.20
CA ALA D 576 -12.01 -36.45 61.45
C ALA D 576 -12.30 -36.37 62.97
N GLY D 577 -13.54 -36.03 63.33
CA GLY D 577 -13.99 -35.91 64.69
C GLY D 577 -13.97 -37.11 65.59
N GLY D 578 -13.92 -38.18 64.89
CA GLY D 578 -13.98 -39.30 65.75
C GLY D 578 -12.69 -39.88 66.40
N LEU D 579 -11.47 -39.41 66.10
CA LEU D 579 -10.24 -40.19 66.38
C LEU D 579 -9.74 -40.39 67.81
N GLN D 580 -9.03 -41.41 68.18
CA GLN D 580 -8.33 -41.72 69.41
C GLN D 580 -6.83 -41.56 69.19
N PRO D 581 -6.08 -41.24 70.24
CA PRO D 581 -4.63 -41.35 70.11
C PRO D 581 -4.17 -42.72 69.59
N GLY D 582 -3.23 -42.73 68.63
CA GLY D 582 -2.75 -43.98 68.00
C GLY D 582 -3.83 -44.48 67.04
N GLU D 583 -4.86 -43.65 66.87
CA GLU D 583 -5.95 -43.92 65.97
C GLU D 583 -5.60 -43.22 64.64
N GLU D 584 -5.20 -43.96 63.72
CA GLU D 584 -5.04 -43.56 62.35
C GLU D 584 -6.41 -43.29 61.74
N PRO D 585 -6.51 -42.32 60.82
CA PRO D 585 -7.80 -42.17 60.13
C PRO D 585 -8.08 -43.35 59.19
N ASP D 586 -9.35 -43.55 58.89
CA ASP D 586 -9.81 -44.62 58.01
C ASP D 586 -9.33 -44.37 56.57
N VAL D 587 -9.32 -43.11 56.17
CA VAL D 587 -9.01 -42.71 54.81
C VAL D 587 -8.40 -41.29 54.77
N ILE D 588 -7.43 -41.09 53.89
CA ILE D 588 -6.87 -39.75 53.72
C ILE D 588 -7.26 -39.15 52.37
N LEU D 589 -7.92 -37.99 52.42
CA LEU D 589 -8.22 -37.20 51.23
C LEU D 589 -7.12 -36.11 51.05
N ILE D 590 -6.42 -36.12 49.93
CA ILE D 590 -5.39 -35.13 49.60
C ILE D 590 -5.88 -34.27 48.45
N ALA D 591 -5.89 -32.94 48.63
CA ALA D 591 -6.42 -32.04 47.62
C ALA D 591 -5.61 -30.75 47.53
N THR D 592 -5.83 -30.00 46.45
CA THR D 592 -5.08 -28.76 46.23
C THR D 592 -6.01 -27.68 45.68
N GLY D 593 -5.64 -26.42 45.86
CA GLY D 593 -6.38 -25.35 45.27
C GLY D 593 -7.88 -25.55 45.49
N SER D 594 -8.64 -25.32 44.43
CA SER D 594 -10.10 -25.25 44.49
C SER D 594 -10.78 -26.58 44.78
N GLU D 595 -9.98 -27.63 44.84
CA GLU D 595 -10.50 -28.96 45.15
C GLU D 595 -10.45 -29.31 46.64
N VAL D 596 -9.77 -28.50 47.44
CA VAL D 596 -9.74 -28.78 48.86
C VAL D 596 -11.17 -28.74 49.43
N GLN D 597 -11.98 -27.83 48.91
CA GLN D 597 -13.34 -27.68 49.41
C GLN D 597 -14.18 -28.93 49.22
N LEU D 598 -13.79 -29.76 48.27
CA LEU D 598 -14.51 -31.01 48.02
C LEU D 598 -14.04 -32.07 48.98
N ALA D 599 -12.75 -32.05 49.36
CA ALA D 599 -12.25 -32.97 50.39
C ALA D 599 -13.02 -32.76 51.68
N VAL D 600 -13.17 -31.49 52.06
CA VAL D 600 -13.81 -31.12 53.31
C VAL D 600 -15.26 -31.62 53.32
N ALA D 601 -16.02 -31.21 52.31
CA ALA D 601 -17.41 -31.56 52.17
C ALA D 601 -17.64 -33.07 52.09
N ALA D 602 -16.65 -33.79 51.58
CA ALA D 602 -16.75 -35.24 51.54
C ALA D 602 -16.37 -35.86 52.89
N GLN D 603 -15.52 -35.16 53.63
CA GLN D 603 -15.20 -35.53 54.99
C GLN D 603 -16.46 -35.51 55.87
N THR D 604 -17.35 -34.53 55.63
CA THR D 604 -18.65 -34.44 56.29
C THR D 604 -19.51 -35.62 55.86
N LEU D 605 -19.59 -35.87 54.56
CA LEU D 605 -20.41 -36.95 54.04
C LEU D 605 -19.87 -38.31 54.44
N LEU D 606 -18.59 -38.39 54.74
CA LEU D 606 -18.07 -39.66 55.20
C LEU D 606 -18.34 -39.95 56.69
N ALA D 607 -18.24 -38.93 57.54
CA ALA D 607 -18.47 -39.07 58.97
C ALA D 607 -19.92 -39.46 59.21
N ASP D 608 -20.83 -38.82 58.48
CA ASP D 608 -22.24 -39.17 58.52
C ASP D 608 -22.45 -40.65 58.14
N ASN D 609 -21.39 -41.37 57.78
CA ASN D 609 -21.46 -42.80 57.44
C ASN D 609 -20.45 -43.60 58.21
N ASP D 610 -20.03 -43.03 59.33
CA ASP D 610 -19.10 -43.67 60.23
C ASP D 610 -17.77 -43.98 59.54
N ILE D 611 -17.36 -43.12 58.60
CA ILE D 611 -16.01 -43.21 58.05
C ILE D 611 -15.20 -41.99 58.44
N LEU D 612 -14.04 -42.20 59.03
CA LEU D 612 -13.22 -41.12 59.59
C LEU D 612 -12.06 -40.69 58.67
N ALA D 613 -12.24 -39.54 58.04
CA ALA D 613 -11.33 -39.11 57.02
C ALA D 613 -10.48 -37.92 57.45
N ARG D 614 -9.18 -38.03 57.20
CA ARG D 614 -8.24 -36.94 57.30
C ARG D 614 -8.26 -36.14 55.98
N VAL D 615 -8.30 -34.81 56.07
CA VAL D 615 -8.10 -33.96 54.90
C VAL D 615 -6.68 -33.41 54.94
N VAL D 616 -5.95 -33.59 53.86
CA VAL D 616 -4.64 -32.94 53.66
C VAL D 616 -4.68 -31.94 52.53
N SER D 617 -4.36 -30.70 52.85
CA SER D 617 -4.12 -29.69 51.83
C SER D 617 -2.66 -29.78 51.41
N MET D 618 -2.45 -29.83 50.09
CA MET D 618 -1.12 -29.96 49.51
C MET D 618 -0.90 -28.83 48.55
N PRO D 619 -0.71 -27.59 49.07
CA PRO D 619 -0.49 -26.48 48.17
C PRO D 619 0.84 -26.54 47.38
N CYS D 620 1.86 -27.22 47.88
CA CYS D 620 3.07 -27.42 47.07
C CYS D 620 3.71 -28.78 47.25
N LEU D 621 3.46 -29.68 46.30
CA LEU D 621 3.99 -31.03 46.41
C LEU D 621 5.53 -31.09 46.41
N GLU D 622 6.18 -30.10 45.80
CA GLU D 622 7.63 -30.03 45.80
C GLU D 622 8.20 -29.72 47.17
N TRP D 623 7.49 -28.89 47.93
CA TRP D 623 7.95 -28.50 49.25
C TRP D 623 7.71 -29.66 50.18
N PHE D 624 6.60 -30.34 49.96
CA PHE D 624 6.25 -31.45 50.80
C PHE D 624 7.24 -32.60 50.65
N GLU D 625 7.55 -33.00 49.43
CA GLU D 625 8.58 -34.03 49.23
C GLU D 625 9.99 -33.67 49.77
N ALA D 626 10.26 -32.39 49.97
CA ALA D 626 11.55 -31.92 50.52
C ALA D 626 11.65 -32.02 52.03
N GLN D 627 10.51 -32.06 52.70
CA GLN D 627 10.45 -32.22 54.15
C GLN D 627 10.95 -33.64 54.54
N PRO D 628 11.50 -33.78 55.75
CA PRO D 628 11.99 -35.09 56.15
C PRO D 628 10.85 -36.12 56.30
N TYR D 629 11.20 -37.39 56.13
CA TYR D 629 10.21 -38.45 56.19
C TYR D 629 9.35 -38.47 57.47
N GLU D 630 9.88 -38.01 58.58
CA GLU D 630 9.13 -37.98 59.80
C GLU D 630 7.95 -37.06 59.64
N TYR D 631 8.16 -35.95 58.98
CA TYR D 631 7.07 -35.02 58.79
C TYR D 631 6.08 -35.58 57.78
N ARG D 632 6.60 -36.17 56.70
CA ARG D 632 5.73 -36.64 55.63
C ARG D 632 4.90 -37.78 56.11
N ASP D 633 5.51 -38.67 56.88
CA ASP D 633 4.82 -39.82 57.43
C ASP D 633 3.84 -39.42 58.52
N ALA D 634 3.97 -38.21 59.06
CA ALA D 634 3.03 -37.72 60.04
C ALA D 634 1.77 -37.28 59.30
N VAL D 635 1.97 -36.66 58.14
CA VAL D 635 0.86 -36.17 57.35
C VAL D 635 0.19 -37.32 56.59
N LEU D 636 1.02 -38.15 55.96
CA LEU D 636 0.55 -39.30 55.18
C LEU D 636 1.11 -40.60 55.69
N PRO D 637 0.58 -41.12 56.81
CA PRO D 637 1.08 -42.31 57.45
C PRO D 637 1.08 -43.52 56.53
N PRO D 638 2.26 -44.13 56.26
CA PRO D 638 2.33 -45.24 55.32
C PRO D 638 1.36 -46.39 55.63
N THR D 639 0.87 -46.50 56.86
CA THR D 639 0.00 -47.63 57.18
C THR D 639 -1.39 -47.46 56.62
N VAL D 640 -1.79 -46.21 56.37
CA VAL D 640 -3.09 -45.93 55.78
C VAL D 640 -2.95 -45.98 54.27
N SER D 641 -3.41 -47.07 53.66
CA SER D 641 -3.40 -47.23 52.21
C SER D 641 -4.61 -46.64 51.51
N ALA D 642 -5.74 -46.48 52.20
CA ALA D 642 -6.94 -45.84 51.61
C ALA D 642 -6.75 -44.32 51.44
N ARG D 643 -6.49 -43.89 50.21
CA ARG D 643 -6.10 -42.50 49.91
C ARG D 643 -6.77 -42.04 48.63
N VAL D 644 -7.19 -40.79 48.61
CA VAL D 644 -7.81 -40.21 47.44
C VAL D 644 -7.10 -38.88 47.13
N ALA D 645 -6.76 -38.59 45.87
CA ALA D 645 -6.28 -37.26 45.52
C ALA D 645 -7.32 -36.55 44.67
N VAL D 646 -7.50 -35.26 44.87
CA VAL D 646 -8.49 -34.53 44.09
C VAL D 646 -7.86 -33.23 43.54
N GLU D 647 -7.86 -33.08 42.21
CA GLU D 647 -7.24 -31.92 41.52
C GLU D 647 -7.85 -31.78 40.14
N ALA D 648 -8.28 -30.59 39.80
CA ALA D 648 -8.83 -30.36 38.45
C ALA D 648 -7.74 -30.27 37.42
N GLY D 649 -7.02 -31.38 37.27
CA GLY D 649 -5.93 -31.56 36.31
C GLY D 649 -5.81 -33.07 36.05
N VAL D 650 -4.82 -33.48 35.25
CA VAL D 650 -4.65 -34.89 34.98
C VAL D 650 -4.17 -35.66 36.20
N ALA D 651 -4.48 -36.95 36.22
CA ALA D 651 -4.05 -37.87 37.30
C ALA D 651 -2.52 -38.10 37.36
N GLN D 652 -1.79 -37.73 36.30
CA GLN D 652 -0.42 -38.23 36.14
C GLN D 652 0.52 -38.15 37.34
N CYS D 653 0.54 -36.98 38.01
CA CYS D 653 1.53 -36.67 39.09
C CYS D 653 1.13 -37.16 40.49
N TRP D 654 -0.07 -37.74 40.60
CA TRP D 654 -0.66 -38.16 41.87
C TRP D 654 -0.58 -39.65 42.18
N HIS D 655 -0.16 -40.47 41.21
CA HIS D 655 -0.13 -41.92 41.40
C HIS D 655 0.83 -42.46 42.48
N GLN D 656 2.03 -41.90 42.54
CA GLN D 656 3.03 -42.31 43.53
C GLN D 656 2.47 -42.12 44.93
N LEU D 657 1.87 -40.94 45.13
CA LEU D 657 1.26 -40.55 46.40
C LEU D 657 0.05 -41.41 46.85
N VAL D 658 -0.85 -41.79 45.96
CA VAL D 658 -2.02 -42.55 46.39
C VAL D 658 -1.78 -44.07 46.46
N GLY D 659 -0.76 -44.57 45.79
CA GLY D 659 -0.44 -45.98 45.83
C GLY D 659 -1.39 -46.85 45.02
N ASP D 660 -1.04 -48.14 44.96
CA ASP D 660 -1.83 -49.22 44.32
C ASP D 660 -3.35 -49.22 44.56
N THR D 661 -3.76 -48.93 45.78
CA THR D 661 -5.17 -49.06 46.11
C THR D 661 -5.85 -47.69 46.25
N GLY D 662 -5.18 -46.64 45.84
CA GLY D 662 -5.76 -45.31 45.99
C GLY D 662 -6.66 -44.95 44.84
N GLU D 663 -7.31 -43.80 44.93
CA GLU D 663 -8.17 -43.33 43.86
C GLU D 663 -7.79 -41.90 43.54
N ILE D 664 -7.96 -41.51 42.29
CA ILE D 664 -7.71 -40.12 41.92
C ILE D 664 -8.95 -39.54 41.25
N VAL D 665 -9.45 -38.43 41.77
CA VAL D 665 -10.50 -37.66 41.13
C VAL D 665 -9.84 -36.59 40.22
N SER D 666 -9.84 -36.81 38.89
CA SER D 666 -9.06 -35.97 37.96
C SER D 666 -9.83 -35.71 36.67
N ILE D 667 -9.24 -34.91 35.78
CA ILE D 667 -9.81 -34.64 34.46
C ILE D 667 -8.77 -35.08 33.48
N GLU D 668 -9.16 -35.96 32.56
CA GLU D 668 -8.25 -36.61 31.63
C GLU D 668 -8.46 -36.11 30.19
N HIS D 669 -9.43 -35.24 29.99
CA HIS D 669 -9.76 -34.75 28.65
C HIS D 669 -9.96 -33.27 28.70
N TYR D 670 -10.18 -32.70 27.53
CA TYR D 670 -10.31 -31.28 27.34
C TYR D 670 -11.69 -30.84 27.74
N GLY D 671 -11.85 -29.56 28.05
CA GLY D 671 -13.07 -29.10 28.65
C GLY D 671 -14.08 -28.63 27.65
N GLU D 672 -14.83 -27.62 28.05
CA GLU D 672 -15.97 -27.17 27.31
C GLU D 672 -16.19 -25.73 27.66
N SER D 673 -16.97 -25.07 26.82
CA SER D 673 -17.31 -23.67 26.98
C SER D 673 -18.70 -23.58 27.69
N ALA D 674 -18.62 -23.45 29.01
CA ALA D 674 -19.80 -23.35 29.90
C ALA D 674 -19.37 -22.72 31.22
N ASP D 675 -20.35 -22.36 32.06
CA ASP D 675 -20.08 -21.80 33.38
C ASP D 675 -19.36 -22.82 34.30
N HIS D 676 -18.59 -22.32 35.26
CA HIS D 676 -17.75 -23.25 36.04
C HIS D 676 -18.54 -24.31 36.81
N LYS D 677 -19.72 -23.94 37.30
CA LYS D 677 -20.51 -24.86 38.12
C LYS D 677 -20.95 -26.03 37.28
N THR D 678 -21.47 -25.75 36.09
CA THR D 678 -21.84 -26.79 35.16
C THR D 678 -20.64 -27.70 34.90
N LEU D 679 -19.48 -27.10 34.63
CA LEU D 679 -18.26 -27.81 34.30
C LEU D 679 -17.78 -28.77 35.40
N PHE D 680 -17.60 -28.26 36.60
CA PHE D 680 -17.18 -29.08 37.72
C PHE D 680 -18.13 -30.23 37.95
N ARG D 681 -19.44 -29.94 37.94
CA ARG D 681 -20.43 -31.00 38.10
CA ARG D 681 -20.51 -30.94 38.04
C ARG D 681 -20.34 -32.07 37.01
N GLU D 682 -20.44 -31.69 35.72
CA GLU D 682 -20.37 -32.64 34.60
C GLU D 682 -19.12 -33.48 34.61
N TYR D 683 -18.02 -32.95 35.15
CA TYR D 683 -16.76 -33.64 35.12
C TYR D 683 -16.46 -34.42 36.41
N GLY D 684 -17.38 -34.30 37.38
CA GLY D 684 -17.40 -35.14 38.55
C GLY D 684 -16.60 -34.58 39.70
N PHE D 685 -16.51 -33.27 39.77
CA PHE D 685 -15.83 -32.62 40.86
C PHE D 685 -16.90 -32.14 41.83
N THR D 686 -17.37 -33.10 42.61
CA THR D 686 -18.42 -32.93 43.61
C THR D 686 -17.99 -33.70 44.83
N ALA D 687 -18.37 -33.22 46.00
CA ALA D 687 -18.13 -33.96 47.24
C ALA D 687 -18.54 -35.46 47.15
N GLU D 688 -19.68 -35.74 46.52
CA GLU D 688 -20.22 -37.10 46.48
C GLU D 688 -19.26 -38.05 45.77
N ALA D 689 -18.68 -37.56 44.68
CA ALA D 689 -17.69 -38.33 43.92
C ALA D 689 -16.42 -38.54 44.78
N VAL D 690 -15.98 -37.50 45.49
CA VAL D 690 -14.83 -37.65 46.39
C VAL D 690 -15.12 -38.72 47.47
N ALA D 691 -16.28 -38.57 48.13
CA ALA D 691 -16.83 -39.58 49.05
C ALA D 691 -16.83 -40.99 48.46
N ALA D 692 -17.43 -41.16 47.28
CA ALA D 692 -17.53 -42.48 46.66
C ALA D 692 -16.16 -43.09 46.33
N ALA D 693 -15.19 -42.23 46.02
CA ALA D 693 -13.83 -42.65 45.73
C ALA D 693 -13.17 -43.14 47.01
N ALA D 694 -13.33 -42.36 48.07
CA ALA D 694 -12.92 -42.78 49.40
C ALA D 694 -13.48 -44.17 49.76
N GLU D 695 -14.80 -44.36 49.56
CA GLU D 695 -15.43 -45.67 49.78
C GLU D 695 -14.78 -46.78 48.96
N ARG D 696 -14.52 -46.51 47.69
CA ARG D 696 -13.93 -47.49 46.81
C ARG D 696 -12.52 -47.85 47.26
N ALA D 697 -11.75 -46.87 47.74
CA ALA D 697 -10.36 -47.09 48.16
C ALA D 697 -10.32 -47.97 49.39
N LEU D 698 -11.31 -47.76 50.26
CA LEU D 698 -11.54 -48.56 51.46
C LEU D 698 -11.95 -50.02 51.16
N ASP D 699 -12.48 -50.25 49.98
CA ASP D 699 -12.82 -51.58 49.55
C ASP D 699 -11.64 -52.31 48.84
N ASN D 700 -11.18 -51.80 47.69
CA ASN D 700 -9.82 -52.02 47.11
C ASN D 700 -8.82 -53.03 47.73
#